data_7E1Y
#
_entry.id   7E1Y
#
_cell.length_a   1.00
_cell.length_b   1.00
_cell.length_c   1.00
_cell.angle_alpha   90.00
_cell.angle_beta   90.00
_cell.angle_gamma   90.00
#
_symmetry.space_group_name_H-M   'P 1'
#
_entity_poly.entity_id   1
_entity_poly.type   'polypeptide(L)'
_entity_poly.pdbx_seq_one_letter_code
;LEVLDKYSSLIKPKLINNIEAYMVFDKPAHKPNAEAKIYVLLNNHGSRRDIHYKIVSIDRNREVFSKRINVDEKKFLIET
ISIETPDKPGRFCYKLFIDNEQIDNTCFLVGDPSSREQMYFTIVWHHHQAPNYLPDGRIHGPWAYIYVWSDLLKPYGKGP
YHYHSVMLNIHPHFKATYNLSPSLLRQWQIAVEKGVEFVNGEKYDPNHEKIRLVEETLNNYREALFKGQIDVLTSIYAHT
IGGFLTDVLGATNIVEEEIRYGKEVTSKIMGNNYNPQGIWTPEMAFSMKLIPIYYDLDIKYTVLDDKFHFFHAEGNKDSQ
YEPYMVIDTESKKYITVFFRDHDLSDILGFRNNFYSEPHAWRNAYEFALRVAEKWFDKNVKVLTIALDGENWMSFSVNPP
LTAYFLDKMIIYLETLSDNKFIKLSTLREIYNKVPANRILTNIPTNSWLGTFRKWRGEVPQHEEYWIKTYSVYRKLLAYE
EMIGGRDEFSNEARWALWHALDSDYWWAEFWLPKIIDTWLSVAENILNNRINKIQIIDVRPASEFYEDEKAGLVVTIRNQ
LEKEIRVSFAIGGTGFSSVNNDLETVKMNPNSSYTRIIPVKAKFIGKHKMVVSAISKGLIIDSKIIDINVKPKLLPNPRL
EHHHHHH
;
_entity_poly.pdbx_strand_id   A,B,C,D,E,F,G,H
#
# COMPACT_ATOMS: atom_id res chain seq x y z
N ILE A 103 -47.83 55.71 -48.79
CA ILE A 103 -46.75 55.34 -49.70
C ILE A 103 -45.63 54.68 -48.92
N ASP A 104 -44.94 53.73 -49.55
CA ASP A 104 -43.86 53.01 -48.91
C ASP A 104 -42.89 52.51 -49.97
N ASN A 105 -41.68 52.16 -49.52
CA ASN A 105 -40.61 51.79 -50.44
C ASN A 105 -40.69 50.33 -50.84
N THR A 106 -41.46 50.03 -51.90
CA THR A 106 -41.60 48.67 -52.40
C THR A 106 -40.52 48.39 -53.43
N CYS A 107 -39.34 48.04 -52.94
CA CYS A 107 -38.21 47.75 -53.81
C CYS A 107 -38.37 46.39 -54.47
N PHE A 108 -37.54 46.12 -55.47
CA PHE A 108 -37.49 44.81 -56.10
C PHE A 108 -36.05 44.44 -56.42
N LEU A 109 -35.84 43.36 -57.17
CA LEU A 109 -34.51 42.83 -57.41
C LEU A 109 -34.29 42.62 -58.90
N VAL A 110 -33.05 42.82 -59.32
CA VAL A 110 -32.63 42.52 -60.69
C VAL A 110 -31.39 41.64 -60.60
N GLY A 111 -31.35 40.61 -61.44
CA GLY A 111 -30.21 39.72 -61.44
C GLY A 111 -30.13 38.92 -62.72
N ASP A 112 -29.04 38.18 -62.84
CA ASP A 112 -28.80 37.33 -64.00
C ASP A 112 -29.10 35.89 -63.64
N PRO A 113 -30.15 35.29 -64.20
CA PRO A 113 -30.51 33.92 -63.79
C PRO A 113 -29.44 32.89 -64.08
N SER A 114 -28.51 33.17 -64.99
CA SER A 114 -27.42 32.27 -65.29
C SER A 114 -26.17 32.56 -64.47
N SER A 115 -26.19 33.57 -63.61
CA SER A 115 -25.04 33.89 -62.77
C SER A 115 -24.64 32.69 -61.90
N ARG A 116 -25.63 32.04 -61.30
CA ARG A 116 -25.39 30.87 -60.47
C ARG A 116 -26.35 29.77 -60.89
N GLU A 117 -26.12 28.57 -60.39
CA GLU A 117 -27.13 27.53 -60.48
C GLU A 117 -28.31 27.90 -59.61
N GLN A 118 -29.52 27.63 -60.10
CA GLN A 118 -30.72 27.96 -59.34
C GLN A 118 -30.78 27.14 -58.06
N MET A 119 -31.22 27.78 -56.98
CA MET A 119 -31.26 27.11 -55.70
C MET A 119 -32.54 26.28 -55.58
N TYR A 120 -32.39 25.07 -55.03
CA TYR A 120 -33.52 24.17 -54.83
C TYR A 120 -34.38 24.75 -53.71
N PHE A 121 -35.68 24.79 -53.94
CA PHE A 121 -36.61 25.38 -52.99
C PHE A 121 -37.67 24.36 -52.58
N THR A 122 -37.88 24.22 -51.28
CA THR A 122 -38.89 23.30 -50.76
C THR A 122 -39.56 23.92 -49.54
N ILE A 123 -40.82 23.57 -49.33
CA ILE A 123 -41.57 23.97 -48.14
C ILE A 123 -42.23 22.73 -47.58
N VAL A 124 -42.23 22.60 -46.25
CA VAL A 124 -42.77 21.43 -45.58
C VAL A 124 -43.98 21.89 -44.77
N TRP A 125 -45.15 21.35 -45.08
CA TRP A 125 -46.35 21.61 -44.32
C TRP A 125 -46.62 20.43 -43.39
N HIS A 126 -46.93 20.74 -42.14
CA HIS A 126 -47.14 19.73 -41.11
C HIS A 126 -48.62 19.79 -40.73
N HIS A 127 -49.41 18.85 -41.26
CA HIS A 127 -50.82 18.74 -40.94
C HIS A 127 -50.97 17.69 -39.85
N HIS A 128 -51.49 18.11 -38.70
CA HIS A 128 -51.61 17.18 -37.58
C HIS A 128 -52.72 17.58 -36.63
N GLN A 129 -53.51 16.59 -36.26
CA GLN A 129 -54.42 16.66 -35.12
C GLN A 129 -54.19 15.43 -34.26
N ALA A 130 -54.24 15.60 -32.96
CA ALA A 130 -54.01 14.47 -32.07
C ALA A 130 -55.12 13.43 -32.24
N PRO A 131 -54.85 12.16 -31.92
CA PRO A 131 -55.93 11.18 -32.01
C PRO A 131 -56.94 11.44 -30.92
N ASN A 132 -58.08 12.03 -31.31
CA ASN A 132 -58.98 12.66 -30.37
C ASN A 132 -60.24 11.84 -30.17
N TYR A 133 -60.12 10.52 -30.23
CA TYR A 133 -61.23 9.65 -29.92
C TYR A 133 -61.05 9.06 -28.52
N LEU A 134 -62.18 8.86 -27.84
CA LEU A 134 -62.18 8.16 -26.58
C LEU A 134 -61.95 6.68 -26.82
N PRO A 135 -61.62 5.91 -25.79
CA PRO A 135 -61.44 4.45 -26.01
C PRO A 135 -62.67 3.78 -26.59
N ASP A 136 -63.87 4.33 -26.33
CA ASP A 136 -65.07 3.75 -26.93
C ASP A 136 -65.13 4.03 -28.43
N GLY A 137 -64.81 5.25 -28.84
CA GLY A 137 -64.82 5.60 -30.25
C GLY A 137 -65.36 6.99 -30.52
N ARG A 138 -66.01 7.58 -29.53
CA ARG A 138 -66.55 8.92 -29.69
C ARG A 138 -65.44 9.95 -29.72
N ILE A 139 -65.68 11.04 -30.45
CA ILE A 139 -64.67 12.06 -30.71
C ILE A 139 -64.83 13.17 -29.68
N HIS A 140 -63.77 13.43 -28.91
N HIS A 140 -63.77 13.43 -28.91
CA HIS A 140 -63.78 14.51 -27.94
CA HIS A 140 -63.78 14.51 -27.94
C HIS A 140 -63.08 15.77 -28.43
C HIS A 140 -63.08 15.77 -28.43
N GLY A 141 -62.25 15.67 -29.47
CA GLY A 141 -61.69 16.85 -30.09
C GLY A 141 -62.04 16.88 -31.56
N PRO A 142 -62.89 17.83 -31.95
CA PRO A 142 -63.34 17.90 -33.35
C PRO A 142 -62.50 18.84 -34.21
N TRP A 143 -61.23 18.53 -34.44
CA TRP A 143 -60.41 19.45 -35.23
C TRP A 143 -59.93 18.80 -36.51
N ALA A 144 -59.88 17.47 -36.54
CA ALA A 144 -59.65 16.78 -37.79
C ALA A 144 -60.82 16.92 -38.74
N TYR A 145 -61.95 17.45 -38.26
CA TYR A 145 -63.20 17.50 -38.99
C TYR A 145 -63.70 18.92 -39.24
N ILE A 146 -63.65 19.81 -38.24
CA ILE A 146 -64.08 21.18 -38.50
C ILE A 146 -63.06 21.98 -39.29
N TYR A 147 -61.82 21.53 -39.38
CA TYR A 147 -60.88 22.15 -40.29
C TYR A 147 -60.91 21.55 -41.69
N VAL A 148 -61.95 20.79 -42.02
CA VAL A 148 -62.10 20.28 -43.38
C VAL A 148 -63.53 20.53 -43.86
N TRP A 149 -64.47 20.87 -42.96
CA TRP A 149 -65.79 21.24 -43.47
C TRP A 149 -66.40 22.52 -42.89
N SER A 150 -65.81 23.17 -41.90
CA SER A 150 -66.47 24.34 -41.33
C SER A 150 -66.31 25.53 -42.26
N ASP A 151 -67.02 26.61 -41.95
CA ASP A 151 -66.93 27.85 -42.70
C ASP A 151 -66.00 28.79 -41.95
N LEU A 152 -64.70 28.50 -42.03
CA LEU A 152 -63.68 29.32 -41.40
C LEU A 152 -62.96 30.22 -42.37
N LEU A 153 -62.81 29.82 -43.63
CA LEU A 153 -62.05 30.56 -44.63
C LEU A 153 -62.98 31.13 -45.70
N LYS A 154 -64.20 31.44 -45.32
CA LYS A 154 -65.16 31.95 -46.28
C LYS A 154 -64.92 33.43 -46.54
N PRO A 155 -65.17 33.90 -47.77
CA PRO A 155 -65.67 33.13 -48.92
C PRO A 155 -64.60 32.45 -49.75
N TYR A 156 -63.33 32.63 -49.39
CA TYR A 156 -62.23 32.10 -50.19
C TYR A 156 -62.14 30.58 -50.16
N GLY A 157 -62.50 29.94 -49.06
CA GLY A 157 -62.40 28.49 -48.98
C GLY A 157 -63.24 27.96 -47.85
N LYS A 158 -63.20 26.64 -47.68
CA LYS A 158 -63.99 25.99 -46.63
C LYS A 158 -63.15 25.80 -45.37
N GLY A 159 -62.09 25.03 -45.45
CA GLY A 159 -61.25 24.75 -44.31
C GLY A 159 -59.80 24.62 -44.69
N PRO A 160 -58.90 24.83 -43.74
CA PRO A 160 -57.45 24.80 -44.06
C PRO A 160 -57.01 23.52 -44.74
N TYR A 161 -57.47 22.36 -44.26
CA TYR A 161 -57.09 21.09 -44.87
C TYR A 161 -57.68 20.95 -46.27
N HIS A 162 -58.91 21.44 -46.45
CA HIS A 162 -59.55 21.39 -47.76
C HIS A 162 -58.98 22.47 -48.69
N TYR A 163 -58.66 23.63 -48.13
CA TYR A 163 -58.11 24.72 -48.93
C TYR A 163 -56.72 24.35 -49.46
N HIS A 164 -55.90 23.73 -48.62
CA HIS A 164 -54.59 23.28 -49.08
C HIS A 164 -54.71 22.25 -50.18
N SER A 165 -55.79 21.46 -50.16
CA SER A 165 -55.99 20.47 -51.21
C SER A 165 -56.47 21.10 -52.51
N VAL A 166 -57.36 22.09 -52.43
CA VAL A 166 -57.83 22.72 -53.65
C VAL A 166 -56.73 23.55 -54.30
N MET A 167 -55.81 24.09 -53.51
CA MET A 167 -54.63 24.73 -54.09
C MET A 167 -53.77 23.77 -54.90
N LEU A 168 -53.64 22.52 -54.48
CA LEU A 168 -52.88 21.56 -55.28
C LEU A 168 -53.51 21.29 -56.63
N ASN A 169 -54.80 21.57 -56.78
CA ASN A 169 -55.49 21.41 -58.07
C ASN A 169 -55.44 22.68 -58.89
N ILE A 170 -55.68 23.83 -58.26
CA ILE A 170 -55.73 25.12 -58.95
C ILE A 170 -54.38 25.43 -59.57
N HIS A 171 -53.31 25.25 -58.80
CA HIS A 171 -51.96 25.51 -59.30
C HIS A 171 -51.25 24.19 -59.52
N PRO A 172 -51.13 23.71 -60.76
CA PRO A 172 -50.53 22.39 -60.98
C PRO A 172 -49.02 22.42 -61.07
N HIS A 173 -48.43 23.61 -61.15
CA HIS A 173 -46.98 23.74 -61.26
C HIS A 173 -46.31 24.01 -59.92
N PHE A 174 -47.07 24.11 -58.84
CA PHE A 174 -46.53 24.39 -57.51
C PHE A 174 -46.32 23.07 -56.79
N LYS A 175 -45.09 22.79 -56.40
CA LYS A 175 -44.76 21.60 -55.65
C LYS A 175 -44.51 21.92 -54.18
N ALA A 176 -44.80 20.95 -53.33
CA ALA A 176 -44.58 21.08 -51.90
C ALA A 176 -44.65 19.71 -51.24
N THR A 177 -43.86 19.48 -50.20
CA THR A 177 -43.96 18.22 -49.47
C THR A 177 -44.89 18.40 -48.28
N TYR A 178 -45.69 17.37 -48.00
CA TYR A 178 -46.77 17.43 -47.04
C TYR A 178 -46.58 16.36 -45.97
N ASN A 179 -46.85 16.73 -44.72
CA ASN A 179 -46.92 15.75 -43.64
C ASN A 179 -48.39 15.64 -43.25
N LEU A 180 -49.06 14.63 -43.78
CA LEU A 180 -50.39 14.26 -43.33
C LEU A 180 -50.22 13.25 -42.20
N SER A 181 -50.42 13.70 -40.97
CA SER A 181 -50.07 12.89 -39.82
C SER A 181 -50.89 11.60 -39.82
N PRO A 182 -50.29 10.47 -39.45
CA PRO A 182 -51.04 9.20 -39.48
C PRO A 182 -52.31 9.24 -38.64
N SER A 183 -52.28 9.92 -37.50
CA SER A 183 -53.48 10.09 -36.70
C SER A 183 -54.56 10.87 -37.45
N LEU A 184 -54.20 11.98 -38.09
CA LEU A 184 -55.14 12.73 -38.90
C LEU A 184 -55.70 11.93 -40.07
N LEU A 185 -54.84 11.20 -40.78
CA LEU A 185 -55.30 10.37 -41.89
C LEU A 185 -56.26 9.29 -41.41
N ARG A 186 -55.96 8.68 -40.27
CA ARG A 186 -56.80 7.58 -39.78
C ARG A 186 -58.12 8.11 -39.23
N GLN A 187 -58.11 9.32 -38.64
CA GLN A 187 -59.38 9.94 -38.24
C GLN A 187 -60.23 10.28 -39.46
N TRP A 188 -59.59 10.74 -40.54
CA TRP A 188 -60.32 11.00 -41.78
C TRP A 188 -60.87 9.71 -42.40
N GLN A 189 -60.12 8.61 -42.32
CA GLN A 189 -60.54 7.36 -42.91
C GLN A 189 -61.69 6.69 -42.16
N ILE A 190 -61.75 6.85 -40.83
CA ILE A 190 -62.82 6.25 -40.05
C ILE A 190 -64.09 7.08 -40.09
N ALA A 191 -64.11 8.12 -40.92
CA ALA A 191 -65.32 8.88 -41.21
C ALA A 191 -65.93 8.52 -42.55
N VAL A 192 -65.13 8.33 -43.59
CA VAL A 192 -65.62 7.94 -44.90
C VAL A 192 -66.04 6.48 -44.94
N GLU A 193 -65.77 5.72 -43.89
CA GLU A 193 -66.21 4.34 -43.79
C GLU A 193 -67.38 4.15 -42.82
N LYS A 194 -67.50 5.02 -41.83
CA LYS A 194 -68.60 4.98 -40.88
C LYS A 194 -68.69 6.36 -40.23
N GLY A 195 -69.89 6.79 -39.89
CA GLY A 195 -70.08 8.14 -39.40
C GLY A 195 -69.36 8.43 -38.10
N VAL A 196 -69.07 9.71 -37.85
CA VAL A 196 -68.43 10.09 -36.60
C VAL A 196 -69.48 10.55 -35.60
N GLU A 197 -69.27 10.19 -34.34
CA GLU A 197 -70.12 10.63 -33.23
C GLU A 197 -69.29 11.46 -32.28
N PHE A 198 -69.81 12.62 -31.90
CA PHE A 198 -69.11 13.52 -31.01
C PHE A 198 -69.52 13.26 -29.56
N VAL A 199 -68.79 13.88 -28.64
CA VAL A 199 -69.18 13.81 -27.23
C VAL A 199 -70.36 14.72 -26.93
N ASN A 200 -70.40 15.90 -27.56
CA ASN A 200 -71.52 16.81 -27.34
C ASN A 200 -72.83 16.29 -27.92
N GLY A 201 -72.80 15.23 -28.72
CA GLY A 201 -74.01 14.59 -29.16
C GLY A 201 -74.21 14.52 -30.66
N GLU A 202 -73.84 15.58 -31.38
CA GLU A 202 -74.06 15.61 -32.82
C GLU A 202 -73.26 14.52 -33.51
N LYS A 203 -73.89 13.85 -34.47
CA LYS A 203 -73.28 12.73 -35.15
C LYS A 203 -73.75 12.70 -36.59
N TYR A 204 -73.00 11.97 -37.42
CA TYR A 204 -73.20 11.95 -38.86
C TYR A 204 -73.13 10.51 -39.36
N ASP A 205 -73.39 10.35 -40.65
CA ASP A 205 -73.36 9.07 -41.35
C ASP A 205 -72.47 9.19 -42.55
N PRO A 206 -71.90 8.08 -43.03
CA PRO A 206 -70.92 8.15 -44.13
C PRO A 206 -71.49 8.65 -45.45
N ASN A 207 -72.79 8.96 -45.51
CA ASN A 207 -73.37 9.56 -46.72
C ASN A 207 -73.71 11.03 -46.53
N HIS A 208 -73.52 11.58 -45.33
CA HIS A 208 -73.86 12.95 -45.06
C HIS A 208 -72.97 13.89 -45.87
N GLU A 209 -73.44 15.12 -46.05
CA GLU A 209 -72.76 16.05 -46.95
C GLU A 209 -71.39 16.46 -46.40
N LYS A 210 -71.27 16.57 -45.07
CA LYS A 210 -69.98 16.90 -44.48
C LYS A 210 -68.96 15.80 -44.74
N ILE A 211 -69.38 14.54 -44.62
CA ILE A 211 -68.49 13.42 -44.92
C ILE A 211 -68.03 13.39 -46.37
N ARG A 212 -68.92 13.68 -47.31
CA ARG A 212 -68.52 13.79 -48.71
C ARG A 212 -67.51 14.90 -48.93
N LEU A 213 -67.41 15.85 -48.01
CA LEU A 213 -66.39 16.90 -48.05
C LEU A 213 -65.05 16.42 -47.50
N VAL A 214 -65.02 15.22 -46.93
CA VAL A 214 -63.79 14.67 -46.35
C VAL A 214 -63.22 13.66 -47.35
N GLU A 215 -64.09 13.06 -48.15
CA GLU A 215 -63.68 12.10 -49.17
C GLU A 215 -62.80 12.70 -50.25
N GLU A 216 -63.12 13.88 -50.76
CA GLU A 216 -62.35 14.40 -51.88
C GLU A 216 -61.16 15.25 -51.43
N THR A 217 -61.08 15.60 -50.15
CA THR A 217 -59.83 16.14 -49.63
C THR A 217 -58.73 15.10 -49.65
N LEU A 218 -59.02 13.91 -49.11
CA LEU A 218 -58.08 12.81 -49.16
C LEU A 218 -57.82 12.38 -50.60
N ASN A 219 -58.85 12.40 -51.45
CA ASN A 219 -58.65 12.11 -52.86
C ASN A 219 -57.75 13.13 -53.53
N ASN A 220 -57.91 14.41 -53.22
CA ASN A 220 -57.07 15.45 -53.80
C ASN A 220 -55.61 15.23 -53.40
N TYR A 221 -55.38 14.95 -52.13
CA TYR A 221 -54.02 14.70 -51.68
C TYR A 221 -53.44 13.46 -52.35
N ARG A 222 -54.22 12.39 -52.47
CA ARG A 222 -53.72 11.16 -53.10
C ARG A 222 -53.41 11.38 -54.58
N GLU A 223 -54.27 12.11 -55.29
CA GLU A 223 -54.01 12.36 -56.69
C GLU A 223 -52.80 13.24 -56.89
N ALA A 224 -52.63 14.26 -56.04
CA ALA A 224 -51.44 15.11 -56.12
C ALA A 224 -50.19 14.31 -55.81
N LEU A 225 -50.28 13.33 -54.90
CA LEU A 225 -49.12 12.53 -54.56
C LEU A 225 -48.75 11.58 -55.69
N PHE A 226 -49.74 10.90 -56.28
CA PHE A 226 -49.45 9.94 -57.34
C PHE A 226 -49.26 10.61 -58.69
N LYS A 227 -49.50 11.92 -58.78
CA LYS A 227 -49.11 12.70 -59.95
C LYS A 227 -47.68 13.21 -59.84
N GLY A 228 -47.04 13.04 -58.69
CA GLY A 228 -45.71 13.56 -58.45
C GLY A 228 -45.66 15.00 -58.00
N GLN A 229 -46.81 15.66 -57.86
CA GLN A 229 -46.82 17.07 -57.50
C GLN A 229 -46.31 17.30 -56.08
N ILE A 230 -46.73 16.42 -55.15
CA ILE A 230 -46.36 16.60 -53.75
C ILE A 230 -45.61 15.39 -53.23
N ASP A 231 -45.01 15.52 -52.06
CA ASP A 231 -44.37 14.42 -51.36
C ASP A 231 -45.05 14.27 -50.01
N VAL A 232 -45.22 13.03 -49.56
CA VAL A 232 -45.91 12.75 -48.31
C VAL A 232 -44.94 12.04 -47.37
N LEU A 233 -44.81 12.57 -46.16
CA LEU A 233 -43.93 12.02 -45.14
C LEU A 233 -44.73 11.21 -44.14
N THR A 234 -44.08 10.22 -43.53
CA THR A 234 -44.68 9.52 -42.41
C THR A 234 -44.34 10.24 -41.11
N SER A 235 -44.68 9.62 -39.99
CA SER A 235 -44.43 10.21 -38.68
C SER A 235 -44.74 9.16 -37.62
N ILE A 236 -44.53 9.55 -36.36
CA ILE A 236 -45.00 8.74 -35.24
C ILE A 236 -46.51 8.82 -35.19
N TYR A 237 -47.17 7.70 -34.90
CA TYR A 237 -48.63 7.67 -34.95
C TYR A 237 -49.22 8.66 -33.97
N ALA A 238 -48.98 8.45 -32.68
CA ALA A 238 -49.35 9.46 -31.69
C ALA A 238 -48.20 10.45 -31.57
N HIS A 239 -48.39 11.62 -32.16
CA HIS A 239 -47.32 12.60 -32.37
C HIS A 239 -46.86 13.09 -31.01
N THR A 240 -45.69 12.61 -30.59
CA THR A 240 -45.11 12.89 -29.29
C THR A 240 -43.65 13.31 -29.43
N ILE A 241 -43.11 13.88 -28.36
CA ILE A 241 -41.74 14.40 -28.37
C ILE A 241 -40.76 13.26 -28.21
N GLY A 242 -40.36 12.66 -29.33
CA GLY A 242 -39.57 11.44 -29.35
C GLY A 242 -38.18 11.55 -28.77
N GLY A 243 -37.44 12.61 -29.07
CA GLY A 243 -36.13 12.78 -28.49
C GLY A 243 -36.12 12.89 -27.00
N PHE A 244 -37.10 13.57 -26.43
CA PHE A 244 -37.34 13.56 -25.00
C PHE A 244 -37.68 12.18 -24.47
N LEU A 245 -38.54 11.44 -25.16
CA LEU A 245 -38.94 10.13 -24.67
C LEU A 245 -37.76 9.17 -24.62
N THR A 246 -36.94 9.17 -25.67
CA THR A 246 -35.77 8.28 -25.72
C THR A 246 -34.72 8.64 -24.67
N ASP A 247 -34.52 9.92 -24.38
CA ASP A 247 -33.46 10.32 -23.47
C ASP A 247 -33.93 10.32 -22.02
N VAL A 248 -34.96 11.10 -21.70
CA VAL A 248 -35.41 11.24 -20.32
C VAL A 248 -36.09 9.97 -19.85
N LEU A 249 -37.17 9.56 -20.53
CA LEU A 249 -37.88 8.36 -20.13
C LEU A 249 -37.09 7.10 -20.45
N GLY A 250 -36.31 7.11 -21.54
CA GLY A 250 -35.52 5.95 -21.91
C GLY A 250 -36.31 4.81 -22.49
N ALA A 251 -37.54 5.04 -22.95
CA ALA A 251 -38.38 3.99 -23.49
C ALA A 251 -38.10 3.82 -24.99
N THR A 252 -37.10 2.99 -25.27
CA THR A 252 -36.68 2.74 -26.65
C THR A 252 -37.72 1.97 -27.45
N ASN A 253 -38.32 0.92 -26.87
CA ASN A 253 -39.21 0.04 -27.60
C ASN A 253 -40.56 0.65 -27.93
N ILE A 254 -40.99 1.68 -27.19
CA ILE A 254 -42.34 2.21 -27.34
C ILE A 254 -42.45 3.09 -28.58
N VAL A 255 -41.33 3.50 -29.17
CA VAL A 255 -41.32 4.49 -30.24
C VAL A 255 -41.09 3.81 -31.58
N GLU A 256 -40.24 2.78 -31.60
CA GLU A 256 -39.98 2.08 -32.85
C GLU A 256 -41.22 1.38 -33.39
N GLU A 257 -42.02 0.78 -32.51
CA GLU A 257 -43.30 0.20 -32.91
C GLU A 257 -44.32 1.25 -33.32
N GLU A 258 -44.32 2.39 -32.66
CA GLU A 258 -45.21 3.49 -33.02
C GLU A 258 -44.90 4.02 -34.40
N ILE A 259 -43.62 4.11 -34.76
CA ILE A 259 -43.25 4.59 -36.08
C ILE A 259 -43.65 3.56 -37.14
N ARG A 260 -43.50 2.26 -36.87
CA ARG A 260 -43.95 1.25 -37.82
C ARG A 260 -45.46 1.34 -38.04
N TYR A 261 -46.22 1.49 -36.96
CA TYR A 261 -47.66 1.57 -37.11
C TYR A 261 -48.06 2.84 -37.87
N GLY A 262 -47.45 3.97 -37.55
CA GLY A 262 -47.70 5.18 -38.30
C GLY A 262 -47.29 5.13 -39.75
N LYS A 263 -46.23 4.40 -40.06
CA LYS A 263 -45.80 4.24 -41.44
C LYS A 263 -46.71 3.33 -42.23
N GLU A 264 -47.23 2.26 -41.63
CA GLU A 264 -48.18 1.41 -42.36
C GLU A 264 -49.51 2.14 -42.54
N VAL A 265 -49.90 2.98 -41.58
CA VAL A 265 -51.10 3.78 -41.76
C VAL A 265 -50.96 4.72 -42.95
N THR A 266 -49.82 5.40 -43.05
CA THR A 266 -49.59 6.31 -44.18
C THR A 266 -49.51 5.53 -45.50
N SER A 267 -48.77 4.42 -45.50
CA SER A 267 -48.61 3.60 -46.72
C SER A 267 -49.94 3.00 -47.19
N LYS A 268 -50.89 2.79 -46.27
CA LYS A 268 -52.14 2.14 -46.62
C LYS A 268 -53.26 3.11 -46.96
N ILE A 269 -53.38 4.23 -46.23
CA ILE A 269 -54.42 5.20 -46.57
C ILE A 269 -54.13 5.94 -47.86
N MET A 270 -52.86 6.22 -48.16
CA MET A 270 -52.50 6.78 -49.46
C MET A 270 -52.79 5.81 -50.59
N GLY A 271 -52.50 4.53 -50.39
CA GLY A 271 -52.82 3.52 -51.36
C GLY A 271 -51.72 3.26 -52.36
N ASN A 272 -52.04 2.38 -53.31
CA ASN A 272 -51.14 2.02 -54.41
C ASN A 272 -49.79 1.54 -53.92
N ASN A 273 -49.76 0.99 -52.70
CA ASN A 273 -48.54 0.55 -52.04
C ASN A 273 -47.49 1.66 -52.04
N TYR A 274 -47.88 2.82 -51.53
CA TYR A 274 -46.93 3.92 -51.35
C TYR A 274 -45.88 3.54 -50.32
N ASN A 275 -44.67 4.07 -50.50
CA ASN A 275 -43.56 3.82 -49.58
C ASN A 275 -42.92 5.14 -49.18
N PRO A 276 -43.32 5.71 -48.05
CA PRO A 276 -42.66 6.93 -47.57
C PRO A 276 -41.27 6.62 -47.04
N GLN A 277 -40.28 7.34 -47.56
CA GLN A 277 -38.91 7.19 -47.10
C GLN A 277 -38.39 8.41 -46.33
N GLY A 278 -39.22 9.44 -46.18
CA GLY A 278 -38.89 10.56 -45.32
C GLY A 278 -39.93 10.70 -44.22
N ILE A 279 -39.48 11.08 -43.03
CA ILE A 279 -40.33 11.18 -41.86
C ILE A 279 -40.31 12.62 -41.37
N TRP A 280 -41.36 13.01 -40.66
CA TRP A 280 -41.39 14.26 -39.90
C TRP A 280 -41.23 13.92 -38.44
N THR A 281 -40.13 14.36 -37.84
CA THR A 281 -39.92 14.16 -36.42
C THR A 281 -40.82 15.12 -35.65
N PRO A 282 -41.69 14.61 -34.80
CA PRO A 282 -42.60 15.49 -34.04
C PRO A 282 -41.83 16.51 -33.21
N GLU A 283 -42.31 17.75 -33.24
CA GLU A 283 -41.75 18.88 -32.50
C GLU A 283 -40.26 19.09 -32.76
N MET A 284 -39.71 18.45 -33.78
CA MET A 284 -38.27 18.46 -34.08
C MET A 284 -37.44 18.11 -32.86
N ALA A 285 -38.06 17.34 -31.96
CA ALA A 285 -37.40 16.89 -30.73
C ALA A 285 -36.50 15.72 -31.11
N PHE A 286 -35.31 16.07 -31.58
CA PHE A 286 -34.39 15.08 -32.14
C PHE A 286 -33.45 14.55 -31.06
N SER A 287 -33.06 13.29 -31.24
CA SER A 287 -32.05 12.66 -30.41
C SER A 287 -31.24 11.71 -31.29
N MET A 288 -29.99 11.47 -30.89
CA MET A 288 -29.10 10.68 -31.71
C MET A 288 -29.37 9.18 -31.65
N LYS A 289 -30.15 8.73 -30.68
CA LYS A 289 -30.56 7.32 -30.67
C LYS A 289 -31.82 7.07 -31.48
N LEU A 290 -32.38 8.09 -32.10
CA LEU A 290 -33.38 7.90 -33.15
C LEU A 290 -32.75 7.50 -34.48
N ILE A 291 -31.44 7.65 -34.64
CA ILE A 291 -30.79 7.26 -35.89
C ILE A 291 -30.90 5.76 -36.14
N PRO A 292 -30.56 4.87 -35.21
CA PRO A 292 -30.75 3.44 -35.46
C PRO A 292 -32.19 3.05 -35.64
N ILE A 293 -33.13 3.74 -35.00
CA ILE A 293 -34.55 3.47 -35.19
C ILE A 293 -34.99 3.81 -36.61
N TYR A 294 -34.63 4.99 -37.09
CA TYR A 294 -34.99 5.39 -38.44
C TYR A 294 -34.31 4.52 -39.48
N TYR A 295 -33.03 4.19 -39.26
CA TYR A 295 -32.31 3.37 -40.23
C TYR A 295 -32.95 2.00 -40.38
N ASP A 296 -33.30 1.36 -39.27
CA ASP A 296 -33.87 0.02 -39.32
C ASP A 296 -35.24 -0.02 -39.98
N LEU A 297 -35.93 1.11 -40.06
CA LEU A 297 -37.26 1.19 -40.65
C LEU A 297 -37.23 1.74 -42.07
N ASP A 298 -36.05 1.86 -42.66
CA ASP A 298 -35.87 2.39 -44.01
C ASP A 298 -36.36 3.83 -44.12
N ILE A 299 -36.03 4.63 -43.13
CA ILE A 299 -36.24 6.07 -43.19
C ILE A 299 -34.93 6.73 -43.59
N LYS A 300 -34.99 7.61 -44.59
CA LYS A 300 -33.78 8.12 -45.23
C LYS A 300 -33.50 9.58 -44.88
N TYR A 301 -34.50 10.45 -44.92
CA TYR A 301 -34.29 11.86 -44.70
C TYR A 301 -35.34 12.43 -43.75
N THR A 302 -35.10 13.65 -43.29
CA THR A 302 -35.96 14.33 -42.32
C THR A 302 -35.59 15.81 -42.31
N VAL A 303 -36.32 16.57 -41.50
CA VAL A 303 -36.15 18.02 -41.38
C VAL A 303 -35.91 18.37 -39.92
N LEU A 304 -34.89 19.18 -39.66
CA LEU A 304 -34.61 19.72 -38.34
C LEU A 304 -34.56 21.24 -38.40
N ASP A 305 -34.21 21.85 -37.27
CA ASP A 305 -34.11 23.29 -37.17
C ASP A 305 -32.67 23.73 -37.29
N ASP A 306 -32.46 24.92 -37.83
CA ASP A 306 -31.12 25.47 -37.96
C ASP A 306 -30.67 26.23 -36.71
N LYS A 307 -31.56 27.02 -36.12
CA LYS A 307 -31.24 27.80 -34.93
C LYS A 307 -30.91 26.94 -33.73
N PHE A 308 -31.48 25.73 -33.64
CA PHE A 308 -31.37 24.93 -32.44
C PHE A 308 -30.69 23.59 -32.64
N HIS A 309 -30.48 23.13 -33.88
CA HIS A 309 -29.78 21.89 -34.12
C HIS A 309 -28.50 22.04 -34.93
N PHE A 310 -28.46 22.94 -35.90
CA PHE A 310 -27.28 23.12 -36.74
C PHE A 310 -26.13 23.80 -36.02
N PHE A 311 -26.41 24.88 -35.29
CA PHE A 311 -25.32 25.68 -34.71
C PHE A 311 -24.67 24.98 -33.53
N HIS A 312 -25.33 23.98 -32.96
CA HIS A 312 -24.77 23.22 -31.85
C HIS A 312 -24.27 21.85 -32.28
N ALA A 313 -24.46 21.49 -33.54
CA ALA A 313 -23.97 20.22 -34.08
C ALA A 313 -22.47 20.28 -34.28
N GLU A 314 -21.81 19.15 -34.07
CA GLU A 314 -20.37 19.05 -34.23
C GLU A 314 -20.05 18.19 -35.45
N GLY A 315 -18.99 18.55 -36.15
CA GLY A 315 -18.53 17.84 -37.32
C GLY A 315 -18.25 18.79 -38.46
N ASN A 316 -18.16 18.23 -39.66
CA ASN A 316 -17.84 18.99 -40.87
C ASN A 316 -19.05 19.84 -41.25
N LYS A 317 -18.87 21.15 -41.28
CA LYS A 317 -19.95 22.09 -41.58
C LYS A 317 -19.51 23.09 -42.63
N ASP A 318 -20.43 23.40 -43.55
CA ASP A 318 -20.23 24.50 -44.49
C ASP A 318 -21.28 25.56 -44.24
N SER A 319 -22.56 25.15 -44.31
CA SER A 319 -23.69 26.04 -44.05
C SER A 319 -24.97 25.24 -44.04
N GLN A 320 -25.97 25.76 -43.33
CA GLN A 320 -27.27 25.10 -43.17
C GLN A 320 -28.04 24.84 -44.45
N TYR A 321 -27.59 25.39 -45.58
CA TYR A 321 -28.40 25.41 -46.79
C TYR A 321 -28.05 24.25 -47.71
N GLU A 322 -27.65 23.12 -47.15
CA GLU A 322 -27.39 21.91 -47.90
C GLU A 322 -27.73 20.72 -47.02
N PRO A 323 -28.05 19.57 -47.61
CA PRO A 323 -28.27 18.37 -46.82
C PRO A 323 -26.99 17.93 -46.13
N TYR A 324 -27.13 17.32 -44.97
CA TYR A 324 -26.02 16.75 -44.21
C TYR A 324 -26.25 15.27 -43.96
N MET A 325 -25.17 14.56 -43.67
CA MET A 325 -25.21 13.12 -43.45
C MET A 325 -24.82 12.87 -41.99
N VAL A 326 -25.82 12.73 -41.14
CA VAL A 326 -25.60 12.54 -39.72
C VAL A 326 -25.39 11.05 -39.47
N ILE A 327 -24.25 10.69 -38.88
CA ILE A 327 -23.86 9.30 -38.71
C ILE A 327 -23.81 8.98 -37.23
N ASP A 328 -24.60 8.00 -36.81
CA ASP A 328 -24.50 7.47 -35.45
C ASP A 328 -23.26 6.60 -35.31
N THR A 329 -22.34 7.05 -34.46
CA THR A 329 -20.99 6.48 -34.40
C THR A 329 -20.95 5.03 -33.94
N GLU A 330 -21.65 4.69 -32.85
CA GLU A 330 -21.50 3.35 -32.28
C GLU A 330 -22.05 2.25 -33.18
N SER A 331 -22.88 2.59 -34.17
CA SER A 331 -23.42 1.61 -35.08
C SER A 331 -23.14 1.90 -36.55
N LYS A 332 -22.59 3.08 -36.86
CA LYS A 332 -22.29 3.48 -38.24
C LYS A 332 -23.55 3.50 -39.09
N LYS A 333 -24.66 3.89 -38.47
CA LYS A 333 -25.92 4.11 -39.18
C LYS A 333 -26.07 5.61 -39.44
N TYR A 334 -26.79 5.94 -40.51
CA TYR A 334 -26.78 7.29 -41.03
C TYR A 334 -28.18 7.71 -41.47
N ILE A 335 -28.39 9.03 -41.45
CA ILE A 335 -29.63 9.69 -41.86
C ILE A 335 -29.24 10.98 -42.57
N THR A 336 -29.97 11.34 -43.62
CA THR A 336 -29.78 12.62 -44.27
C THR A 336 -30.70 13.66 -43.65
N VAL A 337 -30.18 14.86 -43.43
CA VAL A 337 -30.89 15.88 -42.66
C VAL A 337 -30.93 17.18 -43.44
N PHE A 338 -32.12 17.80 -43.47
CA PHE A 338 -32.31 19.15 -43.98
C PHE A 338 -32.67 20.06 -42.82
N PHE A 339 -32.05 21.23 -42.76
CA PHE A 339 -32.35 22.19 -41.71
C PHE A 339 -33.24 23.30 -42.27
N ARG A 340 -34.36 23.56 -41.60
CA ARG A 340 -35.25 24.60 -42.07
C ARG A 340 -34.68 25.98 -41.74
N ASP A 341 -35.19 26.99 -42.43
CA ASP A 341 -34.86 28.38 -42.11
C ASP A 341 -35.83 28.84 -41.02
N HIS A 342 -35.32 28.94 -39.79
CA HIS A 342 -36.19 29.25 -38.66
C HIS A 342 -36.81 30.64 -38.80
N ASP A 343 -36.01 31.64 -39.19
CA ASP A 343 -36.51 33.00 -39.28
C ASP A 343 -37.55 33.14 -40.39
N LEU A 344 -37.25 32.59 -41.57
CA LEU A 344 -38.18 32.69 -42.69
C LEU A 344 -39.48 31.95 -42.42
N SER A 345 -39.39 30.76 -41.81
CA SER A 345 -40.60 30.02 -41.44
C SER A 345 -41.41 30.77 -40.39
N ASP A 346 -40.74 31.33 -39.39
CA ASP A 346 -41.41 32.10 -38.35
C ASP A 346 -42.08 33.35 -38.90
N ILE A 347 -41.54 33.95 -39.96
CA ILE A 347 -42.20 35.09 -40.59
C ILE A 347 -43.58 34.73 -41.12
N LEU A 348 -43.70 33.67 -41.92
CA LEU A 348 -45.00 33.26 -42.44
C LEU A 348 -45.90 32.68 -41.37
N GLY A 349 -45.32 31.99 -40.38
CA GLY A 349 -46.10 31.43 -39.30
C GLY A 349 -46.69 32.44 -38.33
N PHE A 350 -45.86 33.38 -37.87
CA PHE A 350 -46.26 34.23 -36.76
C PHE A 350 -46.63 35.65 -37.20
N ARG A 351 -45.98 36.15 -38.25
CA ARG A 351 -46.35 37.44 -38.83
C ARG A 351 -47.40 37.18 -39.91
N ASN A 352 -48.62 36.92 -39.45
CA ASN A 352 -49.71 36.53 -40.35
C ASN A 352 -50.97 37.34 -40.11
N ASN A 353 -50.93 38.24 -39.13
CA ASN A 353 -52.10 39.01 -38.72
C ASN A 353 -52.28 40.17 -39.69
N PHE A 354 -53.14 39.95 -40.69
CA PHE A 354 -53.44 40.97 -41.75
C PHE A 354 -54.77 41.65 -41.45
N TYR A 355 -54.72 42.93 -41.06
CA TYR A 355 -55.93 43.73 -40.73
C TYR A 355 -56.83 43.93 -41.96
N SER A 356 -56.23 44.12 -43.14
CA SER A 356 -57.04 44.38 -44.37
C SER A 356 -56.59 43.48 -45.53
N GLU A 357 -57.50 43.29 -46.50
CA GLU A 357 -57.26 42.44 -47.71
C GLU A 357 -56.12 43.04 -48.56
N PRO A 358 -56.05 44.37 -48.78
CA PRO A 358 -54.98 44.98 -49.56
C PRO A 358 -53.62 44.74 -48.90
N HIS A 359 -53.59 44.81 -47.56
CA HIS A 359 -52.33 44.60 -46.78
C HIS A 359 -51.80 43.18 -47.04
N ALA A 360 -52.68 42.19 -47.11
CA ALA A 360 -52.28 40.79 -47.36
C ALA A 360 -51.37 40.71 -48.58
N TRP A 361 -51.85 41.21 -49.74
CA TRP A 361 -51.08 41.20 -50.97
C TRP A 361 -49.72 41.85 -50.78
N ARG A 362 -49.68 42.97 -50.07
CA ARG A 362 -48.42 43.65 -49.81
C ARG A 362 -47.46 42.75 -49.02
N ASN A 363 -47.96 42.09 -47.98
CA ASN A 363 -47.13 41.19 -47.20
C ASN A 363 -46.72 39.95 -47.98
N ALA A 364 -47.59 39.45 -48.84
CA ALA A 364 -47.20 38.33 -49.70
C ALA A 364 -46.06 38.72 -50.62
N TYR A 365 -46.12 39.91 -51.22
CA TYR A 365 -45.02 40.38 -52.05
C TYR A 365 -43.75 40.53 -51.22
N GLU A 366 -43.87 41.09 -50.02
CA GLU A 366 -42.70 41.24 -49.16
C GLU A 366 -42.04 39.90 -48.88
N PHE A 367 -42.84 38.91 -48.46
CA PHE A 367 -42.27 37.63 -48.08
C PHE A 367 -41.68 36.91 -49.29
N ALA A 368 -42.36 37.01 -50.44
CA ALA A 368 -41.82 36.41 -51.66
C ALA A 368 -40.53 37.11 -52.09
N LEU A 369 -40.42 38.40 -51.81
CA LEU A 369 -39.18 39.14 -52.05
C LEU A 369 -38.05 38.69 -51.14
N ARG A 370 -38.37 38.35 -49.88
CA ARG A 370 -37.35 37.81 -48.99
C ARG A 370 -36.79 36.48 -49.48
N VAL A 371 -37.56 35.72 -50.26
CA VAL A 371 -37.07 34.45 -50.78
C VAL A 371 -35.98 34.66 -51.83
N ALA A 372 -36.16 35.65 -52.71
CA ALA A 372 -35.18 35.92 -53.75
C ALA A 372 -33.85 36.42 -53.21
N GLU A 373 -33.87 37.15 -52.09
CA GLU A 373 -32.62 37.65 -51.52
C GLU A 373 -31.69 36.51 -51.15
N LYS A 374 -32.23 35.35 -50.81
CA LYS A 374 -31.39 34.18 -50.55
C LYS A 374 -30.64 33.74 -51.80
N TRP A 375 -31.20 33.99 -52.98
CA TRP A 375 -30.54 33.60 -54.21
C TRP A 375 -29.22 34.34 -54.40
N PHE A 376 -29.18 35.62 -54.04
CA PHE A 376 -27.94 36.40 -54.15
C PHE A 376 -26.81 35.74 -53.38
N ASP A 377 -27.08 35.29 -52.16
CA ASP A 377 -26.08 34.55 -51.41
C ASP A 377 -25.80 33.22 -52.09
N LYS A 378 -24.61 33.10 -52.68
CA LYS A 378 -24.24 31.91 -53.42
C LYS A 378 -24.06 30.69 -52.54
N ASN A 379 -24.03 30.86 -51.22
CA ASN A 379 -23.92 29.74 -50.31
C ASN A 379 -25.26 29.07 -50.04
N VAL A 380 -26.36 29.73 -50.39
CA VAL A 380 -27.69 29.15 -50.23
C VAL A 380 -27.95 28.18 -51.38
N LYS A 381 -27.80 26.89 -51.10
CA LYS A 381 -27.97 25.87 -52.12
C LYS A 381 -29.36 25.23 -52.07
N VAL A 382 -29.82 24.86 -50.88
CA VAL A 382 -31.15 24.31 -50.68
C VAL A 382 -31.82 25.10 -49.58
N LEU A 383 -33.00 25.65 -49.87
CA LEU A 383 -33.75 26.46 -48.92
C LEU A 383 -34.99 25.71 -48.48
N THR A 384 -35.17 25.56 -47.17
CA THR A 384 -36.25 24.75 -46.61
C THR A 384 -37.06 25.60 -45.63
N ILE A 385 -38.38 25.47 -45.70
CA ILE A 385 -39.30 26.15 -44.80
C ILE A 385 -40.28 25.12 -44.27
N ALA A 386 -40.30 24.94 -42.95
CA ALA A 386 -41.16 23.96 -42.29
C ALA A 386 -41.93 24.65 -41.18
N LEU A 387 -43.24 24.38 -41.11
CA LEU A 387 -44.09 24.98 -40.10
C LEU A 387 -45.42 24.24 -40.08
N ASP A 388 -46.28 24.63 -39.12
CA ASP A 388 -47.58 23.99 -38.95
C ASP A 388 -48.52 24.45 -40.07
N GLY A 389 -49.10 23.49 -40.79
CA GLY A 389 -49.89 23.80 -41.97
C GLY A 389 -51.27 24.38 -41.72
N GLU A 390 -51.79 24.25 -40.50
CA GLU A 390 -53.17 24.66 -40.23
C GLU A 390 -53.29 25.76 -39.17
N ASN A 391 -52.29 25.95 -38.32
CA ASN A 391 -52.46 26.84 -37.19
C ASN A 391 -52.26 28.31 -37.57
N TRP A 392 -51.34 28.60 -38.48
CA TRP A 392 -51.15 29.97 -38.95
C TRP A 392 -52.38 30.48 -39.69
N MET A 393 -53.17 29.57 -40.27
CA MET A 393 -54.32 29.91 -41.07
C MET A 393 -55.60 29.95 -40.26
N SER A 394 -55.55 29.60 -38.97
CA SER A 394 -56.74 29.58 -38.14
C SER A 394 -56.55 30.26 -36.79
N PHE A 395 -55.35 30.74 -36.49
CA PHE A 395 -55.09 31.46 -35.24
C PHE A 395 -54.81 32.94 -35.47
N SER A 396 -54.97 33.43 -36.70
CA SER A 396 -54.79 34.85 -36.96
C SER A 396 -56.05 35.62 -36.60
N VAL A 397 -55.92 36.95 -36.59
CA VAL A 397 -57.07 37.80 -36.25
C VAL A 397 -58.14 37.72 -37.32
N ASN A 398 -57.75 37.63 -38.59
CA ASN A 398 -58.70 37.56 -39.71
C ASN A 398 -58.31 36.36 -40.56
N PRO A 399 -58.76 35.17 -40.18
CA PRO A 399 -58.33 33.95 -40.86
C PRO A 399 -58.65 33.90 -42.35
N PRO A 400 -59.78 34.47 -42.82
CA PRO A 400 -60.01 34.44 -44.28
C PRO A 400 -58.91 35.13 -45.09
N LEU A 401 -58.36 36.25 -44.59
CA LEU A 401 -57.34 36.96 -45.34
C LEU A 401 -56.07 36.13 -45.47
N THR A 402 -55.83 35.22 -44.53
CA THR A 402 -54.71 34.31 -44.64
C THR A 402 -54.84 33.41 -45.86
N ALA A 403 -56.08 33.07 -46.25
CA ALA A 403 -56.28 32.31 -47.47
C ALA A 403 -55.87 33.10 -48.71
N TYR A 404 -56.20 34.38 -48.75
CA TYR A 404 -55.75 35.24 -49.84
C TYR A 404 -54.23 35.33 -49.88
N PHE A 405 -53.61 35.46 -48.70
CA PHE A 405 -52.16 35.46 -48.60
C PHE A 405 -51.57 34.22 -49.26
N LEU A 406 -52.16 33.05 -48.99
CA LEU A 406 -51.62 31.81 -49.53
C LEU A 406 -51.66 31.80 -51.05
N ASP A 407 -52.78 32.25 -51.63
CA ASP A 407 -52.91 32.26 -53.09
C ASP A 407 -51.90 33.21 -53.71
N LYS A 408 -51.79 34.43 -53.17
CA LYS A 408 -50.83 35.39 -53.72
C LYS A 408 -49.39 34.89 -53.56
N MET A 409 -49.10 34.29 -52.41
CA MET A 409 -47.77 33.74 -52.16
C MET A 409 -47.43 32.63 -53.15
N ILE A 410 -48.39 31.75 -53.43
CA ILE A 410 -48.17 30.72 -54.42
C ILE A 410 -47.94 31.32 -55.80
N ILE A 411 -48.72 32.35 -56.16
CA ILE A 411 -48.55 32.98 -57.48
C ILE A 411 -47.16 33.59 -57.62
N TYR A 412 -46.70 34.31 -56.60
CA TYR A 412 -45.40 34.97 -56.70
C TYR A 412 -44.26 33.97 -56.83
N LEU A 413 -44.31 32.89 -56.05
CA LEU A 413 -43.28 31.85 -56.16
C LEU A 413 -43.27 31.19 -57.52
N GLU A 414 -44.41 31.15 -58.21
CA GLU A 414 -44.45 30.58 -59.55
C GLU A 414 -43.66 31.44 -60.54
N THR A 415 -43.55 32.75 -60.30
CA THR A 415 -42.79 33.64 -61.16
C THR A 415 -41.28 33.49 -60.98
N LEU A 416 -40.83 32.97 -59.84
CA LEU A 416 -39.40 32.75 -59.63
C LEU A 416 -38.92 31.42 -60.19
N SER A 417 -39.82 30.50 -60.52
CA SER A 417 -39.45 29.23 -61.12
C SER A 417 -39.48 29.27 -62.64
N ASP A 418 -40.10 30.29 -63.24
CA ASP A 418 -40.05 30.43 -64.70
C ASP A 418 -38.85 31.26 -65.15
N ASN A 419 -38.42 32.23 -64.35
CA ASN A 419 -37.21 32.98 -64.62
C ASN A 419 -35.95 32.22 -64.25
N LYS A 420 -36.11 30.97 -63.80
CA LYS A 420 -34.98 30.07 -63.51
C LYS A 420 -34.20 30.55 -62.28
N PHE A 421 -34.83 31.38 -61.45
CA PHE A 421 -34.23 31.77 -60.18
C PHE A 421 -34.22 30.61 -59.19
N ILE A 422 -35.39 30.04 -58.91
CA ILE A 422 -35.52 28.93 -57.99
C ILE A 422 -36.09 27.72 -58.73
N LYS A 423 -36.06 26.58 -58.05
CA LYS A 423 -36.66 25.34 -58.56
C LYS A 423 -37.63 24.83 -57.50
N LEU A 424 -38.90 25.18 -57.64
CA LEU A 424 -39.93 24.60 -56.79
C LEU A 424 -39.92 23.09 -56.94
N SER A 425 -39.57 22.38 -55.88
CA SER A 425 -39.47 20.94 -55.93
C SER A 425 -39.87 20.37 -54.57
N THR A 426 -40.08 19.06 -54.54
CA THR A 426 -40.42 18.36 -53.32
C THR A 426 -39.16 17.88 -52.62
N LEU A 427 -39.31 17.47 -51.36
CA LEU A 427 -38.16 17.06 -50.57
C LEU A 427 -37.55 15.76 -51.10
N ARG A 428 -38.39 14.86 -51.62
CA ARG A 428 -37.88 13.61 -52.17
C ARG A 428 -37.06 13.84 -53.43
N GLU A 429 -37.45 14.82 -54.25
CA GLU A 429 -36.68 15.15 -55.44
C GLU A 429 -35.33 15.73 -55.07
N ILE A 430 -35.30 16.63 -54.07
CA ILE A 430 -34.04 17.19 -53.60
C ILE A 430 -33.15 16.10 -53.01
N TYR A 431 -33.77 15.11 -52.36
CA TYR A 431 -32.98 14.04 -51.75
C TYR A 431 -32.16 13.28 -52.79
N ASN A 432 -32.75 12.96 -53.93
CA ASN A 432 -32.02 12.22 -54.95
C ASN A 432 -31.16 13.12 -55.82
N LYS A 433 -31.64 14.33 -56.16
CA LYS A 433 -30.90 15.19 -57.06
C LYS A 433 -29.72 15.85 -56.36
N VAL A 434 -29.82 16.06 -55.05
CA VAL A 434 -28.75 16.70 -54.29
C VAL A 434 -28.29 15.76 -53.18
N PRO A 435 -27.19 15.04 -53.37
CA PRO A 435 -26.70 14.16 -52.31
C PRO A 435 -25.96 14.94 -51.24
N ALA A 436 -25.91 14.39 -50.04
CA ALA A 436 -25.27 15.04 -48.91
C ALA A 436 -23.82 14.60 -48.79
N ASN A 437 -22.90 15.57 -48.89
CA ASN A 437 -21.48 15.31 -48.81
C ASN A 437 -20.88 15.58 -47.43
N ARG A 438 -21.24 16.68 -46.79
CA ARG A 438 -20.75 16.98 -45.46
C ARG A 438 -21.24 15.93 -44.46
N ILE A 439 -20.48 15.75 -43.39
CA ILE A 439 -20.77 14.74 -42.38
C ILE A 439 -20.91 15.43 -41.03
N LEU A 440 -22.02 15.20 -40.35
CA LEU A 440 -22.17 15.58 -38.95
C LEU A 440 -22.08 14.32 -38.08
N THR A 441 -21.68 14.53 -36.83
CA THR A 441 -21.47 13.42 -35.92
C THR A 441 -22.29 13.48 -34.65
N ASN A 442 -22.81 14.65 -34.27
CA ASN A 442 -23.58 14.77 -33.05
C ASN A 442 -24.48 15.99 -33.14
N ILE A 443 -25.79 15.76 -33.01
CA ILE A 443 -26.75 16.85 -32.87
C ILE A 443 -27.34 16.78 -31.46
N PRO A 444 -27.06 17.76 -30.60
CA PRO A 444 -27.59 17.72 -29.24
C PRO A 444 -29.12 17.72 -29.22
N THR A 445 -29.68 16.99 -28.27
CA THR A 445 -31.13 16.86 -28.15
C THR A 445 -31.77 18.22 -27.91
N ASN A 446 -32.82 18.50 -28.69
CA ASN A 446 -33.49 19.79 -28.65
C ASN A 446 -34.68 19.76 -29.58
N SER A 447 -35.60 20.70 -29.40
CA SER A 447 -36.75 20.93 -30.26
C SER A 447 -36.60 22.30 -30.94
N TRP A 448 -37.58 22.70 -31.75
CA TRP A 448 -37.51 24.05 -32.31
C TRP A 448 -37.83 25.13 -31.28
N LEU A 449 -38.27 24.74 -30.09
CA LEU A 449 -38.53 25.72 -29.04
C LEU A 449 -37.33 25.93 -28.14
N GLY A 450 -36.23 25.23 -28.35
CA GLY A 450 -35.03 25.44 -27.57
C GLY A 450 -35.07 24.88 -26.17
N THR A 451 -36.11 24.13 -25.83
CA THR A 451 -36.27 23.62 -24.47
C THR A 451 -37.34 22.54 -24.51
N PHE A 452 -37.27 21.64 -23.52
CA PHE A 452 -38.28 20.62 -23.33
C PHE A 452 -39.22 20.96 -22.18
N ARG A 453 -39.12 22.18 -21.66
CA ARG A 453 -39.90 22.61 -20.52
C ARG A 453 -41.34 22.94 -20.88
N LYS A 454 -41.65 23.02 -22.17
CA LYS A 454 -43.03 23.19 -22.62
C LYS A 454 -43.90 21.99 -22.28
N TRP A 455 -43.36 20.77 -22.37
CA TRP A 455 -44.09 19.56 -22.01
C TRP A 455 -43.65 18.95 -20.70
N ARG A 456 -42.64 19.51 -20.03
CA ARG A 456 -42.27 19.08 -18.68
C ARG A 456 -41.65 20.29 -17.95
N GLY A 457 -42.48 20.99 -17.19
CA GLY A 457 -41.97 22.09 -16.38
C GLY A 457 -42.82 23.34 -16.39
N GLU A 458 -43.50 23.63 -17.50
CA GLU A 458 -44.28 24.85 -17.61
C GLU A 458 -45.68 24.71 -17.00
N VAL A 459 -46.05 23.51 -16.58
CA VAL A 459 -47.27 23.29 -15.81
C VAL A 459 -46.86 22.71 -14.46
N PRO A 460 -47.41 23.20 -13.35
CA PRO A 460 -47.02 22.66 -12.04
C PRO A 460 -47.35 21.18 -11.87
N GLN A 461 -48.37 20.67 -12.55
CA GLN A 461 -48.81 19.28 -12.35
C GLN A 461 -48.10 18.32 -13.29
N HIS A 462 -47.02 18.76 -13.94
CA HIS A 462 -46.33 17.92 -14.90
C HIS A 462 -45.58 16.75 -14.29
N GLU A 463 -44.79 16.97 -13.23
CA GLU A 463 -44.05 15.86 -12.64
C GLU A 463 -44.98 14.85 -11.98
N GLU A 464 -46.07 15.32 -11.36
CA GLU A 464 -47.07 14.42 -10.82
C GLU A 464 -47.57 13.43 -11.86
N TYR A 465 -47.75 13.89 -13.10
CA TYR A 465 -48.25 13.04 -14.17
C TYR A 465 -47.15 12.31 -14.92
N TRP A 466 -45.95 12.89 -15.01
CA TRP A 466 -44.86 12.19 -15.65
C TRP A 466 -44.41 10.98 -14.83
N ILE A 467 -44.36 11.11 -13.50
CA ILE A 467 -44.04 9.95 -12.67
C ILE A 467 -45.15 8.91 -12.79
N LYS A 468 -46.40 9.35 -12.93
CA LYS A 468 -47.51 8.42 -13.05
C LYS A 468 -47.44 7.61 -14.34
N THR A 469 -47.26 8.28 -15.47
CA THR A 469 -47.13 7.57 -16.73
C THR A 469 -45.85 6.72 -16.79
N TYR A 470 -44.77 7.15 -16.14
CA TYR A 470 -43.57 6.33 -16.03
C TYR A 470 -43.81 5.07 -15.22
N SER A 471 -44.57 5.16 -14.13
CA SER A 471 -44.93 3.97 -13.37
C SER A 471 -45.78 3.02 -14.20
N VAL A 472 -46.75 3.55 -14.94
CA VAL A 472 -47.57 2.69 -15.81
C VAL A 472 -46.72 1.98 -16.86
N TYR A 473 -45.78 2.67 -17.50
CA TYR A 473 -44.92 2.02 -18.48
C TYR A 473 -43.96 1.02 -17.84
N ARG A 474 -43.47 1.30 -16.64
CA ARG A 474 -42.51 0.40 -16.03
C ARG A 474 -43.19 -0.87 -15.53
N LYS A 475 -44.48 -0.76 -15.15
CA LYS A 475 -45.28 -1.94 -14.89
C LYS A 475 -45.49 -2.80 -16.13
N LEU A 476 -45.71 -2.16 -17.29
CA LEU A 476 -45.75 -2.87 -18.56
C LEU A 476 -44.46 -3.62 -18.86
N LEU A 477 -43.31 -2.98 -18.66
CA LEU A 477 -42.05 -3.68 -18.83
C LEU A 477 -41.90 -4.85 -17.87
N ALA A 478 -42.31 -4.69 -16.61
CA ALA A 478 -42.27 -5.81 -15.68
C ALA A 478 -43.12 -6.98 -16.16
N TYR A 479 -44.35 -6.69 -16.58
CA TYR A 479 -45.22 -7.77 -17.05
C TYR A 479 -44.65 -8.45 -18.28
N GLU A 480 -44.11 -7.68 -19.22
CA GLU A 480 -43.52 -8.27 -20.42
C GLU A 480 -42.27 -9.08 -20.13
N GLU A 481 -41.52 -8.70 -19.10
CA GLU A 481 -40.42 -9.55 -18.63
C GLU A 481 -40.94 -10.85 -18.04
N MET A 482 -42.04 -10.80 -17.29
CA MET A 482 -42.62 -12.00 -16.72
C MET A 482 -42.90 -13.06 -17.79
N ILE A 483 -43.75 -12.73 -18.77
CA ILE A 483 -44.12 -13.70 -19.79
C ILE A 483 -43.08 -13.85 -20.89
N GLY A 484 -41.96 -13.13 -20.79
CA GLY A 484 -40.90 -13.31 -21.77
C GLY A 484 -41.25 -12.87 -23.18
N GLY A 485 -41.87 -11.71 -23.32
CA GLY A 485 -42.19 -11.20 -24.64
C GLY A 485 -43.55 -10.52 -24.64
N ARG A 486 -44.03 -10.26 -25.85
CA ARG A 486 -45.29 -9.58 -26.07
C ARG A 486 -46.42 -10.59 -26.26
N ASP A 487 -47.65 -10.11 -26.05
CA ASP A 487 -48.84 -10.91 -26.29
C ASP A 487 -49.99 -9.96 -26.60
N GLU A 488 -51.21 -10.49 -26.56
CA GLU A 488 -52.39 -9.68 -26.86
C GLU A 488 -52.60 -8.58 -25.82
N PHE A 489 -52.45 -8.93 -24.54
CA PHE A 489 -52.70 -7.97 -23.47
C PHE A 489 -51.61 -6.91 -23.39
N SER A 490 -50.35 -7.29 -23.53
CA SER A 490 -49.28 -6.31 -23.57
C SER A 490 -49.43 -5.33 -24.72
N ASN A 491 -49.76 -5.81 -25.92
CA ASN A 491 -50.02 -4.93 -27.05
C ASN A 491 -51.23 -4.04 -26.83
N GLU A 492 -52.31 -4.57 -26.24
CA GLU A 492 -53.49 -3.77 -25.97
C GLU A 492 -53.24 -2.71 -24.91
N ALA A 493 -52.27 -2.92 -24.03
CA ALA A 493 -51.86 -1.88 -23.09
C ALA A 493 -50.90 -0.89 -23.72
N ARG A 494 -50.00 -1.37 -24.61
CA ARG A 494 -49.11 -0.47 -25.32
C ARG A 494 -49.89 0.51 -26.19
N TRP A 495 -50.94 0.04 -26.84
CA TRP A 495 -51.77 0.93 -27.65
C TRP A 495 -52.40 2.03 -26.81
N ALA A 496 -52.83 1.69 -25.59
CA ALA A 496 -53.39 2.68 -24.68
C ALA A 496 -52.34 3.64 -24.13
N LEU A 497 -51.11 3.17 -23.96
CA LEU A 497 -50.03 4.04 -23.51
C LEU A 497 -49.56 5.00 -24.58
N TRP A 498 -49.79 4.69 -25.86
CA TRP A 498 -49.45 5.62 -26.93
C TRP A 498 -50.24 6.91 -26.84
N HIS A 499 -51.54 6.83 -26.57
CA HIS A 499 -52.39 8.01 -26.59
C HIS A 499 -52.21 8.86 -25.34
N ALA A 500 -51.82 8.25 -24.23
CA ALA A 500 -51.51 8.99 -23.03
C ALA A 500 -50.26 9.84 -23.16
N LEU A 501 -49.29 9.40 -23.95
CA LEU A 501 -48.02 10.09 -24.11
C LEU A 501 -48.03 11.07 -25.28
N ASP A 502 -49.18 11.24 -25.95
CA ASP A 502 -49.27 12.19 -27.04
C ASP A 502 -49.00 13.60 -26.53
N SER A 503 -48.10 14.31 -27.20
CA SER A 503 -47.59 15.57 -26.67
C SER A 503 -48.52 16.74 -26.93
N ASP A 504 -49.63 16.54 -27.63
CA ASP A 504 -50.64 17.57 -27.74
C ASP A 504 -51.44 17.75 -26.46
N TYR A 505 -51.48 16.74 -25.59
CA TYR A 505 -52.12 16.87 -24.30
C TYR A 505 -51.18 17.38 -23.22
N TRP A 506 -49.87 17.23 -23.40
CA TRP A 506 -48.90 17.70 -22.42
C TRP A 506 -48.46 19.14 -22.68
N TRP A 507 -48.89 19.74 -23.79
CA TRP A 507 -48.54 21.11 -24.11
C TRP A 507 -49.08 22.03 -23.02
N ALA A 508 -48.25 22.97 -22.57
CA ALA A 508 -48.58 23.73 -21.37
C ALA A 508 -49.84 24.56 -21.55
N GLU A 509 -50.01 25.19 -22.71
CA GLU A 509 -51.19 26.00 -22.95
C GLU A 509 -52.44 25.13 -23.06
N PHE A 510 -52.30 23.96 -23.68
CA PHE A 510 -53.42 23.03 -23.88
C PHE A 510 -53.33 21.84 -22.93
N TRP A 511 -52.91 22.06 -21.70
CA TRP A 511 -52.82 21.01 -20.69
C TRP A 511 -54.17 20.34 -20.51
N LEU A 512 -54.22 19.04 -20.79
CA LEU A 512 -55.48 18.29 -20.84
C LEU A 512 -55.30 17.01 -20.03
N PRO A 513 -55.31 17.11 -18.70
CA PRO A 513 -54.99 15.93 -17.88
C PRO A 513 -56.10 14.89 -17.80
N LYS A 514 -57.35 15.26 -18.10
CA LYS A 514 -58.44 14.29 -18.00
C LYS A 514 -58.44 13.26 -19.11
N ILE A 515 -57.74 13.53 -20.22
CA ILE A 515 -57.56 12.53 -21.26
C ILE A 515 -56.34 11.65 -21.00
N ILE A 516 -55.26 12.22 -20.46
CA ILE A 516 -54.13 11.42 -20.03
C ILE A 516 -54.57 10.44 -18.94
N ASP A 517 -55.36 10.90 -17.97
CA ASP A 517 -55.88 10.00 -16.95
C ASP A 517 -56.80 8.94 -17.54
N THR A 518 -57.61 9.32 -18.53
CA THR A 518 -58.50 8.35 -19.17
C THR A 518 -57.70 7.25 -19.85
N TRP A 519 -56.61 7.59 -20.53
CA TRP A 519 -55.83 6.60 -21.24
C TRP A 519 -54.88 5.82 -20.34
N LEU A 520 -54.42 6.40 -19.23
CA LEU A 520 -53.60 5.64 -18.29
C LEU A 520 -54.42 4.65 -17.49
N SER A 521 -55.73 4.84 -17.39
CA SER A 521 -56.56 3.89 -16.68
C SER A 521 -56.81 2.64 -17.52
N VAL A 522 -56.90 2.80 -18.83
CA VAL A 522 -57.07 1.63 -19.69
C VAL A 522 -55.83 0.73 -19.62
N ALA A 523 -54.64 1.31 -19.65
CA ALA A 523 -53.41 0.55 -19.54
C ALA A 523 -53.15 0.00 -18.15
N GLU A 524 -53.71 0.62 -17.13
CA GLU A 524 -53.51 0.19 -15.75
C GLU A 524 -54.52 -0.88 -15.32
N ASN A 525 -55.54 -1.14 -16.13
CA ASN A 525 -56.47 -2.22 -15.86
C ASN A 525 -56.18 -3.48 -16.65
N ILE A 526 -55.64 -3.36 -17.85
CA ILE A 526 -55.18 -4.54 -18.59
C ILE A 526 -53.99 -5.19 -17.91
N LEU A 527 -53.12 -4.40 -17.30
CA LEU A 527 -51.91 -4.90 -16.64
C LEU A 527 -52.17 -5.41 -15.23
N ASN A 528 -53.07 -4.76 -14.50
CA ASN A 528 -53.37 -5.21 -13.14
C ASN A 528 -54.17 -6.50 -13.10
N ASN A 529 -54.99 -6.75 -14.11
CA ASN A 529 -55.77 -7.98 -14.18
C ASN A 529 -54.97 -9.16 -14.70
N ARG A 530 -53.75 -8.93 -15.15
CA ARG A 530 -52.85 -9.99 -15.58
C ARG A 530 -51.69 -10.24 -14.64
N ILE A 531 -51.30 -9.23 -13.86
CA ILE A 531 -50.27 -9.39 -12.84
C ILE A 531 -50.84 -9.94 -11.54
N ASN A 532 -52.12 -9.73 -11.28
CA ASN A 532 -52.76 -10.21 -10.06
C ASN A 532 -52.97 -11.72 -10.06
N LYS A 533 -52.69 -12.39 -11.17
CA LYS A 533 -52.81 -13.85 -11.22
C LYS A 533 -51.53 -14.56 -10.79
N ILE A 534 -50.60 -13.82 -10.18
CA ILE A 534 -49.36 -14.39 -9.65
C ILE A 534 -49.34 -14.07 -8.17
N GLN A 535 -49.62 -15.07 -7.33
CA GLN A 535 -49.70 -14.89 -5.91
C GLN A 535 -48.67 -15.76 -5.20
N ILE A 536 -48.33 -15.36 -3.98
CA ILE A 536 -47.55 -16.17 -3.07
C ILE A 536 -48.54 -16.79 -2.09
N ILE A 537 -48.68 -18.11 -2.13
CA ILE A 537 -49.81 -18.75 -1.49
C ILE A 537 -49.41 -19.37 -0.15
N ASP A 538 -48.16 -19.77 -0.01
CA ASP A 538 -47.71 -20.39 1.23
C ASP A 538 -46.22 -20.15 1.43
N VAL A 539 -45.87 -19.69 2.63
CA VAL A 539 -44.49 -19.55 3.07
C VAL A 539 -44.45 -19.99 4.52
N ARG A 540 -43.65 -21.00 4.83
CA ARG A 540 -43.51 -21.53 6.18
C ARG A 540 -42.06 -21.91 6.46
N PRO A 541 -41.67 -22.02 7.72
CA PRO A 541 -40.34 -22.55 8.05
C PRO A 541 -40.20 -23.98 7.56
N ALA A 542 -39.06 -24.30 6.97
CA ALA A 542 -38.82 -25.65 6.49
C ALA A 542 -38.12 -26.48 7.56
N SER A 543 -38.09 -25.93 8.76
CA SER A 543 -37.41 -26.53 9.91
C SER A 543 -37.71 -25.70 11.15
N GLU A 544 -37.20 -26.11 12.30
CA GLU A 544 -37.30 -25.30 13.50
C GLU A 544 -36.21 -24.24 13.44
N PHE A 545 -36.55 -23.02 13.83
CA PHE A 545 -35.66 -21.88 13.73
C PHE A 545 -34.96 -21.66 15.06
N TYR A 546 -33.63 -21.72 15.05
CA TYR A 546 -32.82 -21.49 16.23
C TYR A 546 -31.87 -20.34 15.95
N GLU A 547 -31.60 -19.55 16.98
CA GLU A 547 -30.84 -18.31 16.81
C GLU A 547 -29.48 -18.57 16.18
N ASP A 548 -29.14 -17.74 15.20
CA ASP A 548 -27.78 -17.61 14.68
C ASP A 548 -27.26 -18.94 14.13
N GLU A 549 -28.15 -19.67 13.46
CA GLU A 549 -27.73 -20.88 12.76
C GLU A 549 -28.59 -21.02 11.50
N LYS A 550 -28.08 -21.76 10.52
CA LYS A 550 -28.74 -21.91 9.23
C LYS A 550 -30.10 -22.58 9.39
N ALA A 551 -31.06 -22.16 8.57
CA ALA A 551 -32.38 -22.75 8.54
C ALA A 551 -32.90 -22.71 7.10
N GLY A 552 -34.17 -23.07 6.94
CA GLY A 552 -34.77 -23.07 5.62
C GLY A 552 -36.19 -22.52 5.61
N LEU A 553 -36.50 -21.73 4.60
CA LEU A 553 -37.82 -21.15 4.44
C LEU A 553 -38.35 -21.48 3.06
N VAL A 554 -39.50 -22.14 2.99
CA VAL A 554 -40.09 -22.58 1.73
C VAL A 554 -41.12 -21.56 1.28
N VAL A 555 -41.19 -21.32 -0.02
CA VAL A 555 -42.11 -20.36 -0.62
C VAL A 555 -42.83 -21.03 -1.77
N THR A 556 -44.15 -20.92 -1.79
CA THR A 556 -44.98 -21.49 -2.84
C THR A 556 -45.63 -20.37 -3.63
N ILE A 557 -45.55 -20.44 -4.96
CA ILE A 557 -46.09 -19.42 -5.86
C ILE A 557 -47.04 -20.09 -6.84
N ARG A 558 -48.27 -19.62 -6.90
CA ARG A 558 -49.26 -20.15 -7.84
C ARG A 558 -49.32 -19.29 -9.09
N ASN A 559 -49.48 -19.94 -10.23
CA ASN A 559 -49.61 -19.29 -11.53
C ASN A 559 -51.01 -19.56 -12.06
N GLN A 560 -51.82 -18.51 -12.17
CA GLN A 560 -53.15 -18.65 -12.77
C GLN A 560 -53.20 -18.19 -14.22
N LEU A 561 -52.12 -17.62 -14.75
CA LEU A 561 -52.08 -17.29 -16.16
C LEU A 561 -52.05 -18.55 -17.01
N GLU A 562 -52.33 -18.38 -18.30
CA GLU A 562 -52.32 -19.48 -19.27
C GLU A 562 -51.01 -19.52 -20.04
N LYS A 563 -50.01 -18.78 -19.57
CA LYS A 563 -48.71 -18.74 -20.23
C LYS A 563 -47.64 -19.11 -19.23
N GLU A 564 -46.42 -19.27 -19.73
CA GLU A 564 -45.31 -19.70 -18.90
C GLU A 564 -44.63 -18.49 -18.29
N ILE A 565 -44.45 -18.50 -16.97
CA ILE A 565 -44.08 -17.34 -16.18
C ILE A 565 -42.71 -17.56 -15.55
N ARG A 566 -41.97 -16.47 -15.36
CA ARG A 566 -40.74 -16.50 -14.57
C ARG A 566 -40.74 -15.25 -13.68
N VAL A 567 -40.82 -15.46 -12.37
CA VAL A 567 -40.80 -14.37 -11.42
C VAL A 567 -39.56 -14.49 -10.55
N SER A 568 -39.30 -13.47 -9.73
CA SER A 568 -38.28 -13.53 -8.71
C SER A 568 -38.86 -12.95 -7.43
N PHE A 569 -38.31 -13.38 -6.30
CA PHE A 569 -38.84 -12.92 -5.02
C PHE A 569 -37.69 -12.66 -4.06
N ALA A 570 -37.93 -11.73 -3.13
CA ALA A 570 -36.98 -11.38 -2.09
C ALA A 570 -37.65 -11.53 -0.73
N ILE A 571 -36.84 -11.79 0.28
CA ILE A 571 -37.34 -11.96 1.65
C ILE A 571 -37.18 -10.66 2.41
N GLY A 572 -37.82 -10.56 3.56
CA GLY A 572 -37.67 -9.39 4.41
C GLY A 572 -38.05 -9.66 5.85
N GLY A 573 -37.18 -9.30 6.77
CA GLY A 573 -37.45 -9.53 8.17
C GLY A 573 -36.59 -8.60 9.00
N THR A 574 -36.87 -8.60 10.30
CA THR A 574 -36.22 -7.65 11.19
C THR A 574 -34.88 -8.17 11.70
N GLY A 575 -34.73 -9.48 11.80
CA GLY A 575 -33.45 -10.07 12.18
C GLY A 575 -33.01 -11.07 11.15
N PHE A 576 -33.92 -11.46 10.28
CA PHE A 576 -33.64 -12.43 9.24
C PHE A 576 -32.70 -11.85 8.19
N SER A 577 -31.97 -12.72 7.51
CA SER A 577 -31.05 -12.31 6.46
C SER A 577 -30.95 -13.44 5.45
N SER A 578 -31.18 -13.12 4.17
CA SER A 578 -30.95 -14.09 3.11
C SER A 578 -29.47 -14.47 3.06
N VAL A 579 -29.21 -15.78 3.06
CA VAL A 579 -27.82 -16.25 3.13
C VAL A 579 -27.05 -15.82 1.89
N ASN A 580 -27.46 -16.30 0.73
CA ASN A 580 -26.97 -15.76 -0.53
C ASN A 580 -28.02 -15.88 -1.62
N ASN A 581 -28.89 -14.88 -1.74
CA ASN A 581 -29.88 -14.83 -2.82
C ASN A 581 -30.32 -13.38 -2.96
N ASP A 582 -29.78 -12.69 -3.97
CA ASP A 582 -30.23 -11.33 -4.25
C ASP A 582 -31.63 -11.34 -4.83
N LEU A 583 -31.86 -12.17 -5.85
CA LEU A 583 -33.18 -12.36 -6.44
C LEU A 583 -33.23 -13.79 -6.98
N GLU A 584 -34.05 -14.63 -6.36
CA GLU A 584 -34.17 -16.03 -6.77
C GLU A 584 -35.29 -16.13 -7.81
N THR A 585 -34.89 -16.42 -9.05
CA THR A 585 -35.84 -16.50 -10.16
C THR A 585 -36.32 -17.95 -10.29
N VAL A 586 -37.59 -18.12 -10.65
CA VAL A 586 -38.17 -19.43 -10.90
C VAL A 586 -38.62 -19.48 -12.35
N LYS A 587 -39.13 -20.63 -12.79
CA LYS A 587 -39.58 -20.76 -14.17
C LYS A 587 -40.70 -21.78 -14.20
N MET A 588 -41.95 -21.32 -14.17
CA MET A 588 -43.07 -22.23 -14.03
C MET A 588 -43.98 -22.18 -15.25
N ASN A 589 -44.63 -23.30 -15.52
CA ASN A 589 -45.50 -23.44 -16.68
C ASN A 589 -46.95 -23.12 -16.30
N PRO A 590 -47.82 -22.88 -17.27
CA PRO A 590 -49.15 -22.34 -16.96
C PRO A 590 -49.98 -23.23 -16.05
N ASN A 591 -50.75 -22.59 -15.18
CA ASN A 591 -51.69 -23.25 -14.27
C ASN A 591 -50.98 -24.29 -13.41
N SER A 592 -50.03 -23.81 -12.61
CA SER A 592 -49.26 -24.68 -11.75
C SER A 592 -48.60 -23.86 -10.65
N SER A 593 -48.33 -24.51 -9.52
CA SER A 593 -47.62 -23.90 -8.42
C SER A 593 -46.13 -24.25 -8.52
N TYR A 594 -45.32 -23.54 -7.72
CA TYR A 594 -43.88 -23.76 -7.72
C TYR A 594 -43.41 -23.55 -6.30
N THR A 595 -42.75 -24.55 -5.73
CA THR A 595 -42.26 -24.50 -4.36
C THR A 595 -40.75 -24.66 -4.35
N ARG A 596 -40.08 -23.84 -3.54
CA ARG A 596 -38.64 -23.97 -3.32
C ARG A 596 -38.31 -23.47 -1.92
N ILE A 597 -37.20 -23.96 -1.38
CA ILE A 597 -36.75 -23.63 -0.04
C ILE A 597 -35.55 -22.71 -0.14
N ILE A 598 -35.58 -21.61 0.61
CA ILE A 598 -34.50 -20.63 0.64
C ILE A 598 -33.84 -20.72 2.01
N PRO A 599 -32.51 -20.68 2.09
CA PRO A 599 -31.82 -20.71 3.39
C PRO A 599 -31.73 -19.31 3.98
N VAL A 600 -32.20 -19.17 5.21
CA VAL A 600 -32.16 -17.90 5.92
C VAL A 600 -31.56 -18.15 7.31
N LYS A 601 -30.98 -17.10 7.87
CA LYS A 601 -30.38 -17.15 9.20
C LYS A 601 -31.04 -16.13 10.09
N ALA A 602 -31.64 -16.60 11.19
CA ALA A 602 -32.17 -15.71 12.20
C ALA A 602 -31.06 -15.23 13.13
N LYS A 603 -31.26 -14.07 13.73
CA LYS A 603 -30.21 -13.51 14.57
C LYS A 603 -30.73 -12.91 15.87
N PHE A 604 -32.04 -12.75 16.01
CA PHE A 604 -32.66 -12.52 17.31
C PHE A 604 -33.55 -13.70 17.68
N ILE A 605 -34.01 -13.71 18.93
CA ILE A 605 -34.93 -14.73 19.43
C ILE A 605 -36.25 -14.05 19.75
N GLY A 606 -37.34 -14.73 19.49
CA GLY A 606 -38.64 -14.23 19.85
C GLY A 606 -39.60 -14.31 18.70
N LYS A 607 -40.54 -13.38 18.68
CA LYS A 607 -41.63 -13.36 17.71
C LYS A 607 -41.16 -12.60 16.48
N HIS A 608 -40.82 -13.32 15.42
CA HIS A 608 -40.33 -12.70 14.20
C HIS A 608 -41.45 -12.46 13.20
N LYS A 609 -41.15 -11.62 12.21
CA LYS A 609 -42.08 -11.30 11.13
C LYS A 609 -41.31 -11.35 9.81
N MET A 610 -41.51 -12.42 9.05
CA MET A 610 -40.97 -12.53 7.70
C MET A 610 -41.88 -11.83 6.70
N VAL A 611 -41.28 -11.05 5.81
CA VAL A 611 -41.96 -10.51 4.64
C VAL A 611 -41.32 -11.13 3.41
N VAL A 612 -42.14 -11.73 2.56
CA VAL A 612 -41.69 -12.26 1.28
C VAL A 612 -42.44 -11.52 0.18
N SER A 613 -41.71 -11.03 -0.81
CA SER A 613 -42.31 -10.24 -1.88
C SER A 613 -41.80 -10.73 -3.23
N ALA A 614 -42.70 -10.81 -4.20
CA ALA A 614 -42.35 -11.23 -5.55
C ALA A 614 -41.99 -10.01 -6.39
N ILE A 615 -40.87 -10.09 -7.10
CA ILE A 615 -40.27 -8.94 -7.76
C ILE A 615 -39.93 -9.29 -9.20
N SER A 616 -40.44 -8.50 -10.14
CA SER A 616 -40.16 -8.69 -11.56
C SER A 616 -39.74 -7.35 -12.15
N LYS A 617 -38.53 -7.30 -12.72
CA LYS A 617 -38.04 -6.13 -13.43
C LYS A 617 -38.05 -4.89 -12.54
N GLY A 618 -37.65 -5.08 -11.27
CA GLY A 618 -37.58 -3.99 -10.33
C GLY A 618 -38.90 -3.60 -9.71
N LEU A 619 -39.98 -4.30 -10.04
CA LEU A 619 -41.32 -3.97 -9.55
C LEU A 619 -41.78 -5.07 -8.60
N ILE A 620 -42.26 -4.69 -7.43
CA ILE A 620 -42.79 -5.66 -6.49
C ILE A 620 -44.17 -6.10 -6.97
N ILE A 621 -44.28 -7.38 -7.30
CA ILE A 621 -45.51 -7.95 -7.84
C ILE A 621 -46.49 -8.23 -6.70
N ASP A 622 -46.04 -8.98 -5.70
CA ASP A 622 -46.90 -9.41 -4.61
C ASP A 622 -46.03 -9.58 -3.36
N SER A 623 -46.65 -9.46 -2.19
CA SER A 623 -45.95 -9.64 -0.93
C SER A 623 -46.87 -10.31 0.08
N LYS A 624 -46.26 -11.04 1.02
CA LYS A 624 -47.00 -11.74 2.06
C LYS A 624 -46.14 -11.84 3.32
N ILE A 625 -46.79 -11.72 4.48
CA ILE A 625 -46.11 -11.67 5.77
C ILE A 625 -46.46 -12.94 6.54
N ILE A 626 -45.45 -13.61 7.07
CA ILE A 626 -45.67 -14.78 7.91
C ILE A 626 -45.07 -14.49 9.28
N ASP A 627 -45.36 -15.38 10.24
CA ASP A 627 -44.96 -15.20 11.63
C ASP A 627 -44.09 -16.40 12.03
N ILE A 628 -42.91 -16.12 12.55
CA ILE A 628 -41.95 -17.16 12.92
C ILE A 628 -41.49 -16.95 14.35
N ASN A 629 -41.40 -18.05 15.11
CA ASN A 629 -40.90 -18.03 16.48
C ASN A 629 -39.52 -18.66 16.48
N VAL A 630 -38.50 -17.85 16.74
CA VAL A 630 -37.12 -18.32 16.77
C VAL A 630 -36.75 -18.70 18.20
N LYS A 631 -36.16 -19.88 18.36
CA LYS A 631 -35.85 -20.39 19.68
C LYS A 631 -34.38 -20.18 20.03
N PRO A 632 -34.05 -20.00 21.30
CA PRO A 632 -32.64 -19.92 21.69
C PRO A 632 -31.92 -21.23 21.41
N LYS A 633 -30.67 -21.12 21.00
CA LYS A 633 -29.87 -22.29 20.65
C LYS A 633 -29.09 -22.75 21.89
N LEU A 634 -29.35 -23.98 22.32
CA LEU A 634 -28.74 -24.52 23.53
C LEU A 634 -27.51 -25.35 23.20
N LEU A 635 -26.51 -25.27 24.07
CA LEU A 635 -25.27 -26.02 23.90
C LEU A 635 -25.42 -27.43 24.43
N PRO A 636 -24.66 -28.38 23.88
CA PRO A 636 -24.74 -29.76 24.36
C PRO A 636 -24.01 -29.97 25.68
N ASN A 637 -24.21 -31.16 26.24
CA ASN A 637 -23.60 -31.50 27.51
C ASN A 637 -22.09 -31.50 27.40
N PRO A 638 -21.38 -31.01 28.43
CA PRO A 638 -19.92 -31.11 28.44
C PRO A 638 -19.45 -32.55 28.30
N ARG A 639 -18.72 -32.83 27.22
CA ARG A 639 -18.33 -34.20 26.92
C ARG A 639 -17.38 -34.73 27.98
N LEU A 640 -17.46 -36.03 28.24
CA LEU A 640 -16.74 -36.67 29.33
C LEU A 640 -15.24 -36.66 29.10
N ILE B 103 -85.43 19.75 11.74
CA ILE B 103 -85.01 18.95 12.88
C ILE B 103 -83.61 18.38 12.65
N ASP B 104 -82.80 18.36 13.70
CA ASP B 104 -81.47 17.77 13.64
C ASP B 104 -81.03 17.41 15.04
N ASN B 105 -80.11 16.45 15.13
CA ASN B 105 -79.63 15.92 16.40
C ASN B 105 -78.62 16.90 16.99
N THR B 106 -79.03 17.57 18.07
CA THR B 106 -78.17 18.53 18.76
C THR B 106 -77.84 18.01 20.16
N CYS B 107 -76.77 17.24 20.25
CA CYS B 107 -76.33 16.69 21.52
C CYS B 107 -75.68 17.77 22.38
N PHE B 108 -75.66 17.52 23.69
CA PHE B 108 -74.90 18.36 24.60
C PHE B 108 -74.15 17.51 25.61
N LEU B 109 -73.37 18.15 26.49
CA LEU B 109 -72.44 17.43 27.34
C LEU B 109 -72.71 17.76 28.80
N VAL B 110 -72.61 16.74 29.64
CA VAL B 110 -72.77 16.87 31.08
C VAL B 110 -71.49 16.40 31.75
N GLY B 111 -71.08 17.10 32.80
CA GLY B 111 -69.88 16.71 33.49
C GLY B 111 -69.70 17.51 34.77
N ASP B 112 -68.70 17.12 35.54
CA ASP B 112 -68.38 17.76 36.80
C ASP B 112 -67.18 18.67 36.62
N PRO B 113 -67.32 19.98 36.80
CA PRO B 113 -66.18 20.89 36.61
C PRO B 113 -65.00 20.59 37.53
N SER B 114 -65.24 20.02 38.71
CA SER B 114 -64.18 19.67 39.63
C SER B 114 -63.56 18.30 39.35
N SER B 115 -64.09 17.56 38.37
CA SER B 115 -63.57 16.23 38.07
C SER B 115 -62.10 16.28 37.67
N ARG B 116 -61.71 17.34 36.97
CA ARG B 116 -60.33 17.48 36.49
C ARG B 116 -59.97 18.95 36.51
N GLU B 117 -58.67 19.22 36.48
CA GLU B 117 -58.18 20.60 36.42
C GLU B 117 -58.65 21.26 35.12
N GLN B 118 -58.91 22.56 35.19
CA GLN B 118 -59.30 23.30 34.00
C GLN B 118 -58.21 23.23 32.94
N MET B 119 -58.63 23.03 31.70
CA MET B 119 -57.69 23.10 30.59
C MET B 119 -57.54 24.55 30.13
N TYR B 120 -56.31 24.95 29.87
CA TYR B 120 -56.01 26.32 29.48
C TYR B 120 -56.37 26.49 28.02
N PHE B 121 -57.25 27.44 27.73
CA PHE B 121 -57.74 27.69 26.39
C PHE B 121 -57.25 29.06 25.92
N THR B 122 -56.70 29.10 24.71
CA THR B 122 -56.25 30.36 24.12
C THR B 122 -56.41 30.28 22.61
N ILE B 123 -56.49 31.45 21.98
CA ILE B 123 -56.62 31.56 20.54
C ILE B 123 -55.64 32.62 20.06
N VAL B 124 -55.08 32.41 18.87
CA VAL B 124 -54.12 33.33 18.28
C VAL B 124 -54.69 33.80 16.95
N TRP B 125 -54.92 35.11 16.83
CA TRP B 125 -55.33 35.72 15.58
C TRP B 125 -54.13 36.35 14.91
N HIS B 126 -53.96 36.06 13.63
CA HIS B 126 -52.83 36.57 12.86
C HIS B 126 -53.36 37.67 11.94
N HIS B 127 -53.28 38.91 12.43
CA HIS B 127 -53.67 40.07 11.63
C HIS B 127 -52.43 40.54 10.88
N HIS B 128 -52.49 40.49 9.55
CA HIS B 128 -51.32 40.86 8.77
C HIS B 128 -51.70 41.33 7.38
N GLN B 129 -51.01 42.38 6.93
CA GLN B 129 -51.01 42.81 5.54
C GLN B 129 -49.57 43.11 5.14
N ALA B 130 -49.20 42.70 3.94
CA ALA B 130 -47.84 42.97 3.49
C ALA B 130 -47.64 44.48 3.35
N PRO B 131 -46.42 44.98 3.53
CA PRO B 131 -46.21 46.42 3.39
C PRO B 131 -46.39 46.82 1.93
N ASN B 132 -47.54 47.41 1.64
CA ASN B 132 -48.01 47.57 0.27
C ASN B 132 -47.78 48.99 -0.23
N TYR B 133 -46.73 49.64 0.26
CA TYR B 133 -46.33 50.94 -0.23
C TYR B 133 -45.20 50.79 -1.23
N LEU B 134 -45.18 51.67 -2.22
CA LEU B 134 -44.11 51.68 -3.20
C LEU B 134 -42.89 52.39 -2.62
N PRO B 135 -41.73 52.26 -3.26
CA PRO B 135 -40.55 53.00 -2.77
C PRO B 135 -40.78 54.50 -2.69
N ASP B 136 -41.73 55.04 -3.46
CA ASP B 136 -42.07 56.46 -3.34
C ASP B 136 -42.92 56.71 -2.09
N GLY B 137 -43.86 55.82 -1.80
CA GLY B 137 -44.70 55.97 -0.62
C GLY B 137 -46.17 55.74 -0.88
N ARG B 138 -46.56 55.68 -2.15
CA ARG B 138 -47.95 55.45 -2.50
C ARG B 138 -48.32 53.99 -2.24
N ILE B 139 -49.58 53.75 -1.92
CA ILE B 139 -50.06 52.44 -1.49
C ILE B 139 -50.67 51.74 -2.69
N HIS B 140 -50.05 50.62 -3.09
N HIS B 140 -50.06 50.62 -3.10
CA HIS B 140 -50.56 49.83 -4.21
CA HIS B 140 -50.56 49.83 -4.21
C HIS B 140 -51.49 48.70 -3.77
C HIS B 140 -51.50 48.71 -3.77
N GLY B 141 -51.40 48.23 -2.54
CA GLY B 141 -52.34 47.27 -2.01
C GLY B 141 -53.12 47.85 -0.85
N PRO B 142 -54.41 48.13 -1.08
CA PRO B 142 -55.21 48.80 -0.05
C PRO B 142 -55.97 47.85 0.87
N TRP B 143 -55.31 47.01 1.65
CA TRP B 143 -56.04 46.10 2.51
C TRP B 143 -55.79 46.39 3.99
N ALA B 144 -54.70 47.07 4.30
CA ALA B 144 -54.51 47.59 5.64
C ALA B 144 -55.55 48.64 6.00
N TYR B 145 -56.27 49.15 5.02
CA TYR B 145 -57.17 50.29 5.18
C TYR B 145 -58.62 49.97 4.89
N ILE B 146 -58.93 49.29 3.79
CA ILE B 146 -60.33 48.96 3.52
C ILE B 146 -60.88 47.93 4.49
N TYR B 147 -60.02 47.12 5.12
CA TYR B 147 -60.49 46.26 6.18
C TYR B 147 -60.59 46.99 7.51
N VAL B 148 -60.60 48.33 7.50
CA VAL B 148 -60.81 49.11 8.71
C VAL B 148 -61.97 50.08 8.50
N TRP B 149 -62.20 50.54 7.26
CA TRP B 149 -63.33 51.44 7.06
C TRP B 149 -64.33 51.04 5.98
N SER B 150 -64.11 50.01 5.19
CA SER B 150 -65.08 49.64 4.17
C SER B 150 -66.33 49.08 4.85
N ASP B 151 -67.42 49.05 4.10
CA ASP B 151 -68.70 48.55 4.62
C ASP B 151 -68.85 47.10 4.19
N LEU B 152 -67.94 46.27 4.67
CA LEU B 152 -67.92 44.85 4.35
C LEU B 152 -68.66 43.97 5.34
N LEU B 153 -68.78 44.40 6.59
CA LEU B 153 -69.40 43.62 7.65
C LEU B 153 -70.70 44.25 8.11
N LYS B 154 -71.47 44.79 7.18
CA LYS B 154 -72.73 45.42 7.56
C LYS B 154 -73.81 44.37 7.73
N PRO B 155 -74.77 44.59 8.65
CA PRO B 155 -74.87 45.78 9.50
C PRO B 155 -74.25 45.58 10.89
N TYR B 156 -73.29 44.66 11.01
CA TYR B 156 -72.69 44.36 12.31
C TYR B 156 -71.38 45.10 12.57
N GLY B 157 -70.78 45.69 11.55
CA GLY B 157 -69.53 46.40 11.74
C GLY B 157 -68.99 46.92 10.44
N LYS B 158 -67.77 47.47 10.50
CA LYS B 158 -67.13 48.03 9.30
C LYS B 158 -66.22 47.00 8.64
N GLY B 159 -65.18 46.56 9.34
CA GLY B 159 -64.18 45.69 8.77
C GLY B 159 -63.60 44.76 9.81
N PRO B 160 -62.98 43.67 9.36
CA PRO B 160 -62.50 42.65 10.30
C PRO B 160 -61.57 43.20 11.37
N TYR B 161 -60.65 44.10 11.01
CA TYR B 161 -59.73 44.64 12.00
C TYR B 161 -60.45 45.51 13.03
N HIS B 162 -61.42 46.30 12.57
CA HIS B 162 -62.16 47.16 13.49
C HIS B 162 -63.17 46.34 14.30
N TYR B 163 -63.81 45.35 13.66
CA TYR B 163 -64.76 44.50 14.36
C TYR B 163 -64.10 43.70 15.46
N HIS B 164 -62.90 43.18 15.19
CA HIS B 164 -62.17 42.44 16.22
C HIS B 164 -61.85 43.34 17.41
N SER B 165 -61.59 44.62 17.15
CA SER B 165 -61.30 45.53 18.24
C SER B 165 -62.56 45.91 19.02
N VAL B 166 -63.70 46.03 18.34
CA VAL B 166 -64.92 46.39 19.04
C VAL B 166 -65.44 45.20 19.87
N MET B 167 -65.23 43.98 19.40
CA MET B 167 -65.54 42.80 20.23
C MET B 167 -64.76 42.80 21.53
N LEU B 168 -63.53 43.32 21.52
CA LEU B 168 -62.74 43.41 22.74
C LEU B 168 -63.32 44.42 23.73
N ASN B 169 -64.25 45.26 23.28
CA ASN B 169 -64.93 46.19 24.17
C ASN B 169 -66.29 45.65 24.62
N ILE B 170 -67.01 45.00 23.71
CA ILE B 170 -68.33 44.46 24.04
C ILE B 170 -68.22 43.33 25.05
N HIS B 171 -67.18 42.51 24.92
CA HIS B 171 -66.97 41.37 25.83
C HIS B 171 -65.68 41.58 26.60
N PRO B 172 -65.72 42.14 27.81
CA PRO B 172 -64.48 42.43 28.53
C PRO B 172 -63.91 41.23 29.27
N HIS B 173 -64.58 40.08 29.19
CA HIS B 173 -64.11 38.87 29.85
C HIS B 173 -63.50 37.87 28.88
N PHE B 174 -63.50 38.18 27.58
CA PHE B 174 -62.99 37.27 26.56
C PHE B 174 -61.57 37.68 26.23
N LYS B 175 -60.62 36.82 26.56
CA LYS B 175 -59.21 37.07 26.29
C LYS B 175 -58.80 36.42 24.96
N ALA B 176 -57.65 36.85 24.45
CA ALA B 176 -57.09 36.31 23.22
C ALA B 176 -55.66 36.78 23.02
N THR B 177 -54.86 36.01 22.28
CA THR B 177 -53.53 36.47 21.90
C THR B 177 -53.56 36.99 20.48
N TYR B 178 -53.07 38.21 20.28
CA TYR B 178 -53.17 38.89 19.00
C TYR B 178 -51.78 39.08 18.40
N ASN B 179 -51.67 38.84 17.10
CA ASN B 179 -50.47 39.16 16.34
C ASN B 179 -50.82 40.31 15.40
N LEU B 180 -50.65 41.53 15.89
CA LEU B 180 -50.77 42.70 15.04
C LEU B 180 -49.44 42.90 14.34
N SER B 181 -49.40 42.59 13.05
CA SER B 181 -48.14 42.50 12.34
C SER B 181 -47.45 43.86 12.32
N PRO B 182 -46.13 43.92 12.46
CA PRO B 182 -45.44 45.22 12.38
C PRO B 182 -45.68 45.94 11.07
N SER B 183 -45.76 45.19 9.96
CA SER B 183 -46.03 45.82 8.67
C SER B 183 -47.49 46.16 8.47
N LEU B 184 -48.34 45.84 9.45
CA LEU B 184 -49.69 46.37 9.50
C LEU B 184 -49.81 47.53 10.47
N LEU B 185 -49.20 47.40 11.64
CA LEU B 185 -49.14 48.49 12.61
C LEU B 185 -48.53 49.74 12.00
N ARG B 186 -47.49 49.58 11.19
CA ARG B 186 -46.80 50.75 10.67
C ARG B 186 -47.58 51.40 9.54
N GLN B 187 -48.28 50.61 8.72
CA GLN B 187 -49.17 51.19 7.73
C GLN B 187 -50.32 51.94 8.40
N TRP B 188 -50.81 51.43 9.52
CA TRP B 188 -51.79 52.19 10.29
C TRP B 188 -51.19 53.47 10.86
N GLN B 189 -49.95 53.43 11.34
CA GLN B 189 -49.29 54.60 11.91
C GLN B 189 -48.96 55.66 10.88
N ILE B 190 -48.57 55.27 9.66
CA ILE B 190 -48.22 56.26 8.64
C ILE B 190 -49.46 56.85 7.98
N ALA B 191 -50.64 56.48 8.46
CA ALA B 191 -51.88 57.12 8.05
C ALA B 191 -52.43 58.07 9.09
N VAL B 192 -52.16 57.84 10.37
CA VAL B 192 -52.64 58.72 11.44
C VAL B 192 -51.95 60.08 11.44
N GLU B 193 -50.64 60.14 11.19
CA GLU B 193 -49.92 61.39 11.16
C GLU B 193 -49.93 62.08 9.80
N LYS B 194 -50.08 61.33 8.72
CA LYS B 194 -50.26 61.95 7.40
C LYS B 194 -51.11 61.00 6.57
N GLY B 195 -52.07 61.55 5.81
CA GLY B 195 -52.98 60.72 5.06
C GLY B 195 -52.29 59.85 4.02
N VAL B 196 -52.95 58.77 3.61
CA VAL B 196 -52.37 57.90 2.60
C VAL B 196 -52.86 58.30 1.23
N GLU B 197 -52.00 58.13 0.23
CA GLU B 197 -52.36 58.31 -1.16
C GLU B 197 -52.23 56.97 -1.88
N PHE B 198 -53.30 56.57 -2.56
CA PHE B 198 -53.32 55.31 -3.27
C PHE B 198 -52.66 55.47 -4.64
N VAL B 199 -52.30 54.33 -5.23
CA VAL B 199 -51.75 54.35 -6.59
C VAL B 199 -52.82 54.65 -7.62
N ASN B 200 -54.08 54.28 -7.36
CA ASN B 200 -55.16 54.59 -8.29
C ASN B 200 -55.49 56.07 -8.34
N GLY B 201 -55.07 56.85 -7.34
CA GLY B 201 -55.25 58.29 -7.39
C GLY B 201 -55.90 58.88 -6.15
N GLU B 202 -56.85 58.16 -5.57
CA GLU B 202 -57.57 58.68 -4.41
C GLU B 202 -56.64 58.80 -3.22
N LYS B 203 -56.89 59.80 -2.37
CA LYS B 203 -56.05 60.04 -1.21
C LYS B 203 -56.89 60.68 -0.10
N TYR B 204 -56.33 60.64 1.11
CA TYR B 204 -56.99 61.16 2.29
C TYR B 204 -56.00 61.98 3.10
N ASP B 205 -56.52 62.63 4.13
CA ASP B 205 -55.76 63.46 5.04
C ASP B 205 -55.94 62.94 6.45
N PRO B 206 -55.00 63.21 7.35
CA PRO B 206 -55.11 62.66 8.72
C PRO B 206 -56.31 63.18 9.49
N ASN B 207 -57.05 64.16 8.97
CA ASN B 207 -58.29 64.62 9.57
C ASN B 207 -59.52 64.00 8.92
N HIS B 208 -59.34 63.20 7.87
CA HIS B 208 -60.47 62.53 7.24
C HIS B 208 -61.11 61.54 8.21
N GLU B 209 -62.43 61.44 8.13
CA GLU B 209 -63.15 60.62 9.11
C GLU B 209 -62.80 59.15 8.98
N LYS B 210 -62.37 58.72 7.79
CA LYS B 210 -61.90 57.36 7.63
C LYS B 210 -60.66 57.10 8.48
N ILE B 211 -59.74 58.07 8.54
CA ILE B 211 -58.58 57.96 9.41
C ILE B 211 -58.98 57.90 10.88
N ARG B 212 -60.04 58.61 11.28
CA ARG B 212 -60.54 58.50 12.64
C ARG B 212 -61.01 57.10 12.98
N LEU B 213 -61.40 56.32 11.99
CA LEU B 213 -61.73 54.92 12.16
C LEU B 213 -60.49 54.04 12.26
N VAL B 214 -59.33 54.56 11.87
CA VAL B 214 -58.08 53.83 11.96
C VAL B 214 -57.45 54.10 13.33
N GLU B 215 -57.60 55.33 13.81
CA GLU B 215 -57.04 55.71 15.10
C GLU B 215 -57.75 55.05 16.27
N GLU B 216 -59.08 54.94 16.25
CA GLU B 216 -59.78 54.32 17.36
C GLU B 216 -59.69 52.80 17.33
N THR B 217 -59.44 52.21 16.17
CA THR B 217 -59.12 50.77 16.11
C THR B 217 -57.82 50.48 16.85
N LEU B 218 -56.77 51.22 16.49
CA LEU B 218 -55.48 51.05 17.16
C LEU B 218 -55.58 51.41 18.63
N ASN B 219 -56.36 52.45 18.97
CA ASN B 219 -56.60 52.78 20.38
C ASN B 219 -57.29 51.63 21.10
N ASN B 220 -58.28 51.00 20.47
CA ASN B 220 -58.97 49.88 21.09
C ASN B 220 -58.01 48.74 21.39
N TYR B 221 -57.19 48.39 20.40
CA TYR B 221 -56.20 47.33 20.61
C TYR B 221 -55.24 47.69 21.72
N ARG B 222 -54.76 48.94 21.74
CA ARG B 222 -53.79 49.37 22.74
C ARG B 222 -54.38 49.34 24.15
N GLU B 223 -55.61 49.85 24.30
CA GLU B 223 -56.27 49.86 25.59
C GLU B 223 -56.54 48.44 26.09
N ALA B 224 -56.97 47.56 25.19
CA ALA B 224 -57.19 46.16 25.57
C ALA B 224 -55.88 45.49 25.97
N LEU B 225 -54.78 45.80 25.26
CA LEU B 225 -53.50 45.19 25.59
C LEU B 225 -53.00 45.63 26.96
N PHE B 226 -53.06 46.94 27.24
CA PHE B 226 -52.54 47.41 28.53
C PHE B 226 -53.52 47.25 29.66
N LYS B 227 -54.79 46.93 29.37
CA LYS B 227 -55.71 46.47 30.38
C LYS B 227 -55.40 45.05 30.83
N GLY B 228 -54.57 44.33 30.09
CA GLY B 228 -54.24 42.95 30.37
C GLY B 228 -55.16 41.94 29.73
N GLN B 229 -56.16 42.38 28.97
CA GLN B 229 -57.12 41.46 28.38
C GLN B 229 -56.47 40.58 27.32
N ILE B 230 -55.59 41.16 26.50
CA ILE B 230 -55.01 40.42 25.39
C ILE B 230 -53.48 40.42 25.46
N ASP B 231 -52.86 39.69 24.54
CA ASP B 231 -51.41 39.65 24.41
C ASP B 231 -51.05 39.96 22.97
N VAL B 232 -49.94 40.66 22.77
CA VAL B 232 -49.51 41.09 21.44
C VAL B 232 -48.17 40.44 21.13
N LEU B 233 -48.08 39.80 19.98
CA LEU B 233 -46.88 39.10 19.53
C LEU B 233 -46.11 39.97 18.53
N THR B 234 -44.79 39.87 18.59
CA THR B 234 -43.96 40.46 17.56
C THR B 234 -43.88 39.49 16.38
N SER B 235 -43.13 39.87 15.36
CA SER B 235 -42.97 39.02 14.18
C SER B 235 -41.84 39.57 13.33
N ILE B 236 -41.64 38.95 12.18
CA ILE B 236 -40.75 39.50 11.16
C ILE B 236 -41.46 40.67 10.50
N TYR B 237 -40.72 41.76 10.26
CA TYR B 237 -41.35 42.96 9.73
C TYR B 237 -42.00 42.70 8.38
N ALA B 238 -41.20 42.35 7.38
CA ALA B 238 -41.75 41.90 6.12
C ALA B 238 -41.98 40.40 6.18
N HIS B 239 -43.24 40.02 6.32
CA HIS B 239 -43.68 38.64 6.60
C HIS B 239 -43.05 37.72 5.56
N THR B 240 -42.15 36.88 6.02
CA THR B 240 -41.38 36.00 5.15
C THR B 240 -41.24 34.61 5.76
N ILE B 241 -41.09 33.62 4.89
CA ILE B 241 -40.96 32.23 5.32
C ILE B 241 -39.56 32.00 5.88
N GLY B 242 -39.43 32.07 7.20
CA GLY B 242 -38.15 32.08 7.87
C GLY B 242 -37.34 30.81 7.76
N GLY B 243 -37.98 29.64 7.94
CA GLY B 243 -37.24 28.40 7.81
C GLY B 243 -36.73 28.12 6.43
N PHE B 244 -37.47 28.52 5.40
CA PHE B 244 -37.01 28.44 4.03
C PHE B 244 -35.78 29.29 3.76
N LEU B 245 -35.76 30.52 4.25
CA LEU B 245 -34.64 31.41 4.00
C LEU B 245 -33.36 30.90 4.66
N THR B 246 -33.48 30.41 5.90
CA THR B 246 -32.30 29.90 6.60
C THR B 246 -31.82 28.56 6.05
N ASP B 247 -32.71 27.79 5.42
CA ASP B 247 -32.31 26.48 4.89
C ASP B 247 -31.89 26.58 3.43
N VAL B 248 -32.77 27.08 2.58
CA VAL B 248 -32.51 27.12 1.14
C VAL B 248 -31.55 28.25 0.81
N LEU B 249 -31.96 29.48 1.10
CA LEU B 249 -31.11 30.63 0.77
C LEU B 249 -29.95 30.79 1.72
N GLY B 250 -30.13 30.42 2.99
CA GLY B 250 -29.07 30.57 3.97
C GLY B 250 -28.81 31.99 4.43
N ALA B 251 -29.73 32.92 4.17
CA ALA B 251 -29.55 34.31 4.55
C ALA B 251 -30.00 34.52 5.99
N THR B 252 -29.14 34.08 6.90
CA THR B 252 -29.41 34.21 8.33
C THR B 252 -29.39 35.66 8.80
N ASN B 253 -28.46 36.48 8.31
CA ASN B 253 -28.34 37.86 8.73
C ASN B 253 -29.57 38.70 8.40
N ILE B 254 -30.23 38.44 7.28
CA ILE B 254 -31.44 39.17 6.94
C ILE B 254 -32.55 38.96 7.95
N VAL B 255 -32.70 37.74 8.46
CA VAL B 255 -33.81 37.37 9.34
C VAL B 255 -33.66 38.05 10.70
N GLU B 256 -32.44 38.07 11.24
CA GLU B 256 -32.23 38.60 12.59
C GLU B 256 -32.48 40.11 12.67
N GLU B 257 -31.87 40.88 11.78
CA GLU B 257 -32.09 42.32 11.75
C GLU B 257 -33.54 42.69 11.49
N GLU B 258 -34.21 41.93 10.63
CA GLU B 258 -35.60 42.19 10.32
C GLU B 258 -36.52 41.81 11.48
N ILE B 259 -36.17 40.78 12.25
CA ILE B 259 -36.93 40.48 13.46
C ILE B 259 -36.74 41.57 14.50
N ARG B 260 -35.53 42.08 14.70
CA ARG B 260 -35.37 43.12 15.70
C ARG B 260 -36.05 44.41 15.25
N TYR B 261 -36.06 44.68 13.94
CA TYR B 261 -36.80 45.84 13.44
C TYR B 261 -38.29 45.67 13.68
N GLY B 262 -38.85 44.50 13.39
CA GLY B 262 -40.24 44.24 13.69
C GLY B 262 -40.57 44.32 15.16
N LYS B 263 -39.66 43.88 16.02
CA LYS B 263 -39.87 43.96 17.47
C LYS B 263 -39.85 45.39 17.97
N GLU B 264 -38.95 46.23 17.45
CA GLU B 264 -38.93 47.62 17.90
C GLU B 264 -40.14 48.39 17.36
N VAL B 265 -40.61 48.04 16.16
CA VAL B 265 -41.83 48.65 15.65
C VAL B 265 -43.01 48.32 16.55
N THR B 266 -43.14 47.05 16.96
CA THR B 266 -44.21 46.66 17.87
C THR B 266 -44.09 47.36 19.22
N SER B 267 -42.88 47.37 19.80
CA SER B 267 -42.67 48.03 21.07
C SER B 267 -42.94 49.53 21.03
N LYS B 268 -42.73 50.18 19.88
CA LYS B 268 -42.99 51.60 19.73
C LYS B 268 -44.45 51.93 19.49
N ILE B 269 -45.10 51.29 18.51
CA ILE B 269 -46.49 51.61 18.20
C ILE B 269 -47.45 51.21 19.31
N MET B 270 -47.19 50.10 20.00
CA MET B 270 -47.97 49.76 21.18
C MET B 270 -47.77 50.76 22.31
N GLY B 271 -46.54 51.23 22.50
CA GLY B 271 -46.28 52.26 23.47
C GLY B 271 -46.00 51.71 24.86
N ASN B 272 -45.81 52.66 25.78
CA ASN B 272 -45.61 52.36 27.20
C ASN B 272 -44.41 51.44 27.44
N ASN B 273 -43.42 51.52 26.56
CA ASN B 273 -42.22 50.70 26.63
C ASN B 273 -42.58 49.21 26.72
N TYR B 274 -43.53 48.81 25.86
CA TYR B 274 -43.94 47.42 25.81
C TYR B 274 -42.78 46.53 25.38
N ASN B 275 -42.71 45.33 25.95
CA ASN B 275 -41.67 44.36 25.60
C ASN B 275 -42.33 43.02 25.30
N PRO B 276 -42.57 42.73 24.02
CA PRO B 276 -43.19 41.44 23.67
C PRO B 276 -42.20 40.29 23.78
N GLN B 277 -42.63 39.23 24.46
CA GLN B 277 -41.80 38.04 24.63
C GLN B 277 -42.12 36.94 23.64
N GLY B 278 -43.30 36.95 23.02
CA GLY B 278 -43.69 35.95 22.05
C GLY B 278 -43.60 36.50 20.64
N ILE B 279 -43.34 35.60 19.69
CA ILE B 279 -43.28 35.94 18.27
C ILE B 279 -44.22 35.01 17.52
N TRP B 280 -44.77 35.51 16.43
CA TRP B 280 -45.49 34.68 15.46
C TRP B 280 -44.52 34.42 14.32
N THR B 281 -44.11 33.17 14.16
CA THR B 281 -43.29 32.80 13.02
C THR B 281 -44.14 32.88 11.77
N PRO B 282 -43.74 33.69 10.79
CA PRO B 282 -44.57 33.85 9.58
C PRO B 282 -44.79 32.54 8.87
N GLU B 283 -46.05 32.15 8.72
CA GLU B 283 -46.52 30.95 8.04
C GLU B 283 -46.08 29.67 8.75
N MET B 284 -45.60 29.78 9.99
CA MET B 284 -45.12 28.63 10.77
C MET B 284 -44.07 27.83 9.99
N ALA B 285 -43.23 28.54 9.25
CA ALA B 285 -42.13 27.94 8.52
C ALA B 285 -40.93 27.93 9.46
N PHE B 286 -40.80 26.87 10.23
CA PHE B 286 -39.80 26.78 11.28
C PHE B 286 -38.54 26.07 10.80
N SER B 287 -37.40 26.49 11.35
CA SER B 287 -36.14 25.80 11.19
C SER B 287 -35.39 25.87 12.52
N MET B 288 -34.58 24.85 12.78
CA MET B 288 -33.81 24.82 14.02
C MET B 288 -32.74 25.90 14.07
N LYS B 289 -32.39 26.50 12.94
CA LYS B 289 -31.48 27.64 12.94
C LYS B 289 -32.16 28.93 13.34
N LEU B 290 -33.46 28.89 13.66
CA LEU B 290 -34.14 30.03 14.23
C LEU B 290 -34.01 30.07 15.75
N ILE B 291 -33.62 28.96 16.37
CA ILE B 291 -33.47 28.95 17.83
C ILE B 291 -32.42 29.94 18.31
N PRO B 292 -31.18 29.97 17.78
CA PRO B 292 -30.22 30.98 18.22
C PRO B 292 -30.67 32.41 17.94
N ILE B 293 -31.34 32.65 16.83
CA ILE B 293 -31.84 33.98 16.51
C ILE B 293 -32.88 34.44 17.53
N TYR B 294 -33.83 33.56 17.86
CA TYR B 294 -34.87 33.91 18.81
C TYR B 294 -34.30 34.08 20.22
N TYR B 295 -33.36 33.22 20.61
CA TYR B 295 -32.78 33.32 21.94
C TYR B 295 -32.06 34.64 22.14
N ASP B 296 -31.25 35.05 21.16
CA ASP B 296 -30.47 36.27 21.28
C ASP B 296 -31.33 37.52 21.34
N LEU B 297 -32.56 37.46 20.86
CA LEU B 297 -33.46 38.61 20.83
C LEU B 297 -34.49 38.56 21.95
N ASP B 298 -34.26 37.71 22.95
CA ASP B 298 -35.15 37.57 24.10
C ASP B 298 -36.57 37.18 23.68
N ILE B 299 -36.65 36.28 22.70
CA ILE B 299 -37.91 35.68 22.31
C ILE B 299 -38.09 34.39 23.10
N LYS B 300 -39.24 34.26 23.75
CA LYS B 300 -39.45 33.20 24.73
C LYS B 300 -40.33 32.07 24.21
N TYR B 301 -41.43 32.37 23.53
CA TYR B 301 -42.37 31.35 23.13
C TYR B 301 -42.89 31.64 21.73
N THR B 302 -43.57 30.65 21.15
CA THR B 302 -44.07 30.74 19.78
C THR B 302 -45.14 29.66 19.58
N VAL B 303 -45.72 29.63 18.39
CA VAL B 303 -46.79 28.70 18.04
C VAL B 303 -46.42 27.99 16.75
N LEU B 304 -46.47 26.66 16.78
CA LEU B 304 -46.26 25.82 15.60
C LEU B 304 -47.48 24.95 15.34
N ASP B 305 -47.36 24.07 14.35
CA ASP B 305 -48.44 23.18 13.96
C ASP B 305 -48.25 21.81 14.60
N ASP B 306 -49.36 21.13 14.86
CA ASP B 306 -49.30 19.77 15.39
C ASP B 306 -49.25 18.71 14.31
N LYS B 307 -49.94 18.92 13.20
CA LYS B 307 -49.97 17.97 12.10
C LYS B 307 -48.67 17.91 11.32
N PHE B 308 -47.91 19.01 11.29
CA PHE B 308 -46.72 19.09 10.44
C PHE B 308 -45.43 19.32 11.21
N HIS B 309 -45.49 19.71 12.49
CA HIS B 309 -44.28 19.92 13.26
C HIS B 309 -44.15 19.01 14.47
N PHE B 310 -45.24 18.46 14.99
CA PHE B 310 -45.20 17.65 16.20
C PHE B 310 -45.01 16.16 15.90
N PHE B 311 -45.73 15.63 14.91
CA PHE B 311 -45.66 14.19 14.64
C PHE B 311 -44.34 13.81 14.00
N HIS B 312 -43.55 14.79 13.58
CA HIS B 312 -42.25 14.55 12.99
C HIS B 312 -41.11 15.05 13.86
N ALA B 313 -41.41 15.66 15.00
CA ALA B 313 -40.41 16.15 15.92
C ALA B 313 -39.93 15.02 16.82
N GLU B 314 -38.61 14.90 16.95
CA GLU B 314 -38.01 13.82 17.71
C GLU B 314 -37.61 14.30 19.11
N GLY B 315 -37.83 13.46 20.11
CA GLY B 315 -37.57 13.76 21.49
C GLY B 315 -38.66 13.22 22.38
N ASN B 316 -38.66 13.66 23.63
CA ASN B 316 -39.58 13.16 24.64
C ASN B 316 -40.95 13.79 24.43
N LYS B 317 -41.97 12.96 24.22
CA LYS B 317 -43.29 13.41 23.86
C LYS B 317 -44.35 12.67 24.66
N ASP B 318 -45.38 13.41 25.10
CA ASP B 318 -46.58 12.79 25.64
C ASP B 318 -47.77 13.10 24.74
N SER B 319 -48.01 14.38 24.52
CA SER B 319 -49.11 14.84 23.68
C SER B 319 -48.86 16.27 23.23
N GLN B 320 -49.52 16.65 22.14
CA GLN B 320 -49.36 17.97 21.53
C GLN B 320 -49.99 19.10 22.35
N TYR B 321 -50.59 18.77 23.47
CA TYR B 321 -51.37 19.73 24.25
C TYR B 321 -50.58 20.25 25.44
N GLU B 322 -49.27 20.36 25.29
CA GLU B 322 -48.39 20.83 26.35
C GLU B 322 -47.42 21.83 25.75
N PRO B 323 -46.96 22.80 26.53
CA PRO B 323 -45.81 23.60 26.10
C PRO B 323 -44.54 22.75 26.13
N TYR B 324 -43.83 22.73 25.01
CA TYR B 324 -42.59 22.00 24.89
C TYR B 324 -41.41 22.96 24.88
N MET B 325 -40.28 22.50 25.41
CA MET B 325 -39.05 23.28 25.41
C MET B 325 -38.14 22.69 24.34
N VAL B 326 -38.24 23.21 23.12
CA VAL B 326 -37.39 22.78 22.02
C VAL B 326 -36.02 23.42 22.23
N ILE B 327 -34.98 22.60 22.22
CA ILE B 327 -33.64 23.02 22.60
C ILE B 327 -32.69 22.75 21.44
N ASP B 328 -31.88 23.75 21.11
CA ASP B 328 -30.78 23.54 20.18
C ASP B 328 -29.68 22.72 20.85
N THR B 329 -29.01 21.89 20.05
CA THR B 329 -27.96 21.03 20.57
C THR B 329 -26.58 21.63 20.44
N GLU B 330 -26.29 22.32 19.33
CA GLU B 330 -24.97 22.89 19.12
C GLU B 330 -24.73 24.17 19.90
N SER B 331 -25.77 24.75 20.51
CA SER B 331 -25.64 25.98 21.26
C SER B 331 -26.35 25.96 22.61
N LYS B 332 -27.21 24.98 22.86
CA LYS B 332 -27.96 24.87 24.12
C LYS B 332 -28.84 26.10 24.34
N LYS B 333 -29.36 26.65 23.25
CA LYS B 333 -30.38 27.68 23.29
C LYS B 333 -31.74 27.04 23.08
N TYR B 334 -32.76 27.65 23.67
CA TYR B 334 -34.06 27.01 23.78
C TYR B 334 -35.18 28.03 23.64
N ILE B 335 -36.34 27.55 23.21
CA ILE B 335 -37.58 28.33 23.21
C ILE B 335 -38.69 27.41 23.68
N THR B 336 -39.83 28.00 24.02
CA THR B 336 -41.02 27.23 24.38
C THR B 336 -42.02 27.26 23.23
N VAL B 337 -42.58 26.10 22.92
CA VAL B 337 -43.42 25.95 21.75
C VAL B 337 -44.80 25.43 22.12
N PHE B 338 -45.82 26.06 21.57
CA PHE B 338 -47.22 25.63 21.69
C PHE B 338 -47.68 25.14 20.33
N PHE B 339 -48.20 23.92 20.28
CA PHE B 339 -48.68 23.35 19.03
C PHE B 339 -50.19 23.55 18.92
N ARG B 340 -50.62 24.22 17.86
CA ARG B 340 -52.05 24.45 17.67
C ARG B 340 -52.73 23.17 17.22
N ASP B 341 -54.04 23.12 17.37
CA ASP B 341 -54.83 22.01 16.85
C ASP B 341 -55.20 22.35 15.41
N HIS B 342 -54.65 21.59 14.46
CA HIS B 342 -54.84 21.91 13.06
C HIS B 342 -56.31 21.78 12.65
N ASP B 343 -56.97 20.73 13.12
CA ASP B 343 -58.33 20.44 12.65
C ASP B 343 -59.33 21.44 13.22
N LEU B 344 -59.24 21.73 14.51
CA LEU B 344 -60.20 22.65 15.12
C LEU B 344 -59.97 24.09 14.64
N SER B 345 -58.74 24.42 14.23
CA SER B 345 -58.50 25.72 13.62
C SER B 345 -59.02 25.77 12.19
N ASP B 346 -58.77 24.71 11.41
CA ASP B 346 -59.25 24.64 10.04
C ASP B 346 -60.75 24.58 9.93
N ILE B 347 -61.45 24.07 10.94
CA ILE B 347 -62.90 23.99 10.87
C ILE B 347 -63.56 25.37 10.97
N LEU B 348 -63.01 26.29 11.77
CA LEU B 348 -63.53 27.64 11.84
C LEU B 348 -62.95 28.54 10.76
N GLY B 349 -61.72 28.29 10.34
CA GLY B 349 -61.13 29.07 9.27
C GLY B 349 -61.71 28.77 7.90
N PHE B 350 -61.98 27.49 7.63
CA PHE B 350 -62.32 27.07 6.27
C PHE B 350 -63.79 26.71 6.12
N ARG B 351 -64.36 26.06 7.13
CA ARG B 351 -65.78 25.71 7.12
C ARG B 351 -66.55 26.86 7.76
N ASN B 352 -66.69 27.95 6.99
CA ASN B 352 -67.29 29.17 7.50
C ASN B 352 -68.26 29.77 6.49
N ASN B 353 -68.68 28.96 5.52
CA ASN B 353 -69.57 29.42 4.45
C ASN B 353 -71.01 29.23 4.91
N PHE B 354 -71.60 30.30 5.43
CA PHE B 354 -72.96 30.25 5.93
C PHE B 354 -73.94 30.82 4.91
N TYR B 355 -75.21 30.49 5.09
CA TYR B 355 -76.25 30.89 4.14
C TYR B 355 -77.47 31.52 4.79
N SER B 356 -77.56 31.53 6.12
CA SER B 356 -78.73 32.04 6.81
C SER B 356 -78.35 32.57 8.19
N GLU B 357 -79.25 33.38 8.74
CA GLU B 357 -79.01 33.99 10.05
C GLU B 357 -78.91 32.97 11.18
N PRO B 358 -79.84 32.02 11.35
CA PRO B 358 -79.66 31.02 12.41
C PRO B 358 -78.75 29.87 12.03
N HIS B 359 -78.42 29.72 10.74
CA HIS B 359 -77.41 28.74 10.33
C HIS B 359 -76.08 29.03 11.00
N ALA B 360 -75.69 30.30 11.04
CA ALA B 360 -74.45 30.69 11.71
C ALA B 360 -74.52 30.41 13.21
N TRP B 361 -75.68 30.64 13.82
CA TRP B 361 -75.84 30.35 15.24
C TRP B 361 -75.70 28.86 15.52
N ARG B 362 -76.31 28.03 14.68
CA ARG B 362 -76.19 26.59 14.84
C ARG B 362 -74.73 26.14 14.70
N ASN B 363 -74.04 26.67 13.70
CA ASN B 363 -72.64 26.31 13.51
C ASN B 363 -71.74 26.82 14.63
N ALA B 364 -72.05 27.98 15.20
CA ALA B 364 -71.32 28.47 16.36
C ALA B 364 -71.53 27.58 17.57
N TYR B 365 -72.76 27.13 17.80
CA TYR B 365 -72.99 26.17 18.87
C TYR B 365 -72.20 24.90 18.63
N GLU B 366 -72.19 24.41 17.39
CA GLU B 366 -71.44 23.20 17.06
C GLU B 366 -69.95 23.37 17.34
N PHE B 367 -69.38 24.50 16.91
CA PHE B 367 -67.96 24.74 17.11
C PHE B 367 -67.62 24.85 18.59
N ALA B 368 -68.41 25.62 19.35
CA ALA B 368 -68.16 25.71 20.78
C ALA B 368 -68.36 24.36 21.46
N LEU B 369 -69.26 23.54 20.92
CA LEU B 369 -69.48 22.19 21.40
C LEU B 369 -68.26 21.31 21.22
N ARG B 370 -67.59 21.41 20.07
CA ARG B 370 -66.36 20.65 19.84
C ARG B 370 -65.26 21.03 20.83
N VAL B 371 -65.22 22.27 21.31
CA VAL B 371 -64.20 22.66 22.27
C VAL B 371 -64.41 21.97 23.61
N ALA B 372 -65.67 21.85 24.05
CA ALA B 372 -65.96 21.20 25.32
C ALA B 372 -65.72 19.70 25.28
N GLU B 373 -65.88 19.06 24.12
CA GLU B 373 -65.60 17.63 24.03
C GLU B 373 -64.14 17.33 24.33
N LYS B 374 -63.24 18.28 24.07
CA LYS B 374 -61.84 18.08 24.38
C LYS B 374 -61.58 17.98 25.88
N TRP B 375 -62.54 18.43 26.70
CA TRP B 375 -62.33 18.45 28.14
C TRP B 375 -62.42 17.05 28.74
N PHE B 376 -63.27 16.18 28.17
CA PHE B 376 -63.39 14.83 28.70
C PHE B 376 -62.07 14.09 28.60
N ASP B 377 -61.38 14.23 27.47
CA ASP B 377 -60.03 13.70 27.36
C ASP B 377 -59.16 14.36 28.43
N LYS B 378 -58.51 13.56 29.26
CA LYS B 378 -57.72 14.09 30.35
C LYS B 378 -56.30 14.45 29.94
N ASN B 379 -55.94 14.19 28.69
CA ASN B 379 -54.63 14.56 28.18
C ASN B 379 -54.58 15.97 27.63
N VAL B 380 -55.74 16.54 27.28
CA VAL B 380 -55.80 17.90 26.74
C VAL B 380 -55.56 18.88 27.88
N LYS B 381 -54.34 19.39 27.98
CA LYS B 381 -53.96 20.29 29.06
C LYS B 381 -54.06 21.75 28.62
N VAL B 382 -53.39 22.09 27.52
CA VAL B 382 -53.45 23.42 26.93
C VAL B 382 -53.99 23.28 25.51
N LEU B 383 -55.11 23.93 25.23
CA LEU B 383 -55.71 23.92 23.91
C LEU B 383 -55.42 25.24 23.21
N THR B 384 -54.79 25.18 22.04
CA THR B 384 -54.37 26.35 21.30
C THR B 384 -54.96 26.32 19.90
N ILE B 385 -55.48 27.47 19.45
CA ILE B 385 -56.02 27.65 18.10
C ILE B 385 -55.34 28.87 17.49
N ALA B 386 -54.80 28.70 16.29
CA ALA B 386 -54.10 29.76 15.59
C ALA B 386 -54.54 29.79 14.14
N LEU B 387 -54.93 30.96 13.64
CA LEU B 387 -55.36 31.10 12.26
C LEU B 387 -55.31 32.57 11.86
N ASP B 388 -55.52 32.82 10.58
CA ASP B 388 -55.55 34.17 10.04
C ASP B 388 -56.75 34.93 10.59
N GLY B 389 -56.53 36.18 10.97
CA GLY B 389 -57.58 36.93 11.66
C GLY B 389 -58.66 37.49 10.76
N GLU B 390 -58.35 37.78 9.50
CA GLU B 390 -59.27 38.48 8.63
C GLU B 390 -59.71 37.69 7.41
N ASN B 391 -58.92 36.69 6.97
CA ASN B 391 -59.22 36.06 5.69
C ASN B 391 -60.41 35.12 5.77
N TRP B 392 -60.58 34.40 6.89
CA TRP B 392 -61.76 33.57 7.06
C TRP B 392 -63.04 34.40 7.03
N MET B 393 -62.97 35.65 7.46
CA MET B 393 -64.12 36.52 7.59
C MET B 393 -64.45 37.28 6.32
N SER B 394 -63.47 37.50 5.45
CA SER B 394 -63.69 38.27 4.23
C SER B 394 -63.62 37.43 2.95
N PHE B 395 -63.48 36.11 3.07
CA PHE B 395 -63.46 35.23 1.91
C PHE B 395 -64.57 34.19 1.95
N SER B 396 -65.54 34.34 2.85
CA SER B 396 -66.68 33.44 2.87
C SER B 396 -67.71 33.86 1.83
N VAL B 397 -68.65 32.96 1.56
CA VAL B 397 -69.66 33.21 0.54
C VAL B 397 -70.54 34.39 0.94
N ASN B 398 -70.69 34.63 2.24
CA ASN B 398 -71.46 35.77 2.75
C ASN B 398 -70.73 36.30 3.98
N PRO B 399 -69.79 37.23 3.80
CA PRO B 399 -68.97 37.71 4.92
C PRO B 399 -69.76 38.38 6.04
N PRO B 400 -70.90 39.05 5.78
CA PRO B 400 -71.60 39.69 6.91
C PRO B 400 -72.02 38.73 8.00
N LEU B 401 -72.46 37.52 7.67
CA LEU B 401 -72.90 36.59 8.70
C LEU B 401 -71.73 35.99 9.46
N THR B 402 -70.51 36.09 8.91
CA THR B 402 -69.35 35.58 9.62
C THR B 402 -69.07 36.38 10.89
N ALA B 403 -69.36 37.68 10.87
CA ALA B 403 -69.21 38.49 12.09
C ALA B 403 -70.23 38.11 13.14
N TYR B 404 -71.46 37.79 12.73
CA TYR B 404 -72.47 37.31 13.66
C TYR B 404 -72.04 35.97 14.27
N PHE B 405 -71.53 35.08 13.43
CA PHE B 405 -70.94 33.83 13.92
C PHE B 405 -69.90 34.09 14.98
N LEU B 406 -69.09 35.14 14.78
CA LEU B 406 -68.02 35.43 15.74
C LEU B 406 -68.61 35.80 17.09
N ASP B 407 -69.67 36.62 17.10
CA ASP B 407 -70.30 37.01 18.35
C ASP B 407 -70.92 35.80 19.06
N LYS B 408 -71.63 34.96 18.31
CA LYS B 408 -72.23 33.77 18.90
C LYS B 408 -71.17 32.85 19.48
N MET B 409 -70.09 32.62 18.72
CA MET B 409 -69.02 31.75 19.20
C MET B 409 -68.35 32.33 20.44
N ILE B 410 -68.12 33.65 20.46
CA ILE B 410 -67.51 34.26 21.63
C ILE B 410 -68.40 34.10 22.85
N ILE B 411 -69.71 34.34 22.70
CA ILE B 411 -70.58 34.26 23.87
C ILE B 411 -70.71 32.82 24.36
N TYR B 412 -70.64 31.85 23.45
CA TYR B 412 -70.67 30.45 23.88
C TYR B 412 -69.42 30.08 24.67
N LEU B 413 -68.24 30.49 24.20
CA LEU B 413 -67.01 30.18 24.92
C LEU B 413 -66.94 30.87 26.28
N GLU B 414 -67.73 31.94 26.47
CA GLU B 414 -67.80 32.54 27.80
C GLU B 414 -68.54 31.66 28.79
N THR B 415 -69.56 30.92 28.33
CA THR B 415 -70.31 30.02 29.20
C THR B 415 -69.54 28.77 29.59
N LEU B 416 -68.44 28.47 28.91
CA LEU B 416 -67.58 27.36 29.30
C LEU B 416 -66.56 27.76 30.36
N SER B 417 -66.41 29.05 30.65
CA SER B 417 -65.50 29.51 31.68
C SER B 417 -66.19 29.89 32.97
N ASP B 418 -67.46 30.31 32.92
CA ASP B 418 -68.21 30.59 34.14
C ASP B 418 -68.66 29.33 34.85
N ASN B 419 -68.87 28.24 34.12
CA ASN B 419 -69.06 26.92 34.72
C ASN B 419 -67.74 26.29 35.14
N LYS B 420 -66.63 26.99 34.93
CA LYS B 420 -65.31 26.62 35.44
C LYS B 420 -64.78 25.36 34.74
N PHE B 421 -65.15 25.19 33.48
CA PHE B 421 -64.61 24.10 32.67
C PHE B 421 -63.23 24.47 32.11
N ILE B 422 -63.17 25.53 31.32
CA ILE B 422 -61.93 26.00 30.73
C ILE B 422 -61.48 27.26 31.46
N LYS B 423 -60.21 27.61 31.28
CA LYS B 423 -59.65 28.87 31.78
C LYS B 423 -59.23 29.67 30.55
N LEU B 424 -60.17 30.43 29.99
CA LEU B 424 -59.92 31.21 28.78
C LEU B 424 -58.93 32.32 29.12
N SER B 425 -57.76 32.28 28.52
CA SER B 425 -56.68 33.19 28.88
C SER B 425 -55.88 33.54 27.64
N THR B 426 -54.72 34.17 27.86
CA THR B 426 -53.81 34.54 26.79
C THR B 426 -52.54 33.71 26.86
N LEU B 427 -51.84 33.65 25.73
CA LEU B 427 -50.66 32.80 25.62
C LEU B 427 -49.55 33.21 26.58
N ARG B 428 -49.44 34.50 26.90
CA ARG B 428 -48.44 34.94 27.87
C ARG B 428 -48.73 34.40 29.25
N GLU B 429 -49.99 34.40 29.67
CA GLU B 429 -50.35 33.83 30.96
C GLU B 429 -50.07 32.34 31.01
N ILE B 430 -50.39 31.63 29.93
CA ILE B 430 -50.11 30.19 29.88
C ILE B 430 -48.61 29.94 29.95
N TYR B 431 -47.81 30.82 29.35
CA TYR B 431 -46.37 30.64 29.37
C TYR B 431 -45.82 30.68 30.79
N ASN B 432 -46.39 31.53 31.64
CA ASN B 432 -45.89 31.61 33.01
C ASN B 432 -46.55 30.60 33.93
N LYS B 433 -47.80 30.21 33.67
CA LYS B 433 -48.50 29.32 34.59
C LYS B 433 -48.19 27.85 34.31
N VAL B 434 -47.79 27.52 33.08
CA VAL B 434 -47.55 26.13 32.72
C VAL B 434 -46.10 25.98 32.25
N PRO B 435 -45.15 25.72 33.14
CA PRO B 435 -43.77 25.48 32.70
C PRO B 435 -43.68 24.30 31.75
N ALA B 436 -42.74 24.40 30.80
CA ALA B 436 -42.52 23.34 29.82
C ALA B 436 -41.54 22.32 30.37
N ASN B 437 -41.98 21.08 30.49
CA ASN B 437 -41.18 20.01 31.07
C ASN B 437 -40.62 19.04 30.03
N ARG B 438 -41.45 18.58 29.09
CA ARG B 438 -40.94 17.74 28.01
C ARG B 438 -39.95 18.52 27.17
N ILE B 439 -38.99 17.81 26.58
CA ILE B 439 -37.92 18.44 25.82
C ILE B 439 -37.87 17.82 24.43
N LEU B 440 -38.12 18.64 23.42
CA LEU B 440 -37.88 18.25 22.04
C LEU B 440 -36.50 18.71 21.60
N THR B 441 -35.88 17.93 20.72
CA THR B 441 -34.54 18.23 20.25
C THR B 441 -34.45 18.54 18.76
N ASN B 442 -35.48 18.23 17.98
CA ASN B 442 -35.43 18.49 16.56
C ASN B 442 -36.86 18.58 16.02
N ILE B 443 -37.15 19.64 15.28
CA ILE B 443 -38.40 19.78 14.54
C ILE B 443 -38.05 20.05 13.08
N PRO B 444 -38.37 19.12 12.17
CA PRO B 444 -37.98 19.32 10.76
C PRO B 444 -38.62 20.55 10.16
N THR B 445 -37.94 21.14 9.19
CA THR B 445 -38.39 22.37 8.54
C THR B 445 -39.67 22.13 7.75
N ASN B 446 -40.67 22.97 8.00
CA ASN B 446 -41.99 22.78 7.39
C ASN B 446 -42.86 23.98 7.74
N SER B 447 -43.90 24.19 6.95
CA SER B 447 -44.95 25.18 7.19
C SER B 447 -46.23 24.46 7.57
N TRP B 448 -47.34 25.20 7.76
CA TRP B 448 -48.61 24.49 7.98
C TRP B 448 -49.19 23.94 6.69
N LEU B 449 -48.59 24.23 5.55
CA LEU B 449 -49.05 23.65 4.30
C LEU B 449 -48.40 22.31 4.01
N GLY B 450 -47.43 21.87 4.82
CA GLY B 450 -46.79 20.60 4.60
C GLY B 450 -45.78 20.60 3.48
N THR B 451 -45.51 21.78 2.91
CA THR B 451 -44.59 21.89 1.79
C THR B 451 -44.17 23.35 1.68
N PHE B 452 -43.09 23.57 0.93
CA PHE B 452 -42.65 24.91 0.58
C PHE B 452 -42.90 25.22 -0.88
N ARG B 453 -43.64 24.37 -1.58
CA ARG B 453 -43.90 24.51 -3.00
C ARG B 453 -44.90 25.61 -3.33
N LYS B 454 -45.55 26.19 -2.32
CA LYS B 454 -46.46 27.28 -2.57
C LYS B 454 -45.74 28.58 -2.91
N TRP B 455 -44.52 28.77 -2.39
CA TRP B 455 -43.72 29.93 -2.73
C TRP B 455 -42.51 29.59 -3.59
N ARG B 456 -42.28 28.31 -3.90
CA ARG B 456 -41.25 27.91 -4.85
C ARG B 456 -41.69 26.61 -5.52
N GLY B 457 -42.30 26.74 -6.70
CA GLY B 457 -42.61 25.56 -7.48
C GLY B 457 -44.00 25.51 -8.08
N GLU B 458 -45.00 26.05 -7.38
CA GLU B 458 -46.37 26.01 -7.88
C GLU B 458 -46.64 27.08 -8.94
N VAL B 459 -45.69 27.98 -9.18
CA VAL B 459 -45.76 28.93 -10.28
C VAL B 459 -44.57 28.63 -11.19
N PRO B 460 -44.77 28.51 -12.50
CA PRO B 460 -43.64 28.17 -13.38
C PRO B 460 -42.49 29.16 -13.29
N GLN B 461 -42.76 30.45 -13.17
CA GLN B 461 -41.69 31.44 -13.05
C GLN B 461 -41.40 31.81 -11.59
N HIS B 462 -41.19 30.80 -10.74
CA HIS B 462 -40.58 31.02 -9.43
C HIS B 462 -39.07 30.89 -9.43
N GLU B 463 -38.52 29.89 -10.12
CA GLU B 463 -37.07 29.71 -10.08
C GLU B 463 -36.35 30.85 -10.76
N GLU B 464 -36.95 31.39 -11.83
CA GLU B 464 -36.37 32.55 -12.51
C GLU B 464 -36.20 33.73 -11.57
N TYR B 465 -37.20 34.02 -10.74
CA TYR B 465 -37.12 35.13 -9.80
C TYR B 465 -36.34 34.80 -8.55
N TRP B 466 -36.29 33.53 -8.15
CA TRP B 466 -35.47 33.15 -7.01
C TRP B 466 -33.98 33.27 -7.32
N ILE B 467 -33.56 32.87 -8.51
CA ILE B 467 -32.17 33.07 -8.92
C ILE B 467 -31.85 34.56 -8.95
N LYS B 468 -32.80 35.38 -9.38
CA LYS B 468 -32.58 36.82 -9.48
C LYS B 468 -32.41 37.45 -8.10
N THR B 469 -33.32 37.17 -7.18
CA THR B 469 -33.20 37.70 -5.83
C THR B 469 -31.97 37.15 -5.10
N TYR B 470 -31.58 35.89 -5.36
CA TYR B 470 -30.36 35.35 -4.82
C TYR B 470 -29.11 36.06 -5.34
N SER B 471 -29.06 36.37 -6.63
CA SER B 471 -27.96 37.17 -7.16
C SER B 471 -27.91 38.55 -6.53
N VAL B 472 -29.07 39.19 -6.35
CA VAL B 472 -29.07 40.51 -5.72
C VAL B 472 -28.55 40.44 -4.29
N TYR B 473 -28.95 39.43 -3.53
CA TYR B 473 -28.45 39.31 -2.16
C TYR B 473 -26.98 38.94 -2.13
N ARG B 474 -26.52 38.15 -3.09
CA ARG B 474 -25.14 37.73 -3.14
C ARG B 474 -24.22 38.90 -3.45
N LYS B 475 -24.68 39.81 -4.32
CA LYS B 475 -23.99 41.08 -4.56
C LYS B 475 -23.90 41.94 -3.31
N LEU B 476 -24.97 42.02 -2.52
CA LEU B 476 -24.95 42.72 -1.25
C LEU B 476 -23.93 42.14 -0.28
N LEU B 477 -23.85 40.81 -0.17
CA LEU B 477 -22.83 40.21 0.66
C LEU B 477 -21.42 40.54 0.17
N ALA B 478 -21.21 40.51 -1.15
CA ALA B 478 -19.90 40.88 -1.69
C ALA B 478 -19.54 42.31 -1.32
N TYR B 479 -20.48 43.24 -1.49
CA TYR B 479 -20.20 44.63 -1.18
C TYR B 479 -19.92 44.84 0.31
N GLU B 480 -20.70 44.19 1.18
CA GLU B 480 -20.45 44.30 2.60
C GLU B 480 -19.16 43.64 3.04
N GLU B 481 -18.64 42.69 2.26
CA GLU B 481 -17.30 42.18 2.52
C GLU B 481 -16.23 43.16 2.06
N MET B 482 -16.46 43.87 0.95
CA MET B 482 -15.46 44.83 0.47
C MET B 482 -15.18 45.90 1.53
N ILE B 483 -16.22 46.55 2.03
CA ILE B 483 -16.03 47.62 3.02
C ILE B 483 -15.91 47.09 4.44
N GLY B 484 -15.97 45.78 4.64
CA GLY B 484 -15.78 45.22 5.97
C GLY B 484 -16.84 45.61 6.96
N GLY B 485 -18.11 45.54 6.58
CA GLY B 485 -19.19 45.85 7.48
C GLY B 485 -20.31 46.56 6.75
N ARG B 486 -21.12 47.26 7.53
CA ARG B 486 -22.31 47.94 7.02
C ARG B 486 -22.10 49.45 6.95
N ASP B 487 -22.87 50.08 6.07
CA ASP B 487 -22.91 51.54 5.99
C ASP B 487 -24.32 51.93 5.58
N GLU B 488 -24.49 53.20 5.20
CA GLU B 488 -25.80 53.69 4.83
C GLU B 488 -26.33 53.03 3.55
N PHE B 489 -25.46 52.83 2.56
CA PHE B 489 -25.88 52.25 1.30
C PHE B 489 -26.23 50.77 1.41
N SER B 490 -25.41 49.99 2.12
CA SER B 490 -25.73 48.60 2.37
C SER B 490 -27.01 48.44 3.16
N ASN B 491 -27.25 49.29 4.16
CA ASN B 491 -28.50 49.26 4.90
C ASN B 491 -29.70 49.64 4.05
N GLU B 492 -29.56 50.63 3.16
CA GLU B 492 -30.67 50.96 2.29
C GLU B 492 -30.94 49.90 1.23
N ALA B 493 -29.92 49.14 0.83
CA ALA B 493 -30.18 47.99 -0.04
C ALA B 493 -30.80 46.83 0.73
N ARG B 494 -30.41 46.66 1.99
CA ARG B 494 -31.02 45.65 2.84
C ARG B 494 -32.50 45.94 3.06
N TRP B 495 -32.84 47.21 3.28
CA TRP B 495 -34.23 47.61 3.42
C TRP B 495 -35.06 47.23 2.21
N ALA B 496 -34.55 47.52 1.02
CA ALA B 496 -35.26 47.19 -0.21
C ALA B 496 -35.30 45.70 -0.49
N LEU B 497 -34.33 44.94 0.01
CA LEU B 497 -34.35 43.49 -0.16
C LEU B 497 -35.32 42.80 0.80
N TRP B 498 -35.68 43.43 1.91
CA TRP B 498 -36.73 42.89 2.77
C TRP B 498 -38.06 42.80 2.05
N HIS B 499 -38.44 43.87 1.34
CA HIS B 499 -39.76 43.93 0.73
C HIS B 499 -39.88 43.01 -0.47
N ALA B 500 -38.78 42.76 -1.17
CA ALA B 500 -38.79 41.84 -2.29
C ALA B 500 -39.01 40.40 -1.87
N LEU B 501 -38.53 40.01 -0.70
CA LEU B 501 -38.63 38.64 -0.22
C LEU B 501 -39.92 38.39 0.56
N ASP B 502 -40.81 39.38 0.64
CA ASP B 502 -42.06 39.21 1.37
C ASP B 502 -42.88 38.09 0.76
N SER B 503 -43.27 37.12 1.58
CA SER B 503 -43.92 35.92 1.09
C SER B 503 -45.34 36.16 0.60
N ASP B 504 -45.93 37.31 0.90
CA ASP B 504 -47.25 37.63 0.39
C ASP B 504 -47.27 37.90 -1.10
N TYR B 505 -46.13 38.27 -1.69
CA TYR B 505 -46.03 38.42 -3.13
C TYR B 505 -45.63 37.14 -3.83
N TRP B 506 -44.97 36.21 -3.14
CA TRP B 506 -44.54 34.96 -3.73
C TRP B 506 -45.60 33.88 -3.69
N TRP B 507 -46.68 34.10 -2.95
CA TRP B 507 -47.78 33.14 -2.87
C TRP B 507 -48.27 32.80 -4.27
N ALA B 508 -48.45 31.51 -4.54
CA ALA B 508 -48.68 31.06 -5.90
C ALA B 508 -49.98 31.63 -6.47
N GLU B 509 -50.99 31.78 -5.63
CA GLU B 509 -52.29 32.28 -6.12
C GLU B 509 -52.24 33.79 -6.33
N PHE B 510 -51.48 34.50 -5.51
CA PHE B 510 -51.34 35.95 -5.59
C PHE B 510 -49.97 36.35 -6.11
N TRP B 511 -49.44 35.59 -7.06
CA TRP B 511 -48.12 35.85 -7.63
C TRP B 511 -48.04 37.26 -8.20
N LEU B 512 -47.13 38.05 -7.66
CA LEU B 512 -47.02 39.48 -7.97
C LEU B 512 -45.58 39.80 -8.37
N PRO B 513 -45.17 39.42 -9.58
CA PRO B 513 -43.78 39.62 -9.99
C PRO B 513 -43.41 41.07 -10.24
N LYS B 514 -44.38 41.94 -10.51
CA LYS B 514 -44.10 43.35 -10.78
C LYS B 514 -43.57 44.09 -9.56
N ILE B 515 -44.12 43.83 -8.38
CA ILE B 515 -43.62 44.45 -7.16
C ILE B 515 -42.29 43.87 -6.71
N ILE B 516 -42.05 42.58 -6.93
CA ILE B 516 -40.74 42.01 -6.66
C ILE B 516 -39.69 42.64 -7.57
N ASP B 517 -40.01 42.80 -8.86
CA ASP B 517 -39.08 43.44 -9.78
C ASP B 517 -38.85 44.89 -9.42
N THR B 518 -39.85 45.57 -8.85
CA THR B 518 -39.69 46.97 -8.48
C THR B 518 -38.76 47.13 -7.30
N TRP B 519 -38.83 46.23 -6.32
CA TRP B 519 -37.99 46.32 -5.14
C TRP B 519 -36.60 45.75 -5.35
N LEU B 520 -36.43 44.78 -6.26
CA LEU B 520 -35.09 44.31 -6.58
C LEU B 520 -34.29 45.36 -7.33
N SER B 521 -34.96 46.21 -8.11
CA SER B 521 -34.25 47.25 -8.85
C SER B 521 -33.78 48.37 -7.93
N VAL B 522 -34.57 48.67 -6.89
CA VAL B 522 -34.14 49.67 -5.92
C VAL B 522 -32.88 49.23 -5.20
N ALA B 523 -32.79 47.95 -4.82
CA ALA B 523 -31.63 47.43 -4.12
C ALA B 523 -30.43 47.20 -5.02
N GLU B 524 -30.65 46.86 -6.30
CA GLU B 524 -29.56 46.56 -7.21
C GLU B 524 -28.92 47.81 -7.78
N ASN B 525 -29.60 48.95 -7.74
CA ASN B 525 -29.02 50.21 -8.16
C ASN B 525 -28.18 50.88 -7.10
N ILE B 526 -28.58 50.80 -5.82
CA ILE B 526 -27.72 51.27 -4.75
C ILE B 526 -26.42 50.49 -4.70
N LEU B 527 -26.45 49.20 -5.02
CA LEU B 527 -25.27 48.35 -4.99
C LEU B 527 -24.41 48.49 -6.25
N ASN B 528 -25.02 48.75 -7.40
CA ASN B 528 -24.24 48.88 -8.63
C ASN B 528 -23.48 50.21 -8.69
N ASN B 529 -24.01 51.27 -8.11
CA ASN B 529 -23.35 52.57 -8.10
C ASN B 529 -22.22 52.63 -7.09
N ARG B 530 -22.13 51.65 -6.18
CA ARG B 530 -21.06 51.59 -5.21
C ARG B 530 -19.97 50.59 -5.57
N ILE B 531 -20.21 49.71 -6.53
CA ILE B 531 -19.22 48.72 -6.95
C ILE B 531 -18.50 49.13 -8.22
N ASN B 532 -19.10 49.99 -9.05
CA ASN B 532 -18.44 50.51 -10.24
C ASN B 532 -17.35 51.52 -9.90
N LYS B 533 -17.23 51.93 -8.64
CA LYS B 533 -16.18 52.84 -8.22
C LYS B 533 -14.83 52.16 -8.10
N ILE B 534 -14.77 50.84 -8.21
CA ILE B 534 -13.53 50.09 -8.14
C ILE B 534 -13.22 49.57 -9.54
N GLN B 535 -12.16 50.11 -10.15
CA GLN B 535 -11.75 49.73 -11.49
C GLN B 535 -10.38 49.09 -11.47
N ILE B 536 -10.06 48.36 -12.53
CA ILE B 536 -8.70 47.93 -12.82
C ILE B 536 -8.19 48.86 -13.91
N ILE B 537 -7.26 49.75 -13.55
CA ILE B 537 -6.93 50.85 -14.44
C ILE B 537 -5.66 50.55 -15.23
N ASP B 538 -4.85 49.61 -14.77
CA ASP B 538 -3.61 49.30 -15.47
C ASP B 538 -3.16 47.88 -15.19
N VAL B 539 -2.86 47.14 -16.26
CA VAL B 539 -2.24 45.82 -16.20
C VAL B 539 -1.22 45.77 -17.33
N ARG B 540 0.07 45.60 -16.98
CA ARG B 540 1.11 45.45 -17.98
C ARG B 540 2.16 44.45 -17.51
N PRO B 541 2.95 43.87 -18.42
CA PRO B 541 4.05 43.01 -17.98
C PRO B 541 5.10 43.80 -17.22
N ALA B 542 5.61 43.21 -16.15
CA ALA B 542 6.62 43.89 -15.34
C ALA B 542 8.02 43.54 -15.84
N SER B 543 8.06 42.94 -17.01
CA SER B 543 9.28 42.50 -17.70
C SER B 543 8.85 42.16 -19.14
N GLU B 544 9.72 41.56 -19.93
CA GLU B 544 9.32 41.09 -21.24
C GLU B 544 9.23 39.57 -21.17
N PHE B 545 8.22 39.02 -21.83
CA PHE B 545 7.78 37.64 -21.59
C PHE B 545 8.52 36.67 -22.50
N TYR B 546 8.96 35.56 -21.91
CA TYR B 546 9.62 34.48 -22.64
C TYR B 546 8.89 33.17 -22.35
N GLU B 547 8.94 32.26 -23.31
CA GLU B 547 8.18 31.02 -23.19
C GLU B 547 8.70 30.16 -22.04
N ASP B 548 7.78 29.81 -21.14
CA ASP B 548 8.07 28.94 -20.00
C ASP B 548 9.20 29.50 -19.14
N GLU B 549 9.23 30.83 -19.03
CA GLU B 549 10.18 31.49 -18.13
C GLU B 549 9.36 32.44 -17.26
N LYS B 550 9.71 32.49 -15.98
CA LYS B 550 8.92 33.23 -15.00
C LYS B 550 9.13 34.73 -15.17
N ALA B 551 8.04 35.45 -15.43
CA ALA B 551 8.04 36.89 -15.56
C ALA B 551 7.10 37.49 -14.52
N GLY B 552 6.88 38.79 -14.61
CA GLY B 552 5.99 39.47 -13.69
C GLY B 552 4.97 40.33 -14.38
N LEU B 553 3.78 40.44 -13.79
CA LEU B 553 2.68 41.20 -14.35
C LEU B 553 2.09 42.11 -13.26
N VAL B 554 2.01 43.41 -13.56
CA VAL B 554 1.50 44.39 -12.59
C VAL B 554 -0.01 44.51 -12.77
N VAL B 555 -0.70 44.85 -11.69
CA VAL B 555 -2.12 45.13 -11.71
C VAL B 555 -2.37 46.34 -10.81
N THR B 556 -3.09 47.33 -11.32
CA THR B 556 -3.37 48.56 -10.59
C THR B 556 -4.86 48.70 -10.35
N ILE B 557 -5.27 48.58 -9.10
CA ILE B 557 -6.66 48.74 -8.69
C ILE B 557 -6.83 50.14 -8.13
N ARG B 558 -7.89 50.83 -8.57
CA ARG B 558 -8.20 52.16 -8.08
C ARG B 558 -9.50 52.13 -7.29
N ASN B 559 -9.51 52.77 -6.13
CA ASN B 559 -10.67 52.82 -5.24
C ASN B 559 -11.18 54.25 -5.20
N GLN B 560 -12.36 54.47 -5.77
CA GLN B 560 -12.97 55.79 -5.81
C GLN B 560 -13.98 56.01 -4.71
N LEU B 561 -14.28 54.98 -3.91
CA LEU B 561 -15.13 55.14 -2.75
C LEU B 561 -14.46 56.02 -1.71
N GLU B 562 -15.25 56.46 -0.73
CA GLU B 562 -14.77 57.24 0.41
C GLU B 562 -14.45 56.35 1.60
N LYS B 563 -14.28 55.06 1.37
CA LYS B 563 -14.09 54.11 2.45
C LYS B 563 -12.87 53.25 2.17
N GLU B 564 -12.50 52.44 3.16
CA GLU B 564 -11.39 51.52 3.04
C GLU B 564 -11.86 50.22 2.41
N ILE B 565 -11.25 49.85 1.30
CA ILE B 565 -11.67 48.71 0.48
C ILE B 565 -10.75 47.50 0.58
N ARG B 566 -11.35 46.32 0.66
CA ARG B 566 -10.67 45.05 0.41
C ARG B 566 -11.07 44.14 -0.75
N VAL B 567 -10.27 44.15 -1.81
CA VAL B 567 -10.59 43.41 -3.03
C VAL B 567 -9.65 42.25 -3.24
N SER B 568 -10.05 41.32 -4.10
CA SER B 568 -9.16 40.26 -4.56
C SER B 568 -9.37 40.10 -6.05
N PHE B 569 -8.31 39.72 -6.76
CA PHE B 569 -8.41 39.59 -8.20
C PHE B 569 -7.70 38.32 -8.66
N ALA B 570 -8.29 37.68 -9.66
CA ALA B 570 -7.74 36.50 -10.29
C ALA B 570 -7.50 36.78 -11.76
N ILE B 571 -6.42 36.25 -12.31
CA ILE B 571 -6.06 36.50 -13.70
C ILE B 571 -6.55 35.36 -14.57
N GLY B 572 -6.59 35.59 -15.88
CA GLY B 572 -6.98 34.55 -16.81
C GLY B 572 -6.23 34.73 -18.12
N GLY B 573 -6.09 33.61 -18.82
CA GLY B 573 -5.37 33.62 -20.07
C GLY B 573 -5.37 32.23 -20.68
N THR B 574 -5.05 32.20 -21.98
CA THR B 574 -5.15 30.94 -22.72
C THR B 574 -4.00 30.00 -22.37
N GLY B 575 -2.85 30.54 -21.96
CA GLY B 575 -1.72 29.70 -21.60
C GLY B 575 -1.03 30.12 -20.32
N PHE B 576 -1.50 31.21 -19.72
CA PHE B 576 -0.84 31.78 -18.56
C PHE B 576 -1.10 30.96 -17.30
N SER B 577 -0.18 31.06 -16.34
CA SER B 577 -0.30 30.35 -15.06
C SER B 577 0.55 31.07 -14.02
N SER B 578 -0.10 31.60 -12.97
CA SER B 578 0.61 32.22 -11.86
C SER B 578 1.23 31.16 -10.97
N VAL B 579 2.14 31.59 -10.08
CA VAL B 579 2.86 30.64 -9.23
C VAL B 579 1.90 29.91 -8.30
N ASN B 580 1.33 30.65 -7.35
CA ASN B 580 0.37 30.11 -6.39
C ASN B 580 -0.55 31.21 -5.84
N ASN B 581 -1.74 31.34 -6.41
CA ASN B 581 -2.70 32.35 -5.92
C ASN B 581 -4.13 31.95 -6.33
N ASP B 582 -4.92 31.50 -5.35
CA ASP B 582 -6.34 31.31 -5.57
C ASP B 582 -7.05 32.66 -5.65
N LEU B 583 -6.74 33.56 -4.73
CA LEU B 583 -7.26 34.92 -4.71
C LEU B 583 -6.28 35.81 -3.97
N GLU B 584 -5.68 36.75 -4.69
CA GLU B 584 -4.72 37.69 -4.09
C GLU B 584 -5.49 38.92 -3.61
N THR B 585 -5.55 39.10 -2.29
CA THR B 585 -6.34 40.17 -1.69
C THR B 585 -5.42 41.35 -1.37
N VAL B 586 -5.94 42.56 -1.55
CA VAL B 586 -5.19 43.77 -1.22
C VAL B 586 -5.95 44.54 -0.14
N LYS B 587 -5.39 45.65 0.30
CA LYS B 587 -6.03 46.50 1.31
C LYS B 587 -5.67 47.94 1.04
N MET B 588 -6.61 48.70 0.47
CA MET B 588 -6.30 50.00 -0.06
C MET B 588 -7.30 51.06 0.41
N ASN B 589 -6.77 52.19 0.86
CA ASN B 589 -7.53 53.19 1.59
C ASN B 589 -8.26 54.12 0.62
N PRO B 590 -9.22 54.91 1.13
CA PRO B 590 -10.11 55.66 0.23
C PRO B 590 -9.38 56.63 -0.69
N ASN B 591 -9.93 56.76 -1.91
CA ASN B 591 -9.43 57.69 -2.92
C ASN B 591 -7.94 57.50 -3.15
N SER B 592 -7.59 56.31 -3.62
CA SER B 592 -6.21 55.93 -3.84
C SER B 592 -6.17 54.79 -4.82
N SER B 593 -4.96 54.47 -5.29
CA SER B 593 -4.73 53.34 -6.17
C SER B 593 -3.88 52.30 -5.44
N TYR B 594 -3.68 51.16 -6.09
CA TYR B 594 -2.90 50.08 -5.48
C TYR B 594 -2.33 49.23 -6.60
N THR B 595 -1.01 49.21 -6.72
CA THR B 595 -0.32 48.41 -7.73
C THR B 595 0.47 47.29 -7.06
N ARG B 596 0.40 46.10 -7.62
CA ARG B 596 1.23 44.99 -7.18
C ARG B 596 1.64 44.14 -8.37
N ILE B 597 2.76 43.44 -8.23
CA ILE B 597 3.34 42.63 -9.29
C ILE B 597 3.08 41.17 -8.97
N ILE B 598 2.59 40.42 -9.96
CA ILE B 598 2.27 39.00 -9.80
C ILE B 598 3.12 38.21 -10.77
N PRO B 599 3.69 37.06 -10.35
CA PRO B 599 4.52 36.24 -11.27
C PRO B 599 3.67 35.22 -12.00
N VAL B 600 3.89 35.11 -13.32
CA VAL B 600 3.17 34.18 -14.17
C VAL B 600 4.14 33.53 -15.14
N LYS B 601 3.77 32.34 -15.62
CA LYS B 601 4.48 31.66 -16.70
C LYS B 601 3.62 31.65 -17.95
N ALA B 602 4.28 31.73 -19.11
CA ALA B 602 3.63 31.44 -20.37
C ALA B 602 3.94 30.02 -20.79
N LYS B 603 3.04 29.43 -21.57
CA LYS B 603 3.25 28.09 -22.10
C LYS B 603 3.46 28.08 -23.60
N PHE B 604 2.95 29.08 -24.30
CA PHE B 604 3.05 29.17 -25.76
C PHE B 604 3.77 30.46 -26.14
N ILE B 605 4.01 30.61 -27.43
CA ILE B 605 4.56 31.84 -27.98
C ILE B 605 3.56 32.41 -28.97
N GLY B 606 3.58 33.72 -29.14
CA GLY B 606 2.69 34.37 -30.06
C GLY B 606 1.96 35.50 -29.37
N LYS B 607 0.68 35.65 -29.73
CA LYS B 607 -0.08 36.83 -29.34
C LYS B 607 -1.10 36.43 -28.28
N HIS B 608 -0.70 36.54 -27.01
CA HIS B 608 -1.51 36.09 -25.89
C HIS B 608 -2.54 37.15 -25.51
N LYS B 609 -3.62 36.68 -24.87
CA LYS B 609 -4.66 37.56 -24.33
C LYS B 609 -4.78 37.28 -22.83
N MET B 610 -4.44 38.28 -22.02
CA MET B 610 -4.56 38.19 -20.58
C MET B 610 -5.87 38.81 -20.11
N VAL B 611 -6.61 38.08 -19.29
CA VAL B 611 -7.79 38.60 -18.62
C VAL B 611 -7.48 38.70 -17.14
N VAL B 612 -7.70 39.87 -16.57
CA VAL B 612 -7.56 40.10 -15.14
C VAL B 612 -8.89 40.59 -14.60
N SER B 613 -9.40 39.92 -13.56
CA SER B 613 -10.70 40.24 -13.01
C SER B 613 -10.65 40.30 -11.50
N ALA B 614 -11.42 41.21 -10.92
CA ALA B 614 -11.48 41.38 -9.47
C ALA B 614 -12.68 40.64 -8.89
N ILE B 615 -12.51 40.04 -7.71
CA ILE B 615 -13.49 39.16 -7.10
C ILE B 615 -13.72 39.57 -5.65
N SER B 616 -14.97 39.51 -5.22
CA SER B 616 -15.34 39.69 -3.82
C SER B 616 -16.46 38.73 -3.48
N LYS B 617 -16.22 37.86 -2.49
CA LYS B 617 -17.18 36.82 -2.09
C LYS B 617 -17.61 35.97 -3.28
N GLY B 618 -16.66 35.58 -4.12
CA GLY B 618 -16.97 34.74 -5.26
C GLY B 618 -17.69 35.44 -6.38
N LEU B 619 -17.82 36.76 -6.31
CA LEU B 619 -18.51 37.53 -7.34
C LEU B 619 -17.47 38.33 -8.12
N ILE B 620 -17.41 38.10 -9.42
CA ILE B 620 -16.48 38.85 -10.27
C ILE B 620 -16.97 40.29 -10.35
N ILE B 621 -16.14 41.21 -9.88
CA ILE B 621 -16.49 42.63 -9.80
C ILE B 621 -16.22 43.30 -11.14
N ASP B 622 -14.96 43.32 -11.55
CA ASP B 622 -14.53 43.98 -12.77
C ASP B 622 -13.51 43.08 -13.47
N SER B 623 -13.38 43.24 -14.78
CA SER B 623 -12.43 42.47 -15.55
C SER B 623 -11.88 43.32 -16.69
N LYS B 624 -10.60 43.15 -16.99
CA LYS B 624 -9.94 43.90 -18.05
C LYS B 624 -9.02 42.99 -18.83
N ILE B 625 -9.07 43.11 -20.15
CA ILE B 625 -8.34 42.24 -21.07
C ILE B 625 -7.19 43.04 -21.66
N ILE B 626 -5.99 42.48 -21.64
CA ILE B 626 -4.84 43.09 -22.27
C ILE B 626 -4.26 42.11 -23.28
N ASP B 627 -3.18 42.52 -23.93
CA ASP B 627 -2.58 41.76 -25.02
C ASP B 627 -1.08 41.67 -24.76
N ILE B 628 -0.57 40.45 -24.62
CA ILE B 628 0.84 40.21 -24.30
C ILE B 628 1.46 39.36 -25.39
N ASN B 629 2.65 39.77 -25.83
CA ASN B 629 3.42 39.05 -26.83
C ASN B 629 4.50 38.26 -26.10
N VAL B 630 4.50 36.94 -26.27
CA VAL B 630 5.49 36.08 -25.63
C VAL B 630 6.51 35.65 -26.68
N LYS B 631 7.78 35.87 -26.37
CA LYS B 631 8.84 35.55 -27.32
C LYS B 631 9.52 34.23 -26.97
N PRO B 632 10.01 33.50 -27.97
CA PRO B 632 10.68 32.23 -27.69
C PRO B 632 11.97 32.46 -26.92
N LYS B 633 12.21 31.58 -25.94
CA LYS B 633 13.44 31.63 -25.19
C LYS B 633 14.53 30.94 -25.99
N LEU B 634 15.64 31.64 -26.22
CA LEU B 634 16.71 31.15 -27.06
C LEU B 634 17.92 30.78 -26.20
N LEU B 635 18.48 29.61 -26.46
CA LEU B 635 19.56 29.06 -25.65
C LEU B 635 20.83 29.88 -25.81
N PRO B 636 21.67 29.92 -24.78
CA PRO B 636 22.94 30.65 -24.87
C PRO B 636 23.98 29.89 -25.67
N ASN B 637 25.08 30.59 -25.96
CA ASN B 637 26.14 30.01 -26.76
C ASN B 637 26.75 28.79 -26.06
N PRO B 638 27.14 27.77 -26.83
CA PRO B 638 27.82 26.61 -26.22
C PRO B 638 29.08 27.04 -25.49
N ARG B 639 29.17 26.71 -24.20
CA ARG B 639 30.29 27.16 -23.40
C ARG B 639 31.58 26.51 -23.87
N LEU B 640 32.70 27.20 -23.68
CA LEU B 640 33.94 26.86 -24.33
C LEU B 640 34.76 25.86 -23.52
N ILE C 103 72.04 42.00 -43.13
CA ILE C 103 72.35 40.58 -43.12
C ILE C 103 71.41 39.84 -42.17
N ASP C 104 71.04 38.61 -42.54
CA ASP C 104 70.16 37.80 -41.73
C ASP C 104 70.51 36.33 -41.93
N ASN C 105 70.10 35.51 -40.97
CA ASN C 105 70.47 34.10 -40.96
C ASN C 105 69.47 33.25 -41.75
N THR C 106 69.65 33.14 -43.06
CA THR C 106 68.82 32.28 -43.88
C THR C 106 69.29 30.84 -43.75
N CYS C 107 68.95 30.23 -42.61
CA CYS C 107 69.34 28.86 -42.35
C CYS C 107 68.59 27.90 -43.28
N PHE C 108 69.11 26.68 -43.40
CA PHE C 108 68.50 25.66 -44.23
C PHE C 108 68.66 24.30 -43.59
N LEU C 109 68.18 23.24 -44.25
CA LEU C 109 68.11 21.94 -43.62
C LEU C 109 68.78 20.89 -44.48
N VAL C 110 69.36 19.91 -43.81
CA VAL C 110 69.99 18.76 -44.48
C VAL C 110 69.42 17.49 -43.86
N GLY C 111 68.97 16.58 -44.70
CA GLY C 111 68.43 15.33 -44.22
C GLY C 111 68.48 14.26 -45.28
N ASP C 112 68.15 13.04 -44.85
CA ASP C 112 68.15 11.89 -45.74
C ASP C 112 66.72 11.58 -46.15
N PRO C 113 66.38 11.67 -47.45
CA PRO C 113 64.99 11.51 -47.85
C PRO C 113 64.46 10.09 -47.81
N SER C 114 65.30 9.09 -47.52
CA SER C 114 64.86 7.71 -47.40
C SER C 114 64.78 7.26 -45.95
N SER C 115 65.11 8.13 -44.99
CA SER C 115 65.09 7.75 -43.58
C SER C 115 63.70 7.31 -43.13
N ARG C 116 62.70 8.16 -43.37
CA ARG C 116 61.33 7.88 -42.98
C ARG C 116 60.45 7.81 -44.22
N GLU C 117 59.22 7.34 -44.03
CA GLU C 117 58.22 7.45 -45.08
C GLU C 117 57.85 8.91 -45.27
N GLN C 118 57.90 9.36 -46.53
CA GLN C 118 57.64 10.77 -46.83
C GLN C 118 56.24 11.16 -46.38
N MET C 119 56.13 12.32 -45.74
CA MET C 119 54.86 12.72 -45.14
C MET C 119 53.93 13.28 -46.20
N TYR C 120 52.65 12.94 -46.09
CA TYR C 120 51.63 13.44 -47.00
C TYR C 120 51.36 14.89 -46.65
N PHE C 121 51.46 15.76 -47.64
CA PHE C 121 51.22 17.19 -47.44
C PHE C 121 50.11 17.65 -48.38
N THR C 122 49.19 18.44 -47.84
CA THR C 122 48.06 18.95 -48.61
C THR C 122 47.64 20.30 -48.05
N ILE C 123 46.93 21.07 -48.85
CA ILE C 123 46.40 22.37 -48.45
C ILE C 123 44.96 22.47 -48.92
N VAL C 124 44.12 23.14 -48.13
CA VAL C 124 42.71 23.31 -48.44
C VAL C 124 42.46 24.80 -48.62
N TRP C 125 41.99 25.18 -49.80
CA TRP C 125 41.70 26.57 -50.14
C TRP C 125 40.18 26.76 -50.13
N HIS C 126 39.71 27.64 -49.25
CA HIS C 126 38.27 27.84 -49.07
C HIS C 126 37.85 29.06 -49.88
N HIS C 127 37.32 28.82 -51.08
CA HIS C 127 36.79 29.87 -51.94
C HIS C 127 35.30 29.99 -51.68
N HIS C 128 34.88 31.12 -51.09
CA HIS C 128 33.46 31.28 -50.83
C HIS C 128 33.06 32.75 -50.83
N GLN C 129 31.98 33.05 -51.52
CA GLN C 129 31.26 34.32 -51.41
C GLN C 129 29.80 34.02 -51.07
N ALA C 130 29.22 34.87 -50.24
CA ALA C 130 27.85 34.67 -49.79
C ALA C 130 26.88 34.81 -50.96
N PRO C 131 25.72 34.16 -50.91
CA PRO C 131 24.71 34.40 -51.95
C PRO C 131 24.18 35.81 -51.83
N ASN C 132 24.60 36.66 -52.76
CA ASN C 132 24.48 38.11 -52.61
C ASN C 132 23.45 38.67 -53.57
N TYR C 133 22.61 37.82 -54.15
CA TYR C 133 21.52 38.29 -54.97
C TYR C 133 20.33 38.64 -54.09
N LEU C 134 19.57 39.65 -54.51
CA LEU C 134 18.34 40.01 -53.83
C LEU C 134 17.25 39.02 -54.20
N PRO C 135 16.13 39.00 -53.46
CA PRO C 135 15.04 38.09 -53.83
C PRO C 135 14.52 38.31 -55.24
N ASP C 136 14.69 39.52 -55.78
CA ASP C 136 14.30 39.75 -57.17
C ASP C 136 15.24 39.06 -58.15
N GLY C 137 16.55 39.16 -57.91
CA GLY C 137 17.54 38.54 -58.78
C GLY C 137 18.77 39.40 -58.98
N ARG C 138 18.66 40.68 -58.65
CA ARG C 138 19.78 41.59 -58.81
C ARG C 138 20.86 41.30 -57.77
N ILE C 139 22.11 41.56 -58.15
CA ILE C 139 23.27 41.24 -57.33
C ILE C 139 23.63 42.47 -56.51
N HIS C 140 23.41 42.40 -55.20
N HIS C 140 23.41 42.40 -55.20
CA HIS C 140 23.73 43.52 -54.33
CA HIS C 140 23.73 43.52 -54.33
C HIS C 140 25.16 43.46 -53.80
C HIS C 140 25.16 43.47 -53.80
N GLY C 141 25.79 42.29 -53.81
CA GLY C 141 27.18 42.19 -53.41
C GLY C 141 28.04 41.72 -54.57
N PRO C 142 28.85 42.62 -55.11
CA PRO C 142 29.73 42.25 -56.22
C PRO C 142 31.13 41.80 -55.81
N TRP C 143 31.26 40.65 -55.16
CA TRP C 143 32.58 40.16 -54.79
C TRP C 143 32.89 38.83 -55.48
N ALA C 144 31.85 38.05 -55.77
CA ALA C 144 32.04 36.87 -56.60
C ALA C 144 32.39 37.23 -58.03
N TYR C 145 32.27 38.51 -58.39
CA TYR C 145 32.48 39.00 -59.74
C TYR C 145 33.66 39.94 -59.88
N ILE C 146 33.95 40.78 -58.88
CA ILE C 146 35.16 41.58 -58.97
C ILE C 146 36.40 40.77 -58.66
N TYR C 147 36.29 39.69 -57.91
CA TYR C 147 37.43 38.84 -57.63
C TYR C 147 37.67 37.82 -58.73
N VAL C 148 37.10 38.05 -59.92
CA VAL C 148 37.37 37.22 -61.08
C VAL C 148 37.67 38.05 -62.33
N TRP C 149 37.35 39.36 -62.32
CA TRP C 149 37.81 40.20 -63.42
C TRP C 149 38.41 41.55 -63.04
N SER C 150 38.44 41.96 -61.79
CA SER C 150 39.01 43.26 -61.46
C SER C 150 40.50 43.25 -61.76
N ASP C 151 41.09 44.45 -61.79
CA ASP C 151 42.54 44.57 -61.92
C ASP C 151 43.12 44.82 -60.54
N LEU C 152 43.22 43.74 -59.77
CA LEU C 152 43.72 43.80 -58.40
C LEU C 152 45.05 43.09 -58.22
N LEU C 153 45.32 42.03 -58.97
CA LEU C 153 46.56 41.28 -58.89
C LEU C 153 47.50 41.66 -60.02
N LYS C 154 47.20 42.76 -60.69
CA LYS C 154 48.05 43.25 -61.76
C LYS C 154 49.36 43.78 -61.19
N PRO C 155 50.48 43.59 -61.91
CA PRO C 155 50.56 42.98 -63.24
C PRO C 155 50.67 41.45 -63.24
N TYR C 156 50.56 40.82 -62.08
CA TYR C 156 50.74 39.37 -61.98
C TYR C 156 49.50 38.57 -62.32
N GLY C 157 48.31 39.16 -62.20
CA GLY C 157 47.10 38.43 -62.50
C GLY C 157 45.90 39.36 -62.50
N LYS C 158 44.73 38.76 -62.71
CA LYS C 158 43.48 39.54 -62.74
C LYS C 158 42.80 39.52 -61.38
N GLY C 159 42.40 38.34 -60.92
CA GLY C 159 41.68 38.21 -59.67
C GLY C 159 42.04 36.94 -58.95
N PRO C 160 41.89 36.94 -57.61
CA PRO C 160 42.32 35.78 -56.83
C PRO C 160 41.73 34.45 -57.28
N TYR C 161 40.44 34.43 -57.64
CA TYR C 161 39.84 33.19 -58.10
C TYR C 161 40.37 32.79 -59.46
N HIS C 162 40.64 33.76 -60.33
CA HIS C 162 41.25 33.49 -61.63
C HIS C 162 42.74 33.18 -61.48
N TYR C 163 43.40 33.86 -60.54
CA TYR C 163 44.81 33.63 -60.28
C TYR C 163 45.07 32.21 -59.81
N HIS C 164 44.23 31.72 -58.90
CA HIS C 164 44.38 30.35 -58.42
C HIS C 164 44.17 29.36 -59.54
N SER C 165 43.29 29.67 -60.48
CA SER C 165 43.07 28.77 -61.60
C SER C 165 44.24 28.77 -62.56
N VAL C 166 44.83 29.94 -62.84
CA VAL C 166 45.97 29.97 -63.75
C VAL C 166 47.19 29.31 -63.13
N MET C 167 47.40 29.46 -61.81
CA MET C 167 48.49 28.74 -61.17
C MET C 167 48.31 27.23 -61.18
N LEU C 168 47.09 26.73 -61.41
CA LEU C 168 46.92 25.28 -61.47
C LEU C 168 47.43 24.66 -62.76
N ASN C 169 47.53 25.44 -63.84
CA ASN C 169 48.05 24.85 -65.07
C ASN C 169 49.40 25.46 -65.46
N ILE C 170 49.80 26.55 -64.81
CA ILE C 170 51.19 26.98 -64.89
C ILE C 170 52.06 25.93 -64.22
N HIS C 171 51.62 25.44 -63.05
CA HIS C 171 52.34 24.42 -62.30
C HIS C 171 51.54 23.12 -62.37
N PRO C 172 51.75 22.28 -63.39
CA PRO C 172 50.88 21.10 -63.55
C PRO C 172 51.25 19.94 -62.64
N HIS C 173 52.13 20.18 -61.67
CA HIS C 173 52.54 19.15 -60.73
C HIS C 173 52.14 19.47 -59.29
N PHE C 174 51.57 20.65 -59.05
CA PHE C 174 51.19 21.08 -57.71
C PHE C 174 49.73 20.70 -57.48
N LYS C 175 49.50 19.81 -56.52
CA LYS C 175 48.18 19.33 -56.20
C LYS C 175 47.66 19.99 -54.93
N ALA C 176 46.36 20.27 -54.92
CA ALA C 176 45.74 20.94 -53.78
C ALA C 176 44.24 20.72 -53.74
N THR C 177 43.70 20.50 -52.54
CA THR C 177 42.26 20.35 -52.38
C THR C 177 41.60 21.72 -52.38
N TYR C 178 40.47 21.84 -53.06
CA TYR C 178 39.79 23.11 -53.25
C TYR C 178 38.36 23.04 -52.74
N ASN C 179 37.94 24.09 -52.04
CA ASN C 179 36.55 24.26 -51.59
C ASN C 179 35.95 25.39 -52.41
N LEU C 180 35.25 25.03 -53.48
CA LEU C 180 34.45 26.00 -54.23
C LEU C 180 33.04 25.96 -53.66
N SER C 181 32.66 27.02 -52.97
CA SER C 181 31.38 27.05 -52.28
C SER C 181 30.24 26.90 -53.28
N PRO C 182 29.21 26.12 -52.98
CA PRO C 182 28.08 26.00 -53.92
C PRO C 182 27.44 27.34 -54.24
N SER C 183 27.37 28.25 -53.27
CA SER C 183 26.87 29.59 -53.54
C SER C 183 27.74 30.33 -54.56
N LEU C 184 29.07 30.27 -54.42
CA LEU C 184 29.97 30.84 -55.42
C LEU C 184 29.87 30.18 -56.77
N LEU C 185 29.81 28.85 -56.80
CA LEU C 185 29.66 28.13 -58.06
C LEU C 185 28.39 28.55 -58.79
N ARG C 186 27.28 28.63 -58.06
CA ARG C 186 26.01 28.95 -58.71
C ARG C 186 25.93 30.43 -59.06
N GLN C 187 26.63 31.27 -58.30
CA GLN C 187 26.64 32.70 -58.60
C GLN C 187 27.47 32.99 -59.84
N TRP C 188 28.53 32.20 -60.06
CA TRP C 188 29.25 32.27 -61.33
C TRP C 188 28.45 31.66 -62.47
N GLN C 189 27.75 30.55 -62.22
CA GLN C 189 26.95 29.90 -63.23
C GLN C 189 25.80 30.77 -63.74
N ILE C 190 25.27 31.67 -62.91
CA ILE C 190 24.21 32.57 -63.33
C ILE C 190 24.78 33.85 -63.93
N ALA C 191 26.07 33.87 -64.24
CA ALA C 191 26.67 34.93 -65.03
C ALA C 191 27.07 34.47 -66.42
N VAL C 192 27.52 33.22 -66.58
CA VAL C 192 27.86 32.67 -67.87
C VAL C 192 26.64 32.50 -68.77
N GLU C 193 25.52 32.04 -68.21
CA GLU C 193 24.30 31.87 -68.97
C GLU C 193 23.52 33.16 -69.20
N LYS C 194 23.48 34.05 -68.21
CA LYS C 194 22.80 35.34 -68.35
C LYS C 194 23.62 36.39 -67.63
N GLY C 195 23.75 37.56 -68.23
CA GLY C 195 24.52 38.63 -67.62
C GLY C 195 23.98 39.04 -66.26
N VAL C 196 24.86 39.48 -65.38
CA VAL C 196 24.43 39.89 -64.05
C VAL C 196 24.09 41.37 -64.05
N GLU C 197 23.02 41.70 -63.34
CA GLU C 197 22.59 43.08 -63.15
C GLU C 197 22.80 43.48 -61.71
N PHE C 198 23.59 44.51 -61.49
CA PHE C 198 23.89 44.97 -60.14
C PHE C 198 22.79 45.91 -59.65
N VAL C 199 22.74 46.10 -58.34
CA VAL C 199 21.83 47.07 -57.75
C VAL C 199 22.15 48.50 -58.17
N ASN C 200 23.43 48.86 -58.26
CA ASN C 200 23.82 50.18 -58.74
C ASN C 200 23.31 50.45 -60.15
N GLY C 201 23.11 49.41 -60.96
CA GLY C 201 22.59 49.58 -62.30
C GLY C 201 23.53 49.09 -63.37
N GLU C 202 24.83 49.20 -63.11
CA GLU C 202 25.84 48.79 -64.07
C GLU C 202 25.75 47.28 -64.28
N LYS C 203 25.37 46.87 -65.48
CA LYS C 203 25.04 45.48 -65.76
C LYS C 203 25.85 44.96 -66.93
N TYR C 204 25.58 43.70 -67.30
CA TYR C 204 26.31 42.99 -68.34
C TYR C 204 25.38 42.02 -69.04
N ASP C 205 25.93 41.34 -70.04
CA ASP C 205 25.25 40.29 -70.81
C ASP C 205 26.17 39.09 -70.91
N PRO C 206 25.63 37.90 -71.19
CA PRO C 206 26.47 36.70 -71.18
C PRO C 206 27.55 36.66 -72.26
N ASN C 207 27.65 37.68 -73.11
CA ASN C 207 28.69 37.75 -74.12
C ASN C 207 29.69 38.86 -73.86
N HIS C 208 29.54 39.60 -72.77
CA HIS C 208 30.51 40.62 -72.40
C HIS C 208 31.87 39.98 -72.15
N GLU C 209 32.92 40.80 -72.27
CA GLU C 209 34.28 40.30 -72.09
C GLU C 209 34.49 39.79 -70.67
N LYS C 210 33.93 40.51 -69.69
CA LYS C 210 34.13 40.14 -68.29
C LYS C 210 33.51 38.78 -67.98
N ILE C 211 32.34 38.49 -68.54
CA ILE C 211 31.78 37.15 -68.43
C ILE C 211 32.56 36.15 -69.28
N ARG C 212 33.06 36.58 -70.43
CA ARG C 212 33.98 35.72 -71.19
C ARG C 212 35.30 35.53 -70.50
N LEU C 213 35.45 36.05 -69.28
CA LEU C 213 36.59 35.78 -68.41
C LEU C 213 36.21 34.96 -67.19
N VAL C 214 34.92 34.78 -66.93
CA VAL C 214 34.45 33.98 -65.81
C VAL C 214 34.20 32.57 -66.32
N GLU C 215 33.89 32.47 -67.60
CA GLU C 215 33.51 31.19 -68.20
C GLU C 215 34.68 30.21 -68.27
N GLU C 216 35.91 30.69 -68.41
CA GLU C 216 37.04 29.77 -68.51
C GLU C 216 37.77 29.58 -67.19
N THR C 217 37.52 30.41 -66.18
CA THR C 217 37.96 30.10 -64.83
C THR C 217 37.29 28.82 -64.33
N LEU C 218 35.99 28.71 -64.56
CA LEU C 218 35.26 27.51 -64.21
C LEU C 218 35.78 26.31 -64.98
N ASN C 219 36.04 26.46 -66.28
CA ASN C 219 36.58 25.34 -67.05
C ASN C 219 38.00 25.00 -66.61
N ASN C 220 38.78 25.98 -66.17
CA ASN C 220 40.09 25.70 -65.62
C ASN C 220 39.98 24.81 -64.39
N TYR C 221 39.07 25.15 -63.48
CA TYR C 221 38.86 24.32 -62.30
C TYR C 221 38.37 22.93 -62.67
N ARG C 222 37.48 22.82 -63.66
CA ARG C 222 36.96 21.51 -64.05
C ARG C 222 38.05 20.66 -64.70
N GLU C 223 38.90 21.28 -65.53
CA GLU C 223 40.05 20.57 -66.09
C GLU C 223 40.96 20.07 -64.99
N ALA C 224 41.25 20.92 -64.01
CA ALA C 224 42.10 20.50 -62.90
C ALA C 224 41.47 19.35 -62.13
N LEU C 225 40.16 19.41 -61.90
CA LEU C 225 39.49 18.38 -61.10
C LEU C 225 39.44 17.04 -61.84
N PHE C 226 39.13 17.05 -63.12
CA PHE C 226 39.03 15.80 -63.86
C PHE C 226 40.38 15.32 -64.39
N LYS C 227 41.41 16.15 -64.28
CA LYS C 227 42.78 15.72 -64.50
C LYS C 227 43.40 15.12 -63.25
N GLY C 228 42.71 15.24 -62.11
CA GLY C 228 43.21 14.73 -60.84
C GLY C 228 44.11 15.67 -60.09
N GLN C 229 44.38 16.86 -60.63
CA GLN C 229 45.28 17.80 -59.97
C GLN C 229 44.69 18.29 -58.66
N ILE C 230 43.40 18.60 -58.65
CA ILE C 230 42.76 19.12 -57.45
C ILE C 230 41.66 18.19 -56.97
N ASP C 231 41.17 18.42 -55.75
CA ASP C 231 40.00 17.74 -55.23
C ASP C 231 39.00 18.82 -54.81
N VAL C 232 37.72 18.59 -55.12
CA VAL C 232 36.68 19.59 -54.91
C VAL C 232 35.82 19.16 -53.73
N LEU C 233 35.55 20.10 -52.82
CA LEU C 233 34.76 19.84 -51.63
C LEU C 233 33.42 20.57 -51.74
N THR C 234 32.35 19.87 -51.43
CA THR C 234 31.03 20.49 -51.33
C THR C 234 30.88 21.13 -49.95
N SER C 235 29.77 21.80 -49.73
CA SER C 235 29.55 22.49 -48.46
C SER C 235 28.06 22.75 -48.30
N ILE C 236 27.72 23.46 -47.21
CA ILE C 236 26.36 23.97 -47.06
C ILE C 236 26.16 25.10 -48.06
N TYR C 237 24.98 25.15 -48.67
CA TYR C 237 24.77 26.11 -49.76
C TYR C 237 24.94 27.54 -49.26
N ALA C 238 24.10 27.97 -48.33
CA ALA C 238 24.35 29.23 -47.64
C ALA C 238 25.27 28.98 -46.47
N HIS C 239 26.37 29.73 -46.43
CA HIS C 239 27.48 29.47 -45.53
C HIS C 239 27.03 29.82 -44.11
N THR C 240 26.58 28.81 -43.38
CA THR C 240 26.09 29.00 -42.02
C THR C 240 26.90 28.17 -41.03
N ILE C 241 26.93 28.63 -39.79
CA ILE C 241 27.66 27.96 -38.72
C ILE C 241 26.82 26.80 -38.19
N GLY C 242 27.03 25.62 -38.78
CA GLY C 242 26.15 24.48 -38.56
C GLY C 242 26.12 23.95 -37.15
N GLY C 243 27.27 23.81 -36.50
CA GLY C 243 27.30 23.35 -35.14
C GLY C 243 26.59 24.25 -34.16
N PHE C 244 26.69 25.56 -34.36
CA PHE C 244 25.88 26.50 -33.61
C PHE C 244 24.39 26.35 -33.87
N LEU C 245 23.99 26.16 -35.12
CA LEU C 245 22.58 26.00 -35.43
C LEU C 245 22.00 24.75 -34.80
N THR C 246 22.72 23.63 -34.87
CA THR C 246 22.22 22.38 -34.30
C THR C 246 22.22 22.37 -32.78
N ASP C 247 23.00 23.25 -32.15
CA ASP C 247 23.07 23.25 -30.70
C ASP C 247 22.15 24.29 -30.09
N VAL C 248 22.31 25.55 -30.49
CA VAL C 248 21.52 26.64 -29.91
C VAL C 248 20.12 26.65 -30.54
N LEU C 249 20.05 26.82 -31.86
CA LEU C 249 18.75 26.84 -32.52
C LEU C 249 18.12 25.45 -32.60
N GLY C 250 18.92 24.42 -32.87
CA GLY C 250 18.40 23.08 -32.99
C GLY C 250 17.70 22.79 -34.30
N ALA C 251 17.84 23.64 -35.30
CA ALA C 251 17.18 23.46 -36.60
C ALA C 251 17.98 22.45 -37.42
N THR C 252 17.76 21.17 -37.10
CA THR C 252 18.44 20.08 -37.79
C THR C 252 17.97 19.93 -39.23
N ASN C 253 16.66 20.06 -39.49
CA ASN C 253 16.13 19.86 -40.83
C ASN C 253 16.57 20.91 -41.83
N ILE C 254 16.88 22.13 -41.37
CA ILE C 254 17.40 23.15 -42.27
C ILE C 254 18.79 22.79 -42.80
N VAL C 255 19.68 22.31 -41.94
CA VAL C 255 21.06 22.02 -42.33
C VAL C 255 21.12 20.81 -43.24
N GLU C 256 20.33 19.78 -42.93
CA GLU C 256 20.36 18.55 -43.71
C GLU C 256 19.89 18.73 -45.14
N GLU C 257 18.77 19.42 -45.37
CA GLU C 257 18.30 19.71 -46.71
C GLU C 257 19.20 20.67 -47.46
N GLU C 258 19.81 21.61 -46.75
CA GLU C 258 20.66 22.60 -47.38
C GLU C 258 21.99 22.00 -47.81
N ILE C 259 22.51 21.04 -47.05
CA ILE C 259 23.66 20.27 -47.50
C ILE C 259 23.30 19.46 -48.74
N ARG C 260 22.10 18.88 -48.80
CA ARG C 260 21.67 18.17 -50.01
C ARG C 260 21.69 19.10 -51.22
N TYR C 261 21.08 20.28 -51.08
CA TYR C 261 21.01 21.20 -52.20
C TYR C 261 22.40 21.67 -52.61
N GLY C 262 23.25 22.01 -51.65
CA GLY C 262 24.61 22.41 -51.96
C GLY C 262 25.48 21.32 -52.53
N LYS C 263 25.21 20.06 -52.20
CA LYS C 263 25.91 18.94 -52.80
C LYS C 263 25.47 18.70 -54.24
N GLU C 264 24.17 18.78 -54.51
CA GLU C 264 23.71 18.58 -55.89
C GLU C 264 24.14 19.74 -56.77
N VAL C 265 24.22 20.96 -56.22
CA VAL C 265 24.73 22.09 -57.00
C VAL C 265 26.17 21.85 -57.42
N THR C 266 27.01 21.41 -56.49
CA THR C 266 28.40 21.10 -56.82
C THR C 266 28.51 19.95 -57.82
N SER C 267 27.73 18.89 -57.61
CA SER C 267 27.76 17.75 -58.51
C SER C 267 27.24 18.07 -59.91
N LYS C 268 26.40 19.08 -60.06
CA LYS C 268 25.88 19.47 -61.36
C LYS C 268 26.76 20.49 -62.08
N ILE C 269 27.22 21.53 -61.38
CA ILE C 269 28.04 22.55 -62.04
C ILE C 269 29.41 22.05 -62.44
N MET C 270 30.05 21.22 -61.61
CA MET C 270 31.31 20.59 -62.01
C MET C 270 31.11 19.65 -63.19
N GLY C 271 30.00 18.92 -63.20
CA GLY C 271 29.64 18.12 -64.35
C GLY C 271 30.18 16.71 -64.30
N ASN C 272 29.85 15.97 -65.36
CA ASN C 272 30.31 14.59 -65.55
C ASN C 272 29.91 13.69 -64.40
N ASN C 273 28.76 13.95 -63.79
CA ASN C 273 28.25 13.17 -62.67
C ASN C 273 29.27 13.08 -61.55
N TYR C 274 29.91 14.21 -61.27
CA TYR C 274 30.85 14.28 -60.16
C TYR C 274 30.11 14.02 -58.85
N ASN C 275 30.82 13.46 -57.88
CA ASN C 275 30.23 13.15 -56.58
C ASN C 275 31.27 13.40 -55.50
N PRO C 276 31.23 14.58 -54.86
CA PRO C 276 32.22 14.88 -53.83
C PRO C 276 31.98 14.06 -52.58
N GLN C 277 33.07 13.66 -51.92
CA GLN C 277 33.00 12.88 -50.69
C GLN C 277 33.36 13.68 -49.45
N GLY C 278 34.01 14.83 -49.59
CA GLY C 278 34.35 15.67 -48.47
C GLY C 278 33.50 16.93 -48.43
N ILE C 279 33.31 17.45 -47.22
CA ILE C 279 32.57 18.68 -47.01
C ILE C 279 33.44 19.64 -46.21
N TRP C 280 33.31 20.93 -46.50
CA TRP C 280 33.95 21.98 -45.71
C TRP C 280 32.89 22.50 -44.74
N THR C 281 33.11 22.25 -43.46
CA THR C 281 32.22 22.81 -42.45
C THR C 281 32.50 24.30 -42.32
N PRO C 282 31.49 25.15 -42.54
CA PRO C 282 31.71 26.59 -42.45
C PRO C 282 32.22 26.99 -41.07
N GLU C 283 33.28 27.81 -41.06
CA GLU C 283 33.95 28.27 -39.84
C GLU C 283 34.40 27.13 -38.95
N MET C 284 34.48 25.91 -39.46
CA MET C 284 34.65 24.70 -38.68
C MET C 284 33.83 24.74 -37.40
N ALA C 285 32.58 25.18 -37.54
CA ALA C 285 31.63 25.21 -36.44
C ALA C 285 31.04 23.81 -36.34
N PHE C 286 31.76 22.93 -35.66
CA PHE C 286 31.44 21.52 -35.64
C PHE C 286 30.64 21.14 -34.42
N SER C 287 29.69 20.24 -34.62
CA SER C 287 28.92 19.63 -33.54
C SER C 287 28.78 18.14 -33.85
N MET C 288 28.72 17.33 -32.79
CA MET C 288 28.58 15.90 -32.99
C MET C 288 27.22 15.50 -33.52
N LYS C 289 26.26 16.42 -33.56
CA LYS C 289 24.99 16.17 -34.21
C LYS C 289 25.10 16.21 -35.73
N LEU C 290 26.24 16.68 -36.25
CA LEU C 290 26.50 16.66 -37.68
C LEU C 290 26.86 15.27 -38.19
N ILE C 291 27.40 14.39 -37.35
CA ILE C 291 27.81 13.06 -37.81
C ILE C 291 26.67 12.30 -38.47
N PRO C 292 25.48 12.18 -37.87
CA PRO C 292 24.39 11.48 -38.56
C PRO C 292 23.99 12.10 -39.90
N ILE C 293 24.03 13.42 -40.02
CA ILE C 293 23.69 14.07 -41.29
C ILE C 293 24.72 13.74 -42.36
N TYR C 294 26.00 13.91 -42.03
CA TYR C 294 27.07 13.63 -42.98
C TYR C 294 27.08 12.17 -43.39
N TYR C 295 26.90 11.26 -42.43
CA TYR C 295 26.89 9.84 -42.76
C TYR C 295 25.71 9.50 -43.67
N ASP C 296 24.53 10.05 -43.37
CA ASP C 296 23.36 9.78 -44.18
C ASP C 296 23.44 10.44 -45.55
N LEU C 297 24.30 11.44 -45.71
CA LEU C 297 24.50 12.10 -46.99
C LEU C 297 25.75 11.60 -47.71
N ASP C 298 26.32 10.49 -47.28
CA ASP C 298 27.48 9.87 -47.91
C ASP C 298 28.68 10.82 -47.94
N ILE C 299 28.82 11.62 -46.90
CA ILE C 299 30.02 12.42 -46.70
C ILE C 299 30.99 11.60 -45.88
N LYS C 300 32.25 11.57 -46.31
CA LYS C 300 33.25 10.68 -45.74
C LYS C 300 34.26 11.38 -44.86
N TYR C 301 34.72 12.56 -45.23
CA TYR C 301 35.78 13.24 -44.50
C TYR C 301 35.54 14.75 -44.49
N THR C 302 36.33 15.44 -43.67
CA THR C 302 36.25 16.88 -43.50
C THR C 302 37.52 17.34 -42.78
N VAL C 303 37.60 18.65 -42.54
CA VAL C 303 38.77 19.27 -41.90
C VAL C 303 38.29 20.11 -40.73
N LEU C 304 38.92 19.93 -39.58
CA LEU C 304 38.66 20.72 -38.39
C LEU C 304 39.96 21.38 -37.93
N ASP C 305 39.89 22.03 -36.77
CA ASP C 305 41.01 22.76 -36.19
C ASP C 305 41.71 21.91 -35.14
N ASP C 306 43.02 22.08 -35.03
CA ASP C 306 43.79 21.35 -34.03
C ASP C 306 43.83 22.04 -32.68
N LYS C 307 43.84 23.37 -32.65
CA LYS C 307 43.93 24.14 -31.42
C LYS C 307 42.60 24.19 -30.66
N PHE C 308 41.48 24.10 -31.36
CA PHE C 308 40.18 24.26 -30.73
C PHE C 308 39.30 23.02 -30.78
N HIS C 309 39.58 22.06 -31.66
CA HIS C 309 38.81 20.82 -31.71
C HIS C 309 39.58 19.58 -31.27
N PHE C 310 40.90 19.58 -31.40
CA PHE C 310 41.69 18.41 -31.04
C PHE C 310 42.14 18.41 -29.58
N PHE C 311 42.64 19.55 -29.09
CA PHE C 311 43.16 19.58 -27.73
C PHE C 311 42.04 19.49 -26.70
N HIS C 312 40.79 19.60 -27.13
CA HIS C 312 39.65 19.43 -26.24
C HIS C 312 38.85 18.18 -26.54
N ALA C 313 39.30 17.35 -27.48
CA ALA C 313 38.64 16.12 -27.82
C ALA C 313 39.06 15.01 -26.86
N GLU C 314 38.31 13.92 -26.86
CA GLU C 314 38.59 12.77 -26.03
C GLU C 314 38.45 11.50 -26.85
N GLY C 315 39.28 10.52 -26.52
CA GLY C 315 39.37 9.29 -27.26
C GLY C 315 40.82 8.84 -27.33
N ASN C 316 41.11 7.98 -28.30
CA ASN C 316 42.44 7.42 -28.44
C ASN C 316 43.30 8.40 -29.23
N LYS C 317 43.94 9.33 -28.51
CA LYS C 317 44.61 10.48 -29.11
C LYS C 317 46.11 10.29 -29.06
N ASP C 318 46.77 10.51 -30.20
CA ASP C 318 48.22 10.58 -30.23
C ASP C 318 48.68 11.97 -30.64
N SER C 319 48.24 12.43 -31.80
CA SER C 319 48.71 13.67 -32.37
C SER C 319 47.84 14.12 -33.54
N GLN C 320 47.86 15.42 -33.79
CA GLN C 320 47.08 16.08 -34.83
C GLN C 320 47.50 15.77 -36.27
N TYR C 321 48.39 14.81 -36.46
CA TYR C 321 49.00 14.61 -37.77
C TYR C 321 48.62 13.28 -38.39
N GLU C 322 47.37 12.86 -38.20
CA GLU C 322 46.86 11.64 -38.79
C GLU C 322 45.34 11.71 -38.77
N PRO C 323 44.68 11.12 -39.76
CA PRO C 323 43.22 11.11 -39.77
C PRO C 323 42.68 10.33 -38.57
N TYR C 324 41.59 10.83 -38.00
CA TYR C 324 40.90 10.16 -36.92
C TYR C 324 39.53 9.72 -37.39
N MET C 325 38.98 8.71 -36.71
CA MET C 325 37.67 8.16 -37.04
C MET C 325 36.72 8.60 -35.93
N VAL C 326 36.04 9.72 -36.14
CA VAL C 326 35.12 10.26 -35.15
C VAL C 326 33.80 9.49 -35.29
N ILE C 327 33.35 8.89 -34.19
CA ILE C 327 32.21 7.99 -34.21
C ILE C 327 31.12 8.54 -33.29
N ASP C 328 29.91 8.66 -33.81
CA ASP C 328 28.75 8.99 -33.00
C ASP C 328 28.30 7.75 -32.23
N THR C 329 27.97 7.94 -30.95
CA THR C 329 27.66 6.82 -30.08
C THR C 329 26.20 6.40 -30.14
N GLU C 330 25.27 7.34 -30.15
CA GLU C 330 23.85 7.00 -30.13
C GLU C 330 23.36 6.39 -31.43
N SER C 331 24.15 6.44 -32.50
CA SER C 331 23.74 5.90 -33.79
C SER C 331 24.81 5.03 -34.44
N LYS C 332 26.00 4.94 -33.88
CA LYS C 332 27.11 4.17 -34.46
C LYS C 332 27.40 4.61 -35.88
N LYS C 333 27.36 5.92 -36.10
CA LYS C 333 27.73 6.53 -37.37
C LYS C 333 29.05 7.25 -37.20
N TYR C 334 29.85 7.28 -38.25
CA TYR C 334 31.24 7.71 -38.15
C TYR C 334 31.58 8.69 -39.25
N ILE C 335 32.76 9.30 -39.11
CA ILE C 335 33.28 10.27 -40.07
C ILE C 335 34.80 10.28 -39.92
N THR C 336 35.48 10.68 -40.98
CA THR C 336 36.94 10.82 -40.91
C THR C 336 37.31 12.30 -40.83
N VAL C 337 38.26 12.61 -39.96
CA VAL C 337 38.56 14.00 -39.64
C VAL C 337 40.07 14.26 -39.77
N PHE C 338 40.39 15.36 -40.45
CA PHE C 338 41.75 15.88 -40.54
C PHE C 338 41.81 17.19 -39.77
N PHE C 339 42.87 17.37 -38.97
CA PHE C 339 43.03 18.61 -38.22
C PHE C 339 44.12 19.46 -38.86
N ARG C 340 43.81 20.72 -39.15
CA ARG C 340 44.78 21.62 -39.75
C ARG C 340 45.75 22.13 -38.69
N ASP C 341 46.88 22.64 -39.14
CA ASP C 341 47.85 23.27 -38.25
C ASP C 341 47.45 24.74 -38.08
N HIS C 342 46.93 25.07 -36.90
CA HIS C 342 46.39 26.41 -36.67
C HIS C 342 47.45 27.48 -36.83
N ASP C 343 48.61 27.28 -36.21
CA ASP C 343 49.67 28.30 -36.26
C ASP C 343 50.28 28.37 -37.65
N LEU C 344 50.48 27.21 -38.29
CA LEU C 344 51.11 27.19 -39.60
C LEU C 344 50.21 27.81 -40.67
N SER C 345 48.89 27.81 -40.45
CA SER C 345 47.99 28.46 -41.40
C SER C 345 47.78 29.92 -41.04
N ASP C 346 47.74 30.24 -39.75
CA ASP C 346 47.63 31.62 -39.30
C ASP C 346 48.84 32.47 -39.65
N ILE C 347 50.03 31.87 -39.74
CA ILE C 347 51.22 32.64 -40.08
C ILE C 347 51.26 32.99 -41.56
N LEU C 348 50.51 32.28 -42.40
CA LEU C 348 50.41 32.61 -43.82
C LEU C 348 49.18 33.45 -44.12
N GLY C 349 48.11 33.27 -43.37
CA GLY C 349 46.88 34.02 -43.59
C GLY C 349 47.01 35.50 -43.28
N PHE C 350 47.73 35.83 -42.22
CA PHE C 350 47.76 37.20 -41.71
C PHE C 350 49.10 37.88 -41.98
N ARG C 351 50.20 37.20 -41.63
CA ARG C 351 51.55 37.80 -41.82
C ARG C 351 51.88 37.65 -43.30
N ASN C 352 51.24 38.48 -44.13
CA ASN C 352 51.40 38.39 -45.57
C ASN C 352 51.51 39.77 -46.23
N ASN C 353 51.37 40.83 -45.43
CA ASN C 353 51.43 42.19 -45.96
C ASN C 353 52.88 42.60 -46.25
N PHE C 354 53.31 42.31 -47.47
CA PHE C 354 54.69 42.49 -47.87
C PHE C 354 54.93 43.87 -48.48
N TYR C 355 56.09 44.43 -48.17
CA TYR C 355 56.43 45.80 -48.54
C TYR C 355 57.34 45.91 -49.75
N SER C 356 58.26 44.98 -49.95
CA SER C 356 59.24 45.07 -51.02
C SER C 356 59.17 43.84 -51.92
N GLU C 357 59.61 44.02 -53.16
CA GLU C 357 59.59 42.92 -54.13
C GLU C 357 60.37 41.69 -53.68
N PRO C 358 61.62 41.79 -53.19
CA PRO C 358 62.29 40.59 -52.69
C PRO C 358 61.86 40.19 -51.29
N HIS C 359 61.14 41.07 -50.59
CA HIS C 359 60.61 40.71 -49.27
C HIS C 359 59.63 39.56 -49.38
N ALA C 360 58.81 39.56 -50.43
CA ALA C 360 57.88 38.46 -50.67
C ALA C 360 58.63 37.16 -50.91
N TRP C 361 59.72 37.22 -51.68
CA TRP C 361 60.52 36.01 -51.91
C TRP C 361 61.16 35.51 -50.62
N ARG C 362 61.66 36.42 -49.80
CA ARG C 362 62.26 36.04 -48.52
C ARG C 362 61.23 35.36 -47.61
N ASN C 363 60.03 35.93 -47.50
CA ASN C 363 59.01 35.31 -46.68
C ASN C 363 58.47 34.03 -47.29
N ALA C 364 58.49 33.90 -48.62
CA ALA C 364 58.14 32.63 -49.24
C ALA C 364 59.14 31.54 -48.87
N TYR C 365 60.42 31.85 -48.92
CA TYR C 365 61.43 30.88 -48.48
C TYR C 365 61.25 30.54 -47.00
N GLU C 366 60.93 31.54 -46.18
CA GLU C 366 60.74 31.31 -44.75
C GLU C 366 59.66 30.25 -44.51
N PHE C 367 58.47 30.52 -45.06
CA PHE C 367 57.28 29.63 -44.93
C PHE C 367 57.61 28.23 -45.44
N ALA C 368 58.21 28.14 -46.63
CA ALA C 368 58.56 26.83 -47.22
C ALA C 368 59.56 26.08 -46.32
N LEU C 369 60.54 26.80 -45.79
CA LEU C 369 61.55 26.21 -44.87
C LEU C 369 60.86 25.73 -43.59
N ARG C 370 59.90 26.50 -43.09
CA ARG C 370 59.17 26.18 -41.83
C ARG C 370 58.42 24.85 -42.06
N VAL C 371 57.82 24.68 -43.24
CA VAL C 371 57.06 23.43 -43.54
C VAL C 371 58.03 22.24 -43.50
N ALA C 372 59.24 22.43 -44.06
CA ALA C 372 60.27 21.37 -44.08
C ALA C 372 60.61 20.88 -42.67
N GLU C 373 60.83 21.80 -41.72
CA GLU C 373 61.20 21.43 -40.36
C GLU C 373 60.22 20.41 -39.77
N LYS C 374 59.00 20.35 -40.28
CA LYS C 374 58.04 19.37 -39.79
C LYS C 374 58.41 17.96 -40.23
N TRP C 375 59.16 17.82 -41.32
CA TRP C 375 59.56 16.49 -41.78
C TRP C 375 60.49 15.80 -40.79
N PHE C 376 61.21 16.59 -39.99
CA PHE C 376 62.13 16.01 -39.01
C PHE C 376 61.40 15.17 -37.99
N ASP C 377 60.24 15.65 -37.53
CA ASP C 377 59.42 14.87 -36.59
C ASP C 377 58.93 13.59 -37.26
N LYS C 378 59.07 12.47 -36.55
CA LYS C 378 58.57 11.20 -37.02
C LYS C 378 57.07 11.05 -36.80
N ASN C 379 56.48 11.86 -35.92
CA ASN C 379 55.05 11.79 -35.63
C ASN C 379 54.22 12.54 -36.66
N VAL C 380 54.81 13.46 -37.40
CA VAL C 380 54.08 14.19 -38.44
C VAL C 380 53.90 13.27 -39.62
N LYS C 381 52.71 12.68 -39.75
CA LYS C 381 52.41 11.76 -40.83
C LYS C 381 51.65 12.46 -41.95
N VAL C 382 50.65 13.27 -41.59
CA VAL C 382 49.91 14.10 -42.54
C VAL C 382 49.98 15.54 -42.04
N LEU C 383 50.35 16.44 -42.93
CA LEU C 383 50.40 17.86 -42.60
C LEU C 383 49.33 18.61 -43.39
N THR C 384 48.48 19.37 -42.69
CA THR C 384 47.31 19.98 -43.29
C THR C 384 47.27 21.48 -42.99
N ILE C 385 47.05 22.28 -44.03
CA ILE C 385 46.89 23.72 -43.92
C ILE C 385 45.56 24.08 -44.58
N ALA C 386 44.72 24.82 -43.87
CA ALA C 386 43.42 25.22 -44.37
C ALA C 386 43.14 26.67 -44.01
N LEU C 387 42.74 27.46 -45.00
CA LEU C 387 42.44 28.87 -44.80
C LEU C 387 41.70 29.39 -46.02
N ASP C 388 41.28 30.64 -45.96
CA ASP C 388 40.46 31.25 -47.00
C ASP C 388 41.30 31.51 -48.25
N GLY C 389 40.75 31.18 -49.41
CA GLY C 389 41.48 31.31 -50.66
C GLY C 389 41.55 32.71 -51.22
N GLU C 390 40.74 33.63 -50.71
CA GLU C 390 40.65 34.98 -51.27
C GLU C 390 41.02 36.09 -50.31
N ASN C 391 40.96 35.86 -49.00
CA ASN C 391 41.08 36.96 -48.06
C ASN C 391 42.52 37.30 -47.71
N TRP C 392 43.40 36.29 -47.65
CA TRP C 392 44.81 36.53 -47.40
C TRP C 392 45.46 37.33 -48.53
N MET C 393 44.88 37.26 -49.72
CA MET C 393 45.47 37.82 -50.93
C MET C 393 44.95 39.21 -51.26
N SER C 394 43.68 39.50 -51.00
CA SER C 394 43.08 40.77 -51.38
C SER C 394 42.88 41.75 -50.24
N PHE C 395 43.27 41.41 -49.01
CA PHE C 395 43.16 42.32 -47.88
C PHE C 395 44.51 42.61 -47.24
N SER C 396 45.61 42.27 -47.92
CA SER C 396 46.92 42.65 -47.44
C SER C 396 47.21 44.12 -47.75
N VAL C 397 48.30 44.62 -47.19
CA VAL C 397 48.67 46.02 -47.42
C VAL C 397 48.95 46.26 -48.91
N ASN C 398 49.70 45.35 -49.54
CA ASN C 398 50.00 45.43 -50.96
C ASN C 398 49.56 44.11 -51.60
N PRO C 399 48.31 44.05 -52.06
CA PRO C 399 47.78 42.78 -52.62
C PRO C 399 48.61 42.23 -53.76
N PRO C 400 49.13 43.05 -54.69
CA PRO C 400 49.86 42.45 -55.82
C PRO C 400 51.08 41.62 -55.42
N LEU C 401 51.77 42.00 -54.34
CA LEU C 401 52.95 41.24 -53.92
C LEU C 401 52.56 39.86 -53.39
N THR C 402 51.33 39.71 -52.91
CA THR C 402 50.85 38.42 -52.44
C THR C 402 50.70 37.44 -53.60
N ALA C 403 50.61 37.93 -54.84
CA ALA C 403 50.63 37.05 -56.00
C ALA C 403 52.04 36.53 -56.28
N TYR C 404 53.04 37.38 -56.12
CA TYR C 404 54.43 36.94 -56.23
C TYR C 404 54.75 35.91 -55.16
N PHE C 405 54.28 36.15 -53.94
CA PHE C 405 54.49 35.23 -52.83
C PHE C 405 53.94 33.85 -53.15
N LEU C 406 52.73 33.80 -53.73
CA LEU C 406 52.13 32.50 -54.03
C LEU C 406 52.94 31.72 -55.05
N ASP C 407 53.42 32.39 -56.09
CA ASP C 407 54.19 31.69 -57.12
C ASP C 407 55.50 31.16 -56.55
N LYS C 408 56.20 31.99 -55.75
CA LYS C 408 57.43 31.53 -55.13
C LYS C 408 57.16 30.36 -54.18
N MET C 409 56.07 30.44 -53.42
CA MET C 409 55.69 29.34 -52.55
C MET C 409 55.46 28.05 -53.33
N ILE C 410 54.73 28.14 -54.45
CA ILE C 410 54.39 26.94 -55.20
C ILE C 410 55.64 26.34 -55.82
N ILE C 411 56.57 27.17 -56.32
CA ILE C 411 57.78 26.61 -56.91
C ILE C 411 58.65 25.98 -55.84
N TYR C 412 58.64 26.53 -54.61
CA TYR C 412 59.41 25.91 -53.54
C TYR C 412 58.86 24.54 -53.17
N LEU C 413 57.54 24.39 -53.08
CA LEU C 413 56.97 23.12 -52.64
C LEU C 413 57.25 21.98 -53.62
N GLU C 414 57.27 22.27 -54.92
CA GLU C 414 57.58 21.23 -55.90
C GLU C 414 59.03 20.76 -55.79
N THR C 415 59.91 21.56 -55.18
CA THR C 415 61.28 21.12 -54.93
C THR C 415 61.37 20.16 -53.74
N LEU C 416 60.53 20.33 -52.72
CA LEU C 416 60.49 19.41 -51.60
C LEU C 416 59.80 18.09 -51.94
N SER C 417 59.11 18.02 -53.07
CA SER C 417 58.41 16.80 -53.46
C SER C 417 59.17 15.96 -54.48
N ASP C 418 60.15 16.54 -55.17
CA ASP C 418 61.02 15.76 -56.03
C ASP C 418 62.26 15.25 -55.31
N ASN C 419 62.66 15.90 -54.22
CA ASN C 419 63.65 15.36 -53.30
C ASN C 419 63.07 14.26 -52.42
N LYS C 420 61.76 14.03 -52.49
CA LYS C 420 61.07 12.91 -51.83
C LYS C 420 60.93 13.14 -50.32
N PHE C 421 61.10 14.38 -49.89
CA PHE C 421 60.81 14.72 -48.50
C PHE C 421 59.32 14.61 -48.20
N ILE C 422 58.49 15.23 -49.02
CA ILE C 422 57.04 15.21 -48.84
C ILE C 422 56.41 14.57 -50.07
N LYS C 423 55.08 14.36 -50.00
CA LYS C 423 54.30 13.89 -51.13
C LYS C 423 53.13 14.87 -51.31
N LEU C 424 53.30 15.81 -52.23
CA LEU C 424 52.29 16.82 -52.51
C LEU C 424 51.09 16.20 -53.21
N SER C 425 49.96 16.08 -52.51
CA SER C 425 48.77 15.44 -53.04
C SER C 425 47.54 16.16 -52.51
N THR C 426 46.36 15.64 -52.86
CA THR C 426 45.10 16.21 -52.42
C THR C 426 44.44 15.31 -51.39
N LEU C 427 43.41 15.84 -50.73
CA LEU C 427 42.84 15.20 -49.56
C LEU C 427 42.12 13.90 -49.90
N ARG C 428 41.64 13.74 -51.14
CA ARG C 428 40.95 12.49 -51.49
C ARG C 428 41.97 11.36 -51.59
N GLU C 429 43.15 11.63 -52.16
CA GLU C 429 44.20 10.63 -52.19
C GLU C 429 44.61 10.23 -50.77
N ILE C 430 44.77 11.22 -49.89
CA ILE C 430 45.10 10.92 -48.50
C ILE C 430 44.01 10.12 -47.78
N TYR C 431 42.75 10.32 -48.16
CA TYR C 431 41.67 9.57 -47.53
C TYR C 431 41.78 8.07 -47.81
N ASN C 432 42.21 7.71 -49.02
CA ASN C 432 42.28 6.30 -49.38
C ASN C 432 43.63 5.67 -49.05
N LYS C 433 44.69 6.48 -48.97
CA LYS C 433 46.02 5.91 -48.74
C LYS C 433 46.36 5.85 -47.26
N VAL C 434 45.71 6.69 -46.45
CA VAL C 434 45.97 6.72 -45.01
C VAL C 434 44.66 6.52 -44.27
N PRO C 435 44.23 5.28 -44.04
CA PRO C 435 43.00 5.06 -43.26
C PRO C 435 43.16 5.54 -41.83
N ALA C 436 42.05 5.97 -41.24
CA ALA C 436 42.04 6.45 -39.87
C ALA C 436 41.92 5.27 -38.91
N ASN C 437 42.96 5.07 -38.10
CA ASN C 437 43.01 3.93 -37.19
C ASN C 437 42.64 4.27 -35.76
N ARG C 438 42.96 5.47 -35.29
CA ARG C 438 42.50 5.89 -33.97
C ARG C 438 41.03 6.28 -34.02
N ILE C 439 40.40 6.32 -32.85
CA ILE C 439 38.98 6.62 -32.73
C ILE C 439 38.80 7.74 -31.73
N LEU C 440 38.13 8.81 -32.13
CA LEU C 440 37.70 9.85 -31.22
C LEU C 440 36.24 9.67 -30.88
N THR C 441 35.89 9.94 -29.63
CA THR C 441 34.53 9.77 -29.16
C THR C 441 33.77 11.05 -28.92
N ASN C 442 34.46 12.19 -28.80
CA ASN C 442 33.77 13.46 -28.60
C ASN C 442 34.67 14.60 -29.05
N ILE C 443 34.08 15.58 -29.70
CA ILE C 443 34.74 16.83 -30.07
C ILE C 443 33.81 17.96 -29.68
N PRO C 444 34.25 18.91 -28.86
CA PRO C 444 33.33 19.96 -28.39
C PRO C 444 32.88 20.86 -29.53
N THR C 445 31.73 21.52 -29.31
CA THR C 445 31.22 22.45 -30.30
C THR C 445 32.00 23.75 -30.26
N ASN C 446 32.61 24.11 -31.39
CA ASN C 446 33.48 25.27 -31.45
C ASN C 446 33.83 25.53 -32.91
N SER C 447 34.25 26.76 -33.19
CA SER C 447 34.77 27.20 -34.48
C SER C 447 36.28 27.42 -34.36
N TRP C 448 36.95 27.80 -35.45
CA TRP C 448 38.38 28.07 -35.32
C TRP C 448 38.64 29.39 -34.60
N LEU C 449 37.60 30.18 -34.35
CA LEU C 449 37.76 31.40 -33.58
C LEU C 449 37.76 31.13 -32.08
N GLY C 450 37.48 29.90 -31.66
CA GLY C 450 37.52 29.58 -30.26
C GLY C 450 36.30 30.01 -29.48
N THR C 451 35.31 30.57 -30.16
CA THR C 451 34.09 31.07 -29.52
C THR C 451 33.06 31.29 -30.61
N PHE C 452 31.82 31.51 -30.19
CA PHE C 452 30.74 31.83 -31.11
C PHE C 452 30.27 33.27 -30.97
N ARG C 453 30.96 34.08 -30.16
CA ARG C 453 30.55 35.46 -29.93
C ARG C 453 30.73 36.35 -31.15
N LYS C 454 31.43 35.90 -32.18
CA LYS C 454 31.56 36.70 -33.40
C LYS C 454 30.24 36.84 -34.13
N TRP C 455 29.37 35.83 -34.06
CA TRP C 455 28.06 35.88 -34.71
C TRP C 455 26.91 36.09 -33.75
N ARG C 456 27.15 35.97 -32.44
CA ARG C 456 26.11 36.17 -31.43
C ARG C 456 26.74 36.73 -30.16
N GLY C 457 26.71 38.06 -30.04
CA GLY C 457 27.15 38.68 -28.80
C GLY C 457 28.03 39.91 -28.95
N GLU C 458 28.85 39.95 -30.00
CA GLU C 458 29.76 41.08 -30.17
C GLU C 458 29.07 42.32 -30.71
N VAL C 459 27.88 42.17 -31.29
CA VAL C 459 27.07 43.31 -31.69
C VAL C 459 25.87 43.35 -30.73
N PRO C 460 25.61 44.47 -30.06
CA PRO C 460 24.45 44.53 -29.16
C PRO C 460 23.12 44.31 -29.87
N GLN C 461 23.11 44.39 -31.19
CA GLN C 461 21.90 44.20 -32.00
C GLN C 461 21.89 42.79 -32.62
N HIS C 462 22.44 41.82 -31.90
CA HIS C 462 22.40 40.41 -32.30
C HIS C 462 21.27 39.62 -31.68
N GLU C 463 21.03 39.73 -30.37
CA GLU C 463 19.98 38.92 -29.76
C GLU C 463 18.60 39.33 -30.26
N GLU C 464 18.40 40.63 -30.50
CA GLU C 464 17.14 41.09 -31.06
C GLU C 464 16.84 40.43 -32.39
N TYR C 465 17.83 40.28 -33.26
CA TYR C 465 17.62 39.66 -34.55
C TYR C 465 17.62 38.13 -34.48
N TRP C 466 18.33 37.55 -33.52
CA TRP C 466 18.30 36.11 -33.36
C TRP C 466 16.94 35.63 -32.88
N ILE C 467 16.33 36.35 -31.94
CA ILE C 467 14.99 35.99 -31.51
C ILE C 467 14.00 36.16 -32.66
N LYS C 468 14.22 37.16 -33.51
CA LYS C 468 13.34 37.40 -34.64
C LYS C 468 13.41 36.26 -35.65
N THR C 469 14.62 35.88 -36.06
CA THR C 469 14.74 34.76 -37.00
C THR C 469 14.29 33.44 -36.39
N TYR C 470 14.48 33.24 -35.08
CA TYR C 470 13.98 32.05 -34.41
C TYR C 470 12.47 31.99 -34.39
N SER C 471 11.81 33.14 -34.18
CA SER C 471 10.36 33.19 -34.29
C SER C 471 9.88 32.87 -35.70
N VAL C 472 10.57 33.41 -36.71
CA VAL C 472 10.21 33.10 -38.09
C VAL C 472 10.34 31.61 -38.37
N TYR C 473 11.40 30.97 -37.87
CA TYR C 473 11.57 29.54 -38.09
C TYR C 473 10.53 28.70 -37.34
N ARG C 474 10.19 29.12 -36.12
CA ARG C 474 9.18 28.40 -35.31
C ARG C 474 7.84 28.46 -36.05
N LYS C 475 7.54 29.62 -36.65
CA LYS C 475 6.29 29.79 -37.43
C LYS C 475 6.34 28.79 -38.60
N LEU C 476 7.50 28.65 -39.23
CA LEU C 476 7.66 27.71 -40.37
C LEU C 476 7.32 26.29 -39.89
N LEU C 477 7.78 25.92 -38.70
CA LEU C 477 7.48 24.61 -38.15
C LEU C 477 6.01 24.45 -37.77
N ALA C 478 5.40 25.48 -37.19
CA ALA C 478 3.97 25.44 -36.89
C ALA C 478 3.15 25.22 -38.14
N TYR C 479 3.43 26.00 -39.20
CA TYR C 479 2.67 25.84 -40.44
C TYR C 479 2.88 24.46 -41.05
N GLU C 480 4.11 23.95 -41.03
CA GLU C 480 4.37 22.63 -41.56
C GLU C 480 3.70 21.52 -40.76
N GLU C 481 3.47 21.73 -39.46
CA GLU C 481 2.68 20.77 -38.71
C GLU C 481 1.20 20.87 -39.03
N MET C 482 0.71 22.09 -39.29
CA MET C 482 -0.70 22.26 -39.66
C MET C 482 -1.05 21.45 -40.90
N ILE C 483 -0.26 21.60 -41.97
CA ILE C 483 -0.57 20.91 -43.23
C ILE C 483 -0.08 19.48 -43.25
N GLY C 484 0.62 19.03 -42.22
CA GLY C 484 1.08 17.65 -42.17
C GLY C 484 2.11 17.31 -43.23
N GLY C 485 3.09 18.18 -43.44
CA GLY C 485 4.13 17.90 -44.40
C GLY C 485 4.67 19.20 -44.99
N ARG C 486 5.32 19.05 -46.14
CA ARG C 486 5.84 20.18 -46.89
C ARG C 486 5.00 20.42 -48.13
N ASP C 487 5.14 21.63 -48.69
CA ASP C 487 4.46 22.00 -49.92
C ASP C 487 5.24 23.14 -50.57
N GLU C 488 4.61 23.78 -51.55
CA GLU C 488 5.27 24.87 -52.28
C GLU C 488 5.58 26.04 -51.37
N PHE C 489 4.66 26.39 -50.48
CA PHE C 489 4.84 27.57 -49.65
C PHE C 489 5.86 27.34 -48.55
N SER C 490 5.82 26.19 -47.89
CA SER C 490 6.84 25.87 -46.90
C SER C 490 8.23 25.78 -47.52
N ASN C 491 8.36 25.20 -48.70
CA ASN C 491 9.64 25.18 -49.41
C ASN C 491 10.12 26.57 -49.80
N GLU C 492 9.21 27.42 -50.28
CA GLU C 492 9.59 28.78 -50.66
C GLU C 492 9.90 29.66 -49.46
N ALA C 493 9.42 29.29 -48.27
CA ALA C 493 9.81 30.00 -47.06
C ALA C 493 11.12 29.46 -46.48
N ARG C 494 11.35 28.15 -46.62
CA ARG C 494 12.62 27.56 -46.24
C ARG C 494 13.75 28.14 -47.08
N TRP C 495 13.51 28.30 -48.38
CA TRP C 495 14.51 28.91 -49.26
C TRP C 495 14.89 30.30 -48.79
N ALA C 496 13.92 31.13 -48.40
CA ALA C 496 14.20 32.48 -47.94
C ALA C 496 14.80 32.51 -46.55
N LEU C 497 14.55 31.49 -45.73
CA LEU C 497 15.18 31.40 -44.43
C LEU C 497 16.66 31.04 -44.51
N TRP C 498 17.09 30.35 -45.56
CA TRP C 498 18.50 30.02 -45.73
C TRP C 498 19.36 31.27 -45.89
N HIS C 499 18.92 32.23 -46.71
CA HIS C 499 19.73 33.40 -46.99
C HIS C 499 19.77 34.37 -45.83
N ALA C 500 18.79 34.31 -44.94
CA ALA C 500 18.81 35.15 -43.75
C ALA C 500 19.79 34.64 -42.70
N LEU C 501 20.10 33.35 -42.70
CA LEU C 501 20.96 32.74 -41.70
C LEU C 501 22.41 32.63 -42.17
N ASP C 502 22.74 33.14 -43.35
CA ASP C 502 24.11 33.10 -43.83
C ASP C 502 25.02 33.87 -42.88
N SER C 503 26.00 33.18 -42.31
CA SER C 503 26.82 33.76 -41.25
C SER C 503 27.64 34.95 -41.72
N ASP C 504 27.80 35.14 -43.02
CA ASP C 504 28.51 36.29 -43.55
C ASP C 504 27.82 37.62 -43.24
N TYR C 505 26.49 37.61 -43.12
CA TYR C 505 25.75 38.82 -42.73
C TYR C 505 25.71 39.02 -41.23
N TRP C 506 26.04 38.00 -40.44
CA TRP C 506 26.04 38.10 -38.99
C TRP C 506 27.41 38.40 -38.41
N TRP C 507 28.45 38.38 -39.24
CA TRP C 507 29.81 38.65 -38.77
C TRP C 507 29.86 40.02 -38.13
N ALA C 508 30.42 40.08 -36.92
CA ALA C 508 30.29 41.27 -36.09
C ALA C 508 30.99 42.48 -36.71
N GLU C 509 31.80 42.27 -37.74
CA GLU C 509 32.49 43.38 -38.37
C GLU C 509 31.80 43.76 -39.69
N PHE C 510 31.15 42.79 -40.32
CA PHE C 510 30.36 43.01 -41.53
C PHE C 510 28.87 42.90 -41.26
N TRP C 511 28.44 43.30 -40.07
CA TRP C 511 27.04 43.20 -39.67
C TRP C 511 26.15 43.96 -40.64
N LEU C 512 25.27 43.22 -41.31
CA LEU C 512 24.48 43.73 -42.44
C LEU C 512 23.02 43.39 -42.21
N PRO C 513 22.37 44.05 -41.24
CA PRO C 513 21.00 43.65 -40.87
C PRO C 513 19.96 43.91 -41.95
N LYS C 514 20.19 44.84 -42.87
CA LYS C 514 19.15 45.18 -43.84
C LYS C 514 19.01 44.14 -44.95
N ILE C 515 19.91 43.16 -45.02
CA ILE C 515 19.72 42.01 -45.89
C ILE C 515 19.16 40.82 -45.13
N ILE C 516 19.44 40.71 -43.83
CA ILE C 516 18.77 39.72 -43.01
C ILE C 516 17.27 40.02 -42.95
N ASP C 517 16.91 41.30 -42.76
CA ASP C 517 15.52 41.69 -42.73
C ASP C 517 14.85 41.48 -44.08
N THR C 518 15.56 41.81 -45.17
CA THR C 518 14.99 41.66 -46.51
C THR C 518 14.63 40.22 -46.82
N TRP C 519 15.31 39.27 -46.18
CA TRP C 519 15.03 37.86 -46.40
C TRP C 519 14.11 37.25 -45.36
N LEU C 520 14.09 37.79 -44.14
CA LEU C 520 13.09 37.36 -43.17
C LEU C 520 11.70 37.82 -43.57
N SER C 521 11.59 39.00 -44.19
CA SER C 521 10.28 39.48 -44.62
C SER C 521 9.70 38.61 -45.72
N VAL C 522 10.55 38.12 -46.64
CA VAL C 522 10.06 37.25 -47.70
C VAL C 522 9.51 35.95 -47.10
N ALA C 523 10.18 35.40 -46.09
CA ALA C 523 9.69 34.21 -45.41
C ALA C 523 8.51 34.50 -44.49
N GLU C 524 8.45 35.68 -43.88
CA GLU C 524 7.38 36.05 -42.98
C GLU C 524 6.07 36.31 -43.70
N ASN C 525 6.11 36.78 -44.95
CA ASN C 525 4.91 37.06 -45.71
C ASN C 525 4.35 35.85 -46.43
N ILE C 526 5.18 34.86 -46.76
CA ILE C 526 4.66 33.59 -47.26
C ILE C 526 3.89 32.85 -46.18
N LEU C 527 4.34 32.94 -44.92
CA LEU C 527 3.73 32.24 -43.80
C LEU C 527 2.53 32.96 -43.20
N ASN C 528 2.57 34.30 -43.14
CA ASN C 528 1.43 35.05 -42.65
C ASN C 528 0.20 34.91 -43.52
N ASN C 529 0.37 34.89 -44.84
CA ASN C 529 -0.75 34.84 -45.77
C ASN C 529 -1.35 33.44 -45.82
N ARG C 530 -0.70 32.46 -45.22
CA ARG C 530 -1.22 31.09 -45.18
C ARG C 530 -1.74 30.69 -43.82
N ILE C 531 -1.27 31.33 -42.74
CA ILE C 531 -1.73 31.04 -41.39
C ILE C 531 -2.92 31.90 -40.98
N ASN C 532 -3.14 33.04 -41.65
CA ASN C 532 -4.29 33.87 -41.35
C ASN C 532 -5.57 33.37 -42.00
N LYS C 533 -5.49 32.34 -42.84
CA LYS C 533 -6.67 31.70 -43.40
C LYS C 533 -7.31 30.71 -42.45
N ILE C 534 -6.83 30.62 -41.21
CA ILE C 534 -7.40 29.76 -40.19
C ILE C 534 -7.90 30.65 -39.07
N GLN C 535 -9.20 30.90 -39.04
CA GLN C 535 -9.82 31.76 -38.04
C GLN C 535 -10.81 30.94 -37.21
N ILE C 536 -11.09 31.44 -36.01
CA ILE C 536 -12.15 30.95 -35.16
C ILE C 536 -13.33 31.88 -35.38
N ILE C 537 -14.38 31.40 -36.05
CA ILE C 537 -15.39 32.32 -36.54
C ILE C 537 -16.47 32.57 -35.49
N ASP C 538 -16.88 31.54 -34.75
CA ASP C 538 -17.86 31.75 -33.69
C ASP C 538 -17.73 30.69 -32.62
N VAL C 539 -17.99 31.11 -31.38
CA VAL C 539 -17.96 30.24 -30.19
C VAL C 539 -19.19 30.62 -29.37
N ARG C 540 -20.08 29.66 -29.14
CA ARG C 540 -21.25 29.98 -28.32
C ARG C 540 -21.46 28.92 -27.25
N PRO C 541 -21.98 29.29 -26.08
CA PRO C 541 -22.30 28.28 -25.06
C PRO C 541 -23.42 27.37 -25.53
N ALA C 542 -23.37 26.12 -25.10
CA ALA C 542 -24.38 25.15 -25.51
C ALA C 542 -25.57 25.17 -24.55
N SER C 543 -25.41 25.92 -23.45
CA SER C 543 -26.43 25.99 -22.42
C SER C 543 -26.13 27.12 -21.44
N GLU C 544 -26.95 27.26 -20.40
CA GLU C 544 -26.74 28.24 -19.35
C GLU C 544 -25.62 27.76 -18.44
N PHE C 545 -24.84 28.72 -17.95
CA PHE C 545 -23.70 28.44 -17.09
C PHE C 545 -24.10 28.66 -15.63
N TYR C 546 -23.81 27.67 -14.79
CA TYR C 546 -24.05 27.75 -13.36
C TYR C 546 -22.74 27.56 -12.62
N GLU C 547 -22.62 28.23 -11.48
CA GLU C 547 -21.38 28.20 -10.71
C GLU C 547 -21.04 26.78 -10.30
N ASP C 548 -19.79 26.39 -10.57
CA ASP C 548 -19.27 25.06 -10.24
C ASP C 548 -20.16 23.96 -10.78
N GLU C 549 -20.23 23.88 -12.11
CA GLU C 549 -21.04 22.86 -12.77
C GLU C 549 -20.52 22.68 -14.18
N LYS C 550 -20.40 21.43 -14.63
CA LYS C 550 -19.93 21.14 -15.98
C LYS C 550 -20.91 21.66 -17.01
N ALA C 551 -20.42 22.57 -17.86
CA ALA C 551 -21.23 23.15 -18.92
C ALA C 551 -20.63 22.82 -20.28
N GLY C 552 -21.19 23.40 -21.34
CA GLY C 552 -20.69 23.16 -22.66
C GLY C 552 -20.41 24.42 -23.43
N LEU C 553 -19.69 24.31 -24.54
CA LEU C 553 -19.27 25.46 -25.32
C LEU C 553 -18.84 24.97 -26.71
N VAL C 554 -19.56 25.40 -27.74
CA VAL C 554 -19.28 24.96 -29.11
C VAL C 554 -18.23 25.91 -29.65
N VAL C 555 -17.24 25.36 -30.35
CA VAL C 555 -16.15 26.18 -30.96
C VAL C 555 -16.16 25.85 -32.46
N THR C 556 -16.22 26.87 -33.31
CA THR C 556 -16.21 26.63 -34.78
C THR C 556 -14.91 27.17 -35.36
N ILE C 557 -14.17 26.31 -36.08
CA ILE C 557 -12.87 26.73 -36.70
C ILE C 557 -13.05 26.66 -38.23
N ARG C 558 -12.80 27.78 -38.91
CA ARG C 558 -12.93 27.83 -40.35
C ARG C 558 -11.58 27.60 -41.02
N ASN C 559 -11.58 26.82 -42.10
CA ASN C 559 -10.40 26.55 -42.90
C ASN C 559 -10.62 27.08 -44.30
N GLN C 560 -9.91 28.14 -44.66
CA GLN C 560 -10.02 28.74 -45.98
C GLN C 560 -8.93 28.27 -46.94
N LEU C 561 -8.07 27.36 -46.52
CA LEU C 561 -7.04 26.79 -47.39
C LEU C 561 -7.63 25.72 -48.29
N GLU C 562 -6.78 25.17 -49.15
CA GLU C 562 -7.16 24.13 -50.10
C GLU C 562 -6.67 22.75 -49.65
N LYS C 563 -6.14 22.64 -48.43
CA LYS C 563 -5.68 21.36 -47.93
C LYS C 563 -6.35 21.07 -46.60
N GLU C 564 -6.21 19.83 -46.14
CA GLU C 564 -6.78 19.40 -44.88
C GLU C 564 -5.75 19.76 -43.81
N ILE C 565 -6.08 20.75 -42.98
CA ILE C 565 -5.12 21.19 -41.92
C ILE C 565 -5.67 20.80 -40.54
N ARG C 566 -4.79 20.28 -39.68
CA ARG C 566 -5.18 19.84 -38.31
C ARG C 566 -4.59 20.90 -37.37
N VAL C 567 -5.44 21.48 -36.51
CA VAL C 567 -4.98 22.54 -35.57
C VAL C 567 -5.62 22.29 -34.20
N SER C 568 -5.01 22.84 -33.14
CA SER C 568 -5.55 22.66 -31.80
C SER C 568 -5.90 24.03 -31.25
N PHE C 569 -6.67 24.04 -30.17
CA PHE C 569 -7.00 25.30 -29.52
C PHE C 569 -7.07 25.08 -28.01
N ALA C 570 -6.71 26.13 -27.27
CA ALA C 570 -6.77 26.12 -25.82
C ALA C 570 -7.70 27.22 -25.35
N ILE C 571 -8.41 26.97 -24.26
CA ILE C 571 -9.35 27.94 -23.72
C ILE C 571 -8.65 28.75 -22.63
N GLY C 572 -9.26 29.87 -22.24
CA GLY C 572 -8.71 30.70 -21.19
C GLY C 572 -9.79 31.54 -20.58
N GLY C 573 -9.51 32.02 -19.39
CA GLY C 573 -10.49 32.79 -18.64
C GLY C 573 -10.15 32.79 -17.16
N THR C 574 -10.71 33.78 -16.49
CA THR C 574 -10.36 34.02 -15.08
C THR C 574 -10.80 32.87 -14.18
N GLY C 575 -11.99 32.33 -14.40
CA GLY C 575 -12.47 31.24 -13.58
C GLY C 575 -12.71 29.96 -14.37
N PHE C 576 -12.86 30.10 -15.68
CA PHE C 576 -13.16 28.96 -16.52
C PHE C 576 -12.00 27.97 -16.54
N SER C 577 -12.33 26.68 -16.40
CA SER C 577 -11.35 25.62 -16.37
C SER C 577 -11.91 24.44 -17.16
N SER C 578 -11.29 24.14 -18.29
CA SER C 578 -11.65 22.94 -19.04
C SER C 578 -11.51 21.71 -18.15
N VAL C 579 -12.52 20.84 -18.18
CA VAL C 579 -12.57 19.72 -17.24
C VAL C 579 -11.40 18.77 -17.50
N ASN C 580 -11.32 18.22 -18.70
CA ASN C 580 -10.13 17.48 -19.09
C ASN C 580 -9.84 17.60 -20.58
N ASN C 581 -9.09 18.62 -20.96
CA ASN C 581 -8.55 18.75 -22.31
C ASN C 581 -7.37 19.72 -22.32
N ASP C 582 -6.16 19.19 -22.35
CA ASP C 582 -4.98 20.07 -22.40
C ASP C 582 -4.89 20.77 -23.76
N LEU C 583 -5.07 20.00 -24.84
CA LEU C 583 -5.07 20.54 -26.20
C LEU C 583 -5.97 19.67 -27.05
N GLU C 584 -7.08 20.23 -27.51
CA GLU C 584 -8.03 19.49 -28.34
C GLU C 584 -7.71 19.77 -29.81
N THR C 585 -7.32 18.73 -30.53
CA THR C 585 -6.93 18.87 -31.93
C THR C 585 -8.12 18.52 -32.83
N VAL C 586 -8.39 19.38 -33.81
CA VAL C 586 -9.42 19.11 -34.79
C VAL C 586 -8.73 18.74 -36.09
N LYS C 587 -9.49 18.27 -37.07
CA LYS C 587 -8.91 17.92 -38.36
C LYS C 587 -9.92 18.24 -39.45
N MET C 588 -9.79 19.41 -40.07
CA MET C 588 -10.83 19.93 -40.94
C MET C 588 -10.36 20.02 -42.38
N ASN C 589 -11.15 19.45 -43.28
CA ASN C 589 -10.83 19.33 -44.70
C ASN C 589 -11.00 20.67 -45.39
N PRO C 590 -10.45 20.82 -46.61
CA PRO C 590 -10.35 22.15 -47.22
C PRO C 590 -11.70 22.83 -47.41
N ASN C 591 -11.68 24.16 -47.24
CA ASN C 591 -12.82 25.03 -47.49
C ASN C 591 -14.05 24.58 -46.74
N SER C 592 -13.94 24.44 -45.42
CA SER C 592 -15.06 24.05 -44.58
C SER C 592 -14.73 24.42 -43.14
N SER C 593 -15.77 24.54 -42.33
CA SER C 593 -15.64 24.77 -40.90
C SER C 593 -15.61 23.43 -40.17
N TYR C 594 -15.48 23.50 -38.85
CA TYR C 594 -15.53 22.31 -38.02
C TYR C 594 -15.87 22.75 -36.60
N THR C 595 -16.92 22.14 -36.03
CA THR C 595 -17.42 22.51 -34.71
C THR C 595 -17.25 21.34 -33.76
N ARG C 596 -16.92 21.64 -32.51
CA ARG C 596 -17.02 20.68 -31.42
C ARG C 596 -17.35 21.38 -30.11
N ILE C 597 -17.94 20.63 -29.20
CA ILE C 597 -18.30 21.11 -27.87
C ILE C 597 -17.22 20.66 -26.89
N ILE C 598 -16.92 21.50 -25.90
CA ILE C 598 -15.89 21.22 -24.91
C ILE C 598 -16.51 21.38 -23.52
N PRO C 599 -16.15 20.52 -22.56
CA PRO C 599 -16.68 20.68 -21.19
C PRO C 599 -15.81 21.63 -20.39
N VAL C 600 -16.42 22.68 -19.85
CA VAL C 600 -15.72 23.65 -19.03
C VAL C 600 -16.49 23.81 -17.72
N LYS C 601 -15.83 24.40 -16.73
CA LYS C 601 -16.41 24.57 -15.41
C LYS C 601 -16.07 25.96 -14.89
N ALA C 602 -17.07 26.65 -14.34
CA ALA C 602 -16.87 28.00 -13.83
C ALA C 602 -16.70 27.98 -12.31
N LYS C 603 -16.12 29.04 -11.79
CA LYS C 603 -15.81 29.13 -10.37
C LYS C 603 -16.49 30.30 -9.69
N PHE C 604 -16.55 31.46 -10.33
CA PHE C 604 -17.21 32.63 -9.78
C PHE C 604 -18.52 32.87 -10.52
N ILE C 605 -19.29 33.85 -10.05
CA ILE C 605 -20.54 34.24 -10.69
C ILE C 605 -20.41 35.67 -11.17
N GLY C 606 -21.04 35.97 -12.30
CA GLY C 606 -21.07 37.32 -12.79
C GLY C 606 -20.60 37.40 -14.22
N LYS C 607 -19.99 38.53 -14.53
CA LYS C 607 -19.61 38.91 -15.88
C LYS C 607 -18.23 38.33 -16.20
N HIS C 608 -18.20 37.25 -16.99
CA HIS C 608 -16.97 36.55 -17.28
C HIS C 608 -16.43 36.91 -18.66
N LYS C 609 -15.11 36.88 -18.78
CA LYS C 609 -14.41 37.03 -20.05
C LYS C 609 -13.71 35.70 -20.32
N MET C 610 -13.98 35.10 -21.47
CA MET C 610 -13.38 33.82 -21.82
C MET C 610 -12.62 33.93 -23.14
N VAL C 611 -11.40 33.41 -23.13
CA VAL C 611 -10.49 33.49 -24.28
C VAL C 611 -10.32 32.10 -24.87
N VAL C 612 -10.49 31.98 -26.18
CA VAL C 612 -10.21 30.76 -26.92
C VAL C 612 -9.17 31.09 -27.98
N SER C 613 -8.08 30.33 -27.99
CA SER C 613 -6.96 30.60 -28.88
C SER C 613 -6.52 29.32 -29.58
N ALA C 614 -6.29 29.42 -30.88
CA ALA C 614 -5.83 28.30 -31.69
C ALA C 614 -4.31 28.21 -31.61
N ILE C 615 -3.79 26.99 -31.42
CA ILE C 615 -2.40 26.76 -31.12
C ILE C 615 -1.87 25.61 -31.98
N SER C 616 -0.71 25.83 -32.59
CA SER C 616 -0.02 24.80 -33.37
C SER C 616 1.47 24.90 -33.09
N LYS C 617 2.07 23.79 -32.65
CA LYS C 617 3.49 23.72 -32.31
C LYS C 617 3.87 24.82 -31.31
N GLY C 618 3.07 24.94 -30.25
CA GLY C 618 3.32 25.93 -29.23
C GLY C 618 3.14 27.36 -29.66
N LEU C 619 2.58 27.59 -30.85
CA LEU C 619 2.43 28.93 -31.39
C LEU C 619 0.95 29.26 -31.47
N ILE C 620 0.56 30.41 -30.91
CA ILE C 620 -0.82 30.86 -30.97
C ILE C 620 -1.08 31.47 -32.33
N ILE C 621 -1.98 30.83 -33.10
CA ILE C 621 -2.37 31.32 -34.42
C ILE C 621 -3.31 32.50 -34.28
N ASP C 622 -4.46 32.26 -33.66
CA ASP C 622 -5.48 33.28 -33.48
C ASP C 622 -6.20 33.03 -32.17
N SER C 623 -6.75 34.10 -31.60
CA SER C 623 -7.47 34.04 -30.34
C SER C 623 -8.75 34.85 -30.45
N LYS C 624 -9.77 34.41 -29.71
CA LYS C 624 -11.07 35.07 -29.67
C LYS C 624 -11.54 35.19 -28.24
N ILE C 625 -12.25 36.27 -27.95
CA ILE C 625 -12.76 36.55 -26.60
C ILE C 625 -14.27 36.47 -26.65
N ILE C 626 -14.86 35.70 -25.74
CA ILE C 626 -16.30 35.59 -25.64
C ILE C 626 -16.71 35.99 -24.22
N ASP C 627 -17.99 36.33 -24.07
CA ASP C 627 -18.55 36.79 -22.80
C ASP C 627 -19.60 35.79 -22.34
N ILE C 628 -19.50 35.37 -21.08
CA ILE C 628 -20.42 34.42 -20.50
C ILE C 628 -20.88 34.95 -19.14
N ASN C 629 -22.17 34.79 -18.86
CA ASN C 629 -22.73 35.16 -17.57
C ASN C 629 -22.98 33.88 -16.79
N VAL C 630 -22.37 33.77 -15.62
CA VAL C 630 -22.49 32.58 -14.79
C VAL C 630 -23.43 32.88 -13.63
N LYS C 631 -24.41 32.00 -13.41
CA LYS C 631 -25.47 32.23 -12.46
C LYS C 631 -25.28 31.39 -11.20
N PRO C 632 -25.75 31.86 -10.05
CA PRO C 632 -25.58 31.10 -8.82
C PRO C 632 -26.50 29.89 -8.77
N LYS C 633 -25.95 28.77 -8.31
CA LYS C 633 -26.74 27.55 -8.17
C LYS C 633 -27.51 27.59 -6.87
N LEU C 634 -28.83 27.61 -6.97
CA LEU C 634 -29.71 27.66 -5.81
C LEU C 634 -30.08 26.26 -5.36
N LEU C 635 -30.14 26.06 -4.05
CA LEU C 635 -30.47 24.77 -3.47
C LEU C 635 -31.98 24.53 -3.54
N PRO C 636 -32.41 23.27 -3.66
CA PRO C 636 -33.83 22.97 -3.74
C PRO C 636 -34.54 23.06 -2.40
N ASN C 637 -35.85 22.87 -2.45
CA ASN C 637 -36.68 22.92 -1.25
C ASN C 637 -36.33 21.76 -0.31
N PRO C 638 -36.55 21.94 1.00
CA PRO C 638 -36.61 20.76 1.87
C PRO C 638 -37.71 19.83 1.40
N ARG C 639 -37.44 18.53 1.33
CA ARG C 639 -38.43 17.61 0.78
C ARG C 639 -39.60 17.48 1.74
N LEU C 640 -40.71 18.14 1.39
CA LEU C 640 -41.88 18.28 2.26
C LEU C 640 -41.48 18.90 3.60
N ILE D 103 47.74 -72.59 15.06
CA ILE D 103 46.41 -73.07 14.70
C ILE D 103 45.41 -71.93 14.67
N ASP D 104 44.57 -71.89 13.64
CA ASP D 104 43.54 -70.88 13.53
C ASP D 104 42.47 -71.38 12.55
N ASN D 105 41.29 -70.77 12.65
CA ASN D 105 40.13 -71.20 11.85
C ASN D 105 40.28 -70.70 10.42
N THR D 106 41.02 -71.46 9.62
CA THR D 106 41.21 -71.14 8.20
C THR D 106 40.08 -71.75 7.38
N CYS D 107 38.95 -71.05 7.38
CA CYS D 107 37.79 -71.52 6.63
C CYS D 107 37.99 -71.30 5.13
N PHE D 108 37.28 -72.09 4.34
CA PHE D 108 37.26 -71.96 2.89
C PHE D 108 35.82 -72.01 2.39
N LEU D 109 35.62 -71.97 1.08
CA LEU D 109 34.27 -71.82 0.54
C LEU D 109 34.04 -72.86 -0.54
N VAL D 110 32.77 -73.27 -0.68
CA VAL D 110 32.35 -74.18 -1.73
C VAL D 110 31.12 -73.57 -2.40
N GLY D 111 31.10 -73.62 -3.73
CA GLY D 111 29.96 -73.10 -4.46
C GLY D 111 29.94 -73.64 -5.88
N ASP D 112 28.82 -73.40 -6.55
CA ASP D 112 28.63 -73.85 -7.92
C ASP D 112 28.85 -72.70 -8.89
N PRO D 113 29.91 -72.73 -9.69
CA PRO D 113 30.22 -71.60 -10.56
C PRO D 113 29.11 -71.24 -11.53
N SER D 114 28.25 -72.19 -11.90
CA SER D 114 27.19 -71.95 -12.86
C SER D 114 25.93 -71.38 -12.25
N SER D 115 25.87 -71.23 -10.92
CA SER D 115 24.67 -70.75 -10.25
C SER D 115 24.30 -69.35 -10.74
N ARG D 116 25.29 -68.47 -10.85
CA ARG D 116 25.06 -67.08 -11.22
C ARG D 116 26.08 -66.66 -12.27
N GLU D 117 25.78 -65.56 -12.93
CA GLU D 117 26.78 -64.90 -13.77
C GLU D 117 27.93 -64.42 -12.89
N GLN D 118 29.15 -64.76 -13.28
CA GLN D 118 30.31 -64.40 -12.46
C GLN D 118 30.45 -62.88 -12.43
N MET D 119 30.81 -62.35 -11.26
CA MET D 119 30.90 -60.90 -11.13
C MET D 119 32.15 -60.40 -11.82
N TYR D 120 32.02 -59.25 -12.48
CA TYR D 120 33.14 -58.60 -13.13
C TYR D 120 34.01 -57.97 -12.05
N PHE D 121 35.29 -58.30 -12.06
CA PHE D 121 36.19 -57.87 -11.00
C PHE D 121 37.35 -57.10 -11.59
N THR D 122 37.65 -55.94 -11.00
CA THR D 122 38.75 -55.10 -11.46
C THR D 122 39.34 -54.36 -10.27
N ILE D 123 40.57 -53.89 -10.43
CA ILE D 123 41.27 -53.13 -9.41
C ILE D 123 41.97 -51.96 -10.08
N VAL D 124 41.99 -50.81 -9.41
CA VAL D 124 42.62 -49.61 -9.93
C VAL D 124 43.81 -49.28 -9.05
N TRP D 125 45.00 -49.27 -9.64
CA TRP D 125 46.21 -48.81 -8.97
C TRP D 125 46.49 -47.38 -9.41
N HIS D 126 46.70 -46.50 -8.43
CA HIS D 126 46.90 -45.09 -8.67
C HIS D 126 48.38 -44.80 -8.42
N HIS D 127 49.14 -44.73 -9.50
CA HIS D 127 50.58 -44.43 -9.43
C HIS D 127 50.75 -42.94 -9.66
N HIS D 128 51.30 -42.24 -8.68
CA HIS D 128 51.42 -40.80 -8.80
C HIS D 128 52.53 -40.25 -7.92
N GLN D 129 53.28 -39.30 -8.48
CA GLN D 129 54.15 -38.40 -7.74
C GLN D 129 53.93 -36.99 -8.24
N ALA D 130 54.01 -36.03 -7.33
CA ALA D 130 53.76 -34.64 -7.70
C ALA D 130 54.87 -34.14 -8.62
N PRO D 131 54.62 -33.12 -9.44
CA PRO D 131 55.70 -32.58 -10.27
C PRO D 131 56.72 -31.89 -9.40
N ASN D 132 57.85 -32.57 -9.19
CA ASN D 132 58.79 -32.24 -8.14
C ASN D 132 60.05 -31.60 -8.70
N TYR D 133 59.90 -30.87 -9.81
CA TYR D 133 60.99 -30.12 -10.37
C TYR D 133 60.81 -28.65 -10.05
N LEU D 134 61.92 -27.97 -9.78
CA LEU D 134 61.90 -26.54 -9.57
C LEU D 134 61.71 -25.83 -10.90
N PRO D 135 61.36 -24.54 -10.89
CA PRO D 135 61.24 -23.83 -12.18
C PRO D 135 62.51 -23.87 -13.01
N ASP D 136 63.68 -23.94 -12.37
CA ASP D 136 64.93 -24.07 -13.12
C ASP D 136 64.99 -25.41 -13.85
N GLY D 137 64.54 -26.48 -13.20
CA GLY D 137 64.52 -27.79 -13.82
C GLY D 137 65.06 -28.89 -12.93
N ARG D 138 65.77 -28.50 -11.87
CA ARG D 138 66.33 -29.48 -10.95
C ARG D 138 65.23 -30.15 -10.14
N ILE D 139 65.50 -31.36 -9.68
CA ILE D 139 64.52 -32.20 -9.00
C ILE D 139 64.70 -32.04 -7.50
N HIS D 140 63.65 -31.60 -6.82
N HIS D 140 63.65 -31.60 -6.81
CA HIS D 140 63.69 -31.50 -5.35
CA HIS D 140 63.70 -31.51 -5.35
C HIS D 140 62.99 -32.66 -4.67
C HIS D 140 62.99 -32.67 -4.67
N GLY D 141 62.02 -33.31 -5.32
CA GLY D 141 61.40 -34.49 -4.78
C GLY D 141 61.71 -35.71 -5.62
N PRO D 142 62.61 -36.56 -5.12
CA PRO D 142 63.07 -37.71 -5.92
C PRO D 142 62.27 -38.98 -5.74
N TRP D 143 60.95 -38.94 -5.79
CA TRP D 143 60.19 -40.14 -5.48
C TRP D 143 59.71 -40.87 -6.73
N ALA D 144 59.66 -40.17 -7.86
CA ALA D 144 59.44 -40.86 -9.12
C ALA D 144 60.63 -41.74 -9.51
N TYR D 145 61.79 -41.51 -8.90
CA TYR D 145 63.03 -42.17 -9.28
C TYR D 145 63.49 -43.19 -8.24
N ILE D 146 63.57 -42.81 -6.96
CA ILE D 146 63.94 -43.78 -5.94
C ILE D 146 62.92 -44.88 -5.76
N TYR D 147 61.69 -44.69 -6.24
CA TYR D 147 60.75 -45.79 -6.28
C TYR D 147 60.82 -46.56 -7.59
N VAL D 148 61.89 -46.38 -8.36
CA VAL D 148 62.16 -47.21 -9.53
C VAL D 148 63.52 -47.90 -9.43
N TRP D 149 64.50 -47.28 -8.76
CA TRP D 149 65.81 -47.94 -8.68
C TRP D 149 66.39 -48.08 -7.28
N SER D 150 65.61 -47.99 -6.21
CA SER D 150 66.15 -48.24 -4.88
C SER D 150 66.17 -49.74 -4.62
N ASP D 151 66.79 -50.12 -3.50
CA ASP D 151 66.70 -51.49 -2.99
C ASP D 151 65.67 -51.50 -1.86
N LEU D 152 64.44 -51.15 -2.21
CA LEU D 152 63.35 -51.07 -1.25
C LEU D 152 62.58 -52.37 -1.09
N LEU D 153 62.35 -53.11 -2.17
CA LEU D 153 61.61 -54.36 -2.14
C LEU D 153 62.55 -55.54 -2.29
N LYS D 154 63.79 -55.36 -1.85
CA LYS D 154 64.84 -56.35 -1.91
C LYS D 154 64.58 -57.44 -0.87
N PRO D 155 64.75 -58.73 -1.22
CA PRO D 155 65.25 -59.33 -2.46
C PRO D 155 64.19 -59.72 -3.49
N TYR D 156 63.01 -59.08 -3.45
CA TYR D 156 61.95 -59.43 -4.38
C TYR D 156 61.82 -58.46 -5.54
N GLY D 157 62.31 -57.24 -5.41
CA GLY D 157 62.23 -56.28 -6.50
C GLY D 157 63.07 -55.06 -6.19
N LYS D 158 63.00 -54.08 -7.09
CA LYS D 158 63.76 -52.84 -6.94
C LYS D 158 62.88 -51.77 -6.29
N GLY D 159 61.79 -51.40 -6.94
CA GLY D 159 60.90 -50.39 -6.44
C GLY D 159 59.47 -50.69 -6.80
N PRO D 160 58.53 -50.09 -6.08
CA PRO D 160 57.10 -50.39 -6.33
C PRO D 160 56.69 -50.19 -7.79
N TYR D 161 57.14 -49.11 -8.41
CA TYR D 161 56.75 -48.84 -9.79
C TYR D 161 57.30 -49.90 -10.74
N HIS D 162 58.54 -50.32 -10.52
CA HIS D 162 59.15 -51.34 -11.36
C HIS D 162 58.61 -52.73 -11.00
N TYR D 163 58.31 -52.95 -9.72
CA TYR D 163 57.75 -54.23 -9.30
C TYR D 163 56.40 -54.47 -9.94
N HIS D 164 55.55 -53.44 -9.97
CA HIS D 164 54.24 -53.59 -10.60
C HIS D 164 54.39 -53.89 -12.09
N SER D 165 55.45 -53.38 -12.72
CA SER D 165 55.65 -53.64 -14.13
C SER D 165 56.16 -55.05 -14.37
N VAL D 166 57.01 -55.57 -13.48
CA VAL D 166 57.52 -56.93 -13.68
C VAL D 166 56.44 -57.96 -13.39
N MET D 167 55.56 -57.69 -12.41
CA MET D 167 54.44 -58.60 -12.20
C MET D 167 53.50 -58.69 -13.40
N LEU D 168 53.48 -57.67 -14.26
CA LEU D 168 52.67 -57.75 -15.47
C LEU D 168 53.26 -58.71 -16.49
N ASN D 169 54.56 -58.98 -16.42
CA ASN D 169 55.19 -59.99 -17.27
C ASN D 169 55.16 -61.37 -16.63
N ILE D 170 55.31 -61.44 -15.31
CA ILE D 170 55.28 -62.71 -14.59
C ILE D 170 53.94 -63.39 -14.77
N HIS D 171 52.86 -62.63 -14.64
CA HIS D 171 51.51 -63.16 -14.73
C HIS D 171 50.82 -62.58 -15.95
N PRO D 172 50.76 -63.29 -17.07
CA PRO D 172 50.16 -62.72 -18.28
C PRO D 172 48.66 -62.86 -18.36
N HIS D 173 48.04 -63.42 -17.31
CA HIS D 173 46.59 -63.57 -17.27
C HIS D 173 45.93 -62.61 -16.28
N PHE D 174 46.72 -61.89 -15.49
CA PHE D 174 46.20 -61.00 -14.46
C PHE D 174 46.01 -59.62 -15.09
N LYS D 175 44.76 -59.18 -15.17
CA LYS D 175 44.43 -57.90 -15.74
C LYS D 175 44.10 -56.88 -14.64
N ALA D 176 44.49 -55.64 -14.88
CA ALA D 176 44.27 -54.58 -13.90
C ALA D 176 44.27 -53.22 -14.58
N THR D 177 43.45 -52.30 -14.06
CA THR D 177 43.47 -50.93 -14.57
C THR D 177 44.51 -50.12 -13.81
N TYR D 178 45.25 -49.29 -14.53
CA TYR D 178 46.35 -48.53 -13.97
C TYR D 178 46.14 -47.04 -14.22
N ASN D 179 46.58 -46.23 -13.26
CA ASN D 179 46.64 -44.78 -13.44
C ASN D 179 48.09 -44.37 -13.30
N LEU D 180 48.76 -44.22 -14.43
CA LEU D 180 50.10 -43.64 -14.47
C LEU D 180 49.93 -42.13 -14.62
N SER D 181 50.16 -41.40 -13.54
CA SER D 181 49.87 -39.98 -13.51
C SER D 181 50.69 -39.26 -14.59
N PRO D 182 50.11 -38.28 -15.28
CA PRO D 182 50.90 -37.53 -16.27
C PRO D 182 52.15 -36.87 -15.69
N SER D 183 52.07 -36.39 -14.46
CA SER D 183 53.25 -35.82 -13.81
C SER D 183 54.33 -36.85 -13.57
N LEU D 184 53.96 -38.09 -13.26
CA LEU D 184 54.91 -39.19 -13.14
C LEU D 184 55.44 -39.65 -14.49
N LEU D 185 54.57 -39.78 -15.48
CA LEU D 185 55.00 -40.18 -16.82
C LEU D 185 56.00 -39.19 -17.39
N ARG D 186 55.75 -37.89 -17.21
CA ARG D 186 56.66 -36.89 -17.75
C ARG D 186 58.01 -36.94 -17.07
N GLN D 187 58.03 -37.08 -15.73
CA GLN D 187 59.31 -37.18 -15.03
C GLN D 187 60.09 -38.42 -15.46
N TRP D 188 59.39 -39.50 -15.78
CA TRP D 188 60.08 -40.65 -16.35
C TRP D 188 60.59 -40.37 -17.76
N GLN D 189 59.83 -39.63 -18.56
CA GLN D 189 60.21 -39.35 -19.94
C GLN D 189 61.30 -38.30 -20.07
N ILE D 190 61.36 -37.34 -19.15
CA ILE D 190 62.43 -36.34 -19.17
C ILE D 190 63.70 -36.85 -18.50
N ALA D 191 63.72 -38.12 -18.11
CA ALA D 191 64.91 -38.76 -17.61
C ALA D 191 65.57 -39.67 -18.64
N VAL D 192 64.82 -40.23 -19.58
CA VAL D 192 65.38 -41.08 -20.62
C VAL D 192 65.86 -40.29 -21.83
N GLU D 193 65.42 -39.04 -21.99
CA GLU D 193 65.92 -38.16 -23.03
C GLU D 193 67.04 -37.25 -22.56
N LYS D 194 67.12 -36.96 -21.26
CA LYS D 194 68.24 -36.21 -20.70
C LYS D 194 68.32 -36.57 -19.22
N GLY D 195 69.52 -36.57 -18.67
CA GLY D 195 69.70 -36.99 -17.30
C GLY D 195 69.05 -36.06 -16.30
N VAL D 196 68.75 -36.56 -15.11
CA VAL D 196 68.14 -35.72 -14.10
C VAL D 196 69.19 -35.26 -13.09
N GLU D 197 69.06 -34.01 -12.67
CA GLU D 197 69.93 -33.44 -11.65
C GLU D 197 69.12 -33.16 -10.39
N PHE D 198 69.60 -33.67 -9.26
CA PHE D 198 68.91 -33.49 -7.99
C PHE D 198 69.36 -32.20 -7.32
N VAL D 199 68.47 -31.63 -6.51
CA VAL D 199 68.81 -30.43 -5.75
C VAL D 199 69.92 -30.68 -4.74
N ASN D 200 69.93 -31.84 -4.09
CA ASN D 200 70.97 -32.16 -3.13
C ASN D 200 72.37 -32.18 -3.75
N GLY D 201 72.46 -32.46 -5.05
CA GLY D 201 73.74 -32.37 -5.73
C GLY D 201 74.04 -33.52 -6.67
N GLU D 202 73.55 -34.72 -6.36
CA GLU D 202 73.80 -35.86 -7.21
C GLU D 202 73.02 -35.72 -8.51
N LYS D 203 73.63 -36.17 -9.62
CA LYS D 203 73.01 -36.04 -10.93
C LYS D 203 73.43 -37.21 -11.79
N TYR D 204 72.58 -37.53 -12.77
CA TYR D 204 72.78 -38.65 -13.66
C TYR D 204 72.79 -38.16 -15.10
N ASP D 205 72.99 -39.10 -16.02
CA ASP D 205 73.01 -38.85 -17.45
C ASP D 205 72.13 -39.90 -18.13
N PRO D 206 71.58 -39.59 -19.31
CA PRO D 206 70.58 -40.48 -19.92
C PRO D 206 71.12 -41.85 -20.32
N ASN D 207 72.39 -42.16 -20.02
CA ASN D 207 72.94 -43.48 -20.29
C ASN D 207 73.34 -44.22 -19.03
N HIS D 208 73.13 -43.64 -17.85
CA HIS D 208 73.42 -44.31 -16.60
C HIS D 208 72.59 -45.57 -16.46
N GLU D 209 73.06 -46.49 -15.62
CA GLU D 209 72.34 -47.74 -15.41
C GLU D 209 70.99 -47.49 -14.74
N LYS D 210 70.90 -46.47 -13.88
CA LYS D 210 69.65 -46.18 -13.20
C LYS D 210 68.54 -45.85 -14.19
N ILE D 211 68.83 -44.98 -15.16
CA ILE D 211 67.82 -44.61 -16.16
C ILE D 211 67.50 -45.75 -17.12
N ARG D 212 68.45 -46.67 -17.34
CA ARG D 212 68.12 -47.89 -18.05
C ARG D 212 67.08 -48.73 -17.32
N LEU D 213 66.95 -48.54 -16.01
CA LEU D 213 65.91 -49.17 -15.21
C LEU D 213 64.62 -48.36 -15.18
N VAL D 214 64.63 -47.17 -15.77
CA VAL D 214 63.43 -46.33 -15.86
C VAL D 214 62.81 -46.55 -17.23
N GLU D 215 63.63 -46.81 -18.23
CA GLU D 215 63.15 -47.14 -19.57
C GLU D 215 62.49 -48.50 -19.63
N GLU D 216 62.99 -49.47 -18.85
CA GLU D 216 62.39 -50.79 -18.82
C GLU D 216 61.03 -50.81 -18.15
N THR D 217 60.84 -50.02 -17.09
CA THR D 217 59.53 -49.91 -16.45
C THR D 217 58.50 -49.34 -17.41
N LEU D 218 58.86 -48.24 -18.08
CA LEU D 218 57.96 -47.59 -19.02
C LEU D 218 57.66 -48.51 -20.20
N ASN D 219 58.66 -49.22 -20.72
CA ASN D 219 58.42 -50.17 -21.80
C ASN D 219 57.53 -51.31 -21.34
N ASN D 220 57.72 -51.79 -20.11
CA ASN D 220 56.86 -52.86 -19.59
C ASN D 220 55.41 -52.40 -19.54
N TYR D 221 55.18 -51.19 -19.04
CA TYR D 221 53.82 -50.66 -19.00
C TYR D 221 53.24 -50.50 -20.39
N ARG D 222 54.06 -50.05 -21.35
CA ARG D 222 53.57 -49.89 -22.72
C ARG D 222 53.19 -51.24 -23.33
N GLU D 223 54.03 -52.26 -23.14
CA GLU D 223 53.70 -53.59 -23.66
C GLU D 223 52.44 -54.13 -23.02
N ALA D 224 52.28 -53.95 -21.71
CA ALA D 224 51.07 -54.42 -21.05
C ALA D 224 49.84 -53.68 -21.57
N LEU D 225 49.96 -52.37 -21.78
CA LEU D 225 48.83 -51.60 -22.28
C LEU D 225 48.42 -52.03 -23.68
N PHE D 226 49.38 -52.14 -24.59
CA PHE D 226 49.03 -52.44 -25.98
C PHE D 226 48.82 -53.92 -26.24
N LYS D 227 49.19 -54.77 -25.29
CA LYS D 227 48.82 -56.18 -25.34
C LYS D 227 47.37 -56.41 -24.89
N GLY D 228 46.75 -55.39 -24.30
CA GLY D 228 45.41 -55.50 -23.79
C GLY D 228 45.29 -56.00 -22.37
N GLN D 229 46.42 -56.19 -21.68
CA GLN D 229 46.38 -56.74 -20.33
C GLN D 229 45.92 -55.68 -19.33
N ILE D 230 46.33 -54.43 -19.51
CA ILE D 230 45.97 -53.39 -18.56
C ILE D 230 45.25 -52.24 -19.28
N ASP D 231 44.68 -51.34 -18.49
CA ASP D 231 44.03 -50.14 -19.00
C ASP D 231 44.67 -48.95 -18.30
N VAL D 232 44.91 -47.87 -19.04
CA VAL D 232 45.58 -46.71 -18.52
C VAL D 232 44.61 -45.54 -18.48
N LEU D 233 44.47 -44.93 -17.32
CA LEU D 233 43.59 -43.78 -17.12
C LEU D 233 44.40 -42.50 -17.12
N THR D 234 43.83 -41.46 -17.72
CA THR D 234 44.43 -40.14 -17.65
C THR D 234 44.00 -39.46 -16.35
N SER D 235 44.44 -38.22 -16.17
CA SER D 235 44.11 -37.47 -14.95
C SER D 235 44.42 -36.00 -15.18
N ILE D 236 44.23 -35.21 -14.12
CA ILE D 236 44.69 -33.83 -14.13
C ILE D 236 46.21 -33.85 -14.09
N TYR D 237 46.84 -32.92 -14.82
CA TYR D 237 48.30 -32.97 -14.90
C TYR D 237 48.94 -32.79 -13.53
N ALA D 238 48.73 -31.63 -12.93
CA ALA D 238 49.11 -31.45 -11.53
C ALA D 238 47.96 -31.91 -10.65
N HIS D 239 48.25 -32.88 -9.81
CA HIS D 239 47.23 -33.68 -9.13
C HIS D 239 46.58 -32.84 -8.04
N THR D 240 45.56 -32.09 -8.42
CA THR D 240 44.87 -31.17 -7.52
C THR D 240 43.43 -31.64 -7.28
N ILE D 241 42.86 -31.14 -6.19
CA ILE D 241 41.52 -31.54 -5.76
C ILE D 241 40.47 -30.78 -6.58
N GLY D 242 40.03 -31.40 -7.69
CA GLY D 242 39.19 -30.72 -8.65
C GLY D 242 37.87 -30.22 -8.12
N GLY D 243 37.14 -31.05 -7.37
CA GLY D 243 35.86 -30.64 -6.85
C GLY D 243 35.92 -29.50 -5.85
N PHE D 244 36.99 -29.42 -5.09
CA PHE D 244 37.23 -28.26 -4.23
C PHE D 244 37.52 -27.00 -5.04
N LEU D 245 38.36 -27.10 -6.07
CA LEU D 245 38.66 -25.95 -6.92
C LEU D 245 37.41 -25.42 -7.61
N THR D 246 36.59 -26.30 -8.19
CA THR D 246 35.41 -25.84 -8.91
C THR D 246 34.37 -25.21 -8.00
N ASP D 247 34.30 -25.63 -6.74
CA ASP D 247 33.28 -25.09 -5.85
C ASP D 247 33.78 -23.89 -5.06
N VAL D 248 34.83 -24.07 -4.25
CA VAL D 248 35.28 -23.01 -3.35
C VAL D 248 35.98 -21.91 -4.13
N LEU D 249 37.07 -22.25 -4.82
CA LEU D 249 37.79 -21.24 -5.59
C LEU D 249 37.05 -20.88 -6.88
N GLY D 250 36.24 -21.79 -7.40
CA GLY D 250 35.41 -21.49 -8.56
C GLY D 250 36.17 -21.33 -9.87
N ALA D 251 37.37 -21.86 -9.97
CA ALA D 251 38.18 -21.73 -11.19
C ALA D 251 37.96 -22.94 -12.08
N THR D 252 36.94 -22.82 -12.94
CA THR D 252 36.65 -23.88 -13.91
C THR D 252 37.63 -23.88 -15.07
N ASN D 253 38.02 -22.71 -15.57
CA ASN D 253 38.94 -22.61 -16.70
C ASN D 253 40.34 -23.14 -16.38
N ILE D 254 40.69 -23.27 -15.10
CA ILE D 254 42.02 -23.76 -14.73
C ILE D 254 42.06 -25.28 -14.69
N VAL D 255 40.91 -25.94 -14.73
CA VAL D 255 40.83 -27.39 -14.64
C VAL D 255 40.63 -27.96 -16.04
N GLU D 256 39.83 -27.26 -16.84
CA GLU D 256 39.61 -27.66 -18.23
C GLU D 256 40.91 -27.77 -19.02
N GLU D 257 41.76 -26.74 -18.97
CA GLU D 257 43.02 -26.75 -19.68
C GLU D 257 44.00 -27.76 -19.12
N GLU D 258 44.00 -27.95 -17.82
CA GLU D 258 44.96 -28.84 -17.17
C GLU D 258 44.63 -30.29 -17.41
N ILE D 259 43.34 -30.63 -17.52
CA ILE D 259 42.98 -31.98 -17.95
C ILE D 259 43.35 -32.21 -19.41
N ARG D 260 43.21 -31.20 -20.27
CA ARG D 260 43.67 -31.34 -21.64
C ARG D 260 45.16 -31.65 -21.69
N TYR D 261 45.95 -30.90 -20.94
CA TYR D 261 47.39 -31.14 -20.93
C TYR D 261 47.71 -32.52 -20.39
N GLY D 262 47.07 -32.91 -19.29
CA GLY D 262 47.28 -34.24 -18.73
C GLY D 262 46.88 -35.37 -19.62
N LYS D 263 45.81 -35.22 -20.39
CA LYS D 263 45.38 -36.24 -21.33
C LYS D 263 46.30 -36.32 -22.54
N GLU D 264 46.80 -35.20 -23.04
CA GLU D 264 47.71 -35.28 -24.18
C GLU D 264 49.06 -35.83 -23.76
N VAL D 265 49.49 -35.57 -22.52
CA VAL D 265 50.71 -36.19 -22.02
C VAL D 265 50.57 -37.70 -21.99
N THR D 266 49.44 -38.20 -21.47
CA THR D 266 49.20 -39.64 -21.42
C THR D 266 49.12 -40.23 -22.82
N SER D 267 48.45 -39.55 -23.75
CA SER D 267 48.32 -40.05 -25.11
C SER D 267 49.62 -39.99 -25.89
N LYS D 268 50.55 -39.13 -25.51
CA LYS D 268 51.83 -39.00 -26.20
C LYS D 268 52.93 -39.90 -25.64
N ILE D 269 52.97 -40.12 -24.32
CA ILE D 269 54.02 -40.98 -23.78
C ILE D 269 53.70 -42.45 -23.92
N MET D 270 52.42 -42.84 -23.98
CA MET D 270 52.09 -44.22 -24.29
C MET D 270 52.31 -44.52 -25.77
N GLY D 271 51.96 -43.59 -26.64
CA GLY D 271 52.22 -43.75 -28.06
C GLY D 271 51.10 -44.46 -28.79
N ASN D 272 51.39 -44.74 -30.07
CA ASN D 272 50.45 -45.44 -30.96
C ASN D 272 49.11 -44.73 -31.04
N ASN D 273 49.12 -43.40 -30.86
CA ASN D 273 47.91 -42.59 -30.88
C ASN D 273 46.88 -43.13 -29.90
N TYR D 274 47.37 -43.46 -28.70
CA TYR D 274 46.50 -43.95 -27.64
C TYR D 274 45.50 -42.88 -27.23
N ASN D 275 44.31 -43.31 -26.85
CA ASN D 275 43.24 -42.39 -26.45
C ASN D 275 42.57 -42.91 -25.19
N PRO D 276 42.90 -42.34 -24.03
CA PRO D 276 42.27 -42.81 -22.79
C PRO D 276 40.88 -42.19 -22.62
N GLN D 277 39.89 -43.08 -22.42
CA GLN D 277 38.52 -42.65 -22.19
C GLN D 277 38.15 -42.53 -20.71
N GLY D 278 38.94 -43.11 -19.82
CA GLY D 278 38.68 -43.03 -18.39
C GLY D 278 39.69 -42.11 -17.72
N ILE D 279 39.23 -41.39 -16.70
CA ILE D 279 40.06 -40.47 -15.96
C ILE D 279 40.00 -40.86 -14.48
N TRP D 280 41.10 -40.60 -13.78
CA TRP D 280 41.15 -40.74 -12.33
C TRP D 280 41.02 -39.34 -11.74
N THR D 281 39.99 -39.13 -10.94
CA THR D 281 39.82 -37.87 -10.25
C THR D 281 40.72 -37.84 -9.03
N PRO D 282 41.60 -36.85 -8.91
CA PRO D 282 42.49 -36.79 -7.74
C PRO D 282 41.72 -36.71 -6.45
N GLU D 283 42.12 -37.54 -5.48
CA GLU D 283 41.51 -37.64 -4.15
C GLU D 283 40.02 -37.92 -4.20
N MET D 284 39.50 -38.36 -5.34
CA MET D 284 38.06 -38.59 -5.56
C MET D 284 37.24 -37.40 -5.09
N ALA D 285 37.81 -36.21 -5.23
CA ALA D 285 37.15 -34.97 -4.84
C ALA D 285 36.21 -34.58 -5.96
N PHE D 286 35.05 -35.22 -5.98
CA PHE D 286 34.08 -35.04 -7.05
C PHE D 286 33.17 -33.85 -6.78
N SER D 287 32.73 -33.22 -7.88
CA SER D 287 31.72 -32.18 -7.85
C SER D 287 30.98 -32.22 -9.18
N MET D 288 29.66 -31.99 -9.13
CA MET D 288 28.84 -32.07 -10.32
C MET D 288 29.20 -31.04 -11.37
N LYS D 289 29.97 -30.01 -11.00
CA LYS D 289 30.50 -29.05 -11.96
C LYS D 289 31.57 -29.66 -12.84
N LEU D 290 32.06 -30.86 -12.51
CA LEU D 290 33.06 -31.54 -13.33
C LEU D 290 32.45 -32.32 -14.48
N ILE D 291 31.14 -32.56 -14.47
CA ILE D 291 30.51 -33.33 -15.55
C ILE D 291 30.66 -32.64 -16.91
N PRO D 292 30.36 -31.34 -17.06
CA PRO D 292 30.55 -30.70 -18.37
C PRO D 292 31.99 -30.71 -18.85
N ILE D 293 32.97 -30.61 -17.96
CA ILE D 293 34.37 -30.72 -18.34
C ILE D 293 34.69 -32.09 -18.90
N TYR D 294 34.31 -33.14 -18.16
CA TYR D 294 34.63 -34.50 -18.57
C TYR D 294 33.93 -34.86 -19.87
N TYR D 295 32.67 -34.44 -20.03
CA TYR D 295 31.95 -34.73 -21.26
C TYR D 295 32.56 -34.01 -22.45
N ASP D 296 32.85 -32.71 -22.28
CA ASP D 296 33.45 -31.93 -23.36
C ASP D 296 34.83 -32.43 -23.72
N LEU D 297 35.52 -33.13 -22.80
CA LEU D 297 36.84 -33.67 -23.07
C LEU D 297 36.79 -35.13 -23.52
N ASP D 298 35.59 -35.66 -23.79
CA ASP D 298 35.40 -37.03 -24.24
C ASP D 298 35.89 -38.04 -23.20
N ILE D 299 35.59 -37.75 -21.93
CA ILE D 299 35.80 -38.70 -20.85
C ILE D 299 34.50 -39.45 -20.61
N LYS D 300 34.59 -40.76 -20.43
CA LYS D 300 33.40 -41.60 -20.38
C LYS D 300 33.14 -42.19 -19.00
N TYR D 301 34.18 -42.58 -18.27
CA TYR D 301 33.98 -43.21 -16.96
C TYR D 301 35.04 -42.73 -15.97
N THR D 302 34.85 -43.13 -14.71
CA THR D 302 35.72 -42.75 -13.61
C THR D 302 35.36 -43.62 -12.41
N VAL D 303 36.11 -43.45 -11.32
CA VAL D 303 35.93 -44.23 -10.09
C VAL D 303 35.69 -43.28 -8.93
N LEU D 304 34.61 -43.52 -8.19
CA LEU D 304 34.30 -42.77 -6.98
C LEU D 304 34.24 -43.73 -5.79
N ASP D 305 33.96 -43.18 -4.62
CA ASP D 305 33.86 -43.94 -3.39
C ASP D 305 32.41 -44.28 -3.10
N ASP D 306 32.20 -45.44 -2.47
CA ASP D 306 30.86 -45.87 -2.09
C ASP D 306 30.43 -45.36 -0.73
N LYS D 307 31.35 -45.23 0.21
CA LYS D 307 31.03 -44.73 1.53
C LYS D 307 30.77 -43.23 1.55
N PHE D 308 31.42 -42.46 0.69
CA PHE D 308 31.32 -41.02 0.74
C PHE D 308 30.61 -40.39 -0.45
N HIS D 309 30.43 -41.10 -1.55
CA HIS D 309 29.71 -40.56 -2.69
C HIS D 309 28.43 -41.30 -3.06
N PHE D 310 28.34 -42.59 -2.78
CA PHE D 310 27.15 -43.38 -3.13
C PHE D 310 26.00 -43.19 -2.14
N PHE D 311 26.31 -43.20 -0.84
CA PHE D 311 25.25 -43.22 0.16
C PHE D 311 24.63 -41.84 0.36
N HIS D 312 25.18 -40.81 -0.29
CA HIS D 312 24.57 -39.49 -0.29
C HIS D 312 24.12 -39.07 -1.69
N ALA D 313 24.40 -39.88 -2.70
CA ALA D 313 23.96 -39.60 -4.06
C ALA D 313 22.48 -39.87 -4.17
N GLU D 314 21.77 -38.95 -4.81
CA GLU D 314 20.32 -39.03 -4.92
C GLU D 314 19.91 -39.37 -6.35
N GLY D 315 18.91 -40.24 -6.46
CA GLY D 315 18.42 -40.78 -7.71
C GLY D 315 18.10 -42.24 -7.57
N ASN D 316 17.93 -42.92 -8.71
CA ASN D 316 17.53 -44.32 -8.73
C ASN D 316 18.73 -45.18 -8.35
N LYS D 317 18.63 -45.87 -7.22
CA LYS D 317 19.70 -46.69 -6.68
C LYS D 317 19.19 -48.10 -6.43
N ASP D 318 20.07 -49.08 -6.70
CA ASP D 318 19.83 -50.45 -6.26
C ASP D 318 20.94 -50.89 -5.33
N SER D 319 22.18 -50.75 -5.78
CA SER D 319 23.36 -51.10 -5.02
C SER D 319 24.61 -50.54 -5.66
N GLN D 320 25.65 -50.37 -4.86
CA GLN D 320 26.91 -49.76 -5.28
C GLN D 320 27.75 -50.58 -6.26
N TYR D 321 27.26 -51.77 -6.64
CA TYR D 321 28.09 -52.74 -7.34
C TYR D 321 27.75 -52.80 -8.82
N GLU D 322 27.39 -51.66 -9.41
CA GLU D 322 27.12 -51.58 -10.84
C GLU D 322 27.42 -50.18 -11.30
N PRO D 323 27.78 -49.99 -12.57
CA PRO D 323 27.99 -48.63 -13.09
C PRO D 323 26.69 -47.83 -13.04
N TYR D 324 26.83 -46.54 -12.72
CA TYR D 324 25.72 -45.62 -12.70
C TYR D 324 25.92 -44.53 -13.75
N MET D 325 24.80 -44.01 -14.23
CA MET D 325 24.80 -42.90 -15.18
C MET D 325 24.53 -41.63 -14.37
N VAL D 326 25.54 -40.78 -14.25
CA VAL D 326 25.40 -39.53 -13.51
C VAL D 326 25.20 -38.42 -14.54
N ILE D 327 24.03 -37.78 -14.50
CA ILE D 327 23.62 -36.82 -15.51
C ILE D 327 23.56 -35.44 -14.90
N ASP D 328 24.30 -34.51 -15.48
CA ASP D 328 24.25 -33.12 -15.05
C ASP D 328 23.02 -32.43 -15.65
N THR D 329 22.06 -32.15 -14.79
CA THR D 329 20.72 -31.72 -15.20
C THR D 329 20.71 -30.42 -15.99
N GLU D 330 21.51 -29.43 -15.60
CA GLU D 330 21.42 -28.12 -16.22
C GLU D 330 21.86 -28.12 -17.69
N SER D 331 22.56 -29.15 -18.14
CA SER D 331 23.01 -29.24 -19.51
C SER D 331 22.82 -30.61 -20.15
N LYS D 332 22.31 -31.59 -19.39
CA LYS D 332 22.12 -32.95 -19.86
C LYS D 332 23.42 -33.51 -20.46
N LYS D 333 24.47 -33.49 -19.64
CA LYS D 333 25.72 -34.16 -19.94
C LYS D 333 25.94 -35.25 -18.90
N TYR D 334 26.46 -36.38 -19.32
CA TYR D 334 26.49 -37.58 -18.49
C TYR D 334 27.89 -38.16 -18.44
N ILE D 335 28.17 -38.81 -17.31
CA ILE D 335 29.38 -39.59 -17.10
C ILE D 335 28.96 -40.92 -16.48
N THR D 336 29.72 -41.97 -16.74
CA THR D 336 29.50 -43.24 -16.07
C THR D 336 30.42 -43.34 -14.86
N VAL D 337 29.87 -43.86 -13.76
CA VAL D 337 30.60 -43.89 -12.50
C VAL D 337 30.58 -45.30 -11.93
N PHE D 338 31.78 -45.79 -11.57
CA PHE D 338 31.96 -47.01 -10.79
C PHE D 338 32.35 -46.58 -9.37
N PHE D 339 31.74 -47.23 -8.37
CA PHE D 339 32.07 -46.94 -6.98
C PHE D 339 32.93 -48.06 -6.42
N ARG D 340 34.05 -47.70 -5.82
CA ARG D 340 34.94 -48.69 -5.23
C ARG D 340 34.39 -49.18 -3.89
N ASP D 341 34.94 -50.29 -3.41
CA ASP D 341 34.62 -50.78 -2.07
C ASP D 341 35.62 -50.18 -1.09
N HIS D 342 35.15 -49.26 -0.26
CA HIS D 342 36.06 -48.53 0.63
C HIS D 342 36.71 -49.46 1.65
N ASP D 343 35.94 -50.39 2.20
CA ASP D 343 36.48 -51.25 3.26
C ASP D 343 37.44 -52.29 2.71
N LEU D 344 37.10 -52.93 1.59
CA LEU D 344 37.95 -53.96 1.05
C LEU D 344 39.14 -53.37 0.32
N SER D 345 39.13 -52.06 0.06
CA SER D 345 40.32 -51.38 -0.42
C SER D 345 41.20 -50.92 0.74
N ASP D 346 40.60 -50.39 1.80
CA ASP D 346 41.32 -49.98 2.99
C ASP D 346 41.94 -51.15 3.73
N ILE D 347 41.42 -52.36 3.56
CA ILE D 347 42.04 -53.52 4.20
C ILE D 347 43.39 -53.84 3.57
N LEU D 348 43.54 -53.64 2.27
CA LEU D 348 44.81 -53.86 1.60
C LEU D 348 45.73 -52.65 1.72
N GLY D 349 45.17 -51.44 1.64
CA GLY D 349 45.95 -50.24 1.77
C GLY D 349 46.51 -49.99 3.16
N PHE D 350 45.70 -50.18 4.19
CA PHE D 350 46.04 -49.72 5.53
C PHE D 350 46.46 -50.87 6.44
N ARG D 351 45.84 -52.04 6.28
CA ARG D 351 46.13 -53.21 7.11
C ARG D 351 47.10 -54.10 6.36
N ASN D 352 48.37 -53.70 6.34
CA ASN D 352 49.39 -54.42 5.56
C ASN D 352 50.69 -54.56 6.32
N ASN D 353 50.68 -54.26 7.62
CA ASN D 353 51.89 -54.37 8.45
C ASN D 353 52.14 -55.83 8.76
N PHE D 354 53.07 -56.44 8.04
CA PHE D 354 53.41 -57.83 8.25
C PHE D 354 54.69 -57.96 9.06
N TYR D 355 54.78 -59.05 9.81
CA TYR D 355 55.90 -59.27 10.72
C TYR D 355 56.71 -60.52 10.39
N SER D 356 56.14 -61.46 9.65
CA SER D 356 56.79 -62.72 9.34
C SER D 356 56.56 -63.08 7.88
N GLU D 357 57.50 -63.87 7.33
CA GLU D 357 57.44 -64.24 5.92
C GLU D 357 56.20 -65.03 5.55
N PRO D 358 55.73 -66.03 6.33
CA PRO D 358 54.47 -66.68 5.97
C PRO D 358 53.23 -66.00 6.53
N HIS D 359 53.40 -65.02 7.41
CA HIS D 359 52.26 -64.18 7.82
C HIS D 359 51.69 -63.46 6.62
N ALA D 360 52.55 -63.05 5.68
CA ALA D 360 52.08 -62.43 4.44
C ALA D 360 51.26 -63.42 3.63
N TRP D 361 51.67 -64.68 3.57
CA TRP D 361 50.90 -65.70 2.88
C TRP D 361 49.53 -65.89 3.54
N ARG D 362 49.51 -65.93 4.87
CA ARG D 362 48.25 -66.06 5.59
C ARG D 362 47.31 -64.91 5.26
N ASN D 363 47.82 -63.67 5.28
CA ASN D 363 46.96 -62.52 5.03
C ASN D 363 46.58 -62.41 3.56
N ALA D 364 47.42 -62.90 2.65
CA ALA D 364 47.04 -62.97 1.25
C ALA D 364 45.86 -63.93 1.05
N TYR D 365 45.92 -65.11 1.69
CA TYR D 365 44.79 -66.01 1.61
C TYR D 365 43.54 -65.39 2.24
N GLU D 366 43.70 -64.71 3.37
CA GLU D 366 42.56 -64.05 4.00
C GLU D 366 41.90 -63.06 3.03
N PHE D 367 42.71 -62.20 2.42
CA PHE D 367 42.16 -61.19 1.52
C PHE D 367 41.49 -61.83 0.31
N ALA D 368 42.13 -62.87 -0.24
CA ALA D 368 41.53 -63.55 -1.38
C ALA D 368 40.21 -64.22 -1.00
N LEU D 369 40.13 -64.73 0.24
CA LEU D 369 38.89 -65.29 0.74
C LEU D 369 37.80 -64.23 0.89
N ARG D 370 38.16 -63.02 1.30
CA ARG D 370 37.18 -61.94 1.37
C ARG D 370 36.58 -61.60 0.01
N VAL D 371 37.35 -61.74 -1.07
CA VAL D 371 36.82 -61.48 -2.40
C VAL D 371 35.79 -62.54 -2.79
N ALA D 372 36.00 -63.79 -2.38
CA ALA D 372 35.09 -64.87 -2.74
C ALA D 372 33.75 -64.79 -2.00
N GLU D 373 33.75 -64.25 -0.77
CA GLU D 373 32.49 -64.15 -0.03
C GLU D 373 31.53 -63.16 -0.67
N LYS D 374 32.03 -62.31 -1.56
CA LYS D 374 31.16 -61.41 -2.30
C LYS D 374 30.42 -62.13 -3.41
N TRP D 375 30.96 -63.27 -3.86
CA TRP D 375 30.29 -64.05 -4.91
C TRP D 375 28.95 -64.60 -4.43
N PHE D 376 28.86 -64.95 -3.14
CA PHE D 376 27.62 -65.51 -2.63
C PHE D 376 26.48 -64.50 -2.70
N ASP D 377 26.77 -63.24 -2.37
CA ASP D 377 25.79 -62.18 -2.58
C ASP D 377 25.49 -62.08 -4.07
N LYS D 378 24.21 -62.14 -4.41
CA LYS D 378 23.79 -62.12 -5.81
C LYS D 378 23.61 -60.72 -6.36
N ASN D 379 23.55 -59.71 -5.49
CA ASN D 379 23.43 -58.32 -5.95
C ASN D 379 24.77 -57.75 -6.39
N VAL D 380 25.88 -58.34 -5.97
CA VAL D 380 27.20 -57.87 -6.33
C VAL D 380 27.47 -58.19 -7.79
N LYS D 381 27.37 -57.19 -8.66
CA LYS D 381 27.54 -57.39 -10.09
C LYS D 381 28.95 -57.04 -10.54
N VAL D 382 29.48 -55.89 -10.11
CA VAL D 382 30.82 -55.44 -10.44
C VAL D 382 31.52 -55.05 -9.15
N LEU D 383 32.66 -55.70 -8.87
CA LEU D 383 33.44 -55.42 -7.68
C LEU D 383 34.69 -54.63 -8.05
N THR D 384 34.91 -53.50 -7.36
CA THR D 384 35.99 -52.58 -7.71
C THR D 384 36.80 -52.23 -6.48
N ILE D 385 38.13 -52.23 -6.64
CA ILE D 385 39.07 -51.82 -5.60
C ILE D 385 39.97 -50.74 -6.18
N ALA D 386 40.12 -49.63 -5.45
CA ALA D 386 40.92 -48.51 -5.89
C ALA D 386 41.73 -47.98 -4.72
N LEU D 387 43.05 -47.87 -4.91
CA LEU D 387 43.93 -47.39 -3.86
C LEU D 387 45.24 -46.96 -4.50
N ASP D 388 46.07 -46.29 -3.70
CA ASP D 388 47.41 -45.88 -4.15
C ASP D 388 48.25 -47.13 -4.40
N GLY D 389 48.88 -47.19 -5.57
CA GLY D 389 49.58 -48.40 -5.98
C GLY D 389 50.95 -48.59 -5.36
N GLU D 390 51.51 -47.55 -4.77
CA GLU D 390 52.89 -47.58 -4.30
C GLU D 390 53.11 -47.15 -2.86
N ASN D 391 52.17 -46.43 -2.26
CA ASN D 391 52.35 -46.02 -0.87
C ASN D 391 52.21 -47.16 0.11
N TRP D 392 51.42 -48.18 -0.23
CA TRP D 392 51.21 -49.30 0.68
C TRP D 392 52.43 -50.22 0.73
N MET D 393 53.24 -50.25 -0.32
CA MET D 393 54.46 -51.06 -0.33
C MET D 393 55.68 -50.31 0.19
N SER D 394 55.54 -49.04 0.57
CA SER D 394 56.66 -48.26 1.03
C SER D 394 56.47 -47.64 2.40
N PHE D 395 55.25 -47.63 2.93
CA PHE D 395 54.99 -47.07 4.26
C PHE D 395 54.63 -48.15 5.27
N SER D 396 54.74 -49.42 4.90
CA SER D 396 54.57 -50.50 5.85
C SER D 396 55.81 -50.63 6.72
N VAL D 397 55.68 -51.43 7.79
CA VAL D 397 56.80 -51.61 8.71
C VAL D 397 57.96 -52.32 8.01
N ASN D 398 57.66 -53.38 7.26
CA ASN D 398 58.68 -54.18 6.59
C ASN D 398 58.28 -54.26 5.12
N PRO D 399 58.67 -53.27 4.31
CA PRO D 399 58.16 -53.17 2.93
C PRO D 399 58.47 -54.37 2.06
N PRO D 400 59.64 -55.05 2.20
CA PRO D 400 59.87 -56.20 1.30
C PRO D 400 58.83 -57.29 1.41
N LEU D 401 58.30 -57.58 2.60
CA LEU D 401 57.28 -58.60 2.74
C LEU D 401 56.02 -58.26 1.95
N THR D 402 55.77 -56.97 1.76
CA THR D 402 54.59 -56.54 1.03
C THR D 402 54.69 -56.94 -0.45
N ALA D 403 55.90 -57.12 -0.96
CA ALA D 403 56.08 -57.61 -2.32
C ALA D 403 55.73 -59.09 -2.43
N TYR D 404 56.14 -59.90 -1.44
CA TYR D 404 55.74 -61.29 -1.38
C TYR D 404 54.23 -61.41 -1.28
N PHE D 405 53.62 -60.53 -0.49
CA PHE D 405 52.17 -60.47 -0.38
C PHE D 405 51.51 -60.32 -1.75
N LEU D 406 52.02 -59.40 -2.58
CA LEU D 406 51.44 -59.18 -3.89
C LEU D 406 51.52 -60.42 -4.77
N ASP D 407 52.66 -61.11 -4.76
CA ASP D 407 52.80 -62.29 -5.60
C ASP D 407 51.83 -63.38 -5.16
N LYS D 408 51.81 -63.68 -3.86
CA LYS D 408 50.89 -64.71 -3.36
C LYS D 408 49.45 -64.33 -3.63
N MET D 409 49.11 -63.05 -3.47
CA MET D 409 47.76 -62.59 -3.73
C MET D 409 47.36 -62.80 -5.18
N ILE D 410 48.19 -62.32 -6.11
CA ILE D 410 47.85 -62.46 -7.53
C ILE D 410 47.76 -63.93 -7.91
N ILE D 411 48.58 -64.78 -7.30
CA ILE D 411 48.40 -66.22 -7.52
C ILE D 411 47.02 -66.68 -7.05
N TYR D 412 46.59 -66.21 -5.88
CA TYR D 412 45.28 -66.64 -5.37
C TYR D 412 44.13 -66.15 -6.24
N LEU D 413 44.15 -64.87 -6.64
CA LEU D 413 43.05 -64.35 -7.45
C LEU D 413 43.02 -64.96 -8.85
N GLU D 414 44.10 -65.60 -9.28
CA GLU D 414 44.07 -66.28 -10.57
C GLU D 414 43.35 -67.63 -10.48
N THR D 415 43.23 -68.19 -9.28
CA THR D 415 42.47 -69.42 -9.10
C THR D 415 40.97 -69.19 -9.00
N LEU D 416 40.55 -67.94 -8.79
CA LEU D 416 39.14 -67.61 -8.78
C LEU D 416 38.60 -67.31 -10.18
N SER D 417 39.47 -67.20 -11.18
CA SER D 417 39.05 -66.96 -12.54
C SER D 417 39.11 -68.19 -13.42
N ASP D 418 39.88 -69.21 -13.04
CA ASP D 418 39.84 -70.49 -13.72
C ASP D 418 38.70 -71.39 -13.25
N ASN D 419 38.23 -71.19 -12.01
CA ASN D 419 37.00 -71.80 -11.54
C ASN D 419 35.77 -71.01 -11.97
N LYS D 420 35.97 -69.84 -12.60
CA LYS D 420 34.89 -69.02 -13.15
C LYS D 420 34.03 -68.40 -12.05
N PHE D 421 34.62 -68.23 -10.87
CA PHE D 421 33.98 -67.44 -9.82
C PHE D 421 33.94 -65.96 -10.20
N ILE D 422 35.09 -65.42 -10.64
CA ILE D 422 35.21 -64.02 -11.00
C ILE D 422 35.73 -63.93 -12.43
N LYS D 423 35.45 -62.79 -13.07
CA LYS D 423 35.95 -62.50 -14.42
C LYS D 423 36.93 -61.35 -14.28
N LEU D 424 38.21 -61.70 -14.10
CA LEU D 424 39.26 -60.70 -13.95
C LEU D 424 39.39 -59.89 -15.23
N SER D 425 39.23 -58.57 -15.12
CA SER D 425 39.16 -57.72 -16.30
C SER D 425 39.63 -56.31 -15.93
N THR D 426 39.77 -55.47 -16.94
CA THR D 426 40.11 -54.07 -16.75
C THR D 426 38.84 -53.22 -16.75
N LEU D 427 38.99 -51.97 -16.29
CA LEU D 427 37.84 -51.09 -16.17
C LEU D 427 37.25 -50.73 -17.53
N ARG D 428 38.08 -50.62 -18.56
CA ARG D 428 37.57 -50.33 -19.90
C ARG D 428 36.74 -51.48 -20.44
N GLU D 429 37.11 -52.71 -20.11
CA GLU D 429 36.32 -53.86 -20.54
C GLU D 429 34.96 -53.89 -19.85
N ILE D 430 34.96 -53.63 -18.54
CA ILE D 430 33.69 -53.59 -17.79
C ILE D 430 32.81 -52.46 -18.31
N TYR D 431 33.42 -51.35 -18.73
CA TYR D 431 32.62 -50.24 -19.25
C TYR D 431 31.84 -50.67 -20.49
N ASN D 432 32.47 -51.44 -21.39
CA ASN D 432 31.77 -51.87 -22.60
C ASN D 432 30.82 -53.04 -22.34
N LYS D 433 31.19 -53.97 -21.45
CA LYS D 433 30.36 -55.15 -21.25
C LYS D 433 29.11 -54.84 -20.45
N VAL D 434 29.20 -53.94 -19.47
CA VAL D 434 28.07 -53.62 -18.61
C VAL D 434 27.65 -52.18 -18.81
N PRO D 435 26.62 -51.92 -19.61
CA PRO D 435 26.10 -50.55 -19.70
C PRO D 435 25.54 -50.07 -18.37
N ALA D 436 25.68 -48.78 -18.13
CA ALA D 436 25.14 -48.14 -16.93
C ALA D 436 23.68 -47.79 -17.17
N ASN D 437 22.79 -48.43 -16.41
CA ASN D 437 21.35 -48.27 -16.59
C ASN D 437 20.72 -47.29 -15.62
N ARG D 438 20.94 -47.45 -14.31
CA ARG D 438 20.33 -46.58 -13.34
C ARG D 438 20.97 -45.20 -13.39
N ILE D 439 20.16 -44.17 -13.14
CA ILE D 439 20.58 -42.79 -13.31
C ILE D 439 20.64 -42.12 -11.95
N LEU D 440 21.82 -41.68 -11.55
CA LEU D 440 22.01 -40.81 -10.41
C LEU D 440 21.84 -39.35 -10.86
N THR D 441 21.22 -38.56 -10.00
CA THR D 441 20.95 -37.17 -10.33
C THR D 441 21.88 -36.18 -9.65
N ASN D 442 22.35 -36.45 -8.44
CA ASN D 442 23.26 -35.54 -7.77
C ASN D 442 24.22 -36.34 -6.91
N ILE D 443 25.50 -35.96 -6.94
CA ILE D 443 26.50 -36.48 -6.03
C ILE D 443 27.11 -35.30 -5.30
N PRO D 444 27.00 -35.22 -3.99
CA PRO D 444 27.54 -34.07 -3.26
C PRO D 444 29.05 -34.00 -3.32
N THR D 445 29.57 -32.80 -3.08
CA THR D 445 31.01 -32.59 -3.14
C THR D 445 31.69 -33.20 -1.93
N ASN D 446 32.64 -34.09 -2.18
CA ASN D 446 33.30 -34.83 -1.12
C ASN D 446 34.53 -35.50 -1.69
N SER D 447 35.50 -35.77 -0.82
CA SER D 447 36.66 -36.59 -1.15
C SER D 447 36.46 -37.98 -0.56
N TRP D 448 37.46 -38.85 -0.71
CA TRP D 448 37.35 -40.18 -0.15
C TRP D 448 37.83 -40.22 1.30
N LEU D 449 38.06 -39.05 1.90
CA LEU D 449 38.28 -38.93 3.33
C LEU D 449 37.12 -38.28 4.05
N GLY D 450 36.04 -37.94 3.35
CA GLY D 450 34.86 -37.40 3.98
C GLY D 450 34.94 -35.94 4.35
N THR D 451 36.01 -35.26 4.00
CA THR D 451 36.17 -33.86 4.33
C THR D 451 37.22 -33.26 3.41
N PHE D 452 37.19 -31.93 3.30
CA PHE D 452 38.22 -31.17 2.58
C PHE D 452 39.13 -30.42 3.54
N ARG D 453 39.07 -30.75 4.83
CA ARG D 453 39.86 -30.07 5.85
C ARG D 453 41.29 -30.58 5.90
N LYS D 454 41.58 -31.69 5.23
CA LYS D 454 42.95 -32.17 5.10
C LYS D 454 43.82 -31.19 4.32
N TRP D 455 43.26 -30.50 3.33
CA TRP D 455 44.00 -29.53 2.54
C TRP D 455 43.68 -28.09 2.90
N ARG D 456 42.60 -27.84 3.65
CA ARG D 456 42.23 -26.51 4.10
C ARG D 456 41.63 -26.61 5.51
N GLY D 457 42.48 -26.46 6.51
CA GLY D 457 42.00 -26.45 7.88
C GLY D 457 42.83 -27.23 8.89
N GLU D 458 43.51 -28.29 8.45
CA GLU D 458 44.29 -29.12 9.36
C GLU D 458 45.66 -28.56 9.64
N VAL D 459 46.04 -27.46 8.99
CA VAL D 459 47.27 -26.75 9.29
C VAL D 459 46.88 -25.32 9.61
N PRO D 460 47.42 -24.70 10.65
CA PRO D 460 47.02 -23.32 10.97
C PRO D 460 47.26 -22.33 9.85
N GLN D 461 48.35 -22.47 9.10
CA GLN D 461 48.62 -21.57 7.98
C GLN D 461 48.17 -22.13 6.64
N HIS D 462 46.92 -22.59 6.54
CA HIS D 462 46.29 -22.85 5.25
C HIS D 462 45.51 -21.66 4.70
N GLU D 463 44.79 -20.92 5.54
CA GLU D 463 44.02 -19.80 5.03
C GLU D 463 44.91 -18.68 4.51
N GLU D 464 46.02 -18.42 5.20
CA GLU D 464 46.95 -17.39 4.77
C GLU D 464 47.56 -17.70 3.40
N TYR D 465 47.65 -18.99 3.03
CA TYR D 465 48.17 -19.35 1.73
C TYR D 465 47.08 -19.52 0.68
N TRP D 466 45.88 -19.91 1.08
CA TRP D 466 44.77 -19.97 0.14
C TRP D 466 44.36 -18.58 -0.32
N ILE D 467 44.38 -17.60 0.58
CA ILE D 467 44.11 -16.22 0.17
C ILE D 467 45.20 -15.72 -0.76
N LYS D 468 46.44 -16.14 -0.53
CA LYS D 468 47.54 -15.70 -1.39
C LYS D 468 47.43 -16.28 -2.78
N THR D 469 47.18 -17.59 -2.89
CA THR D 469 46.99 -18.19 -4.20
C THR D 469 45.73 -17.68 -4.91
N TYR D 470 44.68 -17.34 -4.15
CA TYR D 470 43.48 -16.75 -4.72
C TYR D 470 43.72 -15.35 -5.26
N SER D 471 44.52 -14.53 -4.55
CA SER D 471 44.92 -13.23 -5.08
C SER D 471 45.74 -13.37 -6.35
N VAL D 472 46.68 -14.33 -6.38
CA VAL D 472 47.47 -14.54 -7.59
C VAL D 472 46.58 -14.98 -8.76
N TYR D 473 45.57 -15.81 -8.50
CA TYR D 473 44.66 -16.19 -9.57
C TYR D 473 43.77 -15.04 -10.03
N ARG D 474 43.31 -14.20 -9.12
CA ARG D 474 42.43 -13.11 -9.52
C ARG D 474 43.19 -12.03 -10.27
N LYS D 475 44.48 -11.85 -9.96
CA LYS D 475 45.31 -11.00 -10.79
C LYS D 475 45.44 -11.54 -12.21
N LEU D 476 45.62 -12.84 -12.37
CA LEU D 476 45.63 -13.47 -13.69
C LEU D 476 44.32 -13.27 -14.44
N LEU D 477 43.19 -13.45 -13.77
CA LEU D 477 41.90 -13.19 -14.40
C LEU D 477 41.75 -11.74 -14.84
N ALA D 478 42.15 -10.79 -14.00
CA ALA D 478 42.13 -9.38 -14.40
C ALA D 478 42.96 -9.15 -15.65
N TYR D 479 44.20 -9.65 -15.66
CA TYR D 479 45.07 -9.41 -16.80
C TYR D 479 44.53 -10.06 -18.07
N GLU D 480 43.93 -11.25 -17.96
CA GLU D 480 43.35 -11.89 -19.12
C GLU D 480 42.08 -11.20 -19.59
N GLU D 481 41.37 -10.51 -18.70
CA GLU D 481 40.25 -9.69 -19.14
C GLU D 481 40.71 -8.42 -19.84
N MET D 482 41.84 -7.85 -19.43
CA MET D 482 42.37 -6.65 -20.09
C MET D 482 42.68 -6.92 -21.55
N ILE D 483 43.61 -7.83 -21.82
CA ILE D 483 44.03 -8.12 -23.19
C ILE D 483 42.98 -8.88 -23.98
N GLY D 484 41.86 -9.23 -23.37
CA GLY D 484 40.79 -9.91 -24.09
C GLY D 484 41.14 -11.30 -24.56
N GLY D 485 41.76 -12.10 -23.70
CA GLY D 485 42.11 -13.46 -24.07
C GLY D 485 43.42 -13.87 -23.43
N ARG D 486 44.02 -14.89 -24.01
CA ARG D 486 45.27 -15.45 -23.52
C ARG D 486 46.43 -15.10 -24.44
N ASP D 487 47.63 -15.14 -23.89
CA ASP D 487 48.84 -14.94 -24.66
C ASP D 487 49.97 -15.72 -24.01
N GLU D 488 51.21 -15.45 -24.43
CA GLU D 488 52.35 -16.19 -23.93
C GLU D 488 52.55 -15.98 -22.43
N PHE D 489 52.40 -14.75 -21.97
CA PHE D 489 52.62 -14.44 -20.56
C PHE D 489 51.52 -14.98 -19.67
N SER D 490 50.25 -14.85 -20.07
CA SER D 490 49.17 -15.45 -19.30
C SER D 490 49.26 -16.96 -19.23
N ASN D 491 49.62 -17.63 -20.33
CA ASN D 491 49.81 -19.07 -20.31
C ASN D 491 51.01 -19.49 -19.48
N GLU D 492 52.10 -18.72 -19.52
CA GLU D 492 53.26 -19.02 -18.69
C GLU D 492 52.98 -18.79 -17.22
N ALA D 493 52.08 -17.89 -16.88
CA ALA D 493 51.64 -17.73 -15.49
C ALA D 493 50.67 -18.82 -15.07
N ARG D 494 49.80 -19.24 -15.99
CA ARG D 494 48.92 -20.38 -15.71
C ARG D 494 49.74 -21.64 -15.43
N TRP D 495 50.81 -21.84 -16.19
CA TRP D 495 51.72 -22.96 -15.92
C TRP D 495 52.24 -22.93 -14.49
N ALA D 496 52.76 -21.80 -14.04
CA ALA D 496 53.27 -21.68 -12.68
C ALA D 496 52.18 -21.77 -11.62
N LEU D 497 50.94 -21.45 -11.97
CA LEU D 497 49.83 -21.57 -11.04
C LEU D 497 49.30 -22.99 -10.94
N TRP D 498 49.62 -23.86 -11.90
CA TRP D 498 49.25 -25.27 -11.81
C TRP D 498 50.06 -25.99 -10.74
N HIS D 499 51.32 -25.62 -10.55
CA HIS D 499 52.18 -26.34 -9.62
C HIS D 499 52.05 -25.84 -8.19
N ALA D 500 51.66 -24.57 -8.02
CA ALA D 500 51.40 -24.05 -6.68
C ALA D 500 50.11 -24.58 -6.09
N LEU D 501 49.24 -25.15 -6.91
CA LEU D 501 47.94 -25.66 -6.46
C LEU D 501 47.93 -27.17 -6.34
N ASP D 502 49.08 -27.84 -6.44
CA ASP D 502 49.13 -29.28 -6.37
C ASP D 502 48.80 -29.75 -4.96
N SER D 503 47.86 -30.68 -4.85
CA SER D 503 47.33 -31.10 -3.56
C SER D 503 48.33 -31.91 -2.75
N ASP D 504 49.46 -32.31 -3.33
CA ASP D 504 50.48 -33.03 -2.59
C ASP D 504 51.30 -32.12 -1.69
N TYR D 505 51.35 -30.82 -1.98
CA TYR D 505 52.02 -29.87 -1.09
C TYR D 505 51.10 -29.30 -0.03
N TRP D 506 49.79 -29.34 -0.23
CA TRP D 506 48.84 -28.82 0.72
C TRP D 506 48.40 -29.85 1.75
N TRP D 507 48.67 -31.13 1.51
CA TRP D 507 48.34 -32.18 2.46
C TRP D 507 49.02 -31.90 3.79
N ALA D 508 48.28 -32.05 4.88
CA ALA D 508 48.70 -31.49 6.17
C ALA D 508 50.01 -32.08 6.65
N GLU D 509 50.19 -33.40 6.51
CA GLU D 509 51.40 -34.03 7.02
C GLU D 509 52.60 -33.76 6.12
N PHE D 510 52.34 -33.49 4.84
CA PHE D 510 53.38 -33.10 3.90
C PHE D 510 53.29 -31.63 3.51
N TRP D 511 52.90 -30.79 4.46
CA TRP D 511 52.74 -29.37 4.21
C TRP D 511 54.07 -28.75 3.79
N LEU D 512 54.10 -28.20 2.57
CA LEU D 512 55.34 -27.75 1.93
C LEU D 512 55.16 -26.34 1.42
N PRO D 513 55.17 -25.34 2.31
CA PRO D 513 54.87 -23.98 1.88
C PRO D 513 55.97 -23.32 1.06
N LYS D 514 57.21 -23.81 1.13
CA LYS D 514 58.30 -23.20 0.39
C LYS D 514 58.25 -23.50 -1.10
N ILE D 515 57.58 -24.59 -1.50
CA ILE D 515 57.37 -24.87 -2.92
C ILE D 515 56.13 -24.18 -3.45
N ILE D 516 55.10 -24.00 -2.63
CA ILE D 516 53.96 -23.17 -3.02
C ILE D 516 54.42 -21.73 -3.21
N ASP D 517 55.23 -21.20 -2.30
CA ASP D 517 55.73 -19.84 -2.44
C ASP D 517 56.67 -19.70 -3.63
N THR D 518 57.44 -20.75 -3.92
CA THR D 518 58.34 -20.70 -5.08
C THR D 518 57.58 -20.55 -6.37
N TRP D 519 56.49 -21.29 -6.54
CA TRP D 519 55.71 -21.26 -7.77
C TRP D 519 54.74 -20.09 -7.84
N LEU D 520 54.25 -19.59 -6.69
CA LEU D 520 53.42 -18.39 -6.72
C LEU D 520 54.24 -17.16 -7.07
N SER D 521 55.51 -17.12 -6.67
CA SER D 521 56.36 -15.98 -6.99
C SER D 521 56.68 -15.92 -8.47
N VAL D 522 56.81 -17.08 -9.12
CA VAL D 522 57.04 -17.10 -10.55
C VAL D 522 55.85 -16.51 -11.29
N ALA D 523 54.64 -16.88 -10.91
CA ALA D 523 53.43 -16.35 -11.55
C ALA D 523 53.13 -14.91 -11.15
N GLU D 524 53.46 -14.51 -9.93
CA GLU D 524 53.24 -13.15 -9.47
C GLU D 524 54.17 -12.15 -10.15
N ASN D 525 55.34 -12.58 -10.60
CA ASN D 525 56.28 -11.71 -11.31
C ASN D 525 55.97 -11.57 -12.79
N ILE D 526 55.59 -12.65 -13.47
CA ILE D 526 55.18 -12.56 -14.85
C ILE D 526 53.97 -11.65 -15.03
N LEU D 527 53.03 -11.69 -14.09
CA LEU D 527 51.82 -10.87 -14.14
C LEU D 527 52.08 -9.42 -13.73
N ASN D 528 52.98 -9.20 -12.77
CA ASN D 528 53.26 -7.85 -12.31
C ASN D 528 54.03 -7.03 -13.34
N ASN D 529 54.82 -7.67 -14.19
CA ASN D 529 55.60 -6.98 -15.20
C ASN D 529 54.78 -6.63 -16.43
N ARG D 530 53.58 -7.19 -16.56
CA ARG D 530 52.69 -6.89 -17.67
C ARG D 530 51.60 -5.90 -17.30
N ILE D 531 51.16 -5.89 -16.03
CA ILE D 531 50.15 -4.95 -15.56
C ILE D 531 50.74 -3.58 -15.24
N ASN D 532 52.04 -3.50 -14.97
CA ASN D 532 52.69 -2.23 -14.68
C ASN D 532 52.88 -1.38 -15.93
N LYS D 533 52.62 -1.91 -17.11
CA LYS D 533 52.70 -1.13 -18.33
C LYS D 533 51.45 -0.29 -18.57
N ILE D 534 50.41 -0.48 -17.77
CA ILE D 534 49.20 0.34 -17.84
C ILE D 534 49.21 1.25 -16.62
N GLN D 535 49.32 2.55 -16.83
CA GLN D 535 49.33 3.51 -15.75
C GLN D 535 48.70 4.82 -16.19
N ILE D 536 48.18 5.56 -15.20
CA ILE D 536 47.53 6.85 -15.41
C ILE D 536 48.64 7.89 -15.42
N ILE D 537 48.78 8.62 -16.52
CA ILE D 537 49.91 9.53 -16.67
C ILE D 537 49.49 10.97 -16.42
N ASP D 538 48.19 11.27 -16.47
CA ASP D 538 47.74 12.64 -16.29
C ASP D 538 46.29 12.67 -15.84
N VAL D 539 46.02 13.48 -14.82
CA VAL D 539 44.66 13.82 -14.38
C VAL D 539 44.68 15.30 -14.03
N ARG D 540 43.71 16.05 -14.53
CA ARG D 540 43.54 17.46 -14.22
C ARG D 540 42.08 17.88 -14.40
N PRO D 541 41.67 19.01 -13.80
CA PRO D 541 40.31 19.50 -14.04
C PRO D 541 40.13 19.90 -15.51
N ALA D 542 38.99 19.53 -16.08
CA ALA D 542 38.70 19.89 -17.46
C ALA D 542 37.97 21.23 -17.50
N SER D 543 37.88 21.87 -16.34
CA SER D 543 37.21 23.15 -16.18
C SER D 543 37.52 23.71 -14.80
N GLU D 544 36.97 24.87 -14.47
CA GLU D 544 37.14 25.43 -13.14
C GLU D 544 36.07 24.84 -12.23
N PHE D 545 36.47 24.48 -11.02
CA PHE D 545 35.61 23.78 -10.08
C PHE D 545 34.94 24.77 -9.15
N TYR D 546 33.61 24.72 -9.09
CA TYR D 546 32.81 25.55 -8.21
C TYR D 546 31.89 24.64 -7.41
N GLU D 547 31.56 25.06 -6.19
CA GLU D 547 30.81 24.20 -5.28
C GLU D 547 29.44 23.86 -5.86
N ASP D 548 29.12 22.57 -5.83
CA ASP D 548 27.80 22.05 -6.15
C ASP D 548 27.36 22.40 -7.57
N GLU D 549 28.32 22.40 -8.49
CA GLU D 549 27.98 22.53 -9.91
C GLU D 549 28.77 21.45 -10.65
N LYS D 550 28.21 20.96 -11.75
CA LYS D 550 28.82 19.85 -12.46
C LYS D 550 29.95 20.34 -13.36
N ALA D 551 31.17 19.91 -13.04
CA ALA D 551 32.35 20.30 -13.81
C ALA D 551 33.01 19.05 -14.37
N GLY D 552 34.14 19.21 -15.05
CA GLY D 552 34.77 18.07 -15.70
C GLY D 552 36.19 17.77 -15.24
N LEU D 553 36.52 16.49 -15.19
CA LEU D 553 37.85 16.02 -14.85
C LEU D 553 38.33 15.09 -15.95
N VAL D 554 39.54 15.33 -16.46
CA VAL D 554 40.08 14.58 -17.59
C VAL D 554 41.18 13.65 -17.11
N VAL D 555 41.18 12.42 -17.62
CA VAL D 555 42.10 11.37 -17.19
C VAL D 555 42.76 10.77 -18.42
N THR D 556 44.08 10.65 -18.40
CA THR D 556 44.84 10.07 -19.49
C THR D 556 45.43 8.73 -19.06
N ILE D 557 45.11 7.68 -19.80
CA ILE D 557 45.67 6.36 -19.60
C ILE D 557 46.73 6.14 -20.67
N ARG D 558 47.84 5.50 -20.30
CA ARG D 558 48.87 5.15 -21.28
C ARG D 558 49.09 3.64 -21.28
N ASN D 559 49.01 3.04 -22.46
CA ASN D 559 49.18 1.60 -22.65
C ASN D 559 50.52 1.35 -23.33
N GLN D 560 51.45 0.74 -22.61
CA GLN D 560 52.76 0.42 -23.15
C GLN D 560 52.86 -1.03 -23.65
N LEU D 561 51.82 -1.83 -23.45
CA LEU D 561 51.81 -3.18 -24.01
C LEU D 561 51.75 -3.14 -25.53
N GLU D 562 51.90 -4.31 -26.13
CA GLU D 562 51.84 -4.49 -27.57
C GLU D 562 50.48 -5.01 -28.01
N LYS D 563 49.46 -4.83 -27.17
CA LYS D 563 48.14 -5.37 -27.42
C LYS D 563 47.12 -4.28 -27.12
N GLU D 564 45.92 -4.43 -27.68
CA GLU D 564 44.84 -3.51 -27.36
C GLU D 564 44.31 -3.82 -25.97
N ILE D 565 44.19 -2.78 -25.15
CA ILE D 565 43.87 -2.91 -23.74
C ILE D 565 42.54 -2.21 -23.49
N ARG D 566 41.80 -2.75 -22.52
CA ARG D 566 40.52 -2.15 -22.09
C ARG D 566 40.58 -2.07 -20.55
N VAL D 567 40.53 -0.86 -20.00
CA VAL D 567 40.54 -0.69 -18.55
C VAL D 567 39.35 0.14 -18.13
N SER D 568 38.97 0.05 -16.87
CA SER D 568 37.93 0.89 -16.29
C SER D 568 38.51 1.54 -15.04
N PHE D 569 38.11 2.79 -14.81
CA PHE D 569 38.65 3.53 -13.68
C PHE D 569 37.52 4.16 -12.89
N ALA D 570 37.71 4.17 -11.56
CA ALA D 570 36.75 4.75 -10.63
C ALA D 570 37.39 5.94 -9.94
N ILE D 571 36.66 7.05 -9.89
CA ILE D 571 37.13 8.25 -9.22
C ILE D 571 37.03 8.06 -7.72
N GLY D 572 37.68 8.94 -6.97
CA GLY D 572 37.60 8.89 -5.52
C GLY D 572 37.95 10.23 -4.92
N GLY D 573 37.21 10.60 -3.89
CA GLY D 573 37.44 11.87 -3.24
C GLY D 573 36.56 11.99 -2.02
N THR D 574 36.84 13.05 -1.25
CA THR D 574 36.19 13.21 0.04
C THR D 574 34.81 13.83 -0.08
N GLY D 575 34.54 14.56 -1.16
CA GLY D 575 33.24 15.17 -1.34
C GLY D 575 32.77 15.12 -2.78
N PHE D 576 33.35 14.22 -3.57
CA PHE D 576 33.10 14.21 -5.00
C PHE D 576 32.03 13.21 -5.37
N SER D 577 31.40 13.43 -6.53
CA SER D 577 30.36 12.54 -7.05
C SER D 577 30.25 12.76 -8.54
N SER D 578 30.50 11.72 -9.33
CA SER D 578 30.31 11.80 -10.77
C SER D 578 28.83 11.71 -11.12
N VAL D 579 28.52 11.83 -12.41
CA VAL D 579 27.12 11.78 -12.83
C VAL D 579 26.54 10.39 -12.57
N ASN D 580 27.03 9.40 -13.30
CA ASN D 580 26.69 8.00 -13.06
C ASN D 580 27.73 7.07 -13.70
N ASN D 581 28.63 6.51 -12.90
CA ASN D 581 29.65 5.61 -13.44
C ASN D 581 30.14 4.65 -12.36
N ASP D 582 29.69 3.39 -12.45
CA ASP D 582 30.27 2.34 -11.64
C ASP D 582 31.66 1.99 -12.15
N LEU D 583 31.82 1.87 -13.47
CA LEU D 583 33.09 1.54 -14.10
C LEU D 583 33.08 2.08 -15.53
N GLU D 584 33.91 3.08 -15.79
CA GLU D 584 34.00 3.69 -17.11
C GLU D 584 35.12 3.02 -17.89
N THR D 585 34.75 2.18 -18.86
CA THR D 585 35.72 1.36 -19.58
C THR D 585 36.17 2.09 -20.85
N VAL D 586 37.45 1.95 -21.19
CA VAL D 586 38.00 2.50 -22.42
C VAL D 586 38.45 1.34 -23.30
N LYS D 587 38.94 1.64 -24.50
CA LYS D 587 39.45 0.62 -25.39
C LYS D 587 40.54 1.21 -26.27
N MET D 588 41.80 0.94 -25.95
CA MET D 588 42.92 1.63 -26.55
C MET D 588 43.93 0.64 -27.15
N ASN D 589 44.43 0.98 -28.33
CA ASN D 589 45.30 0.11 -29.10
C ASN D 589 46.75 0.28 -28.65
N PRO D 590 47.63 -0.66 -29.02
CA PRO D 590 48.96 -0.71 -28.39
C PRO D 590 49.79 0.55 -28.60
N ASN D 591 50.61 0.84 -27.60
CA ASN D 591 51.59 1.93 -27.64
C ASN D 591 50.92 3.27 -27.97
N SER D 592 49.87 3.56 -27.19
CA SER D 592 49.09 4.76 -27.39
C SER D 592 48.58 5.23 -26.03
N SER D 593 48.06 6.45 -26.01
CA SER D 593 47.42 7.01 -24.83
C SER D 593 45.91 7.06 -25.06
N TYR D 594 45.18 7.51 -24.04
CA TYR D 594 43.73 7.61 -24.16
C TYR D 594 43.26 8.63 -23.13
N THR D 595 42.64 9.70 -23.59
CA THR D 595 42.16 10.76 -22.73
C THR D 595 40.64 10.77 -22.69
N ARG D 596 40.08 10.91 -21.50
CA ARG D 596 38.65 10.96 -21.30
C ARG D 596 38.31 11.97 -20.21
N ILE D 597 37.27 12.76 -20.47
CA ILE D 597 36.77 13.75 -19.52
C ILE D 597 35.57 13.16 -18.81
N ILE D 598 35.59 13.18 -17.48
CA ILE D 598 34.49 12.67 -16.66
C ILE D 598 33.88 13.84 -15.92
N PRO D 599 32.55 13.94 -15.86
CA PRO D 599 31.91 15.04 -15.11
C PRO D 599 31.72 14.65 -13.65
N VAL D 600 32.21 15.49 -12.75
CA VAL D 600 32.10 15.27 -11.32
C VAL D 600 31.57 16.56 -10.69
N LYS D 601 30.92 16.41 -9.54
CA LYS D 601 30.32 17.53 -8.83
C LYS D 601 30.92 17.63 -7.43
N ALA D 602 31.42 18.80 -7.09
CA ALA D 602 32.00 19.02 -5.77
C ALA D 602 30.91 19.29 -4.75
N LYS D 603 31.25 19.12 -3.48
CA LYS D 603 30.28 19.32 -2.42
C LYS D 603 30.76 20.26 -1.32
N PHE D 604 32.07 20.31 -1.07
CA PHE D 604 32.65 21.29 -0.17
C PHE D 604 33.51 22.27 -0.95
N ILE D 605 34.00 23.29 -0.26
CA ILE D 605 34.93 24.25 -0.84
C ILE D 605 36.27 24.09 -0.14
N GLY D 606 37.33 24.31 -0.86
CA GLY D 606 38.65 24.26 -0.28
C GLY D 606 39.57 23.36 -1.07
N LYS D 607 40.53 22.79 -0.37
CA LYS D 607 41.66 22.09 -0.96
C LYS D 607 41.37 20.58 -0.94
N HIS D 608 40.83 20.07 -2.04
CA HIS D 608 40.33 18.72 -2.15
C HIS D 608 41.41 17.74 -2.61
N LYS D 609 41.17 16.46 -2.38
CA LYS D 609 42.02 15.38 -2.85
C LYS D 609 41.20 14.44 -3.73
N MET D 610 41.62 14.30 -4.99
CA MET D 610 40.98 13.37 -5.92
C MET D 610 41.82 12.12 -6.06
N VAL D 611 41.14 10.97 -6.08
CA VAL D 611 41.79 9.68 -6.29
C VAL D 611 41.21 9.09 -7.56
N VAL D 612 42.09 8.74 -8.50
CA VAL D 612 41.69 8.07 -9.74
C VAL D 612 42.44 6.75 -9.81
N SER D 613 41.71 5.65 -9.99
CA SER D 613 42.33 4.33 -10.01
C SER D 613 41.74 3.49 -11.11
N ALA D 614 42.61 2.82 -11.88
CA ALA D 614 42.19 1.92 -12.95
C ALA D 614 41.89 0.55 -12.37
N ILE D 615 40.90 -0.12 -12.95
CA ILE D 615 40.33 -1.34 -12.38
C ILE D 615 40.08 -2.35 -13.50
N SER D 616 40.36 -3.62 -13.22
CA SER D 616 40.05 -4.72 -14.14
C SER D 616 39.58 -5.90 -13.34
N LYS D 617 38.33 -6.33 -13.58
CA LYS D 617 37.71 -7.44 -12.85
C LYS D 617 37.85 -7.28 -11.33
N GLY D 618 37.47 -6.11 -10.84
CA GLY D 618 37.47 -5.86 -9.42
C GLY D 618 38.82 -5.72 -8.78
N LEU D 619 39.87 -5.52 -9.58
CA LEU D 619 41.23 -5.38 -9.06
C LEU D 619 41.75 -4.00 -9.43
N ILE D 620 42.18 -3.24 -8.42
CA ILE D 620 42.72 -1.91 -8.66
C ILE D 620 44.09 -2.04 -9.32
N ILE D 621 44.24 -1.44 -10.49
CA ILE D 621 45.46 -1.55 -11.27
C ILE D 621 46.45 -0.48 -10.87
N ASP D 622 46.07 0.79 -11.07
CA ASP D 622 46.93 1.92 -10.78
C ASP D 622 46.10 3.07 -10.23
N SER D 623 46.60 3.72 -9.18
CA SER D 623 45.90 4.82 -8.53
C SER D 623 46.86 5.98 -8.32
N LYS D 624 46.38 7.19 -8.64
CA LYS D 624 47.22 8.38 -8.59
C LYS D 624 46.41 9.57 -8.07
N ILE D 625 47.07 10.38 -7.23
CA ILE D 625 46.43 11.43 -6.44
C ILE D 625 46.68 12.77 -7.13
N ILE D 626 45.64 13.58 -7.27
CA ILE D 626 45.79 14.96 -7.62
C ILE D 626 45.20 15.83 -6.52
N ASP D 627 45.27 17.15 -6.71
CA ASP D 627 44.79 18.11 -5.73
C ASP D 627 44.13 19.25 -6.48
N ILE D 628 42.85 19.47 -6.24
CA ILE D 628 42.12 20.54 -6.89
C ILE D 628 41.53 21.45 -5.81
N ASN D 629 41.33 22.72 -6.18
CA ASN D 629 40.80 23.73 -5.27
C ASN D 629 39.41 24.11 -5.76
N VAL D 630 38.42 23.97 -4.90
CA VAL D 630 37.04 24.29 -5.24
C VAL D 630 36.68 25.62 -4.61
N LYS D 631 36.17 26.55 -5.42
CA LYS D 631 35.87 27.87 -4.89
C LYS D 631 34.36 28.07 -4.74
N PRO D 632 33.95 28.93 -3.81
CA PRO D 632 32.51 29.14 -3.58
C PRO D 632 31.83 29.77 -4.78
N LYS D 633 30.59 29.34 -5.00
CA LYS D 633 29.81 29.85 -6.12
C LYS D 633 29.08 31.13 -5.72
N LEU D 634 29.21 32.17 -6.53
CA LEU D 634 28.58 33.44 -6.25
C LEU D 634 27.27 33.58 -7.01
N LEU D 635 26.26 34.11 -6.34
CA LEU D 635 25.00 34.46 -6.98
C LEU D 635 25.20 35.73 -7.82
N PRO D 636 24.46 35.85 -8.93
CA PRO D 636 24.61 37.03 -9.79
C PRO D 636 23.95 38.26 -9.20
N ASN D 637 24.17 39.39 -9.87
CA ASN D 637 23.59 40.65 -9.44
C ASN D 637 22.07 40.57 -9.48
N PRO D 638 21.39 41.19 -8.51
CA PRO D 638 19.92 41.24 -8.57
C PRO D 638 19.45 41.92 -9.84
N ARG D 639 18.52 41.30 -10.56
CA ARG D 639 18.09 41.82 -11.85
C ARG D 639 17.28 43.09 -11.66
N LEU D 640 17.39 44.01 -12.61
CA LEU D 640 16.94 45.37 -12.45
C LEU D 640 15.47 45.55 -12.85
N ILE E 103 -20.39 -71.12 58.23
CA ILE E 103 -19.02 -70.72 58.55
C ILE E 103 -18.59 -69.60 57.61
N ASP E 104 -17.73 -68.72 58.10
CA ASP E 104 -17.23 -67.61 57.30
C ASP E 104 -15.83 -67.24 57.80
N ASN E 105 -15.07 -66.58 56.93
CA ASN E 105 -13.71 -66.18 57.27
C ASN E 105 -13.68 -64.77 57.86
N THR E 106 -14.14 -64.63 59.10
CA THR E 106 -14.14 -63.33 59.77
C THR E 106 -12.71 -62.99 60.21
N CYS E 107 -11.96 -62.47 59.24
CA CYS E 107 -10.56 -62.14 59.47
C CYS E 107 -10.42 -60.77 60.11
N PHE E 108 -9.23 -60.50 60.64
CA PHE E 108 -8.93 -59.23 61.27
C PHE E 108 -7.54 -58.76 60.89
N LEU E 109 -7.05 -57.69 61.53
CA LEU E 109 -5.76 -57.13 61.19
C LEU E 109 -4.98 -56.84 62.46
N VAL E 110 -3.66 -56.82 62.33
CA VAL E 110 -2.77 -56.47 63.43
C VAL E 110 -1.77 -55.43 62.92
N GLY E 111 -1.43 -54.49 63.77
CA GLY E 111 -0.51 -53.45 63.37
C GLY E 111 0.01 -52.68 64.56
N ASP E 112 0.92 -51.75 64.28
CA ASP E 112 1.54 -50.92 65.29
C ASP E 112 0.99 -49.51 65.19
N PRO E 113 0.17 -49.06 66.15
CA PRO E 113 -0.44 -47.73 66.04
C PRO E 113 0.54 -46.60 65.85
N SER E 114 1.79 -46.76 66.27
CA SER E 114 2.80 -45.73 66.08
C SER E 114 3.71 -46.00 64.89
N SER E 115 3.42 -47.01 64.09
CA SER E 115 4.23 -47.30 62.90
C SER E 115 4.23 -46.13 61.94
N ARG E 116 3.07 -45.48 61.78
CA ARG E 116 2.93 -44.33 60.91
C ARG E 116 2.04 -43.30 61.60
N GLU E 117 2.02 -42.09 61.07
CA GLU E 117 1.13 -41.07 61.58
C GLU E 117 -0.32 -41.46 61.30
N GLN E 118 -1.14 -41.44 62.34
CA GLN E 118 -2.52 -41.89 62.22
C GLN E 118 -3.32 -41.02 61.25
N MET E 119 -4.07 -41.68 60.37
CA MET E 119 -4.69 -40.98 59.25
C MET E 119 -6.01 -40.33 59.67
N TYR E 120 -6.22 -39.10 59.20
CA TYR E 120 -7.46 -38.38 59.44
C TYR E 120 -8.59 -39.09 58.71
N PHE E 121 -9.69 -39.34 59.42
CA PHE E 121 -10.87 -39.96 58.84
C PHE E 121 -12.07 -39.04 59.02
N THR E 122 -12.85 -38.87 57.96
CA THR E 122 -14.04 -38.03 57.99
C THR E 122 -15.09 -38.61 57.07
N ILE E 123 -16.35 -38.33 57.35
CA ILE E 123 -17.48 -38.77 56.52
C ILE E 123 -18.43 -37.59 56.34
N VAL E 124 -19.01 -37.47 55.14
CA VAL E 124 -19.88 -36.37 54.79
C VAL E 124 -21.26 -36.95 54.54
N TRP E 125 -22.26 -36.45 55.28
CA TRP E 125 -23.65 -36.81 55.05
C TRP E 125 -24.36 -35.65 54.37
N HIS E 126 -25.01 -35.93 53.25
CA HIS E 126 -25.71 -34.92 52.46
C HIS E 126 -27.19 -35.04 52.77
N HIS E 127 -27.66 -34.27 53.74
CA HIS E 127 -29.06 -34.24 54.13
C HIS E 127 -29.76 -33.15 53.33
N HIS E 128 -30.56 -33.55 52.34
CA HIS E 128 -31.23 -32.57 51.51
C HIS E 128 -32.60 -33.08 51.06
N GLN E 129 -33.57 -32.18 51.06
CA GLN E 129 -34.83 -32.35 50.37
C GLN E 129 -35.10 -31.11 49.53
N ALA E 130 -35.70 -31.31 48.36
CA ALA E 130 -35.98 -30.20 47.48
C ALA E 130 -37.00 -29.26 48.11
N PRO E 131 -36.93 -27.96 47.79
CA PRO E 131 -38.00 -27.07 48.24
C PRO E 131 -39.31 -27.48 47.59
N ASN E 132 -40.21 -28.03 48.40
CA ASN E 132 -41.35 -28.78 47.89
C ASN E 132 -42.65 -28.08 48.26
N TYR E 133 -42.59 -26.77 48.45
CA TYR E 133 -43.78 -25.95 48.65
C TYR E 133 -44.18 -25.32 47.33
N LEU E 134 -45.49 -25.31 47.07
CA LEU E 134 -46.03 -24.64 45.89
C LEU E 134 -45.91 -23.13 46.08
N PRO E 135 -46.00 -22.35 44.99
CA PRO E 135 -45.78 -20.90 45.13
C PRO E 135 -46.69 -20.23 46.14
N ASP E 136 -47.88 -20.78 46.38
CA ASP E 136 -48.75 -20.23 47.41
C ASP E 136 -48.16 -20.44 48.81
N GLY E 137 -47.65 -21.64 49.08
CA GLY E 137 -47.03 -21.91 50.36
C GLY E 137 -47.30 -23.29 50.91
N ARG E 138 -48.20 -24.03 50.27
CA ARG E 138 -48.53 -25.37 50.73
C ARG E 138 -47.51 -26.39 50.22
N ILE E 139 -47.41 -27.51 50.93
CA ILE E 139 -46.38 -28.51 50.67
C ILE E 139 -46.96 -29.58 49.75
N HIS E 140 -46.29 -29.82 48.62
N HIS E 140 -46.29 -29.82 48.62
CA HIS E 140 -46.71 -30.88 47.72
CA HIS E 140 -46.71 -30.88 47.72
C HIS E 140 -45.83 -32.13 47.83
C HIS E 140 -45.84 -32.14 47.83
N GLY E 141 -44.63 -32.02 48.37
CA GLY E 141 -43.78 -33.16 48.60
C GLY E 141 -43.51 -33.37 50.07
N PRO E 142 -44.08 -34.43 50.64
CA PRO E 142 -43.91 -34.68 52.08
C PRO E 142 -42.72 -35.58 52.38
N TRP E 143 -41.49 -35.09 52.26
CA TRP E 143 -40.32 -35.89 52.59
C TRP E 143 -39.47 -35.21 53.64
N ALA E 144 -39.38 -33.88 53.60
CA ALA E 144 -38.64 -33.15 54.61
C ALA E 144 -39.30 -33.21 55.97
N TYR E 145 -40.56 -33.67 56.00
CA TYR E 145 -41.34 -33.74 57.27
C TYR E 145 -41.62 -35.16 57.73
N ILE E 146 -42.11 -36.01 56.82
CA ILE E 146 -42.47 -37.40 57.19
C ILE E 146 -41.23 -38.21 57.61
N TYR E 147 -40.08 -37.97 56.98
CA TYR E 147 -38.87 -38.76 57.33
C TYR E 147 -38.60 -38.49 58.82
N VAL E 148 -38.67 -37.23 59.23
CA VAL E 148 -38.40 -36.83 60.64
C VAL E 148 -39.45 -37.40 61.60
N TRP E 149 -40.75 -37.37 61.24
CA TRP E 149 -41.79 -37.80 62.21
C TRP E 149 -42.51 -39.13 61.93
N SER E 150 -42.21 -39.86 60.85
CA SER E 150 -42.95 -41.15 60.67
C SER E 150 -42.21 -42.27 61.41
N ASP E 151 -42.83 -43.45 61.43
CA ASP E 151 -42.26 -44.63 62.08
C ASP E 151 -41.58 -45.52 61.05
N LEU E 152 -40.54 -44.98 60.42
CA LEU E 152 -39.78 -45.67 59.40
C LEU E 152 -38.68 -46.55 59.94
N LEU E 153 -38.02 -46.14 61.02
CA LEU E 153 -36.86 -46.84 61.56
C LEU E 153 -37.23 -47.60 62.83
N LYS E 154 -38.48 -48.00 62.95
CA LYS E 154 -38.91 -48.70 64.15
C LYS E 154 -38.46 -50.15 64.10
N PRO E 155 -38.14 -50.74 65.27
CA PRO E 155 -38.25 -50.14 66.60
C PRO E 155 -37.01 -49.36 67.06
N TYR E 156 -36.07 -49.09 66.15
CA TYR E 156 -34.82 -48.44 66.52
C TYR E 156 -34.89 -46.92 66.50
N GLY E 157 -35.73 -46.34 65.66
CA GLY E 157 -35.81 -44.89 65.58
C GLY E 157 -37.06 -44.46 64.85
N LYS E 158 -37.22 -43.14 64.72
CA LYS E 158 -38.39 -42.59 64.03
C LYS E 158 -38.07 -42.26 62.57
N GLY E 159 -37.12 -41.37 62.34
CA GLY E 159 -36.83 -40.92 61.00
C GLY E 159 -35.34 -40.67 60.80
N PRO E 160 -34.88 -40.82 59.56
CA PRO E 160 -33.43 -40.70 59.29
C PRO E 160 -32.82 -39.39 59.77
N TYR E 161 -33.51 -38.27 59.55
CA TYR E 161 -32.96 -36.99 60.00
C TYR E 161 -32.96 -36.90 61.52
N HIS E 162 -33.93 -37.55 62.16
CA HIS E 162 -33.99 -37.56 63.62
C HIS E 162 -33.07 -38.63 64.20
N TYR E 163 -32.96 -39.76 63.50
CA TYR E 163 -32.06 -40.83 63.94
C TYR E 163 -30.62 -40.36 63.92
N HIS E 164 -30.22 -39.64 62.86
CA HIS E 164 -28.87 -39.12 62.80
C HIS E 164 -28.59 -38.17 63.96
N SER E 165 -29.57 -37.33 64.31
CA SER E 165 -29.39 -36.41 65.42
C SER E 165 -29.29 -37.14 66.75
N VAL E 166 -30.10 -38.18 66.95
CA VAL E 166 -30.04 -38.89 68.23
C VAL E 166 -28.76 -39.70 68.36
N MET E 167 -28.23 -40.22 67.26
CA MET E 167 -26.93 -40.89 67.30
C MET E 167 -25.81 -39.94 67.67
N LEU E 168 -25.98 -38.64 67.40
CA LEU E 168 -25.01 -37.64 67.85
C LEU E 168 -25.06 -37.44 69.36
N ASN E 169 -26.24 -37.59 69.97
CA ASN E 169 -26.35 -37.50 71.42
C ASN E 169 -25.83 -38.76 72.09
N ILE E 170 -26.07 -39.92 71.49
CA ILE E 170 -25.67 -41.20 72.08
C ILE E 170 -24.15 -41.26 72.18
N HIS E 171 -23.46 -40.88 71.11
CA HIS E 171 -22.01 -41.00 71.04
C HIS E 171 -21.37 -39.62 70.93
N PRO E 172 -20.91 -39.02 72.02
CA PRO E 172 -20.23 -37.73 71.89
C PRO E 172 -18.79 -37.86 71.42
N HIS E 173 -18.39 -39.08 71.06
CA HIS E 173 -17.04 -39.33 70.55
C HIS E 173 -17.04 -39.63 69.05
N PHE E 174 -18.13 -39.36 68.35
CA PHE E 174 -18.22 -39.56 66.91
C PHE E 174 -18.27 -38.19 66.25
N LYS E 175 -17.31 -37.91 65.39
CA LYS E 175 -17.25 -36.63 64.70
C LYS E 175 -17.48 -36.82 63.20
N ALA E 176 -18.46 -36.08 62.69
CA ALA E 176 -18.80 -36.16 61.27
C ALA E 176 -19.26 -34.81 60.76
N THR E 177 -18.77 -34.40 59.58
CA THR E 177 -19.22 -33.17 58.98
C THR E 177 -20.57 -33.38 58.30
N TYR E 178 -21.46 -32.41 58.45
CA TYR E 178 -22.84 -32.53 57.99
C TYR E 178 -23.14 -31.46 56.96
N ASN E 179 -23.96 -31.80 55.97
CA ASN E 179 -24.52 -30.83 55.04
C ASN E 179 -26.03 -30.80 55.29
N LEU E 180 -26.46 -29.83 56.09
CA LEU E 180 -27.89 -29.56 56.25
C LEU E 180 -28.29 -28.57 55.16
N SER E 181 -29.02 -29.06 54.16
CA SER E 181 -29.30 -28.26 52.99
C SER E 181 -30.15 -27.04 53.39
N PRO E 182 -29.88 -25.87 52.81
CA PRO E 182 -30.69 -24.69 53.15
C PRO E 182 -32.17 -24.87 52.89
N SER E 183 -32.52 -25.56 51.81
CA SER E 183 -33.93 -25.84 51.54
C SER E 183 -34.55 -26.68 52.64
N LEU E 184 -33.87 -27.75 53.06
CA LEU E 184 -34.32 -28.58 54.17
C LEU E 184 -34.39 -27.82 55.48
N LEU E 185 -33.39 -26.99 55.77
CA LEU E 185 -33.41 -26.20 56.99
C LEU E 185 -34.59 -25.24 57.02
N ARG E 186 -34.88 -24.59 55.89
CA ARG E 186 -36.02 -23.67 55.85
C ARG E 186 -37.34 -24.43 55.89
N GLN E 187 -37.41 -25.60 55.25
CA GLN E 187 -38.62 -26.40 55.29
C GLN E 187 -38.95 -26.83 56.72
N TRP E 188 -37.93 -27.24 57.48
CA TRP E 188 -38.14 -27.48 58.90
C TRP E 188 -38.49 -26.21 59.67
N GLN E 189 -37.83 -25.10 59.37
CA GLN E 189 -38.07 -23.83 60.04
C GLN E 189 -39.49 -23.31 59.86
N ILE E 190 -40.08 -23.47 58.68
CA ILE E 190 -41.42 -22.98 58.43
C ILE E 190 -42.48 -23.91 59.02
N ALA E 191 -42.05 -24.94 59.75
CA ALA E 191 -42.96 -25.78 60.51
C ALA E 191 -42.90 -25.55 62.01
N VAL E 192 -41.75 -25.12 62.54
CA VAL E 192 -41.63 -24.79 63.96
C VAL E 192 -42.19 -23.41 64.26
N GLU E 193 -42.43 -22.59 63.24
CA GLU E 193 -43.00 -21.26 63.42
C GLU E 193 -44.45 -21.15 63.00
N LYS E 194 -44.90 -21.99 62.07
CA LYS E 194 -46.30 -21.97 61.64
C LYS E 194 -46.65 -23.36 61.12
N GLY E 195 -47.88 -23.79 61.38
CA GLY E 195 -48.31 -25.12 60.96
C GLY E 195 -48.31 -25.31 59.46
N VAL E 196 -47.60 -26.32 58.99
CA VAL E 196 -47.55 -26.59 57.55
C VAL E 196 -48.85 -27.23 57.10
N GLU E 197 -49.19 -27.03 55.83
CA GLU E 197 -50.36 -27.65 55.22
C GLU E 197 -49.93 -28.36 53.95
N PHE E 198 -50.49 -29.56 53.74
CA PHE E 198 -50.16 -30.35 52.57
C PHE E 198 -51.22 -30.18 51.49
N VAL E 199 -50.85 -30.55 50.26
CA VAL E 199 -51.79 -30.51 49.15
C VAL E 199 -52.90 -31.54 49.31
N ASN E 200 -52.58 -32.70 49.87
CA ASN E 200 -53.58 -33.74 50.11
C ASN E 200 -54.62 -33.30 51.14
N GLY E 201 -54.35 -32.23 51.89
CA GLY E 201 -55.36 -31.64 52.75
C GLY E 201 -55.03 -31.67 54.23
N GLU E 202 -54.50 -32.79 54.71
CA GLU E 202 -54.21 -32.92 56.13
C GLU E 202 -53.06 -32.01 56.53
N LYS E 203 -53.23 -31.28 57.63
CA LYS E 203 -52.27 -30.28 58.06
C LYS E 203 -52.07 -30.36 59.57
N TYR E 204 -51.15 -29.53 60.06
CA TYR E 204 -50.78 -29.52 61.47
C TYR E 204 -50.61 -28.07 61.92
N ASP E 205 -50.28 -27.89 63.19
CA ASP E 205 -50.11 -26.59 63.82
C ASP E 205 -48.83 -26.61 64.64
N PRO E 206 -48.24 -25.44 64.89
CA PRO E 206 -46.90 -25.40 65.50
C PRO E 206 -46.83 -25.95 66.92
N ASN E 207 -47.92 -26.47 67.48
CA ASN E 207 -47.90 -27.12 68.78
C ASN E 207 -48.11 -28.63 68.69
N HIS E 208 -48.32 -29.16 67.49
CA HIS E 208 -48.55 -30.58 67.30
C HIS E 208 -47.30 -31.37 67.70
N GLU E 209 -47.52 -32.55 68.28
CA GLU E 209 -46.42 -33.39 68.75
C GLU E 209 -45.45 -33.70 67.61
N LYS E 210 -45.97 -33.92 66.40
CA LYS E 210 -45.09 -34.11 65.25
C LYS E 210 -44.23 -32.88 65.00
N ILE E 211 -44.83 -31.69 65.10
CA ILE E 211 -44.08 -30.45 64.99
C ILE E 211 -43.03 -30.29 66.09
N ARG E 212 -43.36 -30.64 67.34
CA ARG E 212 -42.35 -30.71 68.37
C ARG E 212 -41.23 -31.67 68.05
N LEU E 213 -41.52 -32.78 67.38
CA LEU E 213 -40.51 -33.79 67.06
C LEU E 213 -39.57 -33.33 65.97
N VAL E 214 -39.85 -32.19 65.33
CA VAL E 214 -38.93 -31.58 64.39
C VAL E 214 -38.01 -30.66 65.17
N GLU E 215 -38.51 -30.09 66.27
CA GLU E 215 -37.82 -29.03 66.98
C GLU E 215 -36.61 -29.50 67.77
N GLU E 216 -36.61 -30.70 68.35
CA GLU E 216 -35.37 -31.14 69.00
C GLU E 216 -34.42 -31.81 68.02
N THR E 217 -34.88 -32.16 66.82
CA THR E 217 -33.95 -32.59 65.78
C THR E 217 -33.03 -31.43 65.37
N LEU E 218 -33.63 -30.27 65.08
CA LEU E 218 -32.85 -29.10 64.71
C LEU E 218 -31.98 -28.62 65.87
N ASN E 219 -32.51 -28.68 67.09
CA ASN E 219 -31.73 -28.26 68.26
C ASN E 219 -30.62 -29.25 68.55
N ASN E 220 -30.85 -30.54 68.29
CA ASN E 220 -29.80 -31.55 68.42
C ASN E 220 -28.66 -31.26 67.44
N TYR E 221 -29.00 -30.95 66.19
CA TYR E 221 -27.96 -30.59 65.23
C TYR E 221 -27.24 -29.32 65.66
N ARG E 222 -27.98 -28.33 66.17
CA ARG E 222 -27.36 -27.09 66.61
C ARG E 222 -26.38 -27.31 67.75
N GLU E 223 -26.79 -28.10 68.75
CA GLU E 223 -25.92 -28.34 69.90
C GLU E 223 -24.73 -29.20 69.53
N ALA E 224 -24.91 -30.17 68.62
CA ALA E 224 -23.77 -30.93 68.13
C ALA E 224 -22.81 -30.03 67.36
N LEU E 225 -23.34 -29.04 66.64
CA LEU E 225 -22.48 -28.13 65.89
C LEU E 225 -21.64 -27.25 66.83
N PHE E 226 -22.29 -26.47 67.68
CA PHE E 226 -21.52 -25.61 68.58
C PHE E 226 -20.86 -26.35 69.73
N LYS E 227 -21.10 -27.66 69.87
CA LYS E 227 -20.27 -28.51 70.70
C LYS E 227 -18.96 -28.86 70.02
N GLY E 228 -18.83 -28.60 68.72
CA GLY E 228 -17.68 -28.99 67.95
C GLY E 228 -17.73 -30.40 67.43
N GLN E 229 -18.78 -31.16 67.75
CA GLN E 229 -18.86 -32.56 67.34
C GLN E 229 -19.01 -32.68 65.82
N ILE E 230 -19.81 -31.80 65.21
CA ILE E 230 -20.06 -31.87 63.78
C ILE E 230 -19.74 -30.54 63.12
N ASP E 231 -19.53 -30.58 61.79
CA ASP E 231 -19.31 -29.39 60.99
C ASP E 231 -20.46 -29.28 59.99
N VAL E 232 -21.00 -28.08 59.83
CA VAL E 232 -22.20 -27.86 59.02
C VAL E 232 -21.80 -27.15 57.73
N LEU E 233 -22.18 -27.75 56.61
CA LEU E 233 -21.85 -27.24 55.28
C LEU E 233 -23.02 -26.44 54.71
N THR E 234 -22.69 -25.33 54.07
CA THR E 234 -23.68 -24.58 53.31
C THR E 234 -23.81 -25.20 51.92
N SER E 235 -24.70 -24.64 51.11
CA SER E 235 -24.92 -25.17 49.77
C SER E 235 -25.72 -24.16 48.96
N ILE E 236 -25.97 -24.49 47.70
CA ILE E 236 -26.90 -23.75 46.88
C ILE E 236 -28.31 -23.96 47.43
N TYR E 237 -29.08 -22.87 47.54
CA TYR E 237 -30.39 -22.96 48.18
C TYR E 237 -31.26 -23.99 47.49
N ALA E 238 -31.59 -23.77 46.22
CA ALA E 238 -32.25 -24.81 45.44
C ALA E 238 -31.19 -25.71 44.81
N HIS E 239 -31.32 -27.01 45.06
CA HIS E 239 -30.27 -27.98 44.77
C HIS E 239 -30.17 -28.12 43.27
N THR E 240 -29.25 -27.37 42.66
CA THR E 240 -29.09 -27.35 41.22
C THR E 240 -27.67 -27.71 40.82
N ILE E 241 -27.54 -28.28 39.62
CA ILE E 241 -26.25 -28.72 39.10
C ILE E 241 -25.47 -27.54 38.55
N GLY E 242 -24.64 -26.94 39.40
CA GLY E 242 -23.95 -25.70 39.07
C GLY E 242 -22.97 -25.82 37.92
N GLY E 243 -22.22 -26.91 37.86
CA GLY E 243 -21.24 -27.07 36.80
C GLY E 243 -21.90 -27.14 35.44
N PHE E 244 -23.04 -27.81 35.34
CA PHE E 244 -23.84 -27.82 34.14
C PHE E 244 -24.44 -26.46 33.83
N LEU E 245 -24.94 -25.74 34.83
CA LEU E 245 -25.56 -24.45 34.59
C LEU E 245 -24.56 -23.43 34.06
N THR E 246 -23.41 -23.30 34.72
CA THR E 246 -22.42 -22.32 34.31
C THR E 246 -21.76 -22.65 32.97
N ASP E 247 -21.88 -23.90 32.52
CA ASP E 247 -21.23 -24.27 31.26
C ASP E 247 -22.21 -24.29 30.10
N VAL E 248 -23.28 -25.08 30.20
CA VAL E 248 -24.25 -25.20 29.12
C VAL E 248 -25.09 -23.93 29.05
N LEU E 249 -25.79 -23.62 30.14
CA LEU E 249 -26.59 -22.40 30.17
C LEU E 249 -25.74 -21.15 30.34
N GLY E 250 -24.68 -21.24 31.14
CA GLY E 250 -23.84 -20.10 31.40
C GLY E 250 -24.46 -19.05 32.30
N ALA E 251 -25.50 -19.40 33.06
CA ALA E 251 -26.18 -18.44 33.94
C ALA E 251 -25.43 -18.36 35.26
N THR E 252 -24.32 -17.63 35.23
CA THR E 252 -23.49 -17.43 36.40
C THR E 252 -24.16 -16.56 37.46
N ASN E 253 -24.90 -15.52 37.05
CA ASN E 253 -25.52 -14.61 38.00
C ASN E 253 -26.55 -15.27 38.90
N ILE E 254 -27.19 -16.34 38.43
CA ILE E 254 -28.12 -17.08 39.28
C ILE E 254 -27.40 -17.84 40.39
N VAL E 255 -26.23 -18.40 40.11
CA VAL E 255 -25.52 -19.26 41.06
C VAL E 255 -25.00 -18.47 42.24
N GLU E 256 -24.43 -17.29 41.98
CA GLU E 256 -23.81 -16.51 43.06
C GLU E 256 -24.82 -16.00 44.08
N GLU E 257 -25.89 -15.36 43.62
CA GLU E 257 -26.96 -14.92 44.51
C GLU E 257 -27.60 -16.07 45.26
N GLU E 258 -27.76 -17.22 44.61
CA GLU E 258 -28.42 -18.35 45.24
C GLU E 258 -27.53 -19.01 46.28
N ILE E 259 -26.22 -19.04 46.05
CA ILE E 259 -25.29 -19.48 47.08
C ILE E 259 -25.28 -18.49 48.24
N ARG E 260 -25.33 -17.19 47.95
CA ARG E 260 -25.39 -16.20 49.02
C ARG E 260 -26.64 -16.38 49.87
N TYR E 261 -27.78 -16.60 49.22
CA TYR E 261 -29.02 -16.83 49.96
C TYR E 261 -28.94 -18.11 50.79
N GLY E 262 -28.43 -19.20 50.22
CA GLY E 262 -28.29 -20.43 50.97
C GLY E 262 -27.30 -20.35 52.11
N LYS E 263 -26.29 -19.50 52.00
CA LYS E 263 -25.35 -19.27 53.08
C LYS E 263 -25.95 -18.44 54.19
N GLU E 264 -26.72 -17.40 53.85
CA GLU E 264 -27.41 -16.61 54.87
C GLU E 264 -28.44 -17.45 55.62
N VAL E 265 -29.15 -18.31 54.90
CA VAL E 265 -30.14 -19.17 55.54
C VAL E 265 -29.48 -20.08 56.56
N THR E 266 -28.36 -20.70 56.20
CA THR E 266 -27.65 -21.58 57.13
C THR E 266 -27.07 -20.78 58.29
N SER E 267 -26.53 -19.59 58.03
CA SER E 267 -25.95 -18.76 59.08
C SER E 267 -26.98 -18.26 60.08
N LYS E 268 -28.24 -18.09 59.67
CA LYS E 268 -29.26 -17.62 60.60
C LYS E 268 -30.05 -18.74 61.27
N ILE E 269 -30.30 -19.85 60.59
CA ILE E 269 -31.02 -20.95 61.24
C ILE E 269 -30.17 -21.66 62.28
N MET E 270 -28.88 -21.87 62.03
CA MET E 270 -28.00 -22.39 63.06
C MET E 270 -27.82 -21.42 64.21
N GLY E 271 -27.87 -20.13 63.94
CA GLY E 271 -27.74 -19.13 64.98
C GLY E 271 -26.30 -18.95 65.45
N ASN E 272 -26.16 -18.13 66.49
CA ASN E 272 -24.87 -17.84 67.11
C ASN E 272 -23.87 -17.25 66.13
N ASN E 273 -24.37 -16.51 65.14
CA ASN E 273 -23.54 -15.86 64.13
C ASN E 273 -22.60 -16.86 63.45
N TYR E 274 -23.14 -18.03 63.14
CA TYR E 274 -22.38 -19.07 62.47
C TYR E 274 -21.99 -18.61 61.07
N ASN E 275 -20.82 -19.04 60.61
CA ASN E 275 -20.35 -18.72 59.26
C ASN E 275 -19.69 -19.97 58.68
N PRO E 276 -20.42 -20.71 57.84
CA PRO E 276 -19.85 -21.94 57.28
C PRO E 276 -18.77 -21.65 56.24
N GLN E 277 -17.67 -22.39 56.33
CA GLN E 277 -16.56 -22.28 55.39
C GLN E 277 -16.57 -23.36 54.32
N GLY E 278 -17.28 -24.46 54.52
CA GLY E 278 -17.37 -25.53 53.55
C GLY E 278 -18.72 -25.49 52.85
N ILE E 279 -18.73 -25.88 51.58
CA ILE E 279 -19.95 -25.93 50.78
C ILE E 279 -20.04 -27.32 50.16
N TRP E 280 -21.26 -27.79 49.97
CA TRP E 280 -21.51 -29.02 49.24
C TRP E 280 -22.07 -28.62 47.88
N THR E 281 -21.27 -28.83 46.84
CA THR E 281 -21.73 -28.58 45.48
C THR E 281 -22.77 -29.63 45.12
N PRO E 282 -23.99 -29.22 44.77
CA PRO E 282 -25.05 -30.20 44.48
C PRO E 282 -24.64 -31.17 43.39
N GLU E 283 -24.74 -32.46 43.71
CA GLU E 283 -24.43 -33.57 42.82
C GLU E 283 -22.97 -33.57 42.37
N MET E 284 -22.11 -32.84 43.09
CA MET E 284 -20.69 -32.71 42.76
C MET E 284 -20.50 -32.34 41.28
N ALA E 285 -21.32 -31.41 40.82
CA ALA E 285 -21.25 -30.92 39.45
C ALA E 285 -20.31 -29.72 39.47
N PHE E 286 -19.03 -29.99 39.33
CA PHE E 286 -17.99 -28.99 39.44
C PHE E 286 -17.64 -28.40 38.08
N SER E 287 -17.55 -27.07 38.04
CA SER E 287 -17.02 -26.35 36.91
C SER E 287 -15.95 -25.39 37.42
N MET E 288 -14.88 -25.24 36.65
CA MET E 288 -13.81 -24.34 37.06
C MET E 288 -14.26 -22.89 37.12
N LYS E 289 -15.39 -22.55 36.48
CA LYS E 289 -15.99 -21.23 36.62
C LYS E 289 -16.57 -21.01 38.01
N LEU E 290 -16.69 -22.06 38.82
CA LEU E 290 -17.18 -21.94 40.19
C LEU E 290 -16.12 -21.41 41.15
N ILE E 291 -14.84 -21.50 40.81
CA ILE E 291 -13.79 -21.05 41.73
C ILE E 291 -13.91 -19.57 42.06
N PRO E 292 -14.07 -18.65 41.10
CA PRO E 292 -14.25 -17.23 41.47
C PRO E 292 -15.46 -16.97 42.33
N ILE E 293 -16.55 -17.72 42.16
CA ILE E 293 -17.73 -17.53 42.98
C ILE E 293 -17.45 -17.93 44.42
N TYR E 294 -16.87 -19.12 44.61
CA TYR E 294 -16.58 -19.59 45.96
C TYR E 294 -15.57 -18.71 46.66
N TYR E 295 -14.53 -18.27 45.94
CA TYR E 295 -13.56 -17.36 46.54
C TYR E 295 -14.20 -16.05 46.95
N ASP E 296 -15.01 -15.47 46.08
CA ASP E 296 -15.65 -14.20 46.40
C ASP E 296 -16.65 -14.32 47.54
N LEU E 297 -17.27 -15.49 47.71
CA LEU E 297 -18.25 -15.70 48.77
C LEU E 297 -17.62 -16.32 50.01
N ASP E 298 -16.29 -16.31 50.11
CA ASP E 298 -15.56 -16.79 51.28
C ASP E 298 -15.82 -18.26 51.55
N ILE E 299 -15.76 -19.07 50.51
CA ILE E 299 -15.76 -20.52 50.64
C ILE E 299 -14.33 -21.01 50.54
N LYS E 300 -13.97 -21.99 51.37
CA LYS E 300 -12.60 -22.43 51.49
C LYS E 300 -12.37 -23.85 50.96
N TYR E 301 -13.20 -24.80 51.36
CA TYR E 301 -13.00 -26.19 51.00
C TYR E 301 -14.30 -26.80 50.50
N THR E 302 -14.18 -27.96 49.85
CA THR E 302 -15.31 -28.68 49.28
C THR E 302 -14.89 -30.12 49.06
N VAL E 303 -15.84 -30.95 48.63
CA VAL E 303 -15.63 -32.37 48.43
C VAL E 303 -16.04 -32.73 47.01
N LEU E 304 -15.17 -33.43 46.28
CA LEU E 304 -15.43 -33.88 44.93
C LEU E 304 -15.24 -35.39 44.85
N ASP E 305 -15.35 -35.92 43.64
CA ASP E 305 -15.22 -37.35 43.38
C ASP E 305 -13.81 -37.68 42.95
N ASP E 306 -13.38 -38.90 43.26
CA ASP E 306 -12.05 -39.34 42.88
C ASP E 306 -12.02 -40.06 41.55
N LYS E 307 -13.10 -40.73 41.19
CA LYS E 307 -13.19 -41.48 39.94
C LYS E 307 -13.50 -40.60 38.75
N PHE E 308 -14.19 -39.47 38.96
CA PHE E 308 -14.63 -38.63 37.87
C PHE E 308 -14.07 -37.22 37.91
N HIS E 309 -13.37 -36.83 38.97
CA HIS E 309 -12.72 -35.53 39.03
C HIS E 309 -11.21 -35.58 39.22
N PHE E 310 -10.69 -36.59 39.91
CA PHE E 310 -9.26 -36.68 40.17
C PHE E 310 -8.48 -37.31 39.04
N PHE E 311 -8.96 -38.44 38.51
CA PHE E 311 -8.21 -39.14 37.47
C PHE E 311 -8.16 -38.33 36.18
N HIS E 312 -9.08 -37.40 36.00
CA HIS E 312 -9.11 -36.55 34.82
C HIS E 312 -8.52 -35.17 35.08
N ALA E 313 -7.96 -34.94 36.25
CA ALA E 313 -7.43 -33.64 36.64
C ALA E 313 -6.04 -33.42 36.07
N GLU E 314 -5.62 -32.17 36.08
CA GLU E 314 -4.29 -31.76 35.62
C GLU E 314 -3.57 -31.05 36.75
N GLY E 315 -2.28 -31.31 36.88
CA GLY E 315 -1.48 -30.64 37.90
C GLY E 315 -0.52 -31.55 38.63
N ASN E 316 -0.04 -31.10 39.78
CA ASN E 316 0.94 -31.82 40.56
C ASN E 316 0.23 -32.87 41.41
N LYS E 317 0.07 -34.07 40.86
CA LYS E 317 -0.80 -35.09 41.44
C LYS E 317 0.03 -36.20 42.07
N ASP E 318 -0.33 -36.56 43.30
CA ASP E 318 0.27 -37.72 43.95
C ASP E 318 -0.77 -38.80 44.17
N SER E 319 -1.85 -38.46 44.88
CA SER E 319 -2.83 -39.44 45.30
C SER E 319 -4.11 -38.75 45.75
N GLN E 320 -5.18 -39.52 45.79
CA GLN E 320 -6.52 -39.04 46.12
C GLN E 320 -6.80 -38.97 47.62
N TYR E 321 -5.76 -38.85 48.45
CA TYR E 321 -5.93 -38.92 49.90
C TYR E 321 -5.34 -37.71 50.62
N GLU E 322 -5.18 -36.59 49.93
CA GLU E 322 -4.75 -35.36 50.58
C GLU E 322 -5.50 -34.20 49.95
N PRO E 323 -5.68 -33.10 50.68
CA PRO E 323 -6.28 -31.91 50.07
C PRO E 323 -5.40 -31.36 48.97
N TYR E 324 -6.04 -30.82 47.93
CA TYR E 324 -5.34 -30.17 46.84
C TYR E 324 -5.73 -28.71 46.77
N MET E 325 -4.87 -27.93 46.10
CA MET E 325 -4.96 -26.48 46.06
C MET E 325 -5.40 -26.11 44.65
N VAL E 326 -6.70 -26.18 44.37
CA VAL E 326 -7.22 -25.94 43.04
C VAL E 326 -7.30 -24.45 42.80
N ILE E 327 -6.59 -23.97 41.78
CA ILE E 327 -6.40 -22.55 41.54
C ILE E 327 -6.96 -22.19 40.18
N ASP E 328 -7.71 -21.09 40.13
CA ASP E 328 -8.21 -20.57 38.87
C ASP E 328 -7.11 -19.76 38.17
N THR E 329 -6.80 -20.18 36.95
CA THR E 329 -5.68 -19.61 36.20
C THR E 329 -5.88 -18.15 35.83
N GLU E 330 -7.05 -17.78 35.33
CA GLU E 330 -7.27 -16.44 34.80
C GLU E 330 -7.46 -15.38 35.88
N SER E 331 -7.62 -15.79 37.13
CA SER E 331 -7.86 -14.85 38.22
C SER E 331 -6.99 -15.09 39.45
N LYS E 332 -6.30 -16.22 39.53
CA LYS E 332 -5.48 -16.58 40.69
C LYS E 332 -6.32 -16.66 41.96
N LYS E 333 -7.54 -17.14 41.81
CA LYS E 333 -8.41 -17.46 42.93
C LYS E 333 -8.37 -18.96 43.17
N TYR E 334 -8.36 -19.35 44.44
CA TYR E 334 -8.07 -20.72 44.84
C TYR E 334 -9.16 -21.26 45.75
N ILE E 335 -9.23 -22.60 45.79
CA ILE E 335 -10.15 -23.36 46.61
C ILE E 335 -9.43 -24.65 47.01
N THR E 336 -9.69 -25.12 48.23
CA THR E 336 -9.15 -26.40 48.66
C THR E 336 -10.18 -27.50 48.36
N VAL E 337 -9.69 -28.64 47.89
CA VAL E 337 -10.56 -29.71 47.43
C VAL E 337 -10.15 -31.04 48.05
N PHE E 338 -11.15 -31.75 48.60
CA PHE E 338 -10.99 -33.11 49.08
C PHE E 338 -11.75 -34.02 48.12
N PHE E 339 -11.27 -35.25 47.96
CA PHE E 339 -11.92 -36.21 47.07
C PHE E 339 -12.44 -37.39 47.87
N ARG E 340 -13.70 -37.75 47.66
CA ARG E 340 -14.26 -38.93 48.31
C ARG E 340 -13.66 -40.19 47.70
N ASP E 341 -13.84 -41.30 48.40
CA ASP E 341 -13.49 -42.60 47.84
C ASP E 341 -14.76 -43.20 47.23
N HIS E 342 -14.81 -43.24 45.89
CA HIS E 342 -16.04 -43.63 45.22
C HIS E 342 -16.43 -45.07 45.55
N ASP E 343 -15.47 -45.99 45.53
CA ASP E 343 -15.79 -47.39 45.76
C ASP E 343 -16.20 -47.63 47.21
N LEU E 344 -15.49 -47.01 48.16
CA LEU E 344 -15.81 -47.23 49.56
C LEU E 344 -17.11 -46.53 49.95
N SER E 345 -17.47 -45.45 49.27
CA SER E 345 -18.78 -44.83 49.50
C SER E 345 -19.91 -45.66 48.89
N ASP E 346 -19.70 -46.16 47.67
CA ASP E 346 -20.73 -46.94 46.99
C ASP E 346 -20.89 -48.34 47.54
N ILE E 347 -19.91 -48.85 48.28
CA ILE E 347 -20.08 -50.18 48.89
C ILE E 347 -21.03 -50.14 50.07
N LEU E 348 -21.20 -48.97 50.71
CA LEU E 348 -22.18 -48.82 51.77
C LEU E 348 -23.47 -48.18 51.27
N GLY E 349 -23.38 -47.29 50.29
CA GLY E 349 -24.55 -46.61 49.78
C GLY E 349 -25.55 -47.51 49.09
N PHE E 350 -25.05 -48.47 48.31
CA PHE E 350 -25.92 -49.31 47.49
C PHE E 350 -26.10 -50.70 48.08
N ARG E 351 -25.06 -51.25 48.71
CA ARG E 351 -25.12 -52.58 49.31
C ARG E 351 -25.67 -52.39 50.73
N ASN E 352 -26.98 -52.16 50.84
CA ASN E 352 -27.59 -51.92 52.13
C ASN E 352 -28.84 -52.78 52.33
N ASN E 353 -29.05 -53.77 51.45
CA ASN E 353 -30.21 -54.64 51.54
C ASN E 353 -29.87 -55.81 52.46
N PHE E 354 -30.05 -55.60 53.75
CA PHE E 354 -29.79 -56.66 54.73
C PHE E 354 -31.05 -57.50 54.93
N TYR E 355 -30.92 -58.80 54.73
CA TYR E 355 -32.05 -59.72 54.82
C TYR E 355 -32.22 -60.34 56.20
N SER E 356 -31.24 -60.23 57.08
CA SER E 356 -31.31 -60.79 58.42
C SER E 356 -30.75 -59.79 59.43
N GLU E 357 -31.21 -59.93 60.68
CA GLU E 357 -30.78 -59.01 61.73
C GLU E 357 -29.29 -59.11 62.02
N PRO E 358 -28.69 -60.29 62.23
CA PRO E 358 -27.22 -60.35 62.40
C PRO E 358 -26.46 -60.15 61.10
N HIS E 359 -27.13 -60.26 59.95
CA HIS E 359 -26.50 -59.92 58.69
C HIS E 359 -26.02 -58.48 58.69
N ALA E 360 -26.80 -57.59 59.32
CA ALA E 360 -26.40 -56.19 59.44
C ALA E 360 -25.12 -56.06 60.25
N TRP E 361 -25.02 -56.80 61.36
CA TRP E 361 -23.81 -56.74 62.18
C TRP E 361 -22.61 -57.28 61.42
N ARG E 362 -22.80 -58.38 60.69
CA ARG E 362 -21.71 -58.94 59.90
C ARG E 362 -21.20 -57.94 58.86
N ASN E 363 -22.13 -57.34 58.10
CA ASN E 363 -21.71 -56.39 57.08
C ASN E 363 -21.14 -55.11 57.68
N ALA E 364 -21.63 -54.68 58.83
CA ALA E 364 -21.03 -53.54 59.52
C ALA E 364 -19.60 -53.83 59.93
N TYR E 365 -19.33 -55.01 60.49
CA TYR E 365 -17.96 -55.36 60.82
C TYR E 365 -17.10 -55.42 59.57
N GLU E 366 -17.62 -55.99 58.49
CA GLU E 366 -16.84 -56.09 57.26
C GLU E 366 -16.45 -54.70 56.74
N PHE E 367 -17.43 -53.79 56.69
CA PHE E 367 -17.17 -52.47 56.14
C PHE E 367 -16.25 -51.67 57.07
N ALA E 368 -16.38 -51.88 58.39
CA ALA E 368 -15.46 -51.26 59.32
C ALA E 368 -14.04 -51.79 59.14
N LEU E 369 -13.92 -53.09 58.85
CA LEU E 369 -12.64 -53.68 58.54
C LEU E 369 -12.04 -53.10 57.26
N ARG E 370 -12.86 -52.80 56.26
CA ARG E 370 -12.38 -52.11 55.08
C ARG E 370 -11.78 -50.75 55.39
N VAL E 371 -12.20 -50.11 56.48
CA VAL E 371 -11.62 -48.82 56.86
C VAL E 371 -10.19 -48.99 57.36
N ALA E 372 -9.92 -50.06 58.12
CA ALA E 372 -8.58 -50.29 58.66
C ALA E 372 -7.57 -50.65 57.57
N GLU E 373 -7.99 -51.40 56.55
CA GLU E 373 -7.05 -51.84 55.51
C GLU E 373 -6.42 -50.67 54.77
N LYS E 374 -7.07 -49.50 54.80
CA LYS E 374 -6.46 -48.31 54.22
C LYS E 374 -5.29 -47.80 55.05
N TRP E 375 -5.26 -48.09 56.35
CA TRP E 375 -4.17 -47.62 57.19
C TRP E 375 -2.86 -48.31 56.84
N PHE E 376 -2.93 -49.55 56.34
CA PHE E 376 -1.72 -50.25 55.94
C PHE E 376 -1.02 -49.53 54.80
N ASP E 377 -1.79 -49.02 53.84
CA ASP E 377 -1.22 -48.15 52.82
C ASP E 377 -0.76 -46.85 53.48
N LYS E 378 0.52 -46.53 53.28
CA LYS E 378 1.12 -45.37 53.93
C LYS E 378 0.82 -44.07 53.20
N ASN E 379 0.34 -44.14 51.96
CA ASN E 379 0.02 -42.95 51.19
C ASN E 379 -1.31 -42.33 51.59
N VAL E 380 -2.14 -43.05 52.32
CA VAL E 380 -3.46 -42.57 52.70
C VAL E 380 -3.33 -41.63 53.88
N LYS E 381 -3.20 -40.34 53.61
CA LYS E 381 -3.04 -39.36 54.68
C LYS E 381 -4.40 -38.90 55.21
N VAL E 382 -5.35 -38.67 54.32
CA VAL E 382 -6.71 -38.30 54.68
C VAL E 382 -7.65 -39.27 53.98
N LEU E 383 -8.63 -39.79 54.72
CA LEU E 383 -9.63 -40.68 54.16
C LEU E 383 -10.99 -40.00 54.20
N THR E 384 -11.65 -39.91 53.06
CA THR E 384 -12.89 -39.14 52.91
C THR E 384 -13.97 -40.00 52.26
N ILE E 385 -15.15 -39.99 52.87
CA ILE E 385 -16.34 -40.67 52.35
C ILE E 385 -17.47 -39.66 52.32
N ALA E 386 -18.17 -39.59 51.19
CA ALA E 386 -19.31 -38.69 51.04
C ALA E 386 -20.43 -39.41 50.31
N LEU E 387 -21.65 -39.30 50.84
CA LEU E 387 -22.80 -39.98 50.27
C LEU E 387 -24.07 -39.31 50.78
N ASP E 388 -25.19 -39.72 50.19
CA ASP E 388 -26.50 -39.19 50.60
C ASP E 388 -26.79 -39.59 52.03
N GLY E 389 -27.32 -38.66 52.81
CA GLY E 389 -27.46 -38.88 54.24
C GLY E 389 -28.69 -39.68 54.65
N GLU E 390 -29.69 -39.79 53.77
CA GLU E 390 -30.93 -40.47 54.12
C GLU E 390 -31.42 -41.47 53.08
N ASN E 391 -31.02 -41.33 51.81
CA ASN E 391 -31.54 -42.19 50.77
C ASN E 391 -31.14 -43.65 50.95
N TRP E 392 -29.93 -43.89 51.46
CA TRP E 392 -29.49 -45.25 51.74
C TRP E 392 -30.29 -45.89 52.87
N MET E 393 -30.73 -45.09 53.83
CA MET E 393 -31.45 -45.57 55.01
C MET E 393 -32.93 -45.84 54.77
N SER E 394 -33.47 -45.45 53.61
CA SER E 394 -34.91 -45.51 53.40
C SER E 394 -35.34 -46.12 52.07
N PHE E 395 -34.41 -46.60 51.25
CA PHE E 395 -34.76 -47.19 49.97
C PHE E 395 -34.28 -48.63 49.82
N SER E 396 -33.84 -49.25 50.92
CA SER E 396 -33.45 -50.65 50.87
C SER E 396 -34.65 -51.55 51.15
N VAL E 397 -34.39 -52.86 51.21
CA VAL E 397 -35.45 -53.81 51.54
C VAL E 397 -35.86 -53.70 52.99
N ASN E 398 -34.89 -53.48 53.89
CA ASN E 398 -35.16 -53.41 55.33
C ASN E 398 -34.59 -52.11 55.88
N PRO E 399 -35.36 -51.02 55.83
CA PRO E 399 -34.95 -49.78 56.48
C PRO E 399 -34.66 -49.93 57.97
N PRO E 400 -35.47 -50.70 58.74
CA PRO E 400 -35.16 -50.80 60.18
C PRO E 400 -33.79 -51.37 60.49
N LEU E 401 -33.34 -52.38 59.73
CA LEU E 401 -32.03 -52.99 60.01
C LEU E 401 -30.89 -52.01 59.72
N THR E 402 -31.12 -51.06 58.82
CA THR E 402 -30.09 -50.09 58.48
C THR E 402 -29.78 -49.17 59.63
N ALA E 403 -30.74 -48.98 60.55
CA ALA E 403 -30.48 -48.16 61.73
C ALA E 403 -29.58 -48.89 62.73
N TYR E 404 -29.70 -50.22 62.83
CA TYR E 404 -28.79 -50.99 63.67
C TYR E 404 -27.42 -51.07 63.03
N PHE E 405 -27.38 -51.19 61.71
CA PHE E 405 -26.12 -51.14 60.97
C PHE E 405 -25.33 -49.89 61.31
N LEU E 406 -26.00 -48.73 61.32
CA LEU E 406 -25.31 -47.47 61.57
C LEU E 406 -24.76 -47.42 63.00
N ASP E 407 -25.51 -47.93 63.96
CA ASP E 407 -25.04 -47.93 65.34
C ASP E 407 -23.81 -48.83 65.49
N LYS E 408 -23.86 -50.01 64.89
CA LYS E 408 -22.70 -50.90 64.93
C LYS E 408 -21.49 -50.25 64.28
N MET E 409 -21.71 -49.57 63.15
CA MET E 409 -20.60 -48.91 62.47
C MET E 409 -20.00 -47.80 63.31
N ILE E 410 -20.85 -47.01 63.98
CA ILE E 410 -20.32 -45.97 64.87
C ILE E 410 -19.53 -46.59 66.00
N ILE E 411 -20.00 -47.72 66.55
CA ILE E 411 -19.25 -48.40 67.60
C ILE E 411 -17.87 -48.81 67.09
N TYR E 412 -17.81 -49.41 65.90
CA TYR E 412 -16.54 -49.93 65.40
C TYR E 412 -15.56 -48.82 65.06
N LEU E 413 -16.05 -47.65 64.66
CA LEU E 413 -15.15 -46.54 64.38
C LEU E 413 -14.57 -45.94 65.66
N GLU E 414 -15.27 -46.07 66.78
CA GLU E 414 -14.70 -45.60 68.04
C GLU E 414 -13.62 -46.55 68.55
N THR E 415 -13.62 -47.80 68.09
CA THR E 415 -12.55 -48.73 68.43
C THR E 415 -11.24 -48.43 67.71
N LEU E 416 -11.30 -47.91 66.49
CA LEU E 416 -10.11 -47.55 65.74
C LEU E 416 -9.61 -46.15 66.07
N SER E 417 -10.37 -45.37 66.82
CA SER E 417 -9.95 -44.02 67.21
C SER E 417 -9.24 -43.99 68.55
N ASP E 418 -9.54 -44.92 69.46
CA ASP E 418 -8.85 -44.98 70.73
C ASP E 418 -7.61 -45.86 70.69
N ASN E 419 -7.55 -46.82 69.76
CA ASN E 419 -6.30 -47.49 69.43
C ASN E 419 -5.33 -46.58 68.68
N LYS E 420 -5.78 -45.39 68.30
CA LYS E 420 -4.94 -44.36 67.69
C LYS E 420 -4.51 -44.75 66.29
N PHE E 421 -5.34 -45.55 65.61
CA PHE E 421 -5.14 -45.83 64.20
C PHE E 421 -5.56 -44.64 63.33
N ILE E 422 -6.64 -43.98 63.71
CA ILE E 422 -7.19 -42.86 62.95
C ILE E 422 -7.56 -41.73 63.91
N LYS E 423 -7.61 -40.51 63.36
CA LYS E 423 -8.23 -39.37 64.04
C LYS E 423 -9.62 -39.21 63.46
N LEU E 424 -10.63 -39.66 64.20
CA LEU E 424 -12.01 -39.40 63.80
C LEU E 424 -12.31 -37.93 63.98
N SER E 425 -12.34 -37.18 62.88
CA SER E 425 -12.41 -35.73 62.93
C SER E 425 -13.39 -35.24 61.87
N THR E 426 -13.63 -33.92 61.88
CA THR E 426 -14.51 -33.28 60.92
C THR E 426 -13.69 -32.62 59.82
N LEU E 427 -14.38 -32.31 58.72
CA LEU E 427 -13.70 -31.71 57.57
C LEU E 427 -13.12 -30.34 57.91
N ARG E 428 -13.77 -29.61 58.81
CA ARG E 428 -13.23 -28.32 59.25
C ARG E 428 -11.88 -28.48 59.95
N GLU E 429 -11.74 -29.48 60.80
CA GLU E 429 -10.47 -29.69 61.51
C GLU E 429 -9.40 -30.17 60.55
N ILE E 430 -9.77 -31.02 59.58
CA ILE E 430 -8.79 -31.47 58.59
C ILE E 430 -8.34 -30.32 57.71
N TYR E 431 -9.21 -29.33 57.49
CA TYR E 431 -8.83 -28.18 56.69
C TYR E 431 -7.71 -27.38 57.34
N ASN E 432 -7.79 -27.20 58.67
CA ASN E 432 -6.78 -26.41 59.37
C ASN E 432 -5.54 -27.22 59.72
N LYS E 433 -5.71 -28.50 60.08
CA LYS E 433 -4.57 -29.31 60.50
C LYS E 433 -3.78 -29.83 59.32
N VAL E 434 -4.40 -29.94 58.15
CA VAL E 434 -3.73 -30.46 56.96
C VAL E 434 -3.86 -29.45 55.83
N PRO E 435 -2.99 -28.45 55.76
CA PRO E 435 -2.99 -27.57 54.57
C PRO E 435 -2.56 -28.33 53.34
N ALA E 436 -3.03 -27.86 52.19
CA ALA E 436 -2.74 -28.50 50.91
C ALA E 436 -1.47 -27.94 50.31
N ASN E 437 -0.55 -28.83 49.94
CA ASN E 437 0.71 -28.44 49.32
C ASN E 437 0.74 -28.62 47.82
N ARG E 438 0.11 -29.68 47.30
CA ARG E 438 0.02 -29.86 45.86
C ARG E 438 -0.99 -28.88 45.26
N ILE E 439 -0.84 -28.63 43.97
CA ILE E 439 -1.73 -27.71 43.26
C ILE E 439 -2.29 -28.42 42.03
N LEU E 440 -3.61 -28.51 41.94
CA LEU E 440 -4.28 -28.92 40.72
C LEU E 440 -4.62 -27.69 39.89
N THR E 441 -4.43 -27.82 38.58
CA THR E 441 -4.68 -26.71 37.66
C THR E 441 -6.03 -26.79 36.97
N ASN E 442 -6.58 -27.98 36.76
CA ASN E 442 -7.87 -28.08 36.08
C ASN E 442 -8.57 -29.37 36.50
N ILE E 443 -9.88 -29.28 36.70
CA ILE E 443 -10.75 -30.41 36.93
C ILE E 443 -11.88 -30.32 35.92
N PRO E 444 -12.11 -31.35 35.10
CA PRO E 444 -13.16 -31.25 34.08
C PRO E 444 -14.55 -31.20 34.69
N THR E 445 -15.49 -30.67 33.92
CA THR E 445 -16.87 -30.53 34.39
C THR E 445 -17.57 -31.88 34.38
N ASN E 446 -18.12 -32.26 35.53
CA ASN E 446 -18.68 -33.60 35.70
C ASN E 446 -19.34 -33.69 37.07
N SER E 447 -20.27 -34.63 37.20
CA SER E 447 -20.89 -35.03 38.45
C SER E 447 -20.33 -36.38 38.88
N TRP E 448 -20.77 -36.91 40.02
CA TRP E 448 -20.27 -38.22 40.42
C TRP E 448 -20.88 -39.34 39.57
N LEU E 449 -21.85 -39.02 38.73
CA LEU E 449 -22.41 -40.03 37.84
C LEU E 449 -21.61 -40.16 36.55
N GLY E 450 -20.61 -39.31 36.34
CA GLY E 450 -19.75 -39.44 35.19
C GLY E 450 -20.32 -38.87 33.92
N THR E 451 -21.51 -38.26 33.98
CA THR E 451 -22.16 -37.68 32.83
C THR E 451 -23.26 -36.76 33.30
N PHE E 452 -23.75 -35.92 32.39
CA PHE E 452 -24.87 -35.04 32.67
C PHE E 452 -26.14 -35.48 31.97
N ARG E 453 -26.15 -36.67 31.37
CA ARG E 453 -27.31 -37.18 30.67
C ARG E 453 -28.46 -37.54 31.60
N LYS E 454 -28.24 -37.57 32.90
CA LYS E 454 -29.31 -37.87 33.83
C LYS E 454 -30.35 -36.76 33.91
N TRP E 455 -29.94 -35.49 33.83
CA TRP E 455 -30.87 -34.37 33.79
C TRP E 455 -31.05 -33.78 32.41
N ARG E 456 -30.32 -34.28 31.40
CA ARG E 456 -30.49 -33.81 30.04
C ARG E 456 -30.15 -34.97 29.09
N GLY E 457 -31.17 -35.71 28.68
CA GLY E 457 -30.97 -36.75 27.69
C GLY E 457 -31.63 -38.08 27.97
N GLU E 458 -31.75 -38.47 29.23
CA GLU E 458 -32.36 -39.75 29.55
C GLU E 458 -33.88 -39.69 29.63
N VAL E 459 -34.47 -38.51 29.46
CA VAL E 459 -35.91 -38.36 29.32
C VAL E 459 -36.14 -37.74 27.94
N PRO E 460 -37.07 -38.27 27.13
CA PRO E 460 -37.28 -37.71 25.80
C PRO E 460 -37.82 -36.29 25.82
N GLN E 461 -38.24 -35.79 26.97
CA GLN E 461 -38.93 -34.52 27.08
C GLN E 461 -38.03 -33.44 27.73
N HIS E 462 -36.77 -33.77 27.97
CA HIS E 462 -35.83 -32.84 28.59
C HIS E 462 -35.47 -31.65 27.71
N GLU E 463 -35.19 -31.84 26.43
CA GLU E 463 -34.71 -30.73 25.61
C GLU E 463 -35.80 -29.68 25.41
N GLU E 464 -37.06 -30.12 25.27
CA GLU E 464 -38.17 -29.18 25.13
C GLU E 464 -38.29 -28.28 26.35
N TYR E 465 -38.15 -28.83 27.55
CA TYR E 465 -38.23 -28.03 28.76
C TYR E 465 -36.97 -27.23 29.03
N TRP E 466 -35.80 -27.70 28.58
CA TRP E 466 -34.59 -26.91 28.71
C TRP E 466 -34.64 -25.65 27.85
N ILE E 467 -35.13 -25.78 26.62
CA ILE E 467 -35.35 -24.59 25.79
C ILE E 467 -36.34 -23.66 26.46
N LYS E 468 -37.37 -24.23 27.10
CA LYS E 468 -38.39 -23.42 27.77
C LYS E 468 -37.78 -22.58 28.90
N THR E 469 -37.03 -23.23 29.79
CA THR E 469 -36.43 -22.51 30.91
C THR E 469 -35.33 -21.54 30.45
N TYR E 470 -34.58 -21.88 29.40
CA TYR E 470 -33.61 -20.94 28.85
C TYR E 470 -34.27 -19.71 28.27
N SER E 471 -35.37 -19.88 27.54
CA SER E 471 -36.14 -18.73 27.06
C SER E 471 -36.63 -17.86 28.21
N VAL E 472 -37.17 -18.49 29.27
CA VAL E 472 -37.65 -17.72 30.41
C VAL E 472 -36.52 -16.93 31.07
N TYR E 473 -35.36 -17.53 31.25
CA TYR E 473 -34.24 -16.80 31.87
C TYR E 473 -33.70 -15.69 30.97
N ARG E 474 -33.66 -15.91 29.66
CA ARG E 474 -33.12 -14.88 28.79
C ARG E 474 -34.11 -13.71 28.65
N LYS E 475 -35.40 -13.97 28.80
CA LYS E 475 -36.36 -12.89 28.96
C LYS E 475 -36.09 -12.04 30.20
N LEU E 476 -35.79 -12.69 31.33
CA LEU E 476 -35.38 -11.98 32.54
C LEU E 476 -34.15 -11.11 32.31
N LEU E 477 -33.15 -11.65 31.63
CA LEU E 477 -31.97 -10.86 31.29
C LEU E 477 -32.31 -9.66 30.41
N ALA E 478 -33.16 -9.84 29.41
CA ALA E 478 -33.59 -8.73 28.57
C ALA E 478 -34.29 -7.64 29.39
N TYR E 479 -35.21 -8.05 30.26
CA TYR E 479 -35.92 -7.07 31.08
C TYR E 479 -34.98 -6.34 32.03
N GLU E 480 -34.01 -7.03 32.61
CA GLU E 480 -33.06 -6.37 33.48
C GLU E 480 -32.09 -5.47 32.73
N GLU E 481 -31.88 -5.74 31.44
CA GLU E 481 -31.14 -4.79 30.61
C GLU E 481 -31.97 -3.56 30.29
N MET E 482 -33.28 -3.73 30.11
CA MET E 482 -34.14 -2.59 29.80
C MET E 482 -34.13 -1.56 30.93
N ILE E 483 -34.36 -2.02 32.17
CA ILE E 483 -34.46 -1.09 33.29
C ILE E 483 -33.13 -0.74 33.92
N GLY E 484 -32.02 -1.23 33.36
CA GLY E 484 -30.71 -0.88 33.87
C GLY E 484 -30.42 -1.37 35.27
N GLY E 485 -30.77 -2.61 35.58
CA GLY E 485 -30.48 -3.16 36.89
C GLY E 485 -31.61 -4.05 37.36
N ARG E 486 -31.56 -4.35 38.66
CA ARG E 486 -32.57 -5.18 39.29
C ARG E 486 -33.63 -4.33 39.99
N ASP E 487 -34.82 -4.89 40.11
CA ASP E 487 -35.92 -4.25 40.82
C ASP E 487 -36.66 -5.31 41.61
N GLU E 488 -37.85 -4.95 42.13
CA GLU E 488 -38.62 -5.91 42.91
C GLU E 488 -39.24 -6.98 42.02
N PHE E 489 -39.70 -6.60 40.83
CA PHE E 489 -40.26 -7.59 39.92
C PHE E 489 -39.21 -8.54 39.39
N SER E 490 -38.06 -8.02 38.98
CA SER E 490 -36.98 -8.88 38.52
C SER E 490 -36.48 -9.83 39.59
N ASN E 491 -36.27 -9.35 40.81
CA ASN E 491 -35.88 -10.21 41.92
C ASN E 491 -36.95 -11.24 42.26
N GLU E 492 -38.21 -10.85 42.25
CA GLU E 492 -39.26 -11.75 42.71
C GLU E 492 -39.72 -12.71 41.60
N ALA E 493 -39.25 -12.51 40.36
CA ALA E 493 -39.36 -13.54 39.33
C ALA E 493 -38.10 -14.40 39.27
N ARG E 494 -36.95 -13.80 39.56
CA ARG E 494 -35.70 -14.54 39.70
C ARG E 494 -35.80 -15.57 40.81
N TRP E 495 -36.52 -15.22 41.89
CA TRP E 495 -36.85 -16.21 42.92
C TRP E 495 -37.57 -17.41 42.35
N ALA E 496 -38.65 -17.19 41.59
CA ALA E 496 -39.40 -18.29 41.01
C ALA E 496 -38.62 -19.06 39.97
N LEU E 497 -37.57 -18.47 39.39
CA LEU E 497 -36.71 -19.20 38.48
C LEU E 497 -35.81 -20.20 39.20
N TRP E 498 -35.46 -19.95 40.45
CA TRP E 498 -34.63 -20.89 41.21
C TRP E 498 -35.30 -22.24 41.36
N HIS E 499 -36.59 -22.26 41.68
CA HIS E 499 -37.27 -23.51 41.99
C HIS E 499 -37.58 -24.33 40.75
N ALA E 500 -37.55 -23.72 39.58
CA ALA E 500 -37.78 -24.46 38.35
C ALA E 500 -36.52 -25.17 37.86
N LEU E 501 -35.34 -24.69 38.23
CA LEU E 501 -34.08 -25.30 37.84
C LEU E 501 -33.59 -26.33 38.84
N ASP E 502 -34.36 -26.60 39.89
CA ASP E 502 -33.95 -27.56 40.91
C ASP E 502 -33.71 -28.92 40.29
N SER E 503 -32.54 -29.50 40.55
CA SER E 503 -32.13 -30.74 39.91
C SER E 503 -32.97 -31.93 40.33
N ASP E 504 -33.70 -31.83 41.44
CA ASP E 504 -34.51 -32.94 41.91
C ASP E 504 -35.76 -33.16 41.06
N TYR E 505 -36.32 -32.10 40.47
CA TYR E 505 -37.43 -32.25 39.53
C TYR E 505 -37.00 -32.65 38.14
N TRP E 506 -35.72 -32.47 37.81
CA TRP E 506 -35.19 -32.83 36.50
C TRP E 506 -34.60 -34.23 36.46
N TRP E 507 -34.39 -34.84 37.62
CA TRP E 507 -33.82 -36.18 37.71
C TRP E 507 -34.67 -37.14 36.90
N ALA E 508 -34.01 -37.93 36.04
CA ALA E 508 -34.73 -38.65 35.00
C ALA E 508 -35.75 -39.63 35.56
N GLU E 509 -35.48 -40.20 36.73
CA GLU E 509 -36.41 -41.17 37.31
C GLU E 509 -37.61 -40.47 37.92
N PHE E 510 -37.39 -39.35 38.60
CA PHE E 510 -38.45 -38.55 39.20
C PHE E 510 -38.79 -37.33 38.35
N TRP E 511 -38.76 -37.47 37.03
CA TRP E 511 -39.08 -36.39 36.12
C TRP E 511 -40.46 -35.81 36.42
N LEU E 512 -40.48 -34.54 36.82
CA LEU E 512 -41.67 -33.90 37.38
C LEU E 512 -41.95 -32.61 36.63
N PRO E 513 -42.37 -32.70 35.36
CA PRO E 513 -42.59 -31.48 34.57
C PRO E 513 -43.73 -30.61 35.07
N LYS E 514 -44.65 -31.13 35.87
CA LYS E 514 -45.80 -30.36 36.31
C LYS E 514 -45.48 -29.39 37.44
N ILE E 515 -44.30 -29.52 38.06
CA ILE E 515 -43.84 -28.52 39.01
C ILE E 515 -42.85 -27.56 38.35
N ILE E 516 -42.07 -28.02 37.38
CA ILE E 516 -41.26 -27.11 36.59
C ILE E 516 -42.15 -26.11 35.84
N ASP E 517 -43.24 -26.59 35.24
CA ASP E 517 -44.17 -25.68 34.57
C ASP E 517 -44.84 -24.73 35.56
N THR E 518 -45.21 -25.23 36.73
CA THR E 518 -45.85 -24.37 37.73
C THR E 518 -44.97 -23.21 38.12
N TRP E 519 -43.66 -23.43 38.24
CA TRP E 519 -42.74 -22.38 38.65
C TRP E 519 -42.26 -21.52 37.49
N LEU E 520 -42.15 -22.07 36.28
CA LEU E 520 -41.85 -21.24 35.12
C LEU E 520 -43.01 -20.34 34.77
N SER E 521 -44.25 -20.80 34.98
CA SER E 521 -45.41 -19.97 34.69
C SER E 521 -45.46 -18.76 35.61
N VAL E 522 -45.05 -18.93 36.87
CA VAL E 522 -45.04 -17.81 37.80
C VAL E 522 -44.11 -16.72 37.32
N ALA E 523 -42.89 -17.08 36.89
CA ALA E 523 -41.92 -16.10 36.44
C ALA E 523 -42.20 -15.56 35.05
N GLU E 524 -42.80 -16.37 34.17
CA GLU E 524 -43.14 -15.94 32.82
C GLU E 524 -44.27 -14.92 32.81
N ASN E 525 -45.06 -14.84 33.88
CA ASN E 525 -46.13 -13.86 33.98
C ASN E 525 -45.71 -12.57 34.66
N ILE E 526 -44.76 -12.63 35.59
CA ILE E 526 -44.21 -11.41 36.18
C ILE E 526 -43.46 -10.60 35.14
N LEU E 527 -42.74 -11.26 34.24
CA LEU E 527 -41.95 -10.60 33.20
C LEU E 527 -42.80 -10.11 32.04
N ASN E 528 -43.84 -10.85 31.66
CA ASN E 528 -44.65 -10.45 30.51
C ASN E 528 -45.62 -9.32 30.84
N ASN E 529 -45.89 -9.06 32.11
CA ASN E 529 -46.71 -7.93 32.51
C ASN E 529 -45.87 -6.67 32.71
N ARG E 530 -44.57 -6.77 32.53
CA ARG E 530 -43.67 -5.63 32.59
C ARG E 530 -43.06 -5.30 31.25
N ILE E 531 -43.12 -6.22 30.28
CA ILE E 531 -42.60 -6.00 28.94
C ILE E 531 -43.69 -5.59 27.96
N ASN E 532 -44.93 -5.97 28.20
CA ASN E 532 -46.06 -5.56 27.38
C ASN E 532 -46.37 -4.07 27.50
N LYS E 533 -45.66 -3.35 28.36
CA LYS E 533 -45.85 -1.92 28.52
C LYS E 533 -44.94 -1.10 27.62
N ILE E 534 -44.18 -1.74 26.74
CA ILE E 534 -43.34 -1.06 25.76
C ILE E 534 -43.88 -1.43 24.39
N GLN E 535 -44.42 -0.46 23.68
CA GLN E 535 -45.05 -0.69 22.39
C GLN E 535 -44.39 0.14 21.30
N ILE E 536 -44.95 0.02 20.10
CA ILE E 536 -44.54 0.81 18.93
C ILE E 536 -45.81 1.52 18.47
N ILE E 537 -45.97 2.79 18.85
CA ILE E 537 -47.30 3.39 18.72
C ILE E 537 -47.54 3.93 17.31
N ASP E 538 -46.50 4.42 16.64
CA ASP E 538 -46.65 4.73 15.22
C ASP E 538 -45.29 4.72 14.53
N VAL E 539 -45.32 4.41 13.24
CA VAL E 539 -44.15 4.42 12.37
C VAL E 539 -44.60 5.02 11.04
N ARG E 540 -44.18 6.24 10.75
CA ARG E 540 -44.60 6.84 9.49
C ARG E 540 -43.41 7.42 8.74
N PRO E 541 -43.49 7.49 7.41
CA PRO E 541 -42.43 8.17 6.64
C PRO E 541 -42.47 9.67 6.90
N ALA E 542 -41.30 10.27 7.07
CA ALA E 542 -41.22 11.70 7.29
C ALA E 542 -41.26 12.45 5.97
N SER E 543 -41.27 11.68 4.88
CA SER E 543 -41.25 12.24 3.53
C SER E 543 -41.73 11.20 2.54
N GLU E 544 -41.57 11.48 1.25
CA GLU E 544 -42.03 10.56 0.22
C GLU E 544 -40.84 9.75 -0.28
N PHE E 545 -41.09 8.48 -0.57
CA PHE E 545 -40.05 7.51 -0.86
C PHE E 545 -39.82 7.40 -2.36
N TYR E 546 -38.56 7.52 -2.76
CA TYR E 546 -38.16 7.36 -4.15
C TYR E 546 -37.16 6.21 -4.24
N GLU E 547 -37.22 5.47 -5.35
CA GLU E 547 -36.32 4.35 -5.56
C GLU E 547 -34.86 4.78 -5.44
N ASP E 548 -34.12 4.09 -4.58
CA ASP E 548 -32.69 4.32 -4.40
C ASP E 548 -32.39 5.77 -4.04
N GLU E 549 -32.96 6.21 -2.92
CA GLU E 549 -32.72 7.57 -2.43
C GLU E 549 -32.94 7.58 -0.93
N LYS E 550 -31.94 8.02 -0.17
CA LYS E 550 -32.03 8.09 1.28
C LYS E 550 -33.24 8.89 1.70
N ALA E 551 -34.15 8.25 2.43
CA ALA E 551 -35.37 8.90 2.90
C ALA E 551 -35.41 8.86 4.41
N GLY E 552 -36.53 9.29 4.99
CA GLY E 552 -36.64 9.37 6.43
C GLY E 552 -37.78 8.51 6.92
N LEU E 553 -37.65 8.03 8.15
CA LEU E 553 -38.64 7.20 8.80
C LEU E 553 -38.66 7.50 10.28
N VAL E 554 -39.79 7.98 10.78
CA VAL E 554 -39.91 8.40 12.17
C VAL E 554 -40.73 7.38 12.94
N VAL E 555 -40.16 6.90 14.04
CA VAL E 555 -40.72 5.82 14.84
C VAL E 555 -40.83 6.29 16.29
N THR E 556 -41.99 6.04 16.91
CA THR E 556 -42.24 6.46 18.28
C THR E 556 -42.40 5.22 19.16
N ILE E 557 -41.74 5.23 20.31
CA ILE E 557 -41.77 4.12 21.25
C ILE E 557 -42.41 4.61 22.54
N ARG E 558 -43.42 3.90 23.02
CA ARG E 558 -44.13 4.29 24.22
C ARG E 558 -43.65 3.48 25.42
N ASN E 559 -43.61 4.12 26.58
CA ASN E 559 -43.20 3.52 27.84
C ASN E 559 -44.28 3.75 28.88
N GLN E 560 -45.03 2.71 29.23
CA GLN E 560 -46.07 2.81 30.24
C GLN E 560 -45.61 2.39 31.62
N LEU E 561 -44.34 2.04 31.80
CA LEU E 561 -43.84 1.73 33.12
C LEU E 561 -43.61 3.00 33.92
N GLU E 562 -43.24 2.82 35.19
CA GLU E 562 -42.92 3.91 36.09
C GLU E 562 -41.42 4.10 36.21
N LYS E 563 -40.66 3.44 35.35
CA LYS E 563 -39.21 3.48 35.41
C LYS E 563 -38.69 4.00 34.08
N GLU E 564 -37.39 4.26 34.04
CA GLU E 564 -36.77 4.80 32.84
C GLU E 564 -36.19 3.67 32.01
N ILE E 565 -36.78 3.45 30.83
CA ILE E 565 -36.49 2.30 29.99
C ILE E 565 -35.49 2.60 28.89
N ARG E 566 -34.65 1.60 28.58
CA ARG E 566 -33.72 1.69 27.43
C ARG E 566 -34.02 0.51 26.51
N VAL E 567 -34.44 0.77 25.27
CA VAL E 567 -34.71 -0.27 24.29
C VAL E 567 -33.94 0.00 23.00
N SER E 568 -33.88 -1.01 22.15
CA SER E 568 -33.35 -0.86 20.80
C SER E 568 -34.37 -1.43 19.83
N PHE E 569 -34.23 -1.06 18.56
CA PHE E 569 -35.10 -1.63 17.55
C PHE E 569 -34.33 -1.77 16.24
N ALA E 570 -34.71 -2.78 15.47
CA ALA E 570 -34.14 -3.02 14.15
C ALA E 570 -35.28 -3.02 13.13
N ILE E 571 -34.98 -2.51 11.94
CA ILE E 571 -35.97 -2.40 10.89
C ILE E 571 -35.90 -3.62 9.98
N GLY E 572 -36.94 -3.84 9.19
CA GLY E 572 -36.93 -4.94 8.26
C GLY E 572 -37.93 -4.70 7.15
N GLY E 573 -37.59 -5.24 5.99
CA GLY E 573 -38.43 -5.11 4.82
C GLY E 573 -37.83 -5.89 3.66
N THR E 574 -38.64 -6.05 2.62
CA THR E 574 -38.23 -6.90 1.51
C THR E 574 -37.17 -6.23 0.66
N GLY E 575 -37.18 -4.90 0.57
CA GLY E 575 -36.18 -4.20 -0.20
C GLY E 575 -35.55 -3.06 0.57
N PHE E 576 -36.15 -2.73 1.72
CA PHE E 576 -35.65 -1.64 2.55
C PHE E 576 -34.30 -2.01 3.17
N SER E 577 -33.53 -1.00 3.51
CA SER E 577 -32.24 -1.19 4.16
C SER E 577 -31.87 0.10 4.88
N SER E 578 -31.59 0.00 6.18
CA SER E 578 -31.09 1.15 6.93
C SER E 578 -29.80 1.65 6.32
N VAL E 579 -29.67 2.98 6.21
CA VAL E 579 -28.46 3.56 5.66
C VAL E 579 -27.25 3.18 6.51
N ASN E 580 -27.25 3.62 7.78
CA ASN E 580 -26.28 3.12 8.73
C ASN E 580 -26.83 3.13 10.16
N ASN E 581 -27.49 2.05 10.57
CA ASN E 581 -27.89 1.87 11.97
C ASN E 581 -28.14 0.38 12.19
N ASP E 582 -27.16 -0.28 12.82
CA ASP E 582 -27.33 -1.70 13.16
C ASP E 582 -28.38 -1.87 14.25
N LEU E 583 -28.28 -1.08 15.32
CA LEU E 583 -29.24 -1.11 16.42
C LEU E 583 -29.23 0.27 17.08
N GLU E 584 -30.36 0.97 16.96
CA GLU E 584 -30.50 2.31 17.54
C GLU E 584 -31.17 2.18 18.90
N THR E 585 -30.43 2.53 19.95
CA THR E 585 -30.94 2.42 21.32
C THR E 585 -31.53 3.77 21.75
N VAL E 586 -32.86 3.79 21.92
CA VAL E 586 -33.52 4.96 22.47
C VAL E 586 -33.48 4.86 23.99
N LYS E 587 -33.74 5.95 24.67
CA LYS E 587 -33.51 6.03 26.10
C LYS E 587 -34.52 7.00 26.70
N MET E 588 -35.61 6.48 27.26
CA MET E 588 -36.78 7.29 27.53
C MET E 588 -37.19 7.23 28.99
N ASN E 589 -37.76 8.34 29.47
CA ASN E 589 -38.15 8.51 30.86
C ASN E 589 -39.59 8.03 31.07
N PRO E 590 -39.98 7.81 32.33
CA PRO E 590 -41.26 7.11 32.59
C PRO E 590 -42.48 7.86 32.07
N ASN E 591 -43.49 7.07 31.70
CA ASN E 591 -44.82 7.56 31.32
C ASN E 591 -44.76 8.63 30.24
N SER E 592 -43.96 8.35 29.22
CA SER E 592 -43.85 9.25 28.08
C SER E 592 -43.34 8.47 26.88
N SER E 593 -43.66 8.97 25.70
CA SER E 593 -43.21 8.39 24.45
C SER E 593 -41.80 8.90 24.13
N TYR E 594 -41.25 8.40 23.03
CA TYR E 594 -39.97 8.89 22.53
C TYR E 594 -39.90 8.51 21.05
N THR E 595 -39.78 9.50 20.19
CA THR E 595 -39.76 9.29 18.75
C THR E 595 -38.43 9.78 18.18
N ARG E 596 -37.98 9.10 17.11
CA ARG E 596 -36.74 9.45 16.45
C ARG E 596 -36.80 9.03 14.99
N ILE E 597 -36.25 9.87 14.11
CA ILE E 597 -36.23 9.63 12.68
C ILE E 597 -35.01 8.79 12.35
N ILE E 598 -35.17 7.81 11.47
CA ILE E 598 -34.10 6.90 11.07
C ILE E 598 -33.95 6.97 9.56
N PRO E 599 -32.73 6.91 9.01
CA PRO E 599 -32.56 6.94 7.55
C PRO E 599 -32.64 5.55 6.95
N VAL E 600 -33.42 5.42 5.89
CA VAL E 600 -33.58 4.16 5.16
C VAL E 600 -33.43 4.43 3.67
N LYS E 601 -33.26 3.37 2.91
CA LYS E 601 -33.09 3.44 1.46
C LYS E 601 -33.88 2.33 0.78
N ALA E 602 -34.81 2.70 -0.08
CA ALA E 602 -35.62 1.73 -0.80
C ALA E 602 -34.87 1.23 -2.04
N LYS E 603 -35.20 0.00 -2.44
CA LYS E 603 -34.50 -0.64 -3.54
C LYS E 603 -35.40 -0.89 -4.74
N PHE E 604 -36.62 -1.33 -4.50
CA PHE E 604 -37.58 -1.59 -5.56
C PHE E 604 -38.64 -0.50 -5.60
N ILE E 605 -39.55 -0.59 -6.55
CA ILE E 605 -40.68 0.32 -6.65
C ILE E 605 -41.96 -0.49 -6.48
N GLY E 606 -42.92 0.10 -5.79
CA GLY E 606 -44.21 -0.53 -5.64
C GLY E 606 -44.64 -0.56 -4.20
N LYS E 607 -45.51 -1.50 -3.90
CA LYS E 607 -46.19 -1.60 -2.60
C LYS E 607 -45.31 -2.40 -1.65
N HIS E 608 -44.60 -1.70 -0.77
CA HIS E 608 -43.67 -2.31 0.15
C HIS E 608 -44.35 -2.64 1.48
N LYS E 609 -43.80 -3.64 2.16
CA LYS E 609 -44.18 -3.98 3.53
C LYS E 609 -42.91 -3.87 4.37
N MET E 610 -42.94 -3.03 5.40
CA MET E 610 -41.75 -2.82 6.20
C MET E 610 -42.05 -3.07 7.68
N VAL E 611 -41.15 -3.79 8.33
CA VAL E 611 -41.32 -4.23 9.71
C VAL E 611 -40.33 -3.51 10.59
N VAL E 612 -40.80 -3.03 11.74
CA VAL E 612 -39.94 -2.48 12.79
C VAL E 612 -40.23 -3.24 14.08
N SER E 613 -39.17 -3.77 14.68
CA SER E 613 -39.32 -4.59 15.89
C SER E 613 -38.45 -4.03 17.00
N ALA E 614 -39.03 -3.90 18.19
CA ALA E 614 -38.28 -3.51 19.38
C ALA E 614 -37.50 -4.71 19.90
N ILE E 615 -36.23 -4.49 20.20
CA ILE E 615 -35.30 -5.56 20.54
C ILE E 615 -34.49 -5.16 21.76
N SER E 616 -34.32 -6.09 22.70
CA SER E 616 -33.54 -5.87 23.91
C SER E 616 -32.79 -7.14 24.25
N LYS E 617 -31.45 -7.05 24.25
CA LYS E 617 -30.58 -8.17 24.59
C LYS E 617 -30.88 -9.38 23.69
N GLY E 618 -30.95 -9.13 22.39
CA GLY E 618 -31.19 -10.19 21.44
C GLY E 618 -32.60 -10.72 21.41
N LEU E 619 -33.49 -10.17 22.22
CA LEU E 619 -34.86 -10.63 22.31
C LEU E 619 -35.79 -9.59 21.72
N ILE E 620 -36.63 -9.99 20.77
CA ILE E 620 -37.57 -9.08 20.15
C ILE E 620 -38.70 -8.81 21.13
N ILE E 621 -38.91 -7.53 21.45
CA ILE E 621 -39.95 -7.13 22.39
C ILE E 621 -41.29 -7.11 21.67
N ASP E 622 -41.40 -6.30 20.61
CA ASP E 622 -42.60 -6.21 19.81
C ASP E 622 -42.22 -5.74 18.41
N SER E 623 -43.05 -6.09 17.43
CA SER E 623 -42.78 -5.78 16.03
C SER E 623 -44.03 -5.19 15.39
N LYS E 624 -43.82 -4.24 14.47
CA LYS E 624 -44.91 -3.55 13.80
C LYS E 624 -44.63 -3.50 12.31
N ILE E 625 -45.68 -3.66 11.50
CA ILE E 625 -45.58 -3.69 10.05
C ILE E 625 -46.30 -2.49 9.49
N ILE E 626 -45.68 -1.80 8.55
CA ILE E 626 -46.29 -0.67 7.89
C ILE E 626 -46.25 -0.89 6.38
N ASP E 627 -46.96 -0.03 5.64
CA ASP E 627 -47.11 -0.14 4.19
C ASP E 627 -46.64 1.16 3.56
N ILE E 628 -45.53 1.11 2.83
CA ILE E 628 -44.98 2.27 2.16
C ILE E 628 -45.04 2.05 0.66
N ASN E 629 -45.28 3.13 -0.08
CA ASN E 629 -45.31 3.10 -1.54
C ASN E 629 -44.09 3.85 -2.04
N VAL E 630 -43.25 3.18 -2.82
CA VAL E 630 -42.04 3.78 -3.35
C VAL E 630 -42.22 4.05 -4.84
N LYS E 631 -42.03 5.30 -5.26
CA LYS E 631 -42.23 5.62 -6.66
C LYS E 631 -40.90 5.76 -7.39
N PRO E 632 -40.91 5.60 -8.71
CA PRO E 632 -39.65 5.68 -9.48
C PRO E 632 -39.09 7.09 -9.49
N LYS E 633 -37.77 7.18 -9.54
CA LYS E 633 -37.09 8.44 -9.77
C LYS E 633 -36.94 8.66 -11.27
N LEU E 634 -37.51 9.76 -11.76
CA LEU E 634 -37.48 10.06 -13.18
C LEU E 634 -36.47 11.15 -13.48
N LEU E 635 -35.66 10.93 -14.51
CA LEU E 635 -34.56 11.82 -14.85
C LEU E 635 -35.09 13.16 -15.34
N PRO E 636 -34.33 14.24 -15.12
CA PRO E 636 -34.78 15.58 -15.51
C PRO E 636 -34.56 15.87 -16.99
N ASN E 637 -35.01 17.07 -17.39
CA ASN E 637 -34.94 17.48 -18.78
C ASN E 637 -33.48 17.67 -19.22
N PRO E 638 -33.20 17.48 -20.51
CA PRO E 638 -31.92 17.96 -21.05
C PRO E 638 -31.86 19.47 -20.93
N ARG E 639 -30.75 20.00 -20.39
CA ARG E 639 -30.66 21.43 -20.15
C ARG E 639 -30.62 22.17 -21.48
N LEU E 640 -31.74 22.79 -21.84
CA LEU E 640 -31.96 23.36 -23.16
C LEU E 640 -31.75 22.31 -24.25
N ILE F 103 20.79 89.48 -22.29
CA ILE F 103 19.37 89.36 -21.97
C ILE F 103 18.96 87.90 -21.99
N ASP F 104 18.02 87.55 -21.10
CA ASP F 104 17.48 86.19 -21.05
C ASP F 104 16.12 86.23 -20.37
N ASN F 105 15.32 85.19 -20.60
CA ASN F 105 13.96 85.13 -20.09
C ASN F 105 13.92 84.73 -18.63
N THR F 106 14.25 85.65 -17.73
CA THR F 106 14.22 85.39 -16.30
C THR F 106 12.77 85.45 -15.81
N CYS F 107 12.14 84.29 -15.80
CA CYS F 107 10.76 84.17 -15.36
C CYS F 107 10.66 84.31 -13.85
N PHE F 108 9.44 84.48 -13.36
CA PHE F 108 9.16 84.48 -11.92
C PHE F 108 7.81 83.84 -11.66
N LEU F 109 7.38 83.82 -10.40
CA LEU F 109 6.14 83.12 -10.04
C LEU F 109 5.33 84.02 -9.12
N VAL F 110 4.01 83.84 -9.18
CA VAL F 110 3.08 84.54 -8.30
C VAL F 110 2.10 83.53 -7.75
N GLY F 111 1.84 83.62 -6.46
CA GLY F 111 0.92 82.70 -5.82
C GLY F 111 0.47 83.19 -4.47
N ASP F 112 -0.49 82.46 -3.91
CA ASP F 112 -1.08 82.77 -2.61
C ASP F 112 -0.56 81.80 -1.56
N PRO F 113 0.18 82.28 -0.55
CA PRO F 113 0.71 81.37 0.47
C PRO F 113 -0.35 80.58 1.21
N SER F 114 -1.56 81.12 1.36
CA SER F 114 -2.62 80.44 2.10
C SER F 114 -3.51 79.58 1.22
N SER F 115 -3.23 79.53 -0.09
CA SER F 115 -4.04 78.71 -0.99
C SER F 115 -4.00 77.23 -0.59
N ARG F 116 -2.82 76.74 -0.27
CA ARG F 116 -2.62 75.34 0.10
C ARG F 116 -1.64 75.27 1.25
N GLU F 117 -1.63 74.13 1.95
CA GLU F 117 -0.70 73.92 3.04
C GLU F 117 0.73 73.95 2.52
N GLN F 118 1.60 74.65 3.26
CA GLN F 118 2.97 74.82 2.82
C GLN F 118 3.73 73.50 2.90
N MET F 119 4.41 73.16 1.80
CA MET F 119 5.07 71.87 1.73
C MET F 119 6.35 71.87 2.55
N TYR F 120 6.69 70.71 3.09
CA TYR F 120 7.90 70.55 3.90
C TYR F 120 9.07 70.31 2.96
N PHE F 121 10.12 71.11 3.10
CA PHE F 121 11.28 71.01 2.25
C PHE F 121 12.52 70.72 3.09
N THR F 122 13.25 69.67 2.71
CA THR F 122 14.50 69.34 3.37
C THR F 122 15.48 68.82 2.32
N ILE F 123 16.77 68.95 2.62
CA ILE F 123 17.83 68.45 1.75
C ILE F 123 18.78 67.62 2.61
N VAL F 124 19.30 66.53 2.04
CA VAL F 124 20.16 65.60 2.77
C VAL F 124 21.56 65.69 2.19
N TRP F 125 22.51 66.09 3.02
CA TRP F 125 23.92 66.17 2.64
C TRP F 125 24.64 64.92 3.15
N HIS F 126 25.29 64.22 2.22
CA HIS F 126 25.94 62.95 2.53
C HIS F 126 27.45 63.19 2.58
N HIS F 127 27.96 63.47 3.78
CA HIS F 127 29.38 63.70 4.00
C HIS F 127 30.04 62.38 4.34
N HIS F 128 30.78 61.82 3.39
CA HIS F 128 31.46 60.56 3.63
C HIS F 128 32.82 60.53 2.95
N GLN F 129 33.81 60.05 3.69
CA GLN F 129 35.04 59.52 3.13
C GLN F 129 35.32 58.16 3.76
N ALA F 130 35.86 57.25 2.95
CA ALA F 130 36.12 55.89 3.37
C ALA F 130 37.19 55.88 4.46
N PRO F 131 37.24 54.84 5.31
CA PRO F 131 38.32 54.77 6.30
C PRO F 131 39.63 54.50 5.60
N ASN F 132 40.45 55.55 5.50
CA ASN F 132 41.61 55.56 4.63
C ASN F 132 42.90 55.34 5.40
N TYR F 133 42.83 54.63 6.52
CA TYR F 133 44.02 54.30 7.29
C TYR F 133 44.44 52.87 7.00
N LEU F 134 45.75 52.65 6.99
CA LEU F 134 46.32 51.33 6.85
C LEU F 134 46.13 50.55 8.15
N PRO F 135 46.28 49.22 8.12
CA PRO F 135 46.15 48.45 9.37
C PRO F 135 47.12 48.89 10.45
N ASP F 136 48.31 49.38 10.07
CA ASP F 136 49.24 49.89 11.06
C ASP F 136 48.71 51.16 11.73
N GLY F 137 48.14 52.07 10.93
CA GLY F 137 47.57 53.29 11.48
C GLY F 137 47.80 54.52 10.64
N ARG F 138 48.69 54.42 9.66
CA ARG F 138 48.98 55.56 8.80
C ARG F 138 47.84 55.80 7.82
N ILE F 139 47.73 57.04 7.34
CA ILE F 139 46.67 57.44 6.44
C ILE F 139 47.21 57.43 5.02
N HIS F 140 46.61 56.61 4.16
N HIS F 140 46.61 56.61 4.16
CA HIS F 140 47.02 56.52 2.77
CA HIS F 140 47.02 56.52 2.77
C HIS F 140 46.14 57.33 1.83
C HIS F 140 46.14 57.33 1.83
N GLY F 141 44.93 57.68 2.25
CA GLY F 141 44.06 58.50 1.44
C GLY F 141 43.79 59.84 2.11
N PRO F 142 44.37 60.89 1.56
CA PRO F 142 44.20 62.23 2.15
C PRO F 142 43.01 62.99 1.59
N TRP F 143 41.79 62.70 2.03
CA TRP F 143 40.66 63.53 1.66
C TRP F 143 39.75 63.91 2.82
N ALA F 144 39.72 63.15 3.91
CA ALA F 144 39.02 63.58 5.11
C ALA F 144 39.68 64.79 5.75
N TYR F 145 40.88 65.13 5.31
CA TYR F 145 41.71 66.17 5.90
C TYR F 145 41.97 67.32 4.93
N ILE F 146 42.28 67.03 3.66
CA ILE F 146 42.47 68.10 2.69
C ILE F 146 41.17 68.68 2.19
N TYR F 147 40.03 68.20 2.71
CA TYR F 147 38.76 68.87 2.47
C TYR F 147 38.28 69.65 3.68
N VAL F 148 39.13 69.87 4.67
CA VAL F 148 38.77 70.65 5.84
C VAL F 148 39.80 71.72 6.16
N TRP F 149 41.02 71.64 5.59
CA TRP F 149 41.94 72.76 5.75
C TRP F 149 42.60 73.25 4.47
N SER F 150 42.31 72.68 3.31
CA SER F 150 42.98 73.09 2.08
C SER F 150 42.54 74.49 1.67
N ASP F 151 43.25 75.05 0.70
CA ASP F 151 42.83 76.29 0.04
C ASP F 151 42.19 75.91 -1.29
N LEU F 152 40.97 75.38 -1.21
CA LEU F 152 40.24 74.93 -2.38
C LEU F 152 39.06 75.81 -2.73
N LEU F 153 38.47 76.49 -1.76
CA LEU F 153 37.27 77.30 -1.97
C LEU F 153 37.59 78.79 -1.83
N LYS F 154 38.84 79.15 -2.06
CA LYS F 154 39.21 80.56 -2.01
C LYS F 154 38.75 81.29 -3.26
N PRO F 155 38.37 82.58 -3.12
CA PRO F 155 38.44 83.37 -1.88
C PRO F 155 37.17 83.34 -1.02
N TYR F 156 36.57 82.18 -0.81
CA TYR F 156 35.37 82.08 0.01
C TYR F 156 35.54 81.18 1.24
N GLY F 157 36.08 79.98 1.07
CA GLY F 157 36.19 79.06 2.19
C GLY F 157 37.41 78.19 2.07
N LYS F 158 37.61 77.35 3.08
CA LYS F 158 38.78 76.46 3.11
C LYS F 158 38.48 75.13 2.41
N GLY F 159 37.51 74.40 2.91
CA GLY F 159 37.17 73.11 2.37
C GLY F 159 35.68 72.86 2.44
N PRO F 160 35.18 71.96 1.58
CA PRO F 160 33.73 71.71 1.55
C PRO F 160 33.14 71.34 2.90
N TYR F 161 33.83 70.51 3.68
CA TYR F 161 33.31 70.12 4.98
C TYR F 161 33.33 71.31 5.95
N HIS F 162 34.36 72.15 5.86
CA HIS F 162 34.45 73.33 6.70
C HIS F 162 33.48 74.41 6.24
N TYR F 163 33.36 74.60 4.92
CA TYR F 163 32.45 75.59 4.39
C TYR F 163 31.00 75.25 4.75
N HIS F 164 30.64 73.97 4.65
CA HIS F 164 29.30 73.56 5.02
C HIS F 164 29.03 73.83 6.49
N SER F 165 30.06 73.72 7.34
CA SER F 165 29.88 74.01 8.75
C SER F 165 29.75 75.50 9.02
N VAL F 166 30.49 76.33 8.29
CA VAL F 166 30.41 77.76 8.54
C VAL F 166 29.11 78.35 7.97
N MET F 167 28.56 77.73 6.92
CA MET F 167 27.28 78.17 6.40
C MET F 167 26.13 77.88 7.36
N LEU F 168 26.34 76.99 8.32
CA LEU F 168 25.32 76.74 9.34
C LEU F 168 25.33 77.80 10.43
N ASN F 169 26.36 78.63 10.49
CA ASN F 169 26.42 79.73 11.44
C ASN F 169 26.18 81.08 10.76
N ILE F 170 26.54 81.19 9.48
CA ILE F 170 26.30 82.43 8.75
C ILE F 170 24.81 82.63 8.57
N HIS F 171 24.09 81.57 8.21
CA HIS F 171 22.63 81.61 8.07
C HIS F 171 22.01 80.78 9.18
N PRO F 172 21.68 81.38 10.33
CA PRO F 172 21.17 80.57 11.46
C PRO F 172 19.69 80.24 11.35
N HIS F 173 19.09 80.43 10.17
CA HIS F 173 17.69 80.10 9.96
C HIS F 173 17.50 78.95 8.99
N PHE F 174 18.53 78.58 8.25
CA PHE F 174 18.44 77.53 7.22
C PHE F 174 18.67 76.19 7.90
N LYS F 175 17.68 75.31 7.84
CA LYS F 175 17.76 73.99 8.43
C LYS F 175 17.97 72.94 7.36
N ALA F 176 18.77 71.93 7.69
CA ALA F 176 19.07 70.84 6.77
C ALA F 176 19.61 69.64 7.52
N THR F 177 19.08 68.45 7.23
CA THR F 177 19.61 67.23 7.82
C THR F 177 20.99 66.93 7.23
N TYR F 178 21.85 66.31 8.03
CA TYR F 178 23.22 66.05 7.65
C TYR F 178 23.58 64.59 7.92
N ASN F 179 24.45 64.04 7.08
CA ASN F 179 25.00 62.70 7.28
C ASN F 179 26.52 62.84 7.38
N LEU F 180 27.00 62.95 8.61
CA LEU F 180 28.43 62.83 8.88
C LEU F 180 28.73 61.35 9.07
N SER F 181 29.43 60.76 8.11
CA SER F 181 29.67 59.32 8.12
C SER F 181 30.45 58.94 9.37
N PRO F 182 30.14 57.79 9.99
CA PRO F 182 30.92 57.39 11.18
C PRO F 182 32.40 57.23 10.90
N SER F 183 32.77 56.74 9.71
CA SER F 183 34.19 56.64 9.38
C SER F 183 34.84 58.01 9.32
N LEU F 184 34.17 58.99 8.71
CA LEU F 184 34.66 60.36 8.68
C LEU F 184 34.73 60.98 10.07
N LEU F 185 33.72 60.74 10.91
CA LEU F 185 33.76 61.23 12.28
C LEU F 185 34.96 60.68 13.03
N ARG F 186 35.25 59.39 12.86
CA ARG F 186 36.39 58.80 13.54
C ARG F 186 37.72 59.32 12.98
N GLN F 187 37.81 59.50 11.66
CA GLN F 187 39.04 60.05 11.09
C GLN F 187 39.30 61.47 11.60
N TRP F 188 38.24 62.28 11.73
CA TRP F 188 38.42 63.60 12.31
C TRP F 188 38.76 63.53 13.80
N GLN F 189 38.17 62.57 14.52
CA GLN F 189 38.50 62.39 15.93
C GLN F 189 39.94 61.98 16.16
N ILE F 190 40.47 61.05 15.35
CA ILE F 190 41.82 60.54 15.55
C ILE F 190 42.88 61.53 15.09
N ALA F 191 42.47 62.69 14.60
CA ALA F 191 43.38 63.80 14.33
C ALA F 191 43.28 64.91 15.37
N VAL F 192 42.19 64.96 16.14
CA VAL F 192 42.10 65.87 17.27
C VAL F 192 42.84 65.36 18.50
N GLU F 193 42.82 64.05 18.74
CA GLU F 193 43.48 63.46 19.90
C GLU F 193 44.96 63.17 19.67
N LYS F 194 45.38 62.99 18.42
CA LYS F 194 46.78 62.78 18.12
C LYS F 194 47.00 63.12 16.65
N GLY F 195 48.09 63.81 16.35
CA GLY F 195 48.37 64.16 14.96
C GLY F 195 48.52 62.95 14.06
N VAL F 196 47.76 62.93 12.97
CA VAL F 196 47.82 61.81 12.04
C VAL F 196 49.06 61.92 11.17
N GLU F 197 49.70 60.77 10.92
CA GLU F 197 50.90 60.69 10.10
C GLU F 197 50.52 60.14 8.74
N PHE F 198 50.73 60.92 7.70
CA PHE F 198 50.38 60.52 6.34
C PHE F 198 51.40 59.53 5.79
N VAL F 199 50.94 58.68 4.88
CA VAL F 199 51.85 57.77 4.18
C VAL F 199 52.87 58.51 3.34
N ASN F 200 52.48 59.64 2.73
CA ASN F 200 53.39 60.41 1.91
C ASN F 200 54.57 60.97 2.70
N GLY F 201 54.48 60.99 4.03
CA GLY F 201 55.59 61.41 4.86
C GLY F 201 55.27 62.52 5.83
N GLU F 202 54.46 63.48 5.42
CA GLU F 202 54.14 64.61 6.28
C GLU F 202 53.29 64.15 7.46
N LYS F 203 53.47 64.78 8.61
CA LYS F 203 52.67 64.48 9.78
C LYS F 203 52.43 65.76 10.57
N TYR F 204 51.50 65.68 11.51
CA TYR F 204 51.12 66.79 12.36
C TYR F 204 50.95 66.30 13.78
N ASP F 205 50.50 67.20 14.65
CA ASP F 205 50.30 66.94 16.07
C ASP F 205 49.06 67.68 16.53
N PRO F 206 48.48 67.29 17.68
CA PRO F 206 47.18 67.85 18.07
C PRO F 206 47.23 69.33 18.47
N ASN F 207 48.35 70.01 18.31
CA ASN F 207 48.43 71.45 18.51
C ASN F 207 48.69 72.21 17.22
N HIS F 208 48.68 71.51 16.07
CA HIS F 208 49.03 72.12 14.80
C HIS F 208 47.92 73.07 14.33
N GLU F 209 48.28 73.92 13.37
CA GLU F 209 47.32 74.84 12.79
C GLU F 209 46.30 74.11 11.92
N LYS F 210 46.77 73.13 11.13
CA LYS F 210 45.86 72.36 10.30
C LYS F 210 44.87 71.57 11.17
N ILE F 211 45.37 70.92 12.22
CA ILE F 211 44.50 70.23 13.16
C ILE F 211 43.52 71.19 13.83
N ARG F 212 43.91 72.45 14.02
CA ARG F 212 43.04 73.45 14.62
C ARG F 212 41.77 73.68 13.80
N LEU F 213 41.80 73.39 12.51
CA LEU F 213 40.65 73.57 11.63
C LEU F 213 39.77 72.34 11.56
N VAL F 214 40.14 71.25 12.22
CA VAL F 214 39.35 70.03 12.21
C VAL F 214 38.39 70.07 13.40
N GLU F 215 38.85 70.63 14.50
CA GLU F 215 38.02 70.76 15.69
C GLU F 215 36.92 71.79 15.56
N GLU F 216 37.19 72.94 14.97
CA GLU F 216 36.17 73.99 14.86
C GLU F 216 35.06 73.61 13.89
N THR F 217 35.38 72.89 12.81
CA THR F 217 34.33 72.36 11.94
C THR F 217 33.44 71.39 12.71
N LEU F 218 34.07 70.51 13.49
CA LEU F 218 33.32 69.52 14.25
C LEU F 218 32.48 70.18 15.35
N ASN F 219 33.02 71.19 16.01
CA ASN F 219 32.21 71.92 16.99
C ASN F 219 31.07 72.68 16.31
N ASN F 220 31.30 73.22 15.12
CA ASN F 220 30.24 73.89 14.38
C ASN F 220 29.09 72.93 14.11
N TYR F 221 29.42 71.72 13.63
CA TYR F 221 28.38 70.73 13.41
C TYR F 221 27.69 70.33 14.70
N ARG F 222 28.45 70.20 15.79
CA ARG F 222 27.85 69.82 17.06
C ARG F 222 26.87 70.87 17.57
N GLU F 223 27.23 72.15 17.47
CA GLU F 223 26.33 73.20 17.95
C GLU F 223 25.13 73.33 17.03
N ALA F 224 25.32 73.14 15.72
CA ALA F 224 24.18 73.13 14.81
C ALA F 224 23.22 72.00 15.16
N LEU F 225 23.75 70.84 15.55
CA LEU F 225 22.89 69.73 15.96
C LEU F 225 22.14 70.05 17.25
N PHE F 226 22.86 70.30 18.33
CA PHE F 226 22.21 70.49 19.62
C PHE F 226 21.42 71.79 19.72
N LYS F 227 21.60 72.70 18.77
CA LYS F 227 20.75 73.87 18.63
C LYS F 227 19.44 73.55 17.92
N GLY F 228 19.34 72.36 17.33
CA GLY F 228 18.17 71.96 16.57
C GLY F 228 18.17 72.39 15.12
N GLN F 229 19.25 73.01 14.64
CA GLN F 229 19.28 73.52 13.29
C GLN F 229 19.40 72.39 12.27
N ILE F 230 20.14 71.34 12.62
CA ILE F 230 20.35 70.23 11.69
C ILE F 230 19.96 68.91 12.32
N ASP F 231 19.88 67.87 11.51
CA ASP F 231 19.66 66.50 11.95
C ASP F 231 20.87 65.69 11.50
N VAL F 232 21.30 64.74 12.34
CA VAL F 232 22.49 63.94 12.06
C VAL F 232 22.08 62.49 11.90
N LEU F 233 22.46 61.90 10.77
CA LEU F 233 22.13 60.52 10.44
C LEU F 233 23.33 59.61 10.70
N THR F 234 23.05 58.40 11.17
CA THR F 234 24.07 57.39 11.28
C THR F 234 24.11 56.59 9.97
N SER F 235 24.97 55.57 9.93
CA SER F 235 25.14 54.76 8.73
C SER F 235 25.99 53.55 9.06
N ILE F 236 26.21 52.71 8.05
CA ILE F 236 27.18 51.62 8.18
C ILE F 236 28.56 52.24 8.31
N TYR F 237 29.36 51.71 9.24
CA TYR F 237 30.68 52.29 9.50
C TYR F 237 31.52 52.31 8.22
N ALA F 238 31.80 51.14 7.65
CA ALA F 238 32.42 51.08 6.35
C ALA F 238 31.35 51.13 5.26
N HIS F 239 31.46 52.13 4.40
CA HIS F 239 30.39 52.51 3.50
C HIS F 239 30.26 51.45 2.41
N THR F 240 29.57 50.37 2.72
CA THR F 240 29.36 49.26 1.81
C THR F 240 27.93 49.25 1.30
N ILE F 241 27.75 48.63 0.14
CA ILE F 241 26.44 48.52 -0.50
C ILE F 241 25.65 47.41 0.18
N GLY F 242 24.86 47.78 1.19
CA GLY F 242 24.25 46.82 2.10
C GLY F 242 23.24 45.89 1.46
N GLY F 243 22.41 46.39 0.55
CA GLY F 243 21.45 45.53 -0.11
C GLY F 243 22.06 44.50 -1.02
N PHE F 244 23.17 44.84 -1.67
CA PHE F 244 23.93 43.87 -2.44
C PHE F 244 24.54 42.77 -1.59
N LEU F 245 24.98 43.09 -0.38
CA LEU F 245 25.60 42.10 0.48
C LEU F 245 24.60 41.07 0.98
N THR F 246 23.40 41.52 1.37
CA THR F 246 22.42 40.61 1.93
C THR F 246 21.76 39.72 0.87
N ASP F 247 21.81 40.11 -0.40
CA ASP F 247 21.20 39.31 -1.45
C ASP F 247 22.22 38.39 -2.11
N VAL F 248 23.31 38.97 -2.61
CA VAL F 248 24.32 38.19 -3.32
C VAL F 248 25.14 37.38 -2.32
N LEU F 249 25.84 38.07 -1.42
CA LEU F 249 26.65 37.36 -0.43
C LEU F 249 25.80 36.77 0.68
N GLY F 250 24.73 37.46 1.07
CA GLY F 250 23.87 36.98 2.13
C GLY F 250 24.45 37.07 3.52
N ALA F 251 25.45 37.93 3.73
CA ALA F 251 26.10 38.07 5.03
C ALA F 251 25.32 39.08 5.89
N THR F 252 24.33 38.54 6.61
CA THR F 252 23.50 39.36 7.48
C THR F 252 24.22 39.83 8.74
N ASN F 253 25.00 38.95 9.38
CA ASN F 253 25.69 39.29 10.62
C ASN F 253 26.72 40.39 10.44
N ILE F 254 27.45 40.41 9.32
CA ILE F 254 28.51 41.39 9.11
C ILE F 254 27.96 42.81 8.97
N VAL F 255 26.65 42.97 8.77
CA VAL F 255 26.05 44.28 8.53
C VAL F 255 25.32 44.75 9.77
N GLU F 256 24.66 43.83 10.48
CA GLU F 256 23.97 44.20 11.69
C GLU F 256 24.92 44.72 12.77
N GLU F 257 26.12 44.16 12.87
CA GLU F 257 27.13 44.66 13.77
C GLU F 257 27.80 45.92 13.26
N GLU F 258 27.97 46.05 11.95
CA GLU F 258 28.58 47.25 11.37
C GLU F 258 27.70 48.48 11.58
N ILE F 259 26.39 48.34 11.36
CA ILE F 259 25.47 49.43 11.62
C ILE F 259 25.47 49.79 13.10
N ARG F 260 25.47 48.79 13.98
CA ARG F 260 25.50 49.03 15.42
C ARG F 260 26.76 49.78 15.83
N TYR F 261 27.92 49.37 15.31
CA TYR F 261 29.17 50.04 15.64
C TYR F 261 29.17 51.48 15.11
N GLY F 262 28.70 51.68 13.88
CA GLY F 262 28.60 53.03 13.35
C GLY F 262 27.63 53.93 14.08
N LYS F 263 26.53 53.37 14.56
CA LYS F 263 25.59 54.12 15.39
C LYS F 263 26.18 54.48 16.74
N GLU F 264 26.94 53.58 17.37
CA GLU F 264 27.63 53.92 18.59
C GLU F 264 28.65 55.02 18.36
N VAL F 265 29.38 54.95 17.23
CA VAL F 265 30.36 55.98 16.91
C VAL F 265 29.68 57.33 16.75
N THR F 266 28.57 57.37 16.00
CA THR F 266 27.85 58.63 15.83
C THR F 266 27.31 59.16 17.16
N SER F 267 26.75 58.29 17.98
CA SER F 267 26.23 58.68 19.28
C SER F 267 27.31 59.18 20.24
N LYS F 268 28.55 58.70 20.10
CA LYS F 268 29.61 59.07 21.02
C LYS F 268 30.43 60.28 20.57
N ILE F 269 30.70 60.42 19.27
CA ILE F 269 31.41 61.62 18.80
C ILE F 269 30.58 62.88 18.91
N MET F 270 29.30 62.84 18.55
CA MET F 270 28.44 64.01 18.67
C MET F 270 28.26 64.41 20.13
N GLY F 271 28.32 63.46 21.05
CA GLY F 271 28.27 63.76 22.46
C GLY F 271 26.87 63.96 22.99
N ASN F 272 26.79 64.22 24.29
CA ASN F 272 25.55 64.51 24.99
C ASN F 272 24.50 63.41 24.78
N ASN F 273 24.96 62.17 24.68
CA ASN F 273 24.08 61.00 24.54
C ASN F 273 23.09 61.17 23.40
N TYR F 274 23.60 61.64 22.26
CA TYR F 274 22.78 61.72 21.05
C TYR F 274 22.33 60.33 20.63
N ASN F 275 21.10 60.23 20.14
CA ASN F 275 20.54 58.98 19.66
C ASN F 275 19.93 59.19 18.28
N PRO F 276 20.67 58.86 17.22
CA PRO F 276 20.14 59.09 15.87
C PRO F 276 19.07 58.07 15.52
N GLN F 277 17.91 58.57 15.09
CA GLN F 277 16.79 57.72 14.71
C GLN F 277 16.67 57.51 13.20
N GLY F 278 17.55 58.11 12.42
CA GLY F 278 17.57 57.89 10.98
C GLY F 278 18.94 57.38 10.54
N ILE F 279 18.95 56.63 9.45
CA ILE F 279 20.17 56.08 8.89
C ILE F 279 20.24 56.44 7.42
N TRP F 280 21.47 56.63 6.92
CA TRP F 280 21.70 56.78 5.49
C TRP F 280 22.19 55.45 4.97
N THR F 281 21.36 54.78 4.19
CA THR F 281 21.77 53.54 3.54
C THR F 281 22.79 53.88 2.46
N PRO F 282 24.00 53.33 2.55
CA PRO F 282 25.04 53.68 1.58
C PRO F 282 24.63 53.36 0.15
N GLU F 283 24.72 54.38 -0.71
CA GLU F 283 24.39 54.32 -2.13
C GLU F 283 22.92 53.99 -2.36
N MET F 284 22.10 54.07 -1.31
CA MET F 284 20.70 53.64 -1.34
C MET F 284 20.56 52.24 -1.95
N ALA F 285 21.52 51.39 -1.66
CA ALA F 285 21.50 49.99 -2.06
C ALA F 285 20.60 49.29 -1.05
N PHE F 286 19.32 49.20 -1.37
CA PHE F 286 18.30 48.75 -0.44
C PHE F 286 17.89 47.32 -0.69
N SER F 287 17.69 46.58 0.39
CA SER F 287 17.10 45.24 0.35
C SER F 287 16.10 45.12 1.48
N MET F 288 15.03 44.36 1.24
CA MET F 288 14.02 44.18 2.27
C MET F 288 14.51 43.37 3.45
N LYS F 289 15.67 42.74 3.33
CA LYS F 289 16.31 42.09 4.47
C LYS F 289 16.96 43.08 5.41
N LEU F 290 17.04 44.35 5.03
CA LEU F 290 17.49 45.41 5.92
C LEU F 290 16.40 45.86 6.88
N ILE F 291 15.14 45.54 6.60
CA ILE F 291 14.06 45.97 7.48
C ILE F 291 14.21 45.40 8.89
N PRO F 292 14.39 44.07 9.07
CA PRO F 292 14.58 43.56 10.43
C PRO F 292 15.80 44.12 11.13
N ILE F 293 16.90 44.38 10.43
CA ILE F 293 18.09 44.95 11.04
C ILE F 293 17.83 46.36 11.54
N TYR F 294 17.23 47.19 10.70
CA TYR F 294 16.92 48.56 11.09
C TYR F 294 15.91 48.60 12.23
N TYR F 295 14.90 47.74 12.19
CA TYR F 295 13.94 47.67 13.29
C TYR F 295 14.61 47.22 14.57
N ASP F 296 15.44 46.18 14.51
CA ASP F 296 16.09 45.66 15.70
C ASP F 296 17.12 46.63 16.26
N LEU F 297 17.66 47.52 15.43
CA LEU F 297 18.61 48.53 15.87
C LEU F 297 17.93 49.86 16.17
N ASP F 298 16.60 49.89 16.18
CA ASP F 298 15.81 51.07 16.54
C ASP F 298 16.05 52.22 15.55
N ILE F 299 16.04 51.90 14.26
CA ILE F 299 16.06 52.90 13.22
C ILE F 299 14.63 53.15 12.76
N LYS F 300 14.30 54.39 12.46
CA LYS F 300 12.92 54.77 12.18
C LYS F 300 12.69 55.29 10.76
N TYR F 301 13.70 55.86 10.12
CA TYR F 301 13.50 56.44 8.79
C TYR F 301 14.82 56.44 8.02
N THR F 302 14.70 56.64 6.71
CA THR F 302 15.83 56.67 5.79
C THR F 302 15.33 57.28 4.47
N VAL F 303 16.25 57.43 3.52
CA VAL F 303 15.95 58.06 2.24
C VAL F 303 16.35 57.10 1.11
N LEU F 304 15.44 56.90 0.17
CA LEU F 304 15.66 56.07 -1.02
C LEU F 304 15.46 56.93 -2.27
N ASP F 305 15.50 56.29 -3.43
CA ASP F 305 15.37 56.96 -4.71
C ASP F 305 13.94 56.82 -5.22
N ASP F 306 13.49 57.80 -5.99
CA ASP F 306 12.17 57.74 -6.58
C ASP F 306 12.17 57.14 -7.98
N LYS F 307 13.22 57.37 -8.76
CA LYS F 307 13.34 56.80 -10.09
C LYS F 307 13.59 55.30 -10.08
N PHE F 308 14.29 54.79 -9.08
CA PHE F 308 14.73 53.40 -9.10
C PHE F 308 14.15 52.56 -7.97
N HIS F 309 13.60 53.16 -6.92
CA HIS F 309 12.97 52.40 -5.85
C HIS F 309 11.47 52.59 -5.75
N PHE F 310 10.93 53.72 -6.21
CA PHE F 310 9.50 54.00 -6.10
C PHE F 310 8.72 53.52 -7.32
N PHE F 311 9.22 53.79 -8.53
CA PHE F 311 8.49 53.40 -9.72
C PHE F 311 8.44 51.89 -9.89
N HIS F 312 9.24 51.15 -9.12
CA HIS F 312 9.25 49.70 -9.15
C HIS F 312 8.68 49.09 -7.88
N ALA F 313 8.27 49.91 -6.93
CA ALA F 313 7.67 49.44 -5.69
C ALA F 313 6.22 49.03 -5.92
N GLU F 314 5.69 48.21 -5.02
CA GLU F 314 4.31 47.77 -5.07
C GLU F 314 3.64 48.03 -3.73
N GLY F 315 2.34 48.30 -3.76
CA GLY F 315 1.57 48.61 -2.59
C GLY F 315 0.66 49.78 -2.86
N ASN F 316 0.26 50.45 -1.78
CA ASN F 316 -0.72 51.53 -1.84
C ASN F 316 0.01 52.82 -2.20
N LYS F 317 0.18 53.06 -3.50
CA LYS F 317 1.05 54.14 -3.99
C LYS F 317 0.22 55.30 -4.49
N ASP F 318 0.57 56.50 -4.03
CA ASP F 318 -0.06 57.71 -4.49
C ASP F 318 0.93 58.59 -5.24
N SER F 319 2.03 58.94 -4.58
CA SER F 319 3.02 59.85 -5.13
C SER F 319 4.32 59.72 -4.36
N GLN F 320 5.38 60.22 -4.96
CA GLN F 320 6.73 60.15 -4.41
C GLN F 320 7.05 61.33 -3.50
N TYR F 321 6.03 61.97 -2.93
CA TYR F 321 6.22 63.23 -2.21
C TYR F 321 5.65 63.15 -0.80
N GLU F 322 5.56 61.94 -0.26
CA GLU F 322 5.13 61.77 1.12
C GLU F 322 5.85 60.56 1.69
N PRO F 323 6.00 60.48 3.01
CA PRO F 323 6.59 59.28 3.61
C PRO F 323 5.68 58.08 3.43
N TYR F 324 6.28 56.91 3.28
CA TYR F 324 5.57 55.65 3.20
C TYR F 324 6.00 54.75 4.35
N MET F 325 5.21 53.69 4.56
CA MET F 325 5.48 52.71 5.61
C MET F 325 5.80 51.40 4.91
N VAL F 326 7.08 51.03 4.89
CA VAL F 326 7.52 49.82 4.22
C VAL F 326 7.57 48.70 5.25
N ILE F 327 6.66 47.75 5.13
CA ILE F 327 6.47 46.69 6.12
C ILE F 327 7.04 45.40 5.58
N ASP F 328 7.95 44.79 6.34
CA ASP F 328 8.45 43.47 6.00
C ASP F 328 7.46 42.40 6.47
N THR F 329 6.83 41.74 5.50
CA THR F 329 5.73 40.83 5.77
C THR F 329 6.12 39.62 6.60
N GLU F 330 7.28 39.02 6.34
CA GLU F 330 7.65 37.79 7.05
C GLU F 330 7.92 38.02 8.53
N SER F 331 8.05 39.27 8.97
CA SER F 331 8.31 39.58 10.37
C SER F 331 7.38 40.63 10.96
N LYS F 332 6.56 41.30 10.14
CA LYS F 332 5.69 42.39 10.58
C LYS F 332 6.51 43.52 11.22
N LYS F 333 7.70 43.74 10.69
CA LYS F 333 8.54 44.86 11.05
C LYS F 333 8.50 45.89 9.95
N TYR F 334 8.68 47.16 10.32
CA TYR F 334 8.40 48.29 9.44
C TYR F 334 9.47 49.35 9.56
N ILE F 335 9.53 50.20 8.53
CA ILE F 335 10.43 51.35 8.49
C ILE F 335 9.71 52.45 7.73
N THR F 336 10.09 53.69 7.96
CA THR F 336 9.52 54.81 7.22
C THR F 336 10.51 55.30 6.16
N VAL F 337 10.00 55.57 4.97
CA VAL F 337 10.85 55.88 3.82
C VAL F 337 10.43 57.18 3.18
N PHE F 338 11.41 58.05 2.93
CA PHE F 338 11.25 59.25 2.12
C PHE F 338 12.00 59.05 0.82
N PHE F 339 11.38 59.40 -0.30
CA PHE F 339 12.01 59.24 -1.60
C PHE F 339 12.51 60.58 -2.12
N ARG F 340 13.79 60.64 -2.47
CA ARG F 340 14.35 61.88 -3.00
C ARG F 340 13.84 62.14 -4.40
N ASP F 341 14.00 63.38 -4.86
CA ASP F 341 13.68 63.73 -6.23
C ASP F 341 14.96 63.55 -7.06
N HIS F 342 14.96 62.58 -7.96
CA HIS F 342 16.18 62.26 -8.69
C HIS F 342 16.57 63.38 -9.64
N ASP F 343 15.63 63.89 -10.42
CA ASP F 343 15.95 64.91 -11.42
C ASP F 343 16.37 66.22 -10.75
N LEU F 344 15.68 66.61 -9.70
CA LEU F 344 16.00 67.89 -9.05
C LEU F 344 17.30 67.80 -8.25
N SER F 345 17.67 66.61 -7.79
CA SER F 345 18.98 66.44 -7.17
C SER F 345 20.09 66.42 -8.21
N ASP F 346 19.85 65.76 -9.34
CA ASP F 346 20.83 65.67 -10.42
C ASP F 346 21.08 66.99 -11.11
N ILE F 347 20.07 67.87 -11.21
CA ILE F 347 20.28 69.15 -11.86
C ILE F 347 21.27 70.03 -11.09
N LEU F 348 21.37 69.86 -9.78
CA LEU F 348 22.40 70.54 -8.99
C LEU F 348 23.69 69.75 -8.92
N GLY F 349 23.61 68.43 -8.78
CA GLY F 349 24.80 67.62 -8.61
C GLY F 349 25.72 67.57 -9.80
N PHE F 350 25.16 67.41 -11.00
CA PHE F 350 25.97 67.18 -12.19
C PHE F 350 26.04 68.41 -13.09
N ARG F 351 25.00 69.24 -13.07
CA ARG F 351 25.00 70.50 -13.82
C ARG F 351 25.52 71.57 -12.87
N ASN F 352 26.85 71.58 -12.67
CA ASN F 352 27.48 72.50 -11.72
C ASN F 352 28.77 73.07 -12.28
N ASN F 353 28.86 73.17 -13.60
CA ASN F 353 30.06 73.68 -14.27
C ASN F 353 29.84 75.15 -14.61
N PHE F 354 30.11 76.02 -13.65
CA PHE F 354 29.96 77.46 -13.86
C PHE F 354 31.25 78.05 -14.42
N TYR F 355 31.12 78.78 -15.53
CA TYR F 355 32.28 79.37 -16.19
C TYR F 355 32.48 80.84 -15.86
N SER F 356 31.48 81.51 -15.30
CA SER F 356 31.58 82.92 -14.95
C SER F 356 31.00 83.14 -13.57
N GLU F 357 31.48 84.20 -12.92
CA GLU F 357 31.05 84.50 -11.56
C GLU F 357 29.55 84.79 -11.44
N PRO F 358 28.92 85.58 -12.33
CA PRO F 358 27.46 85.75 -12.23
C PRO F 358 26.68 84.69 -12.97
N HIS F 359 27.32 83.88 -13.81
CA HIS F 359 26.67 82.67 -14.32
C HIS F 359 26.24 81.77 -13.17
N ALA F 360 27.05 81.73 -12.11
CA ALA F 360 26.68 80.98 -10.91
C ALA F 360 25.41 81.54 -10.29
N TRP F 361 25.28 82.87 -10.24
CA TRP F 361 24.07 83.48 -9.69
C TRP F 361 22.86 83.20 -10.56
N ARG F 362 23.04 83.24 -11.88
CA ARG F 362 21.96 82.90 -12.80
C ARG F 362 21.47 81.47 -12.55
N ASN F 363 22.39 80.51 -12.50
CA ASN F 363 22.00 79.13 -12.26
C ASN F 363 21.44 78.92 -10.86
N ALA F 364 21.93 79.66 -9.85
CA ALA F 364 21.36 79.58 -8.52
C ALA F 364 19.92 80.06 -8.49
N TYR F 365 19.61 81.17 -9.17
CA TYR F 365 18.23 81.62 -9.24
C TYR F 365 17.37 80.62 -9.99
N GLU F 366 17.89 80.04 -11.07
CA GLU F 366 17.15 79.03 -11.80
C GLU F 366 16.80 77.84 -10.89
N PHE F 367 17.80 77.35 -10.16
CA PHE F 367 17.59 76.23 -9.24
C PHE F 367 16.57 76.58 -8.17
N ALA F 368 16.67 77.79 -7.61
CA ALA F 368 15.73 78.19 -6.57
C ALA F 368 14.32 78.30 -7.12
N LEU F 369 14.18 78.74 -8.36
CA LEU F 369 12.86 78.84 -8.99
C LEU F 369 12.30 77.47 -9.33
N ARG F 370 13.15 76.47 -9.57
CA ARG F 370 12.66 75.11 -9.79
C ARG F 370 11.98 74.54 -8.56
N VAL F 371 12.37 74.97 -7.35
CA VAL F 371 11.73 74.47 -6.14
C VAL F 371 10.30 75.01 -6.02
N ALA F 372 10.10 76.30 -6.30
CA ALA F 372 8.80 76.92 -6.12
C ALA F 372 7.72 76.34 -7.02
N GLU F 373 8.07 75.90 -8.22
CA GLU F 373 7.07 75.34 -9.13
C GLU F 373 6.42 74.10 -8.55
N LYS F 374 7.16 73.32 -7.76
CA LYS F 374 6.57 72.13 -7.16
C LYS F 374 5.46 72.47 -6.18
N TRP F 375 5.47 73.69 -5.64
CA TRP F 375 4.38 74.12 -4.76
C TRP F 375 3.07 74.24 -5.52
N PHE F 376 3.14 74.54 -6.82
CA PHE F 376 1.93 74.68 -7.62
C PHE F 376 1.18 73.35 -7.70
N ASP F 377 1.91 72.24 -7.63
CA ASP F 377 1.26 70.94 -7.58
C ASP F 377 0.83 70.68 -6.14
N LYS F 378 -0.43 70.30 -5.96
CA LYS F 378 -0.97 70.09 -4.62
C LYS F 378 -0.64 68.72 -4.04
N ASN F 379 -0.14 67.78 -4.86
CA ASN F 379 0.20 66.46 -4.38
C ASN F 379 1.60 66.41 -3.78
N VAL F 380 2.37 67.49 -3.88
CA VAL F 380 3.71 67.54 -3.34
C VAL F 380 3.63 67.98 -1.88
N LYS F 381 3.39 67.02 -0.98
CA LYS F 381 3.30 67.32 0.44
C LYS F 381 4.67 67.51 1.08
N VAL F 382 5.63 66.66 0.72
CA VAL F 382 7.00 66.74 1.22
C VAL F 382 7.93 66.67 0.03
N LEU F 383 8.95 67.53 0.01
CA LEU F 383 9.95 67.55 -1.05
C LEU F 383 11.30 67.21 -0.47
N THR F 384 12.01 66.26 -1.09
CA THR F 384 13.25 65.74 -0.56
C THR F 384 14.33 65.71 -1.64
N ILE F 385 15.53 66.19 -1.29
CA ILE F 385 16.70 66.17 -2.15
C ILE F 385 17.84 65.56 -1.37
N ALA F 386 18.56 64.62 -2.00
CA ALA F 386 19.69 63.95 -1.36
C ALA F 386 20.80 63.76 -2.38
N LEU F 387 22.03 64.08 -1.98
CA LEU F 387 23.18 63.94 -2.86
C LEU F 387 24.45 64.08 -2.02
N ASP F 388 25.59 63.88 -2.67
CA ASP F 388 26.88 63.89 -1.98
C ASP F 388 27.24 65.33 -1.61
N GLY F 389 27.67 65.52 -0.37
CA GLY F 389 27.90 66.86 0.13
C GLY F 389 29.26 67.44 -0.19
N GLU F 390 30.11 66.68 -0.87
CA GLU F 390 31.47 67.14 -1.17
C GLU F 390 31.87 66.99 -2.63
N ASN F 391 31.34 66.00 -3.34
CA ASN F 391 31.83 65.71 -4.69
C ASN F 391 31.39 66.77 -5.68
N TRP F 392 30.17 67.27 -5.58
CA TRP F 392 29.69 68.31 -6.49
C TRP F 392 30.48 69.60 -6.34
N MET F 393 30.99 69.88 -5.15
CA MET F 393 31.65 71.14 -4.85
C MET F 393 33.14 71.13 -5.17
N SER F 394 33.75 69.94 -5.27
CA SER F 394 35.20 69.85 -5.47
C SER F 394 35.61 69.09 -6.72
N PHE F 395 34.66 68.63 -7.53
CA PHE F 395 34.98 67.94 -8.77
C PHE F 395 34.43 68.65 -10.00
N SER F 396 34.03 69.91 -9.86
CA SER F 396 33.55 70.67 -11.00
C SER F 396 34.71 71.35 -11.72
N VAL F 397 34.38 72.07 -12.80
CA VAL F 397 35.40 72.77 -13.57
C VAL F 397 36.00 73.91 -12.75
N ASN F 398 35.18 74.65 -12.01
CA ASN F 398 35.62 75.82 -11.25
C ASN F 398 35.08 75.69 -9.84
N PRO F 399 35.80 74.99 -8.96
CA PRO F 399 35.27 74.69 -7.62
C PRO F 399 34.91 75.92 -6.79
N PRO F 400 35.71 77.00 -6.79
CA PRO F 400 35.37 78.11 -5.89
C PRO F 400 34.01 78.75 -6.17
N LEU F 401 33.59 78.79 -7.42
CA LEU F 401 32.31 79.42 -7.76
C LEU F 401 31.14 78.62 -7.22
N THR F 402 31.34 77.33 -6.98
CA THR F 402 30.31 76.51 -6.35
C THR F 402 30.01 76.95 -4.93
N ALA F 403 30.99 77.46 -4.20
CA ALA F 403 30.74 77.97 -2.87
C ALA F 403 29.94 79.26 -2.90
N TYR F 404 30.06 80.03 -3.98
CA TYR F 404 29.20 81.20 -4.18
C TYR F 404 27.78 80.76 -4.49
N PHE F 405 27.66 79.76 -5.38
CA PHE F 405 26.36 79.17 -5.70
C PHE F 405 25.61 78.75 -4.45
N LEU F 406 26.29 78.08 -3.52
CA LEU F 406 25.62 77.57 -2.34
C LEU F 406 25.09 78.70 -1.47
N ASP F 407 25.87 79.77 -1.32
CA ASP F 407 25.43 80.92 -0.52
C ASP F 407 24.19 81.56 -1.14
N LYS F 408 24.22 81.81 -2.44
CA LYS F 408 23.08 82.43 -3.10
C LYS F 408 21.86 81.52 -3.09
N MET F 409 22.06 80.21 -3.26
CA MET F 409 20.95 79.27 -3.21
C MET F 409 20.32 79.24 -1.82
N ILE F 410 21.14 79.27 -0.77
CA ILE F 410 20.59 79.30 0.58
C ILE F 410 19.84 80.59 0.83
N ILE F 411 20.37 81.72 0.36
CA ILE F 411 19.66 82.99 0.52
C ILE F 411 18.31 82.92 -0.19
N TYR F 412 18.28 82.40 -1.41
CA TYR F 412 17.03 82.29 -2.16
C TYR F 412 16.04 81.38 -1.46
N LEU F 413 16.52 80.30 -0.84
CA LEU F 413 15.60 79.36 -0.20
C LEU F 413 14.96 79.95 1.05
N GLU F 414 15.63 80.90 1.71
CA GLU F 414 15.05 81.50 2.91
C GLU F 414 13.84 82.35 2.59
N THR F 415 13.79 82.97 1.42
CA THR F 415 12.62 83.76 1.03
C THR F 415 11.36 82.94 0.87
N LEU F 416 11.46 81.71 0.38
CA LEU F 416 10.29 80.84 0.25
C LEU F 416 9.79 80.33 1.59
N SER F 417 10.55 80.51 2.67
CA SER F 417 10.11 80.06 3.99
C SER F 417 9.53 81.18 4.84
N ASP F 418 9.96 82.42 4.64
CA ASP F 418 9.36 83.55 5.34
C ASP F 418 8.03 83.97 4.70
N ASN F 419 7.84 83.68 3.42
CA ASN F 419 6.58 83.89 2.73
C ASN F 419 5.62 82.72 2.93
N LYS F 420 6.03 81.70 3.67
CA LYS F 420 5.20 80.54 3.99
C LYS F 420 4.83 79.76 2.74
N PHE F 421 5.65 79.86 1.70
CA PHE F 421 5.55 78.97 0.55
C PHE F 421 5.99 77.56 0.94
N ILE F 422 7.14 77.45 1.58
CA ILE F 422 7.67 76.16 2.02
C ILE F 422 7.92 76.23 3.53
N LYS F 423 8.26 75.07 4.10
CA LYS F 423 8.67 74.98 5.50
C LYS F 423 10.02 74.27 5.52
N LEU F 424 11.09 75.05 5.39
CA LEU F 424 12.44 74.54 5.32
C LEU F 424 12.87 73.96 6.65
N SER F 425 12.88 72.63 6.78
CA SER F 425 13.09 71.96 8.05
C SER F 425 14.06 70.80 7.87
N THR F 426 14.18 70.00 8.92
CA THR F 426 15.03 68.81 8.93
C THR F 426 14.17 67.56 8.84
N LEU F 427 14.82 66.46 8.48
CA LEU F 427 14.09 65.22 8.21
C LEU F 427 13.45 64.63 9.47
N ARG F 428 14.08 64.81 10.64
CA ARG F 428 13.47 64.33 11.87
C ARG F 428 12.18 65.09 12.18
N GLU F 429 12.16 66.39 11.94
CA GLU F 429 10.94 67.16 12.15
C GLU F 429 9.82 66.68 11.24
N ILE F 430 10.14 66.39 9.98
CA ILE F 430 9.14 65.86 9.06
C ILE F 430 8.65 64.50 9.51
N TYR F 431 9.55 63.69 10.08
CA TYR F 431 9.14 62.37 10.56
C TYR F 431 8.10 62.46 11.67
N ASN F 432 8.30 63.36 12.63
CA ASN F 432 7.34 63.50 13.72
C ASN F 432 6.08 64.24 13.31
N LYS F 433 6.20 65.23 12.42
CA LYS F 433 5.05 66.08 12.10
C LYS F 433 4.20 65.48 11.00
N VAL F 434 4.79 64.65 10.14
CA VAL F 434 4.07 64.08 9.01
C VAL F 434 4.04 62.56 9.14
N PRO F 435 2.99 61.99 9.68
CA PRO F 435 2.91 60.52 9.77
C PRO F 435 2.80 59.90 8.38
N ALA F 436 3.16 58.62 8.30
CA ALA F 436 3.09 57.88 7.04
C ALA F 436 1.86 56.98 7.04
N ASN F 437 0.91 57.28 6.16
CA ASN F 437 -0.36 56.55 6.11
C ASN F 437 -0.40 55.47 5.03
N ARG F 438 0.19 55.72 3.87
CA ARG F 438 0.25 54.69 2.85
C ARG F 438 1.28 53.63 3.25
N ILE F 439 1.13 52.43 2.67
CA ILE F 439 1.94 51.28 3.05
C ILE F 439 2.51 50.67 1.78
N LEU F 440 3.82 50.52 1.73
CA LEU F 440 4.49 49.81 0.66
C LEU F 440 4.88 48.41 1.13
N THR F 441 4.67 47.43 0.27
CA THR F 441 4.96 46.05 0.62
C THR F 441 6.28 45.53 0.08
N ASN F 442 6.75 46.04 -1.07
CA ASN F 442 7.98 45.54 -1.65
C ASN F 442 8.69 46.65 -2.40
N ILE F 443 9.99 46.76 -2.19
CA ILE F 443 10.87 47.63 -2.97
C ILE F 443 12.01 46.77 -3.48
N PRO F 444 12.24 46.69 -4.79
CA PRO F 444 13.29 45.79 -5.31
C PRO F 444 14.68 46.28 -4.94
N THR F 445 15.64 45.37 -4.99
CA THR F 445 17.01 45.69 -4.61
C THR F 445 17.70 46.49 -5.70
N ASN F 446 18.16 47.68 -5.35
CA ASN F 446 18.71 48.60 -6.33
C ASN F 446 19.42 49.74 -5.61
N SER F 447 20.20 50.51 -6.36
CA SER F 447 20.85 51.74 -5.91
C SER F 447 20.39 52.88 -6.81
N TRP F 448 20.84 54.12 -6.55
CA TRP F 448 20.39 55.20 -7.41
C TRP F 448 21.06 55.15 -8.78
N LEU F 449 22.05 54.28 -8.96
CA LEU F 449 22.63 54.06 -10.27
C LEU F 449 21.80 53.10 -11.10
N GLY F 450 20.81 52.44 -10.52
CA GLY F 450 19.94 51.56 -11.24
C GLY F 450 20.56 50.23 -11.61
N THR F 451 21.75 49.94 -11.10
CA THR F 451 22.46 48.71 -11.41
C THR F 451 23.53 48.52 -10.34
N PHE F 452 24.04 47.29 -10.25
CA PHE F 452 25.12 46.97 -9.33
C PHE F 452 26.42 46.67 -10.07
N ARG F 453 26.46 46.88 -11.37
CA ARG F 453 27.67 46.61 -12.16
C ARG F 453 28.80 47.59 -11.86
N LYS F 454 28.51 48.70 -11.18
CA LYS F 454 29.57 49.63 -10.81
C LYS F 454 30.58 49.01 -9.87
N TRP F 455 30.14 48.07 -9.02
CA TRP F 455 31.04 47.40 -8.09
C TRP F 455 31.25 45.93 -8.42
N ARG F 456 30.51 45.37 -9.38
CA ARG F 456 30.67 43.98 -9.81
C ARG F 456 30.33 43.89 -11.29
N GLY F 457 31.35 43.99 -12.13
CA GLY F 457 31.16 43.75 -13.55
C GLY F 457 31.80 44.75 -14.48
N GLU F 458 31.93 46.00 -14.05
CA GLU F 458 32.50 47.04 -14.90
C GLU F 458 34.03 47.00 -14.94
N VAL F 459 34.66 46.33 -13.98
CA VAL F 459 36.10 46.11 -14.00
C VAL F 459 36.31 44.62 -14.28
N PRO F 460 37.22 44.25 -15.18
CA PRO F 460 37.38 42.81 -15.48
C PRO F 460 37.79 41.98 -14.28
N GLN F 461 38.58 42.52 -13.36
CA GLN F 461 38.97 41.76 -12.18
C GLN F 461 38.08 42.06 -10.98
N HIS F 462 36.76 41.97 -11.15
CA HIS F 462 35.83 41.96 -10.03
C HIS F 462 35.43 40.56 -9.58
N GLU F 463 35.21 39.63 -10.51
CA GLU F 463 34.85 38.27 -10.10
C GLU F 463 35.97 37.63 -9.28
N GLU F 464 37.21 37.81 -9.71
CA GLU F 464 38.35 37.24 -8.99
C GLU F 464 38.42 37.74 -7.55
N TYR F 465 38.23 39.04 -7.33
CA TYR F 465 38.31 39.60 -5.99
C TYR F 465 37.06 39.34 -5.16
N TRP F 466 35.88 39.27 -5.79
CA TRP F 466 34.68 38.94 -5.04
C TRP F 466 34.73 37.50 -4.54
N ILE F 467 35.18 36.56 -5.38
CA ILE F 467 35.37 35.19 -4.92
C ILE F 467 36.42 35.15 -3.82
N LYS F 468 37.46 35.98 -3.93
CA LYS F 468 38.51 36.02 -2.91
C LYS F 468 37.96 36.44 -1.55
N THR F 469 37.24 37.57 -1.51
CA THR F 469 36.70 38.04 -0.25
C THR F 469 35.59 37.13 0.28
N TYR F 470 34.80 36.50 -0.59
CA TYR F 470 33.83 35.52 -0.16
C TYR F 470 34.47 34.29 0.46
N SER F 471 35.58 33.82 -0.11
CA SER F 471 36.33 32.73 0.52
C SER F 471 36.86 33.14 1.89
N VAL F 472 37.42 34.35 1.99
CA VAL F 472 37.89 34.83 3.29
C VAL F 472 36.76 34.89 4.31
N TYR F 473 35.55 35.30 3.89
CA TYR F 473 34.42 35.36 4.82
C TYR F 473 33.91 33.98 5.21
N ARG F 474 33.89 33.03 4.27
CA ARG F 474 33.40 31.70 4.60
C ARG F 474 34.40 30.97 5.50
N LYS F 475 35.69 31.30 5.38
CA LYS F 475 36.67 30.83 6.36
C LYS F 475 36.37 31.34 7.77
N LEU F 476 36.01 32.61 7.90
CA LEU F 476 35.57 33.17 9.18
C LEU F 476 34.34 32.49 9.72
N LEU F 477 33.35 32.21 8.89
CA LEU F 477 32.18 31.48 9.36
C LEU F 477 32.52 30.06 9.80
N ALA F 478 33.39 29.36 9.08
CA ALA F 478 33.83 28.04 9.51
C ALA F 478 34.52 28.11 10.87
N TYR F 479 35.42 29.08 11.04
CA TYR F 479 36.13 29.19 12.31
C TYR F 479 35.19 29.52 13.46
N GLU F 480 34.23 30.41 13.24
CA GLU F 480 33.23 30.69 14.25
C GLU F 480 32.32 29.51 14.52
N GLU F 481 32.17 28.61 13.55
CA GLU F 481 31.46 27.36 13.79
C GLU F 481 32.25 26.42 14.69
N MET F 482 33.57 26.31 14.50
CA MET F 482 34.35 25.38 15.32
C MET F 482 34.32 25.78 16.78
N ILE F 483 34.65 27.03 17.09
CA ILE F 483 34.71 27.45 18.50
C ILE F 483 33.35 27.78 19.09
N GLY F 484 32.28 27.66 18.32
CA GLY F 484 30.95 27.86 18.84
C GLY F 484 30.64 29.29 19.25
N GLY F 485 31.10 30.25 18.47
CA GLY F 485 30.81 31.64 18.78
C GLY F 485 31.95 32.53 18.34
N ARG F 486 31.94 33.75 18.86
CA ARG F 486 32.97 34.73 18.58
C ARG F 486 34.04 34.72 19.67
N ASP F 487 35.18 35.34 19.36
CA ASP F 487 36.24 35.54 20.32
C ASP F 487 37.06 36.75 19.88
N GLU F 488 38.23 36.91 20.50
CA GLU F 488 39.13 38.01 20.13
C GLU F 488 39.58 37.89 18.68
N PHE F 489 39.98 36.68 18.27
CA PHE F 489 40.53 36.50 16.93
C PHE F 489 39.46 36.61 15.85
N SER F 490 38.28 36.02 16.07
CA SER F 490 37.18 36.17 15.13
C SER F 490 36.70 37.60 15.00
N ASN F 491 36.62 38.35 16.11
CA ASN F 491 36.29 39.77 16.05
C ASN F 491 37.36 40.59 15.33
N GLU F 492 38.63 40.29 15.54
CA GLU F 492 39.69 41.07 14.91
C GLU F 492 39.84 40.76 13.43
N ALA F 493 39.59 39.52 13.01
CA ALA F 493 39.52 39.22 11.58
C ALA F 493 38.23 39.71 10.97
N ARG F 494 37.20 39.86 11.81
CA ARG F 494 35.92 40.39 11.36
C ARG F 494 35.99 41.90 11.17
N TRP F 495 36.78 42.57 12.00
CA TRP F 495 37.02 44.00 11.83
C TRP F 495 37.75 44.30 10.53
N ALA F 496 38.75 43.49 10.20
CA ALA F 496 39.52 43.69 8.97
C ALA F 496 38.72 43.41 7.72
N LEU F 497 37.68 42.58 7.81
CA LEU F 497 36.82 42.30 6.67
C LEU F 497 35.87 43.46 6.37
N TRP F 498 35.63 44.34 7.33
CA TRP F 498 34.81 45.53 7.07
C TRP F 498 35.51 46.47 6.10
N HIS F 499 36.82 46.67 6.26
CA HIS F 499 37.54 47.64 5.46
C HIS F 499 37.81 47.14 4.04
N ALA F 500 37.82 45.83 3.84
CA ALA F 500 38.03 45.26 2.51
C ALA F 500 36.80 45.35 1.63
N LEU F 501 35.61 45.34 2.22
CA LEU F 501 34.36 45.39 1.46
C LEU F 501 33.81 46.78 1.30
N ASP F 502 34.54 47.81 1.73
CA ASP F 502 34.09 49.18 1.57
C ASP F 502 33.88 49.50 0.10
N SER F 503 32.74 50.09 -0.23
CA SER F 503 32.34 50.28 -1.62
C SER F 503 33.17 51.34 -2.33
N ASP F 504 33.93 52.15 -1.61
CA ASP F 504 34.79 53.14 -2.24
C ASP F 504 35.96 52.52 -2.99
N TYR F 505 36.48 51.39 -2.53
CA TYR F 505 37.58 50.72 -3.21
C TYR F 505 37.12 49.81 -4.34
N TRP F 506 35.84 49.48 -4.40
CA TRP F 506 35.31 48.65 -5.47
C TRP F 506 34.71 49.44 -6.60
N TRP F 507 34.48 50.74 -6.39
CA TRP F 507 33.96 51.61 -7.43
C TRP F 507 34.83 51.52 -8.68
N ALA F 508 34.21 51.22 -9.82
CA ALA F 508 34.96 50.87 -11.02
C ALA F 508 35.92 51.98 -11.43
N GLU F 509 35.54 53.24 -11.21
CA GLU F 509 36.39 54.34 -11.65
C GLU F 509 37.57 54.53 -10.70
N PHE F 510 37.38 54.20 -9.42
CA PHE F 510 38.42 54.29 -8.40
C PHE F 510 38.88 52.93 -7.93
N TRP F 511 39.02 51.97 -8.84
CA TRP F 511 39.35 50.61 -8.48
C TRP F 511 40.72 50.57 -7.79
N LEU F 512 40.73 50.05 -6.56
CA LEU F 512 41.90 50.13 -5.68
C LEU F 512 42.19 48.75 -5.12
N PRO F 513 42.66 47.82 -5.96
CA PRO F 513 42.88 46.44 -5.49
C PRO F 513 43.95 46.30 -4.41
N LYS F 514 44.96 47.16 -4.36
CA LYS F 514 46.07 46.96 -3.43
C LYS F 514 45.69 47.29 -1.99
N ILE F 515 44.55 47.92 -1.76
CA ILE F 515 44.06 48.11 -0.40
C ILE F 515 43.09 47.00 0.00
N ILE F 516 42.23 46.54 -0.92
CA ILE F 516 41.43 45.36 -0.68
C ILE F 516 42.31 44.17 -0.33
N ASP F 517 43.36 43.94 -1.11
CA ASP F 517 44.29 42.85 -0.82
C ASP F 517 45.00 43.04 0.51
N THR F 518 45.40 44.27 0.82
CA THR F 518 46.06 44.52 2.09
C THR F 518 45.16 44.19 3.27
N TRP F 519 43.88 44.56 3.20
CA TRP F 519 42.97 44.31 4.29
C TRP F 519 42.48 42.87 4.36
N LEU F 520 42.38 42.18 3.21
CA LEU F 520 42.04 40.76 3.25
C LEU F 520 43.17 39.92 3.84
N SER F 521 44.42 40.26 3.53
CA SER F 521 45.55 39.47 4.01
C SER F 521 45.67 39.57 5.53
N VAL F 522 45.27 40.69 6.11
CA VAL F 522 45.23 40.79 7.56
C VAL F 522 44.18 39.85 8.14
N ALA F 523 43.08 39.66 7.42
CA ALA F 523 41.98 38.84 7.91
C ALA F 523 42.23 37.33 7.78
N GLU F 524 42.87 36.89 6.71
CA GLU F 524 43.08 35.46 6.49
C GLU F 524 44.40 34.97 7.08
N ASN F 525 45.20 35.84 7.65
CA ASN F 525 46.35 35.41 8.45
C ASN F 525 46.01 35.21 9.91
N ILE F 526 45.07 35.99 10.45
CA ILE F 526 44.52 35.69 11.76
C ILE F 526 43.78 34.37 11.77
N LEU F 527 43.02 34.08 10.72
CA LEU F 527 42.20 32.88 10.63
C LEU F 527 43.01 31.63 10.31
N ASN F 528 44.02 31.74 9.45
CA ASN F 528 44.84 30.58 9.12
C ASN F 528 45.69 30.12 10.29
N ASN F 529 46.19 31.05 11.11
CA ASN F 529 47.01 30.71 12.26
C ASN F 529 46.18 30.14 13.40
N ARG F 530 44.86 30.06 13.24
CA ARG F 530 43.98 29.42 14.20
C ARG F 530 43.35 28.16 13.68
N ILE F 531 43.20 28.02 12.36
CA ILE F 531 42.66 26.81 11.75
C ILE F 531 43.72 25.74 11.54
N ASN F 532 44.96 26.12 11.26
CA ASN F 532 46.03 25.15 11.09
C ASN F 532 46.48 24.53 12.40
N LYS F 533 45.87 24.90 13.51
CA LYS F 533 46.10 24.25 14.79
C LYS F 533 45.23 23.01 14.97
N ILE F 534 44.50 22.60 13.93
CA ILE F 534 43.66 21.42 13.96
C ILE F 534 44.18 20.48 12.88
N GLN F 535 44.78 19.36 13.29
CA GLN F 535 45.35 18.41 12.37
C GLN F 535 44.64 17.07 12.48
N ILE F 536 44.85 16.24 11.45
CA ILE F 536 44.49 14.83 11.48
C ILE F 536 45.81 14.09 11.62
N ILE F 537 46.11 13.61 12.83
CA ILE F 537 47.46 13.18 13.13
C ILE F 537 47.72 11.76 12.65
N ASP F 538 46.79 10.84 12.90
CA ASP F 538 46.98 9.48 12.43
C ASP F 538 45.63 8.80 12.23
N VAL F 539 45.55 7.97 11.20
CA VAL F 539 44.36 7.20 10.87
C VAL F 539 44.83 5.78 10.59
N ARG F 540 44.23 4.80 11.28
CA ARG F 540 44.66 3.42 11.09
C ARG F 540 43.46 2.48 11.04
N PRO F 541 43.52 1.42 10.23
CA PRO F 541 42.44 0.41 10.25
C PRO F 541 42.41 -0.31 11.60
N ALA F 542 41.21 -0.67 12.03
CA ALA F 542 41.07 -1.35 13.31
C ALA F 542 41.24 -2.85 13.13
N SER F 543 41.37 -3.28 11.87
CA SER F 543 41.46 -4.70 11.53
C SER F 543 41.89 -4.89 10.09
N GLU F 544 41.92 -6.14 9.63
CA GLU F 544 42.26 -6.47 8.25
C GLU F 544 41.03 -6.23 7.39
N PHE F 545 41.26 -5.74 6.18
CA PHE F 545 40.19 -5.34 5.28
C PHE F 545 39.91 -6.46 4.28
N TYR F 546 38.63 -6.82 4.16
CA TYR F 546 38.18 -7.84 3.23
C TYR F 546 37.13 -7.24 2.32
N GLU F 547 37.12 -7.68 1.07
CA GLU F 547 36.22 -7.11 0.08
C GLU F 547 34.76 -7.31 0.49
N ASP F 548 34.00 -6.22 0.46
CA ASP F 548 32.59 -6.22 0.80
C ASP F 548 32.35 -6.86 2.17
N GLU F 549 32.92 -6.23 3.20
CA GLU F 549 32.88 -6.78 4.55
C GLU F 549 33.10 -5.61 5.50
N LYS F 550 32.14 -5.41 6.40
CA LYS F 550 32.19 -4.31 7.37
C LYS F 550 33.53 -4.28 8.10
N ALA F 551 34.24 -3.18 7.96
CA ALA F 551 35.54 -2.99 8.57
C ALA F 551 35.50 -1.76 9.48
N GLY F 552 36.66 -1.40 10.00
CA GLY F 552 36.77 -0.24 10.85
C GLY F 552 37.92 0.65 10.41
N LEU F 553 37.91 1.88 10.92
CA LEU F 553 38.92 2.88 10.58
C LEU F 553 39.02 3.86 11.74
N VAL F 554 40.19 3.92 12.37
CA VAL F 554 40.41 4.71 13.57
C VAL F 554 40.97 6.06 13.15
N VAL F 555 40.24 7.14 13.46
CA VAL F 555 40.61 8.49 13.04
C VAL F 555 40.83 9.33 14.28
N THR F 556 41.98 9.99 14.35
CA THR F 556 42.34 10.84 15.49
C THR F 556 42.51 12.27 15.04
N ILE F 557 42.02 13.22 15.84
CA ILE F 557 42.10 14.63 15.55
C ILE F 557 42.83 15.31 16.69
N ARG F 558 43.82 16.15 16.38
CA ARG F 558 44.53 16.89 17.42
C ARG F 558 44.03 18.33 17.48
N ASN F 559 44.02 18.88 18.69
CA ASN F 559 43.57 20.24 18.95
C ASN F 559 44.66 20.98 19.73
N GLN F 560 45.39 21.85 19.04
CA GLN F 560 46.40 22.67 19.69
C GLN F 560 45.85 23.99 20.24
N LEU F 561 44.58 24.27 20.03
CA LEU F 561 43.97 25.46 20.57
C LEU F 561 43.73 25.32 22.08
N GLU F 562 43.50 26.45 22.74
CA GLU F 562 43.19 26.49 24.16
C GLU F 562 41.69 26.52 24.39
N LYS F 563 40.91 26.21 23.36
CA LYS F 563 39.46 26.16 23.46
C LYS F 563 38.98 24.79 23.02
N GLU F 564 37.73 24.50 23.33
CA GLU F 564 37.15 23.23 22.93
C GLU F 564 36.50 23.36 21.55
N ILE F 565 36.83 22.45 20.66
CA ILE F 565 36.55 22.57 19.23
C ILE F 565 35.58 21.48 18.79
N ARG F 566 34.86 21.75 17.69
CA ARG F 566 33.89 20.78 17.11
C ARG F 566 34.08 20.56 15.59
N VAL F 567 35.17 19.92 15.16
CA VAL F 567 35.40 19.68 13.75
C VAL F 567 34.53 18.50 13.31
N SER F 568 34.31 18.39 12.00
CA SER F 568 33.77 17.18 11.42
C SER F 568 34.75 16.69 10.37
N PHE F 569 34.58 15.44 9.94
CA PHE F 569 35.47 14.93 8.91
C PHE F 569 34.69 13.97 8.01
N ALA F 570 35.07 13.97 6.74
CA ALA F 570 34.51 13.07 5.74
C ALA F 570 35.64 12.27 5.12
N ILE F 571 35.36 11.02 4.77
CA ILE F 571 36.34 10.13 4.21
C ILE F 571 36.24 10.15 2.69
N GLY F 572 37.22 9.56 2.03
CA GLY F 572 37.21 9.47 0.58
C GLY F 572 38.11 8.36 0.12
N GLY F 573 37.85 7.93 -1.10
CA GLY F 573 38.61 6.84 -1.68
C GLY F 573 37.88 6.28 -2.88
N THR F 574 38.65 5.58 -3.71
CA THR F 574 38.14 5.14 -5.00
C THR F 574 37.08 4.05 -4.86
N GLY F 575 37.24 3.15 -3.90
CA GLY F 575 36.27 2.09 -3.70
C GLY F 575 35.63 2.12 -2.34
N PHE F 576 36.26 2.85 -1.40
CA PHE F 576 35.76 2.91 -0.04
C PHE F 576 34.44 3.65 0.02
N SER F 577 33.58 3.24 0.95
CA SER F 577 32.29 3.88 1.17
C SER F 577 31.95 3.75 2.64
N SER F 578 31.79 4.88 3.31
CA SER F 578 31.32 4.88 4.69
C SER F 578 29.97 4.20 4.79
N VAL F 579 29.81 3.33 5.79
CA VAL F 579 28.58 2.54 5.90
C VAL F 579 27.38 3.45 6.07
N ASN F 580 27.34 4.20 7.17
CA ASN F 580 26.35 5.26 7.32
C ASN F 580 26.87 6.41 8.17
N ASN F 581 27.53 7.36 7.53
CA ASN F 581 27.94 8.60 8.20
C ASN F 581 28.18 9.66 7.12
N ASP F 582 27.21 10.57 6.97
CA ASP F 582 27.38 11.67 6.02
C ASP F 582 28.43 12.65 6.51
N LEU F 583 28.34 13.05 7.79
CA LEU F 583 29.30 13.94 8.41
C LEU F 583 29.32 13.63 9.91
N GLU F 584 30.41 13.03 10.38
CA GLU F 584 30.54 12.66 11.79
C GLU F 584 31.24 13.80 12.53
N THR F 585 30.51 14.43 13.45
CA THR F 585 31.05 15.53 14.23
C THR F 585 31.69 14.98 15.50
N VAL F 586 32.75 15.63 15.95
CA VAL F 586 33.42 15.26 17.19
C VAL F 586 33.41 16.47 18.12
N LYS F 587 33.92 16.28 19.34
CA LYS F 587 33.92 17.35 20.33
C LYS F 587 35.14 17.19 21.23
N MET F 588 36.19 17.94 20.97
CA MET F 588 37.44 17.71 21.67
C MET F 588 37.79 18.86 22.61
N ASN F 589 38.47 18.52 23.69
CA ASN F 589 38.84 19.45 24.75
C ASN F 589 40.09 20.22 24.36
N PRO F 590 40.35 21.36 25.00
CA PRO F 590 41.57 22.11 24.69
C PRO F 590 42.83 21.31 24.96
N ASN F 591 43.80 21.47 24.07
CA ASN F 591 45.12 20.84 24.17
C ASN F 591 45.00 19.34 24.43
N SER F 592 44.30 18.66 23.51
CA SER F 592 44.09 17.23 23.62
C SER F 592 43.71 16.71 22.24
N SER F 593 43.85 15.40 22.06
CA SER F 593 43.42 14.72 20.85
C SER F 593 42.06 14.09 21.07
N TYR F 594 41.53 13.48 20.02
CA TYR F 594 40.25 12.77 20.11
C TYR F 594 40.20 11.80 18.95
N THR F 595 39.87 10.55 19.24
CA THR F 595 39.86 9.49 18.24
C THR F 595 38.54 8.73 18.28
N ARG F 596 38.09 8.28 17.11
CA ARG F 596 36.91 7.45 17.00
C ARG F 596 37.04 6.56 15.78
N ILE F 597 36.30 5.46 15.79
CA ILE F 597 36.35 4.46 14.74
C ILE F 597 35.12 4.64 13.85
N ILE F 598 35.35 4.64 12.54
CA ILE F 598 34.29 4.82 11.55
C ILE F 598 34.18 3.51 10.76
N PRO F 599 32.97 3.04 10.47
CA PRO F 599 32.83 1.79 9.69
C PRO F 599 32.78 2.07 8.20
N VAL F 600 33.68 1.45 7.47
CA VAL F 600 33.77 1.63 6.03
C VAL F 600 33.59 0.28 5.36
N LYS F 601 33.39 0.29 4.05
CA LYS F 601 33.22 -0.91 3.26
C LYS F 601 34.02 -0.77 1.98
N ALA F 602 34.94 -1.71 1.74
CA ALA F 602 35.72 -1.74 0.53
C ALA F 602 34.93 -2.41 -0.60
N LYS F 603 35.30 -2.09 -1.82
CA LYS F 603 34.55 -2.60 -2.96
C LYS F 603 35.39 -3.43 -3.91
N PHE F 604 36.63 -3.05 -4.14
CA PHE F 604 37.56 -3.79 -4.99
C PHE F 604 38.60 -4.47 -4.11
N ILE F 605 39.51 -5.20 -4.73
CA ILE F 605 40.63 -5.82 -4.03
C ILE F 605 41.91 -5.22 -4.58
N GLY F 606 42.91 -5.09 -3.72
CA GLY F 606 44.20 -4.60 -4.14
C GLY F 606 44.62 -3.45 -3.26
N LYS F 607 45.52 -2.64 -3.82
CA LYS F 607 46.12 -1.51 -3.12
C LYS F 607 45.21 -0.29 -3.26
N HIS F 608 44.37 -0.06 -2.25
CA HIS F 608 43.45 1.05 -2.24
C HIS F 608 44.13 2.33 -1.79
N LYS F 609 43.34 3.38 -1.64
CA LYS F 609 43.84 4.71 -1.31
C LYS F 609 42.73 5.47 -0.61
N MET F 610 42.91 5.76 0.67
CA MET F 610 41.87 6.37 1.48
C MET F 610 42.24 7.81 1.84
N VAL F 611 41.36 8.74 1.51
CA VAL F 611 41.52 10.16 1.82
C VAL F 611 40.55 10.51 2.94
N VAL F 612 41.05 11.15 3.98
CA VAL F 612 40.24 11.61 5.10
C VAL F 612 40.42 13.12 5.23
N SER F 613 39.32 13.86 5.12
CA SER F 613 39.36 15.31 5.15
C SER F 613 38.49 15.84 6.28
N ALA F 614 38.99 16.86 6.98
CA ALA F 614 38.25 17.50 8.06
C ALA F 614 37.51 18.71 7.50
N ILE F 615 36.31 18.97 8.03
CA ILE F 615 35.39 19.94 7.47
C ILE F 615 34.75 20.74 8.60
N SER F 616 34.59 22.05 8.36
CA SER F 616 33.79 22.91 9.23
C SER F 616 32.98 23.85 8.37
N LYS F 617 31.66 23.83 8.54
CA LYS F 617 30.75 24.73 7.82
C LYS F 617 30.97 24.64 6.30
N GLY F 618 31.10 23.42 5.80
CA GLY F 618 31.27 23.19 4.38
C GLY F 618 32.65 23.47 3.85
N LEU F 619 33.61 23.80 4.70
CA LEU F 619 34.96 24.15 4.28
C LEU F 619 35.91 23.06 4.74
N ILE F 620 36.68 22.50 3.81
CA ILE F 620 37.62 21.44 4.15
C ILE F 620 38.77 22.04 4.94
N ILE F 621 38.83 21.72 6.22
CA ILE F 621 39.89 22.20 7.11
C ILE F 621 41.24 21.61 6.72
N ASP F 622 41.30 20.29 6.54
CA ASP F 622 42.52 19.60 6.18
C ASP F 622 42.17 18.21 5.70
N SER F 623 43.07 17.61 4.92
CA SER F 623 42.85 16.28 4.38
C SER F 623 44.12 15.45 4.49
N LYS F 624 43.95 14.17 4.81
CA LYS F 624 45.05 13.24 4.97
C LYS F 624 44.78 12.00 4.12
N ILE F 625 45.85 11.35 3.67
CA ILE F 625 45.78 10.20 2.78
C ILE F 625 46.45 9.02 3.47
N ILE F 626 45.81 7.86 3.44
CA ILE F 626 46.38 6.64 4.00
C ILE F 626 46.26 5.53 2.97
N ASP F 627 46.86 4.38 3.29
CA ASP F 627 47.02 3.27 2.35
C ASP F 627 46.46 1.99 2.97
N ILE F 628 45.52 1.35 2.27
CA ILE F 628 44.92 0.11 2.72
C ILE F 628 45.00 -0.91 1.59
N ASN F 629 45.39 -2.13 1.94
CA ASN F 629 45.37 -3.26 1.02
C ASN F 629 44.16 -4.13 1.38
N VAL F 630 43.30 -4.35 0.40
CA VAL F 630 42.06 -5.09 0.64
C VAL F 630 42.20 -6.48 0.02
N LYS F 631 41.89 -7.50 0.81
CA LYS F 631 42.13 -8.88 0.42
C LYS F 631 40.85 -9.54 -0.08
N PRO F 632 40.96 -10.49 -1.01
CA PRO F 632 39.77 -11.20 -1.50
C PRO F 632 39.11 -12.01 -0.39
N LYS F 633 37.79 -12.05 -0.42
CA LYS F 633 37.03 -12.84 0.54
C LYS F 633 36.76 -14.21 -0.07
N LEU F 634 37.09 -15.27 0.65
CA LEU F 634 37.06 -16.62 0.10
C LEU F 634 36.06 -17.49 0.84
N LEU F 635 35.39 -18.35 0.09
CA LEU F 635 34.31 -19.19 0.61
C LEU F 635 34.87 -20.34 1.43
N PRO F 636 34.06 -20.89 2.34
CA PRO F 636 34.52 -22.01 3.16
C PRO F 636 34.33 -23.37 2.50
N ASN F 637 34.79 -24.40 3.21
CA ASN F 637 34.71 -25.76 2.69
C ASN F 637 33.28 -26.25 2.66
N PRO F 638 32.96 -27.19 1.77
CA PRO F 638 31.73 -27.97 1.92
C PRO F 638 31.75 -28.77 3.22
N ARG F 639 30.59 -28.95 3.85
CA ARG F 639 30.54 -29.63 5.14
C ARG F 639 30.38 -31.13 4.92
N LEU F 640 30.83 -31.92 5.91
CA LEU F 640 30.87 -33.39 5.82
C LEU F 640 29.66 -34.02 5.16
N ILE G 103 85.58 -2.35 21.72
CA ILE G 103 85.16 -0.96 21.81
C ILE G 103 83.71 -0.82 21.35
N ASP G 104 82.97 0.09 22.01
CA ASP G 104 81.59 0.35 21.67
C ASP G 104 81.23 1.76 22.12
N ASN G 105 80.28 2.36 21.41
CA ASN G 105 79.86 3.72 21.74
C ASN G 105 78.83 3.72 22.86
N THR G 106 79.30 3.71 24.11
CA THR G 106 78.40 3.75 25.27
C THR G 106 78.17 5.20 25.71
N CYS G 107 77.07 5.75 25.20
CA CYS G 107 76.70 7.12 25.53
C CYS G 107 76.01 7.20 26.89
N PHE G 108 75.75 8.43 27.33
CA PHE G 108 74.97 8.65 28.54
C PHE G 108 74.19 9.95 28.41
N LEU G 109 73.53 10.38 29.49
CA LEU G 109 72.65 11.53 29.44
C LEU G 109 73.03 12.50 30.55
N VAL G 110 72.84 13.79 30.26
CA VAL G 110 73.01 14.85 31.25
C VAL G 110 71.73 15.66 31.26
N GLY G 111 71.24 15.97 32.46
CA GLY G 111 70.00 16.71 32.56
C GLY G 111 69.91 17.41 33.90
N ASP G 112 68.87 18.23 34.04
CA ASP G 112 68.61 18.98 35.25
C ASP G 112 67.43 18.37 35.98
N PRO G 113 67.65 17.68 37.10
CA PRO G 113 66.54 16.97 37.77
C PRO G 113 65.39 17.89 38.18
N SER G 114 65.63 19.19 38.34
CA SER G 114 64.56 20.12 38.72
C SER G 114 63.90 20.77 37.52
N SER G 115 64.37 20.51 36.30
CA SER G 115 63.80 21.13 35.11
C SER G 115 62.34 20.73 34.94
N ARG G 116 62.02 19.47 35.18
CA ARG G 116 60.66 18.96 35.04
C ARG G 116 60.31 18.16 36.27
N GLU G 117 59.00 18.05 36.53
CA GLU G 117 58.54 17.22 37.63
C GLU G 117 58.89 15.76 37.35
N GLN G 118 59.51 15.12 38.34
CA GLN G 118 60.04 13.78 38.15
C GLN G 118 58.93 12.78 37.82
N MET G 119 59.19 11.91 36.85
CA MET G 119 58.17 11.02 36.35
C MET G 119 57.98 9.83 37.28
N TYR G 120 56.73 9.40 37.42
CA TYR G 120 56.36 8.30 38.30
C TYR G 120 56.67 6.99 37.58
N PHE G 121 57.60 6.23 38.12
CA PHE G 121 58.08 5.00 37.51
C PHE G 121 57.63 3.80 38.32
N THR G 122 57.01 2.82 37.64
CA THR G 122 56.58 1.59 38.27
C THR G 122 56.75 0.43 37.30
N ILE G 123 56.84 -0.78 37.84
CA ILE G 123 56.96 -2.00 37.04
C ILE G 123 56.05 -3.06 37.64
N VAL G 124 55.46 -3.89 36.78
CA VAL G 124 54.50 -4.90 37.20
C VAL G 124 55.04 -6.27 36.79
N TRP G 125 55.18 -7.16 37.75
CA TRP G 125 55.55 -8.55 37.49
C TRP G 125 54.33 -9.44 37.62
N HIS G 126 54.22 -10.43 36.73
CA HIS G 126 53.08 -11.32 36.69
C HIS G 126 53.58 -12.71 37.04
N HIS G 127 53.53 -13.04 38.33
CA HIS G 127 53.96 -14.35 38.82
C HIS G 127 52.74 -15.27 38.85
N HIS G 128 52.67 -16.19 37.89
CA HIS G 128 51.52 -17.08 37.85
C HIS G 128 51.90 -18.46 37.36
N GLN G 129 51.35 -19.48 38.01
CA GLN G 129 51.30 -20.84 37.51
C GLN G 129 49.86 -21.32 37.54
N ALA G 130 49.49 -22.14 36.56
CA ALA G 130 48.13 -22.61 36.50
C ALA G 130 47.87 -23.59 37.66
N PRO G 131 46.62 -23.78 38.06
CA PRO G 131 46.35 -24.78 39.10
C PRO G 131 46.59 -26.17 38.54
N ASN G 132 47.72 -26.75 38.92
CA ASN G 132 48.28 -27.92 38.25
C ASN G 132 48.09 -29.18 39.09
N TYR G 133 46.98 -29.28 39.78
CA TYR G 133 46.65 -30.48 40.55
C TYR G 133 45.50 -31.21 39.87
N LEU G 134 45.56 -32.53 39.89
CA LEU G 134 44.48 -33.35 39.40
C LEU G 134 43.28 -33.22 40.34
N PRO G 135 42.09 -33.60 39.89
CA PRO G 135 40.91 -33.46 40.77
C PRO G 135 41.08 -34.17 42.11
N ASP G 136 41.82 -35.28 42.16
CA ASP G 136 42.09 -35.92 43.44
C ASP G 136 43.00 -35.06 44.30
N GLY G 137 44.01 -34.42 43.70
CA GLY G 137 44.89 -33.55 44.45
C GLY G 137 46.34 -33.65 44.01
N ARG G 138 46.69 -34.74 43.33
CA ARG G 138 48.07 -34.94 42.90
C ARG G 138 48.49 -33.87 41.90
N ILE G 139 49.73 -33.39 42.06
CA ILE G 139 50.26 -32.30 41.26
C ILE G 139 50.85 -32.88 39.99
N HIS G 140 50.27 -32.51 38.84
N HIS G 140 50.27 -32.52 38.85
CA HIS G 140 50.79 -32.97 37.56
CA HIS G 140 50.79 -32.97 37.56
C HIS G 140 51.72 -31.96 36.90
C HIS G 140 51.70 -31.95 36.90
N GLY G 141 51.62 -30.68 37.27
CA GLY G 141 52.54 -29.69 36.77
C GLY G 141 53.36 -29.09 37.90
N PRO G 142 54.63 -29.44 37.97
CA PRO G 142 55.49 -28.95 39.06
C PRO G 142 56.26 -27.68 38.72
N TRP G 143 55.60 -26.54 38.57
CA TRP G 143 56.34 -25.30 38.31
C TRP G 143 56.08 -24.26 39.39
N ALA G 144 54.97 -24.40 40.11
CA ALA G 144 54.80 -23.61 41.32
C ALA G 144 55.83 -23.97 42.38
N TYR G 145 56.51 -25.11 42.22
CA TYR G 145 57.41 -25.66 43.20
C TYR G 145 58.86 -25.69 42.75
N ILE G 146 59.16 -26.23 41.56
CA ILE G 146 60.55 -26.25 41.11
C ILE G 146 61.06 -24.88 40.73
N TYR G 147 60.20 -23.86 40.71
CA TYR G 147 60.67 -22.50 40.58
C TYR G 147 60.75 -21.77 41.92
N VAL G 148 60.67 -22.50 43.03
CA VAL G 148 60.84 -21.88 44.34
C VAL G 148 61.81 -22.69 45.20
N TRP G 149 62.15 -23.92 44.77
CA TRP G 149 63.25 -24.60 45.47
C TRP G 149 64.33 -25.19 44.58
N SER G 150 64.08 -25.49 43.31
CA SER G 150 65.07 -26.19 42.50
C SER G 150 66.29 -25.31 42.27
N ASP G 151 67.36 -25.93 41.78
CA ASP G 151 68.63 -25.24 41.59
C ASP G 151 68.74 -24.83 40.13
N LEU G 152 68.13 -23.69 39.81
CA LEU G 152 68.11 -23.15 38.46
C LEU G 152 68.93 -21.89 38.28
N LEU G 153 68.95 -21.00 39.28
CA LEU G 153 69.64 -19.72 39.18
C LEU G 153 70.97 -19.76 39.93
N LYS G 154 71.63 -20.91 39.94
CA LYS G 154 72.92 -21.01 40.59
C LYS G 154 73.99 -20.28 39.78
N PRO G 155 74.99 -19.69 40.44
CA PRO G 155 75.16 -19.68 41.90
C PRO G 155 74.52 -18.48 42.58
N TYR G 156 73.59 -17.79 41.91
CA TYR G 156 73.03 -16.56 42.44
C TYR G 156 71.74 -16.76 43.23
N GLY G 157 70.98 -17.81 42.93
CA GLY G 157 69.76 -18.05 43.67
C GLY G 157 69.27 -19.46 43.45
N LYS G 158 68.11 -19.76 44.03
CA LYS G 158 67.49 -21.08 43.88
C LYS G 158 66.52 -21.06 42.69
N GLY G 159 65.49 -20.23 42.77
CA GLY G 159 64.45 -20.22 41.77
C GLY G 159 63.84 -18.84 41.62
N PRO G 160 63.19 -18.60 40.48
CA PRO G 160 62.67 -17.26 40.19
C PRO G 160 61.77 -16.69 41.26
N TYR G 161 60.86 -17.49 41.81
CA TYR G 161 59.94 -16.98 42.82
C TYR G 161 60.66 -16.69 44.13
N HIS G 162 61.66 -17.50 44.46
CA HIS G 162 62.47 -17.25 45.66
C HIS G 162 63.44 -16.11 45.43
N TYR G 163 64.01 -16.02 44.23
CA TYR G 163 64.95 -14.95 43.89
C TYR G 163 64.29 -13.58 43.96
N HIS G 164 63.11 -13.45 43.35
CA HIS G 164 62.42 -12.18 43.38
C HIS G 164 62.07 -11.76 44.80
N SER G 165 61.84 -12.74 45.68
CA SER G 165 61.55 -12.43 47.07
C SER G 165 62.80 -11.99 47.83
N VAL G 166 63.94 -12.65 47.60
CA VAL G 166 65.15 -12.27 48.33
C VAL G 166 65.66 -10.91 47.84
N MET G 167 65.45 -10.60 46.57
CA MET G 167 65.83 -9.27 46.07
C MET G 167 65.11 -8.15 46.80
N LEU G 168 63.89 -8.40 47.29
CA LEU G 168 63.16 -7.39 48.05
C LEU G 168 63.79 -7.13 49.41
N ASN G 169 64.60 -8.05 49.91
CA ASN G 169 65.31 -7.83 51.17
C ASN G 169 66.71 -7.28 50.93
N ILE G 170 67.36 -7.72 49.85
CA ILE G 170 68.68 -7.23 49.49
C ILE G 170 68.62 -5.73 49.22
N HIS G 171 67.60 -5.28 48.50
CA HIS G 171 67.47 -3.87 48.14
C HIS G 171 66.24 -3.28 48.80
N PRO G 172 66.38 -2.61 49.94
CA PRO G 172 65.19 -2.06 50.62
C PRO G 172 64.74 -0.72 50.05
N HIS G 173 65.26 -0.35 48.87
CA HIS G 173 64.90 0.91 48.24
C HIS G 173 64.21 0.70 46.89
N PHE G 174 64.00 -0.54 46.47
CA PHE G 174 63.44 -0.85 45.16
C PHE G 174 61.98 -1.23 45.35
N LYS G 175 61.08 -0.36 44.90
CA LYS G 175 59.65 -0.61 44.99
C LYS G 175 59.12 -1.14 43.66
N ALA G 176 58.16 -2.06 43.77
CA ALA G 176 57.55 -2.66 42.58
C ALA G 176 56.14 -3.12 42.92
N THR G 177 55.37 -3.50 41.91
CA THR G 177 54.07 -4.12 42.18
C THR G 177 54.03 -5.52 41.61
N TYR G 178 53.46 -6.45 42.36
CA TYR G 178 53.50 -7.86 42.02
C TYR G 178 52.09 -8.39 41.81
N ASN G 179 51.98 -9.39 40.94
CA ASN G 179 50.76 -10.18 40.81
C ASN G 179 51.10 -11.60 41.22
N LEU G 180 50.98 -11.89 42.52
CA LEU G 180 51.05 -13.26 42.99
C LEU G 180 49.70 -13.91 42.71
N SER G 181 49.66 -14.78 41.72
CA SER G 181 48.40 -15.32 41.25
C SER G 181 47.70 -16.10 42.35
N PRO G 182 46.37 -16.02 42.45
CA PRO G 182 45.66 -16.79 43.47
C PRO G 182 45.90 -18.28 43.37
N SER G 183 46.01 -18.83 42.16
CA SER G 183 46.30 -20.24 42.01
C SER G 183 47.72 -20.59 42.48
N LEU G 184 48.71 -19.78 42.13
CA LEU G 184 50.05 -19.93 42.66
C LEU G 184 50.11 -19.78 44.17
N LEU G 185 49.45 -18.76 44.71
CA LEU G 185 49.40 -18.57 46.16
C LEU G 185 48.80 -19.79 46.84
N ARG G 186 47.75 -20.36 46.27
CA ARG G 186 47.09 -21.49 46.90
C ARG G 186 47.91 -22.76 46.79
N GLN G 187 48.60 -22.95 45.66
CA GLN G 187 49.50 -24.09 45.54
C GLN G 187 50.63 -24.00 46.55
N TRP G 188 51.16 -22.80 46.77
CA TRP G 188 52.14 -22.62 47.83
C TRP G 188 51.55 -22.86 49.23
N GLN G 189 50.35 -22.36 49.48
CA GLN G 189 49.76 -22.41 50.82
C GLN G 189 49.37 -23.82 51.26
N ILE G 190 48.96 -24.68 50.33
CA ILE G 190 48.57 -26.04 50.67
C ILE G 190 49.78 -26.94 50.85
N ALA G 191 50.92 -26.60 50.25
CA ALA G 191 52.16 -27.31 50.45
C ALA G 191 52.77 -27.05 51.81
N VAL G 192 52.61 -25.85 52.36
CA VAL G 192 53.05 -25.56 53.72
C VAL G 192 52.20 -26.26 54.77
N GLU G 193 50.91 -26.49 54.49
CA GLU G 193 50.02 -27.15 55.43
C GLU G 193 49.94 -28.65 55.24
N LYS G 194 50.21 -29.16 54.04
CA LYS G 194 50.21 -30.60 53.79
C LYS G 194 51.09 -30.87 52.57
N GLY G 195 52.21 -31.55 52.79
CA GLY G 195 53.19 -31.77 51.75
C GLY G 195 52.61 -32.29 50.44
N VAL G 196 53.07 -31.73 49.32
CA VAL G 196 52.53 -32.09 48.03
C VAL G 196 52.92 -33.53 47.68
N GLU G 197 52.11 -34.16 46.83
CA GLU G 197 52.41 -35.47 46.28
C GLU G 197 52.32 -35.37 44.76
N PHE G 198 53.44 -35.60 44.10
CA PHE G 198 53.51 -35.44 42.65
C PHE G 198 52.92 -36.66 41.96
N VAL G 199 52.53 -36.47 40.70
CA VAL G 199 51.97 -37.57 39.92
C VAL G 199 53.02 -38.62 39.58
N ASN G 200 54.25 -38.21 39.28
CA ASN G 200 55.28 -39.17 38.90
C ASN G 200 55.69 -40.08 40.05
N GLY G 201 55.27 -39.78 41.27
CA GLY G 201 55.52 -40.66 42.39
C GLY G 201 56.23 -40.01 43.56
N GLU G 202 57.17 -39.12 43.29
CA GLU G 202 57.90 -38.45 44.36
C GLU G 202 56.96 -37.57 45.16
N LYS G 203 57.21 -37.46 46.45
CA LYS G 203 56.37 -36.66 47.33
C LYS G 203 57.23 -35.99 48.40
N TYR G 204 56.65 -34.97 49.03
CA TYR G 204 57.29 -34.21 50.08
C TYR G 204 56.31 -34.04 51.23
N ASP G 205 56.81 -33.56 52.36
CA ASP G 205 56.08 -33.45 53.61
C ASP G 205 56.20 -32.03 54.12
N PRO G 206 55.27 -31.60 54.99
CA PRO G 206 55.31 -30.21 55.46
C PRO G 206 56.50 -29.90 56.36
N ASN G 207 57.44 -30.82 56.52
CA ASN G 207 58.70 -30.56 57.21
C ASN G 207 59.91 -30.89 56.37
N HIS G 208 59.71 -31.33 55.12
CA HIS G 208 60.81 -31.49 54.19
C HIS G 208 61.51 -30.15 53.96
N GLU G 209 62.83 -30.20 53.81
CA GLU G 209 63.62 -28.98 53.72
C GLU G 209 63.21 -28.13 52.52
N LYS G 210 62.77 -28.76 51.43
CA LYS G 210 62.28 -28.00 50.29
C LYS G 210 61.02 -27.22 50.65
N ILE G 211 60.08 -27.86 51.35
CA ILE G 211 58.83 -27.20 51.71
C ILE G 211 59.05 -26.00 52.62
N ARG G 212 60.10 -26.01 53.44
CA ARG G 212 60.50 -24.80 54.15
C ARG G 212 60.90 -23.68 53.20
N LEU G 213 61.60 -23.99 52.12
CA LEU G 213 62.01 -22.97 51.15
C LEU G 213 60.83 -22.32 50.45
N VAL G 214 59.63 -22.91 50.59
CA VAL G 214 58.40 -22.32 50.06
C VAL G 214 57.84 -21.39 51.13
N GLU G 215 58.26 -21.59 52.38
CA GLU G 215 57.63 -20.93 53.52
C GLU G 215 58.20 -19.55 53.82
N GLU G 216 59.49 -19.30 53.58
CA GLU G 216 59.95 -17.93 53.73
C GLU G 216 59.90 -17.14 52.43
N THR G 217 59.61 -17.78 51.30
CA THR G 217 59.29 -17.02 50.10
C THR G 217 58.00 -16.25 50.28
N LEU G 218 56.95 -16.94 50.75
CA LEU G 218 55.69 -16.28 51.05
C LEU G 218 55.84 -15.29 52.19
N ASN G 219 56.64 -15.62 53.20
CA ASN G 219 56.90 -14.66 54.27
C ASN G 219 57.62 -13.42 53.77
N ASN G 220 58.60 -13.59 52.87
CA ASN G 220 59.30 -12.45 52.29
C ASN G 220 58.32 -11.55 51.55
N TYR G 221 57.45 -12.16 50.74
CA TYR G 221 56.47 -11.38 50.00
C TYR G 221 55.52 -10.65 50.94
N ARG G 222 55.06 -11.32 52.00
CA ARG G 222 54.13 -10.67 52.92
C ARG G 222 54.79 -9.55 53.69
N GLU G 223 56.04 -9.74 54.12
CA GLU G 223 56.75 -8.67 54.81
C GLU G 223 56.97 -7.47 53.90
N ALA G 224 57.37 -7.71 52.65
CA ALA G 224 57.54 -6.61 51.71
C ALA G 224 56.22 -5.90 51.45
N LEU G 225 55.12 -6.64 51.39
CA LEU G 225 53.83 -6.03 51.13
C LEU G 225 53.37 -5.16 52.29
N PHE G 226 53.45 -5.68 53.52
CA PHE G 226 52.96 -4.93 54.67
C PHE G 226 53.94 -3.87 55.13
N LYS G 227 55.19 -3.91 54.67
CA LYS G 227 56.13 -2.81 54.88
C LYS G 227 55.88 -1.65 53.93
N GLY G 228 55.01 -1.85 52.93
CA GLY G 228 54.76 -0.84 51.92
C GLY G 228 55.72 -0.85 50.76
N GLN G 229 56.60 -1.86 50.68
CA GLN G 229 57.60 -1.89 49.62
C GLN G 229 56.97 -2.29 48.29
N ILE G 230 56.03 -3.24 48.32
CA ILE G 230 55.42 -3.72 47.08
C ILE G 230 53.91 -3.60 47.15
N ASP G 231 53.25 -3.95 46.05
CA ASP G 231 51.80 -3.98 45.96
C ASP G 231 51.40 -5.31 45.32
N VAL G 232 50.36 -5.93 45.86
CA VAL G 232 49.88 -7.22 45.38
C VAL G 232 48.56 -7.04 44.68
N LEU G 233 48.45 -7.57 43.46
CA LEU G 233 47.26 -7.50 42.65
C LEU G 233 46.51 -8.82 42.70
N THR G 234 45.18 -8.73 42.77
CA THR G 234 44.36 -9.90 42.64
C THR G 234 44.18 -10.24 41.16
N SER G 235 43.43 -11.28 40.86
CA SER G 235 43.22 -11.70 39.49
C SER G 235 42.08 -12.70 39.44
N ILE G 236 41.80 -13.22 38.24
CA ILE G 236 40.90 -14.35 38.09
C ILE G 236 41.60 -15.59 38.64
N TYR G 237 40.87 -16.43 39.37
CA TYR G 237 41.50 -17.55 40.05
C TYR G 237 42.20 -18.48 39.05
N ALA G 238 41.43 -19.09 38.15
CA ALA G 238 42.03 -19.82 37.04
C ALA G 238 42.28 -18.85 35.89
N HIS G 239 43.52 -18.81 35.44
CA HIS G 239 44.01 -17.74 34.56
C HIS G 239 43.37 -17.94 33.20
N THR G 240 42.26 -17.24 32.97
CA THR G 240 41.49 -17.38 31.75
C THR G 240 41.39 -16.05 31.02
N ILE G 241 41.18 -16.13 29.71
CA ILE G 241 41.09 -14.95 28.86
C ILE G 241 39.70 -14.35 28.98
N GLY G 242 39.56 -13.39 29.90
CA GLY G 242 38.24 -12.87 30.27
C GLY G 242 37.53 -12.13 29.16
N GLY G 243 38.23 -11.29 28.42
CA GLY G 243 37.60 -10.58 27.33
C GLY G 243 37.06 -11.46 26.24
N PHE G 244 37.75 -12.55 25.93
CA PHE G 244 37.25 -13.56 25.01
C PHE G 244 36.01 -14.28 25.52
N LEU G 245 36.01 -14.69 26.78
CA LEU G 245 34.90 -15.43 27.33
C LEU G 245 33.63 -14.58 27.41
N THR G 246 33.77 -13.31 27.81
CA THR G 246 32.61 -12.44 27.90
C THR G 246 32.00 -12.12 26.54
N ASP G 247 32.82 -12.09 25.48
CA ASP G 247 32.30 -11.76 24.15
C ASP G 247 31.88 -13.01 23.39
N VAL G 248 32.81 -13.94 23.19
CA VAL G 248 32.54 -15.13 22.38
C VAL G 248 31.69 -16.10 23.19
N LEU G 249 32.21 -16.58 24.32
CA LEU G 249 31.47 -17.54 25.13
C LEU G 249 30.31 -16.89 25.87
N GLY G 250 30.43 -15.62 26.23
CA GLY G 250 29.34 -14.93 26.92
C GLY G 250 29.11 -15.36 28.35
N ALA G 251 30.11 -15.92 29.02
CA ALA G 251 29.95 -16.42 30.39
C ALA G 251 30.45 -15.37 31.37
N THR G 252 29.58 -14.40 31.65
CA THR G 252 29.86 -13.37 32.65
C THR G 252 29.74 -13.90 34.08
N ASN G 253 28.81 -14.83 34.33
CA ASN G 253 28.65 -15.42 35.65
C ASN G 253 29.87 -16.23 36.09
N ILE G 254 30.51 -16.95 35.17
CA ILE G 254 31.73 -17.67 35.52
C ILE G 254 32.86 -16.73 35.90
N VAL G 255 33.08 -15.66 35.15
CA VAL G 255 34.20 -14.75 35.37
C VAL G 255 33.98 -13.97 36.65
N GLU G 256 32.75 -13.54 36.91
CA GLU G 256 32.49 -12.68 38.06
C GLU G 256 32.69 -13.40 39.38
N GLU G 257 32.16 -14.61 39.54
CA GLU G 257 32.38 -15.38 40.75
C GLU G 257 33.83 -15.82 40.91
N GLU G 258 34.51 -16.09 39.80
CA GLU G 258 35.88 -16.55 39.86
C GLU G 258 36.82 -15.42 40.23
N ILE G 259 36.50 -14.19 39.84
CA ILE G 259 37.27 -13.04 40.31
C ILE G 259 37.14 -12.87 41.82
N ARG G 260 35.94 -12.99 42.37
CA ARG G 260 35.81 -12.80 43.82
C ARG G 260 36.42 -13.96 44.58
N TYR G 261 36.37 -15.18 44.02
CA TYR G 261 37.08 -16.28 44.65
C TYR G 261 38.58 -16.02 44.68
N GLY G 262 39.15 -15.55 43.57
CA GLY G 262 40.54 -15.17 43.57
C GLY G 262 40.88 -14.02 44.50
N LYS G 263 39.98 -13.07 44.65
CA LYS G 263 40.17 -11.95 45.57
C LYS G 263 40.17 -12.40 47.03
N GLU G 264 39.28 -13.31 47.40
CA GLU G 264 39.30 -13.82 48.77
C GLU G 264 40.54 -14.67 49.02
N VAL G 265 40.97 -15.45 48.02
CA VAL G 265 42.20 -16.22 48.19
C VAL G 265 43.38 -15.29 48.43
N THR G 266 43.48 -14.21 47.65
CA THR G 266 44.57 -13.25 47.83
C THR G 266 44.49 -12.57 49.19
N SER G 267 43.29 -12.13 49.60
CA SER G 267 43.15 -11.47 50.88
C SER G 267 43.35 -12.40 52.07
N LYS G 268 43.22 -13.72 51.87
CA LYS G 268 43.42 -14.68 52.94
C LYS G 268 44.86 -15.15 53.07
N ILE G 269 45.54 -15.44 51.95
CA ILE G 269 46.93 -15.90 52.04
C ILE G 269 47.90 -14.77 52.37
N MET G 270 47.60 -13.54 51.96
CA MET G 270 48.40 -12.39 52.38
C MET G 270 48.16 -12.04 53.84
N GLY G 271 46.92 -12.15 54.31
CA GLY G 271 46.61 -11.94 55.71
C GLY G 271 46.44 -10.49 56.07
N ASN G 272 46.21 -10.28 57.38
CA ASN G 272 46.05 -8.95 57.96
C ASN G 272 44.88 -8.19 57.33
N ASN G 273 43.86 -8.92 56.90
CA ASN G 273 42.66 -8.34 56.28
C ASN G 273 43.03 -7.44 55.12
N TYR G 274 43.99 -7.89 54.31
CA TYR G 274 44.42 -7.14 53.14
C TYR G 274 43.28 -7.05 52.14
N ASN G 275 43.20 -5.90 51.46
CA ASN G 275 42.13 -5.64 50.50
C ASN G 275 42.72 -5.11 49.20
N PRO G 276 42.92 -5.97 48.21
CA PRO G 276 43.46 -5.50 46.94
C PRO G 276 42.43 -4.71 46.15
N GLN G 277 42.85 -3.55 45.65
CA GLN G 277 42.01 -2.74 44.78
C GLN G 277 42.35 -2.89 43.31
N GLY G 278 43.51 -3.42 42.98
CA GLY G 278 43.91 -3.63 41.60
C GLY G 278 43.80 -5.08 41.20
N ILE G 279 43.64 -5.31 39.90
CA ILE G 279 43.53 -6.65 39.34
C ILE G 279 44.46 -6.74 38.14
N TRP G 280 44.97 -7.93 37.88
CA TRP G 280 45.71 -8.22 36.67
C TRP G 280 44.79 -9.02 35.76
N THR G 281 44.38 -8.42 34.66
CA THR G 281 43.57 -9.13 33.69
C THR G 281 44.44 -10.16 32.99
N PRO G 282 44.09 -11.45 33.02
CA PRO G 282 44.94 -12.45 32.38
C PRO G 282 45.07 -12.22 30.89
N GLU G 283 46.32 -12.15 30.42
CA GLU G 283 46.66 -11.97 29.01
C GLU G 283 46.19 -10.63 28.46
N MET G 284 45.85 -9.70 29.34
CA MET G 284 45.31 -8.38 28.97
C MET G 284 44.18 -8.50 27.97
N ALA G 285 43.44 -9.61 28.04
CA ALA G 285 42.28 -9.84 27.20
C ALA G 285 41.12 -9.03 27.80
N PHE G 286 41.03 -7.77 27.39
CA PHE G 286 40.08 -6.85 27.97
C PHE G 286 38.83 -6.74 27.11
N SER G 287 37.70 -6.48 27.76
CA SER G 287 36.44 -6.18 27.09
C SER G 287 35.64 -5.22 27.97
N MET G 288 34.77 -4.45 27.33
CA MET G 288 33.98 -3.47 28.04
C MET G 288 32.94 -4.09 28.96
N LYS G 289 32.71 -5.39 28.87
CA LYS G 289 31.83 -6.09 29.79
C LYS G 289 32.48 -6.39 31.13
N LEU G 290 33.80 -6.22 31.22
CA LEU G 290 34.52 -6.38 32.48
C LEU G 290 34.35 -5.18 33.40
N ILE G 291 33.99 -4.01 32.86
CA ILE G 291 33.81 -2.82 33.70
C ILE G 291 32.75 -3.03 34.77
N PRO G 292 31.53 -3.50 34.46
CA PRO G 292 30.55 -3.74 35.53
C PRO G 292 30.99 -4.78 36.55
N ILE G 293 31.70 -5.82 36.13
CA ILE G 293 32.21 -6.81 37.07
C ILE G 293 33.22 -6.20 38.04
N TYR G 294 34.20 -5.49 37.49
CA TYR G 294 35.25 -4.89 38.31
C TYR G 294 34.68 -3.85 39.25
N TYR G 295 33.73 -3.03 38.77
CA TYR G 295 33.10 -2.04 39.63
C TYR G 295 32.32 -2.69 40.76
N ASP G 296 31.52 -3.71 40.43
CA ASP G 296 30.74 -4.40 41.45
C ASP G 296 31.61 -5.15 42.44
N LEU G 297 32.83 -5.50 42.06
CA LEU G 297 33.75 -6.20 42.97
C LEU G 297 34.76 -5.25 43.61
N ASP G 298 34.53 -3.93 43.48
CA ASP G 298 35.38 -2.91 44.10
C ASP G 298 36.83 -3.01 43.62
N ILE G 299 37.00 -3.24 42.33
CA ILE G 299 38.31 -3.16 41.69
C ILE G 299 38.43 -1.78 41.07
N LYS G 300 39.57 -1.12 41.32
CA LYS G 300 39.74 0.27 40.95
C LYS G 300 40.60 0.46 39.70
N TYR G 301 41.78 -0.15 39.64
CA TYR G 301 42.70 0.08 38.53
C TYR G 301 43.13 -1.26 37.92
N THR G 302 43.89 -1.15 36.83
CA THR G 302 44.34 -2.32 36.07
C THR G 302 45.42 -1.85 35.10
N VAL G 303 45.96 -2.81 34.34
CA VAL G 303 47.03 -2.56 33.38
C VAL G 303 46.65 -3.17 32.03
N LEU G 304 46.70 -2.36 30.98
CA LEU G 304 46.50 -2.81 29.61
C LEU G 304 47.71 -2.48 28.76
N ASP G 305 47.61 -2.76 27.46
CA ASP G 305 48.70 -2.58 26.52
C ASP G 305 48.50 -1.31 25.71
N ASP G 306 49.60 -0.57 25.53
CA ASP G 306 49.57 0.66 24.75
C ASP G 306 49.50 0.42 23.25
N LYS G 307 50.10 -0.66 22.76
CA LYS G 307 50.11 -0.97 21.35
C LYS G 307 48.79 -1.53 20.85
N PHE G 308 48.08 -2.31 21.68
CA PHE G 308 46.90 -3.02 21.22
C PHE G 308 45.60 -2.55 21.86
N HIS G 309 45.65 -1.72 22.90
CA HIS G 309 44.45 -1.19 23.51
C HIS G 309 44.35 0.32 23.49
N PHE G 310 45.46 1.04 23.54
CA PHE G 310 45.45 2.50 23.54
C PHE G 310 45.25 3.09 22.14
N PHE G 311 45.96 2.58 21.15
CA PHE G 311 45.94 3.19 19.83
C PHE G 311 44.64 2.86 19.10
N HIS G 312 43.87 1.91 19.60
CA HIS G 312 42.53 1.62 19.08
C HIS G 312 41.43 2.10 20.02
N ALA G 313 41.81 2.64 21.19
CA ALA G 313 40.86 3.19 22.14
C ALA G 313 40.10 4.35 21.49
N GLU G 314 38.98 4.71 22.08
CA GLU G 314 38.09 5.71 21.51
C GLU G 314 37.65 6.70 22.57
N GLY G 315 38.08 7.95 22.42
CA GLY G 315 37.74 9.02 23.32
C GLY G 315 38.83 10.07 23.38
N ASN G 316 38.83 10.83 24.47
CA ASN G 316 39.76 11.95 24.63
C ASN G 316 41.13 11.41 25.05
N LYS G 317 42.11 11.57 24.18
CA LYS G 317 43.45 11.03 24.38
C LYS G 317 44.49 12.14 24.34
N ASP G 318 45.50 12.02 25.18
CA ASP G 318 46.67 12.89 25.09
C ASP G 318 47.87 12.02 24.76
N SER G 319 48.14 11.03 25.60
CA SER G 319 49.27 10.13 25.41
C SER G 319 49.16 8.94 26.35
N GLN G 320 49.79 7.83 25.95
CA GLN G 320 49.74 6.57 26.67
C GLN G 320 50.38 6.58 28.05
N TYR G 321 50.81 7.75 28.52
CA TYR G 321 51.63 7.82 29.72
C TYR G 321 50.89 8.44 30.88
N GLU G 322 49.56 8.33 30.90
CA GLU G 322 48.75 8.86 31.97
C GLU G 322 47.73 7.80 32.36
N PRO G 323 47.31 7.77 33.62
CA PRO G 323 46.11 6.99 33.95
C PRO G 323 44.90 7.56 33.25
N TYR G 324 44.03 6.67 32.79
CA TYR G 324 42.80 7.05 32.11
C TYR G 324 41.59 6.53 32.87
N MET G 325 40.48 7.23 32.72
CA MET G 325 39.19 6.78 33.24
C MET G 325 38.40 6.18 32.09
N VAL G 326 38.30 4.86 32.06
CA VAL G 326 37.47 4.17 31.08
C VAL G 326 36.09 3.99 31.70
N ILE G 327 35.08 4.53 31.04
CA ILE G 327 33.72 4.58 31.59
C ILE G 327 32.80 3.74 30.73
N ASP G 328 32.04 2.87 31.37
CA ASP G 328 31.03 2.09 30.68
C ASP G 328 29.76 2.90 30.52
N THR G 329 29.41 3.17 29.26
CA THR G 329 28.35 4.11 28.95
C THR G 329 26.96 3.64 29.36
N GLU G 330 26.66 2.35 29.21
CA GLU G 330 25.32 1.86 29.51
C GLU G 330 25.01 1.85 31.00
N SER G 331 26.01 1.99 31.86
CA SER G 331 25.80 1.95 33.30
C SER G 331 26.58 3.01 34.08
N LYS G 332 27.40 3.82 33.41
CA LYS G 332 28.18 4.88 34.05
C LYS G 332 29.08 4.32 35.15
N LYS G 333 29.62 3.13 34.92
CA LYS G 333 30.62 2.53 35.79
C LYS G 333 31.99 2.78 35.18
N TYR G 334 32.99 2.97 36.03
CA TYR G 334 34.29 3.44 35.57
C TYR G 334 35.41 2.57 36.14
N ILE G 335 36.58 2.72 35.54
CA ILE G 335 37.77 1.95 35.86
C ILE G 335 38.99 2.79 35.47
N THR G 336 40.00 2.81 36.32
CA THR G 336 41.24 3.48 35.98
C THR G 336 42.18 2.50 35.29
N VAL G 337 42.85 2.97 34.24
CA VAL G 337 43.69 2.12 33.41
C VAL G 337 45.07 2.74 33.26
N PHE G 338 46.09 1.89 33.42
CA PHE G 338 47.47 2.24 33.10
C PHE G 338 47.87 1.40 31.89
N PHE G 339 48.52 2.03 30.91
CA PHE G 339 48.97 1.32 29.72
C PHE G 339 50.46 1.07 29.80
N ARG G 340 50.84 -0.21 29.79
CA ARG G 340 52.25 -0.56 29.82
C ARG G 340 52.93 -0.17 28.51
N ASP G 341 54.23 0.03 28.58
CA ASP G 341 55.02 0.32 27.38
C ASP G 341 55.42 -1.01 26.75
N HIS G 342 54.82 -1.33 25.61
CA HIS G 342 55.00 -2.64 25.01
C HIS G 342 56.44 -2.88 24.57
N ASP G 343 57.08 -1.87 23.96
CA ASP G 343 58.42 -2.06 23.42
C ASP G 343 59.44 -2.21 24.55
N LEU G 344 59.34 -1.37 25.58
CA LEU G 344 60.26 -1.47 26.70
C LEU G 344 60.08 -2.79 27.45
N SER G 345 58.85 -3.24 27.63
CA SER G 345 58.61 -4.53 28.28
C SER G 345 59.16 -5.68 27.45
N ASP G 346 58.93 -5.65 26.13
CA ASP G 346 59.38 -6.72 25.25
C ASP G 346 60.89 -6.73 25.05
N ILE G 347 61.57 -5.59 25.27
CA ILE G 347 63.02 -5.59 25.12
C ILE G 347 63.70 -6.19 26.35
N LEU G 348 62.99 -6.30 27.48
CA LEU G 348 63.53 -6.95 28.65
C LEU G 348 63.09 -8.41 28.74
N GLY G 349 61.83 -8.68 28.41
CA GLY G 349 61.31 -10.03 28.45
C GLY G 349 61.91 -10.96 27.42
N PHE G 350 62.19 -10.44 26.23
CA PHE G 350 62.53 -11.29 25.10
C PHE G 350 64.00 -11.18 24.71
N ARG G 351 64.57 -9.98 24.82
CA ARG G 351 66.00 -9.77 24.57
C ARG G 351 66.74 -9.93 25.90
N ASN G 352 66.95 -11.18 26.30
CA ASN G 352 67.59 -11.48 27.57
C ASN G 352 68.56 -12.64 27.46
N ASN G 353 68.96 -12.99 26.24
CA ASN G 353 69.87 -14.12 26.02
C ASN G 353 71.30 -13.61 26.12
N PHE G 354 71.91 -13.82 27.28
CA PHE G 354 73.27 -13.38 27.52
C PHE G 354 74.25 -14.55 27.45
N TYR G 355 75.24 -14.42 26.58
CA TYR G 355 76.24 -15.46 26.38
C TYR G 355 77.48 -15.30 27.23
N SER G 356 77.65 -14.15 27.90
CA SER G 356 78.82 -13.90 28.72
C SER G 356 78.40 -13.18 30.01
N GLU G 357 79.32 -13.18 30.97
CA GLU G 357 79.00 -12.67 32.30
C GLU G 357 78.97 -11.14 32.36
N PRO G 358 79.91 -10.39 31.78
CA PRO G 358 79.75 -8.92 31.76
C PRO G 358 78.87 -8.42 30.62
N HIS G 359 78.56 -9.28 29.65
CA HIS G 359 77.58 -8.91 28.63
C HIS G 359 76.23 -8.60 29.27
N ALA G 360 75.88 -9.33 30.33
CA ALA G 360 74.67 -9.04 31.08
C ALA G 360 74.73 -7.64 31.71
N TRP G 361 75.90 -7.29 32.26
CA TRP G 361 76.06 -5.95 32.83
C TRP G 361 75.91 -4.88 31.76
N ARG G 362 76.50 -5.10 30.59
CA ARG G 362 76.41 -4.12 29.52
C ARG G 362 74.97 -3.95 29.06
N ASN G 363 74.23 -5.05 28.91
CA ASN G 363 72.84 -4.94 28.50
C ASN G 363 71.95 -4.36 29.59
N ALA G 364 72.27 -4.60 30.87
CA ALA G 364 71.55 -3.95 31.95
C ALA G 364 71.76 -2.45 31.93
N TYR G 365 72.99 -2.00 31.69
CA TYR G 365 73.23 -0.57 31.55
C TYR G 365 72.48 0.00 30.35
N GLU G 366 72.47 -0.73 29.24
CA GLU G 366 71.75 -0.25 28.06
C GLU G 366 70.27 -0.05 28.37
N PHE G 367 69.65 -1.03 29.04
CA PHE G 367 68.24 -0.90 29.37
C PHE G 367 68.00 0.26 30.31
N ALA G 368 68.81 0.36 31.38
CA ALA G 368 68.64 1.47 32.32
C ALA G 368 68.84 2.81 31.62
N LEU G 369 69.70 2.85 30.62
CA LEU G 369 69.88 4.02 29.78
C LEU G 369 68.63 4.35 28.98
N ARG G 370 67.95 3.32 28.44
CA ARG G 370 66.71 3.55 27.72
C ARG G 370 65.61 4.14 28.60
N VAL G 371 65.57 3.77 29.89
CA VAL G 371 64.55 4.31 30.78
C VAL G 371 64.75 5.80 30.99
N ALA G 372 65.99 6.25 31.12
CA ALA G 372 66.27 7.67 31.32
C ALA G 372 65.94 8.51 30.09
N GLU G 373 65.86 7.90 28.91
CA GLU G 373 65.55 8.66 27.70
C GLU G 373 64.12 9.15 27.70
N LYS G 374 63.20 8.42 28.35
CA LYS G 374 61.83 8.89 28.48
C LYS G 374 61.74 10.16 29.31
N TRP G 375 62.75 10.45 30.13
CA TRP G 375 62.67 11.60 31.03
C TRP G 375 62.79 12.92 30.26
N PHE G 376 63.52 12.91 29.14
CA PHE G 376 63.65 14.12 28.34
C PHE G 376 62.30 14.53 27.75
N ASP G 377 61.52 13.56 27.29
CA ASP G 377 60.17 13.87 26.83
C ASP G 377 59.35 14.39 27.99
N LYS G 378 58.61 15.47 27.76
CA LYS G 378 57.84 16.11 28.80
C LYS G 378 56.45 15.50 28.96
N ASN G 379 55.99 14.73 27.98
CA ASN G 379 54.66 14.16 28.01
C ASN G 379 54.59 12.87 28.82
N VAL G 380 55.75 12.27 29.13
CA VAL G 380 55.79 11.01 29.87
C VAL G 380 55.61 11.29 31.36
N LYS G 381 54.37 11.21 31.82
CA LYS G 381 54.06 11.47 33.22
C LYS G 381 54.17 10.20 34.08
N VAL G 382 53.61 9.09 33.60
CA VAL G 382 53.68 7.81 34.30
C VAL G 382 54.27 6.79 33.34
N LEU G 383 55.28 6.07 33.78
CA LEU G 383 55.91 5.02 32.99
C LEU G 383 55.60 3.66 33.60
N THR G 384 55.05 2.76 32.79
CA THR G 384 54.58 1.46 33.25
C THR G 384 55.21 0.34 32.43
N ILE G 385 55.70 -0.69 33.12
CA ILE G 385 56.26 -1.89 32.50
C ILE G 385 55.55 -3.09 33.09
N ALA G 386 55.04 -3.96 32.24
CA ALA G 386 54.31 -5.16 32.67
C ALA G 386 54.76 -6.35 31.84
N LEU G 387 55.13 -7.43 32.51
CA LEU G 387 55.60 -8.63 31.83
C LEU G 387 55.54 -9.79 32.79
N ASP G 388 55.66 -11.00 32.24
CA ASP G 388 55.66 -12.21 33.06
C ASP G 388 56.93 -12.24 33.92
N GLY G 389 56.77 -12.62 35.18
CA GLY G 389 57.85 -12.48 36.14
C GLY G 389 58.96 -13.51 36.02
N GLU G 390 58.65 -14.74 35.65
CA GLU G 390 59.62 -15.83 35.72
C GLU G 390 60.00 -16.44 34.39
N ASN G 391 59.21 -16.23 33.33
CA ASN G 391 59.49 -16.86 32.06
C ASN G 391 60.65 -16.20 31.31
N TRP G 392 60.83 -14.89 31.49
CA TRP G 392 61.97 -14.22 30.88
C TRP G 392 63.29 -14.70 31.45
N MET G 393 63.29 -15.26 32.65
CA MET G 393 64.50 -15.62 33.35
C MET G 393 64.68 -17.13 33.47
N SER G 394 63.71 -17.94 33.04
CA SER G 394 63.87 -19.38 33.01
C SER G 394 63.80 -19.98 31.60
N PHE G 395 63.54 -19.18 30.57
CA PHE G 395 63.56 -19.65 29.19
C PHE G 395 64.68 -19.00 28.38
N SER G 396 65.56 -18.23 29.02
CA SER G 396 66.69 -17.64 28.32
C SER G 396 67.75 -18.71 28.03
N VAL G 397 68.72 -18.34 27.20
CA VAL G 397 69.77 -19.28 26.83
C VAL G 397 70.60 -19.66 28.06
N ASN G 398 70.96 -18.68 28.89
CA ASN G 398 71.77 -18.92 30.07
C ASN G 398 71.03 -18.30 31.26
N PRO G 399 70.11 -19.05 31.87
CA PRO G 399 69.25 -18.48 32.92
C PRO G 399 70.01 -17.90 34.09
N PRO G 400 71.14 -18.50 34.54
CA PRO G 400 71.84 -17.89 35.68
C PRO G 400 72.27 -16.45 35.47
N LEU G 401 72.70 -16.08 34.27
CA LEU G 401 73.13 -14.71 34.04
C LEU G 401 71.97 -13.73 34.04
N THR G 402 70.75 -14.23 33.80
CA THR G 402 69.58 -13.36 33.85
C THR G 402 69.34 -12.86 35.27
N ALA G 403 69.75 -13.64 36.28
CA ALA G 403 69.67 -13.17 37.66
C ALA G 403 70.70 -12.08 37.94
N TYR G 404 71.87 -12.16 37.33
CA TYR G 404 72.84 -11.07 37.38
C TYR G 404 72.27 -9.81 36.76
N PHE G 405 71.61 -9.97 35.62
CA PHE G 405 70.97 -8.85 34.93
C PHE G 405 70.00 -8.12 35.85
N LEU G 406 69.14 -8.88 36.55
CA LEU G 406 68.16 -8.25 37.43
C LEU G 406 68.83 -7.45 38.54
N ASP G 407 69.86 -8.01 39.16
CA ASP G 407 70.58 -7.32 40.22
C ASP G 407 71.17 -6.01 39.71
N LYS G 408 71.89 -6.07 38.59
CA LYS G 408 72.51 -4.86 38.05
C LYS G 408 71.46 -3.83 37.66
N MET G 409 70.36 -4.28 37.05
CA MET G 409 69.30 -3.35 36.66
C MET G 409 68.67 -2.67 37.87
N ILE G 410 68.44 -3.42 38.95
CA ILE G 410 67.90 -2.81 40.15
C ILE G 410 68.90 -1.83 40.75
N ILE G 411 70.19 -2.13 40.68
CA ILE G 411 71.19 -1.19 41.13
C ILE G 411 71.13 0.11 40.34
N TYR G 412 71.05 0.01 39.01
CA TYR G 412 71.01 1.20 38.16
C TYR G 412 69.75 2.02 38.41
N LEU G 413 68.59 1.36 38.54
CA LEU G 413 67.34 2.08 38.69
C LEU G 413 67.32 2.90 39.99
N GLU G 414 68.01 2.44 41.02
CA GLU G 414 68.08 3.21 42.26
C GLU G 414 68.86 4.50 42.09
N THR G 415 69.88 4.50 41.22
CA THR G 415 70.63 5.72 40.92
C THR G 415 69.78 6.78 40.25
N LEU G 416 68.85 6.40 39.39
CA LEU G 416 67.93 7.35 38.78
C LEU G 416 66.91 7.89 39.76
N SER G 417 66.75 7.26 40.92
CA SER G 417 65.77 7.71 41.91
C SER G 417 66.36 8.58 43.00
N ASP G 418 67.65 8.45 43.30
CA ASP G 418 68.28 9.32 44.29
C ASP G 418 68.57 10.71 43.74
N ASN G 419 68.90 10.82 42.46
CA ASN G 419 69.09 12.11 41.80
C ASN G 419 67.78 12.81 41.48
N LYS G 420 66.64 12.21 41.86
CA LYS G 420 65.32 12.81 41.68
C LYS G 420 64.95 12.92 40.19
N PHE G 421 65.55 12.06 39.37
CA PHE G 421 65.10 11.93 37.98
C PHE G 421 63.73 11.28 37.92
N ILE G 422 63.60 10.07 38.47
CA ILE G 422 62.35 9.35 38.52
C ILE G 422 61.95 9.17 39.98
N LYS G 423 60.72 8.71 40.18
CA LYS G 423 60.26 8.25 41.50
C LYS G 423 59.82 6.80 41.33
N LEU G 424 60.72 5.88 41.69
CA LEU G 424 60.42 4.45 41.63
C LEU G 424 59.41 4.10 42.71
N SER G 425 58.21 3.68 42.30
CA SER G 425 57.10 3.55 43.24
C SER G 425 56.26 2.33 42.87
N THR G 426 55.19 2.13 43.62
CA THR G 426 54.24 1.06 43.39
C THR G 426 52.99 1.61 42.72
N LEU G 427 52.05 0.73 42.39
CA LEU G 427 50.92 1.14 41.58
C LEU G 427 49.81 1.75 42.42
N ARG G 428 49.71 1.37 43.71
CA ARG G 428 48.84 2.11 44.62
C ARG G 428 49.26 3.57 44.73
N GLU G 429 50.55 3.83 44.91
CA GLU G 429 51.00 5.20 45.13
C GLU G 429 50.71 6.06 43.92
N ILE G 430 50.92 5.53 42.72
CA ILE G 430 50.58 6.26 41.50
C ILE G 430 49.07 6.42 41.38
N TYR G 431 48.30 5.42 41.82
CA TYR G 431 46.85 5.51 41.72
C TYR G 431 46.30 6.62 42.59
N ASN G 432 46.88 6.82 43.78
CA ASN G 432 46.36 7.85 44.69
C ASN G 432 46.96 9.22 44.41
N LYS G 433 48.24 9.29 44.05
CA LYS G 433 48.87 10.58 43.81
C LYS G 433 48.42 11.18 42.48
N VAL G 434 48.34 10.37 41.44
CA VAL G 434 47.95 10.86 40.12
C VAL G 434 46.52 10.42 39.80
N PRO G 435 45.56 11.34 39.79
CA PRO G 435 44.22 10.98 39.33
C PRO G 435 44.14 11.00 37.81
N ALA G 436 43.19 10.25 37.28
CA ALA G 436 42.99 10.19 35.84
C ALA G 436 42.05 11.31 35.42
N ASN G 437 42.53 12.15 34.50
CA ASN G 437 41.77 13.31 34.02
C ASN G 437 41.11 13.07 32.67
N ARG G 438 41.81 12.44 31.73
CA ARG G 438 41.17 12.10 30.46
C ARG G 438 40.16 10.99 30.67
N ILE G 439 39.25 10.84 29.71
CA ILE G 439 38.22 9.81 29.76
C ILE G 439 38.18 9.09 28.41
N LEU G 440 38.45 7.79 28.44
CA LEU G 440 38.25 6.94 27.28
C LEU G 440 36.88 6.28 27.35
N THR G 441 36.24 6.17 26.19
CA THR G 441 34.90 5.61 26.11
C THR G 441 34.87 4.18 25.60
N ASN G 442 35.74 3.81 24.67
CA ASN G 442 35.73 2.45 24.13
C ASN G 442 37.16 1.94 24.05
N ILE G 443 37.34 0.68 24.40
CA ILE G 443 38.57 -0.05 24.14
C ILE G 443 38.21 -1.38 23.49
N PRO G 444 38.51 -1.56 22.21
CA PRO G 444 38.10 -2.79 21.53
C PRO G 444 38.73 -4.03 22.16
N THR G 445 37.97 -5.13 22.14
CA THR G 445 38.44 -6.38 22.69
C THR G 445 39.72 -6.83 21.99
N ASN G 446 40.73 -7.17 22.78
CA ASN G 446 42.04 -7.54 22.25
C ASN G 446 42.91 -8.00 23.41
N SER G 447 43.96 -8.73 23.08
CA SER G 447 44.96 -9.20 24.04
C SER G 447 46.26 -8.45 23.78
N TRP G 448 47.32 -8.83 24.49
CA TRP G 448 48.62 -8.20 24.28
C TRP G 448 49.40 -8.90 23.19
N LEU G 449 48.81 -9.90 22.54
CA LEU G 449 49.37 -10.48 21.32
C LEU G 449 48.64 -10.00 20.07
N GLY G 450 47.62 -9.17 20.22
CA GLY G 450 46.92 -8.60 19.09
C GLY G 450 45.91 -9.50 18.45
N THR G 451 45.74 -10.71 18.94
CA THR G 451 44.81 -11.67 18.36
C THR G 451 44.37 -12.65 19.44
N PHE G 452 43.22 -13.28 19.20
CA PHE G 452 42.73 -14.34 20.06
C PHE G 452 42.93 -15.71 19.44
N ARG G 453 43.69 -15.79 18.36
CA ARG G 453 43.93 -17.03 17.64
C ARG G 453 44.92 -17.94 18.36
N LYS G 454 45.65 -17.41 19.35
CA LYS G 454 46.55 -18.25 20.13
C LYS G 454 45.80 -19.32 20.92
N TRP G 455 44.63 -18.99 21.47
CA TRP G 455 43.83 -19.95 22.21
C TRP G 455 42.63 -20.46 21.44
N ARG G 456 42.37 -19.95 20.24
CA ARG G 456 41.29 -20.45 19.38
C ARG G 456 41.71 -20.25 17.92
N GLY G 457 42.29 -21.29 17.33
CA GLY G 457 42.59 -21.24 15.91
C GLY G 457 43.97 -21.71 15.52
N GLU G 458 44.97 -21.46 16.38
CA GLU G 458 46.35 -21.85 16.05
C GLU G 458 46.60 -23.33 16.26
N VAL G 459 45.66 -24.04 16.86
CA VAL G 459 45.69 -25.50 16.90
C VAL G 459 44.48 -25.99 16.12
N PRO G 460 44.64 -26.96 15.22
CA PRO G 460 43.47 -27.44 14.47
C PRO G 460 42.40 -28.08 15.33
N GLN G 461 42.74 -28.47 16.55
CA GLN G 461 41.84 -29.25 17.41
C GLN G 461 41.18 -28.37 18.47
N HIS G 462 41.40 -27.06 18.41
CA HIS G 462 40.76 -26.11 19.30
C HIS G 462 39.24 -26.03 19.14
N GLU G 463 38.72 -26.05 17.92
CA GLU G 463 37.30 -25.83 17.72
C GLU G 463 36.46 -26.98 18.28
N GLU G 464 36.93 -28.21 18.10
CA GLU G 464 36.22 -29.37 18.64
C GLU G 464 36.12 -29.31 20.15
N TYR G 465 37.19 -28.89 20.83
CA TYR G 465 37.18 -28.78 22.28
C TYR G 465 36.41 -27.55 22.76
N TRP G 466 36.41 -26.47 22.01
CA TRP G 466 35.61 -25.31 22.38
C TRP G 466 34.11 -25.62 22.31
N ILE G 467 33.68 -26.31 21.26
CA ILE G 467 32.27 -26.69 21.18
C ILE G 467 31.91 -27.65 22.31
N LYS G 468 32.86 -28.51 22.69
CA LYS G 468 32.62 -29.47 23.77
C LYS G 468 32.46 -28.77 25.11
N THR G 469 33.39 -27.89 25.46
CA THR G 469 33.27 -27.15 26.71
C THR G 469 32.06 -26.22 26.73
N TYR G 470 31.69 -25.65 25.58
CA TYR G 470 30.46 -24.86 25.51
C TYR G 470 29.21 -25.69 25.72
N SER G 471 29.16 -26.90 25.17
CA SER G 471 28.06 -27.81 25.49
C SER G 471 27.99 -28.09 26.97
N VAL G 472 29.13 -28.36 27.60
CA VAL G 472 29.13 -28.64 29.03
C VAL G 472 28.62 -27.44 29.82
N TYR G 473 28.99 -26.22 29.43
CA TYR G 473 28.53 -25.06 30.20
C TYR G 473 27.06 -24.75 29.94
N ARG G 474 26.56 -24.98 28.72
CA ARG G 474 25.15 -24.72 28.47
C ARG G 474 24.27 -25.74 29.19
N LYS G 475 24.76 -26.98 29.34
CA LYS G 475 24.05 -27.96 30.13
C LYS G 475 24.00 -27.55 31.61
N LEU G 476 25.09 -26.99 32.12
CA LEU G 476 25.09 -26.37 33.45
C LEU G 476 24.06 -25.25 33.59
N LEU G 477 23.97 -24.38 32.59
CA LEU G 477 22.96 -23.33 32.62
C LEU G 477 21.54 -23.90 32.63
N ALA G 478 21.28 -24.94 31.83
CA ALA G 478 19.97 -25.59 31.85
C ALA G 478 19.66 -26.14 33.23
N TYR G 479 20.62 -26.84 33.85
CA TYR G 479 20.37 -27.40 35.17
C TYR G 479 20.13 -26.31 36.20
N GLU G 480 20.90 -25.24 36.17
CA GLU G 480 20.70 -24.14 37.11
C GLU G 480 19.41 -23.38 36.87
N GLU G 481 18.86 -23.47 35.66
CA GLU G 481 17.52 -22.94 35.40
C GLU G 481 16.44 -23.83 35.98
N MET G 482 16.62 -25.15 35.89
CA MET G 482 15.61 -26.07 36.43
C MET G 482 15.38 -25.82 37.92
N ILE G 483 16.46 -25.81 38.71
CA ILE G 483 16.34 -25.68 40.15
C ILE G 483 16.21 -24.24 40.61
N GLY G 484 16.22 -23.28 39.70
CA GLY G 484 16.01 -21.90 40.07
C GLY G 484 17.09 -21.30 40.93
N GLY G 485 18.35 -21.52 40.59
CA GLY G 485 19.45 -20.93 41.32
C GLY G 485 20.62 -21.89 41.38
N ARG G 486 21.46 -21.67 42.39
CA ARG G 486 22.67 -22.44 42.59
C ARG G 486 22.53 -23.34 43.81
N ASP G 487 23.28 -24.44 43.81
CA ASP G 487 23.32 -25.34 44.94
C ASP G 487 24.70 -25.99 45.01
N GLU G 488 24.83 -27.02 45.83
CA GLU G 488 26.11 -27.68 46.02
C GLU G 488 26.61 -28.39 44.76
N PHE G 489 25.71 -29.06 44.04
CA PHE G 489 26.15 -29.77 42.84
C PHE G 489 26.48 -28.82 41.69
N SER G 490 25.67 -27.79 41.48
CA SER G 490 25.99 -26.78 40.48
C SER G 490 27.28 -26.04 40.79
N ASN G 491 27.52 -25.68 42.05
CA ASN G 491 28.78 -25.07 42.44
C ASN G 491 29.96 -26.02 42.25
N GLU G 492 29.80 -27.29 42.59
CA GLU G 492 30.87 -28.27 42.41
C GLU G 492 31.17 -28.51 40.94
N ALA G 493 30.18 -28.39 40.07
CA ALA G 493 30.42 -28.47 38.62
C ALA G 493 31.04 -27.18 38.09
N ARG G 494 30.65 -26.03 38.61
CA ARG G 494 31.29 -24.77 38.23
C ARG G 494 32.77 -24.79 38.59
N TRP G 495 33.10 -25.34 39.76
CA TRP G 495 34.49 -25.49 40.15
C TRP G 495 35.29 -26.27 39.12
N ALA G 496 34.78 -27.39 38.65
CA ALA G 496 35.45 -28.16 37.62
C ALA G 496 35.50 -27.43 36.29
N LEU G 497 34.48 -26.65 35.96
CA LEU G 497 34.48 -25.87 34.72
C LEU G 497 35.49 -24.74 34.74
N TRP G 498 35.86 -24.23 35.92
CA TRP G 498 36.92 -23.23 36.00
C TRP G 498 38.25 -23.77 35.54
N HIS G 499 38.60 -25.01 35.91
CA HIS G 499 39.90 -25.56 35.61
C HIS G 499 40.04 -26.06 34.19
N ALA G 500 38.92 -26.38 33.52
CA ALA G 500 38.97 -26.76 32.12
C ALA G 500 39.11 -25.58 31.19
N LEU G 501 38.81 -24.37 31.66
CA LEU G 501 38.85 -23.16 30.85
C LEU G 501 40.11 -22.35 31.09
N ASP G 502 41.05 -22.85 31.88
CA ASP G 502 42.30 -22.14 32.13
C ASP G 502 43.06 -21.95 30.82
N SER G 503 43.53 -20.72 30.59
CA SER G 503 44.16 -20.39 29.31
C SER G 503 45.57 -20.93 29.19
N ASP G 504 46.15 -21.47 30.25
CA ASP G 504 47.46 -22.09 30.18
C ASP G 504 47.43 -23.46 29.54
N TYR G 505 46.26 -24.09 29.47
CA TYR G 505 46.11 -25.37 28.77
C TYR G 505 45.67 -25.21 27.32
N TRP G 506 45.05 -24.08 26.98
CA TRP G 506 44.61 -23.82 25.61
C TRP G 506 45.69 -23.16 24.77
N TRP G 507 46.76 -22.67 25.38
CA TRP G 507 47.85 -22.04 24.65
C TRP G 507 48.40 -22.99 23.60
N ALA G 508 48.58 -22.49 22.38
CA ALA G 508 48.82 -23.37 21.24
C ALA G 508 50.13 -24.12 21.35
N GLU G 509 51.15 -23.49 21.93
CA GLU G 509 52.43 -24.17 22.10
C GLU G 509 52.36 -25.27 23.14
N PHE G 510 51.62 -25.02 24.23
CA PHE G 510 51.46 -25.97 25.32
C PHE G 510 50.07 -26.57 25.36
N TRP G 511 49.51 -26.88 24.19
CA TRP G 511 48.18 -27.46 24.08
C TRP G 511 48.10 -28.77 24.86
N LEU G 512 47.20 -28.81 25.84
CA LEU G 512 47.14 -29.90 26.83
C LEU G 512 45.70 -30.41 26.91
N PRO G 513 45.26 -31.18 25.92
CA PRO G 513 43.86 -31.62 25.91
C PRO G 513 43.50 -32.67 26.94
N LYS G 514 44.47 -33.48 27.40
CA LYS G 514 44.17 -34.54 28.36
C LYS G 514 43.82 -34.02 29.74
N ILE G 515 44.19 -32.77 30.06
CA ILE G 515 43.79 -32.14 31.31
C ILE G 515 42.47 -31.39 31.18
N ILE G 516 42.20 -30.80 30.01
CA ILE G 516 40.89 -30.23 29.76
C ILE G 516 39.81 -31.31 29.79
N ASP G 517 40.08 -32.46 29.17
CA ASP G 517 39.11 -33.56 29.17
C ASP G 517 38.92 -34.13 30.57
N THR G 518 39.98 -34.14 31.38
CA THR G 518 39.87 -34.65 32.74
C THR G 518 38.92 -33.80 33.57
N TRP G 519 38.95 -32.49 33.38
CA TRP G 519 38.09 -31.58 34.14
C TRP G 519 36.70 -31.42 33.54
N LEU G 520 36.55 -31.59 32.23
CA LEU G 520 35.22 -31.59 31.65
C LEU G 520 34.44 -32.83 32.03
N SER G 521 35.13 -33.93 32.34
CA SER G 521 34.43 -35.13 32.78
C SER G 521 33.91 -34.98 34.20
N VAL G 522 34.68 -34.34 35.08
CA VAL G 522 34.21 -34.09 36.43
C VAL G 522 32.94 -33.26 36.41
N ALA G 523 32.90 -32.21 35.60
CA ALA G 523 31.73 -31.35 35.51
C ALA G 523 30.56 -32.01 34.80
N GLU G 524 30.82 -32.85 33.80
CA GLU G 524 29.76 -33.45 33.00
C GLU G 524 29.14 -34.67 33.68
N ASN G 525 29.84 -35.31 34.61
CA ASN G 525 29.28 -36.43 35.36
C ASN G 525 28.44 -36.00 36.54
N ILE G 526 28.78 -34.89 37.21
CA ILE G 526 27.92 -34.37 38.26
C ILE G 526 26.58 -33.93 37.73
N LEU G 527 26.55 -33.30 36.55
CA LEU G 527 25.32 -32.81 35.94
C LEU G 527 24.47 -33.92 35.35
N ASN G 528 25.08 -35.00 34.87
CA ASN G 528 24.31 -36.14 34.37
C ASN G 528 23.65 -36.93 35.49
N ASN G 529 24.18 -36.87 36.70
CA ASN G 529 23.58 -37.58 37.83
C ASN G 529 22.48 -36.77 38.49
N ARG G 530 22.21 -35.57 37.99
CA ARG G 530 21.15 -34.73 38.52
C ARG G 530 20.05 -34.47 37.51
N ILE G 531 20.37 -34.45 36.22
CA ILE G 531 19.38 -34.24 35.17
C ILE G 531 18.70 -35.53 34.75
N ASN G 532 19.34 -36.68 34.98
CA ASN G 532 18.73 -37.98 34.71
C ASN G 532 17.68 -38.34 35.74
N LYS G 533 17.50 -37.53 36.78
CA LYS G 533 16.44 -37.73 37.76
C LYS G 533 15.11 -37.17 37.30
N ILE G 534 15.05 -36.60 36.10
CA ILE G 534 13.83 -36.05 35.53
C ILE G 534 13.45 -36.91 34.34
N GLN G 535 12.32 -37.57 34.42
CA GLN G 535 11.88 -38.49 33.37
C GLN G 535 10.48 -38.14 32.90
N ILE G 536 10.19 -38.57 31.68
CA ILE G 536 8.83 -38.57 31.14
C ILE G 536 8.33 -40.00 31.24
N ILE G 537 7.44 -40.25 32.20
CA ILE G 537 7.13 -41.63 32.57
C ILE G 537 5.87 -42.12 31.87
N ASP G 538 4.99 -41.21 31.46
CA ASP G 538 3.75 -41.63 30.81
C ASP G 538 3.26 -40.56 29.86
N VAL G 539 2.93 -40.98 28.64
CA VAL G 539 2.30 -40.15 27.61
C VAL G 539 1.33 -41.05 26.87
N ARG G 540 0.06 -40.71 26.87
CA ARG G 540 -0.97 -41.45 26.16
C ARG G 540 -2.02 -40.51 25.57
N PRO G 541 -2.77 -40.95 24.56
CA PRO G 541 -3.86 -40.11 24.05
C PRO G 541 -5.02 -40.00 25.03
N ALA G 542 -5.29 -38.80 25.54
CA ALA G 542 -6.42 -38.64 26.44
C ALA G 542 -7.69 -38.33 25.65
N SER G 543 -7.90 -39.12 24.59
CA SER G 543 -9.09 -39.08 23.76
C SER G 543 -8.98 -40.20 22.74
N GLU G 544 -9.92 -40.26 21.79
CA GLU G 544 -9.68 -41.00 20.57
C GLU G 544 -9.29 -39.98 19.50
N PHE G 545 -8.37 -40.37 18.63
CA PHE G 545 -7.79 -39.46 17.66
C PHE G 545 -8.48 -39.62 16.32
N TYR G 546 -8.99 -38.51 15.79
CA TYR G 546 -9.66 -38.48 14.50
C TYR G 546 -9.00 -37.44 13.62
N GLU G 547 -8.88 -37.76 12.33
CA GLU G 547 -8.23 -36.90 11.38
C GLU G 547 -8.80 -35.48 11.44
N ASP G 548 -7.93 -34.52 11.75
CA ASP G 548 -8.27 -33.10 11.79
C ASP G 548 -9.35 -32.81 12.81
N GLU G 549 -9.08 -33.19 14.06
CA GLU G 549 -9.98 -32.90 15.17
C GLU G 549 -9.13 -32.65 16.41
N LYS G 550 -9.52 -31.66 17.21
CA LYS G 550 -8.86 -31.40 18.48
C LYS G 550 -8.94 -32.62 19.38
N ALA G 551 -7.79 -33.11 19.80
CA ALA G 551 -7.69 -34.25 20.70
C ALA G 551 -6.84 -33.86 21.90
N GLY G 552 -6.63 -34.82 22.80
CA GLY G 552 -5.83 -34.57 23.97
C GLY G 552 -4.76 -35.62 24.20
N LEU G 553 -3.60 -35.18 24.67
CA LEU G 553 -2.47 -36.06 24.96
C LEU G 553 -1.91 -35.71 26.34
N VAL G 554 -1.79 -36.72 27.21
CA VAL G 554 -1.28 -36.51 28.56
C VAL G 554 0.24 -36.52 28.50
N VAL G 555 0.86 -35.85 29.46
CA VAL G 555 2.30 -35.92 29.68
C VAL G 555 2.55 -35.98 31.17
N THR G 556 3.27 -36.99 31.62
CA THR G 556 3.56 -37.18 33.03
C THR G 556 5.05 -37.04 33.28
N ILE G 557 5.44 -35.99 33.99
CA ILE G 557 6.83 -35.71 34.32
C ILE G 557 7.06 -36.13 35.77
N ARG G 558 8.09 -36.93 36.00
CA ARG G 558 8.45 -37.37 37.35
C ARG G 558 9.74 -36.67 37.78
N ASN G 559 9.76 -36.20 39.02
CA ASN G 559 10.93 -35.54 39.60
C ASN G 559 11.46 -36.41 40.73
N GLN G 560 12.67 -36.93 40.57
CA GLN G 560 13.33 -37.69 41.62
C GLN G 560 14.37 -36.89 42.37
N LEU G 561 14.51 -35.59 42.08
CA LEU G 561 15.34 -34.73 42.89
C LEU G 561 14.67 -34.44 44.22
N GLU G 562 15.39 -33.74 45.08
CA GLU G 562 14.89 -33.32 46.40
C GLU G 562 14.54 -31.85 46.42
N LYS G 563 14.40 -31.24 45.24
CA LYS G 563 14.21 -29.80 45.16
C LYS G 563 13.04 -29.49 44.25
N GLU G 564 12.63 -28.22 44.29
CA GLU G 564 11.55 -27.74 43.43
C GLU G 564 12.06 -27.55 42.01
N ILE G 565 11.33 -28.07 41.03
CA ILE G 565 11.78 -28.18 39.65
C ILE G 565 10.83 -27.48 38.69
N ARG G 566 11.43 -26.81 37.69
CA ARG G 566 10.70 -26.19 36.57
C ARG G 566 11.19 -26.72 35.22
N VAL G 567 10.43 -27.58 34.58
CA VAL G 567 10.84 -28.14 33.29
C VAL G 567 9.80 -27.80 32.23
N SER G 568 10.22 -27.80 30.97
CA SER G 568 9.30 -27.62 29.85
C SER G 568 9.51 -28.76 28.87
N PHE G 569 8.47 -29.04 28.08
CA PHE G 569 8.56 -30.11 27.10
C PHE G 569 7.91 -29.66 25.80
N ALA G 570 8.49 -30.12 24.69
CA ALA G 570 7.96 -29.89 23.36
C ALA G 570 7.60 -31.22 22.74
N ILE G 571 6.55 -31.23 21.92
CA ILE G 571 6.07 -32.46 21.30
C ILE G 571 6.61 -32.57 19.89
N GLY G 572 6.50 -33.76 19.30
CA GLY G 572 6.95 -33.97 17.94
C GLY G 572 6.21 -35.13 17.31
N GLY G 573 6.18 -35.10 15.99
CA GLY G 573 5.47 -36.12 15.24
C GLY G 573 5.41 -35.73 13.78
N THR G 574 5.01 -36.71 12.97
CA THR G 574 5.03 -36.51 11.53
C THR G 574 3.89 -35.62 11.06
N GLY G 575 2.70 -35.76 11.63
CA GLY G 575 1.58 -34.93 11.24
C GLY G 575 0.97 -34.19 12.41
N PHE G 576 1.37 -34.57 13.62
CA PHE G 576 0.82 -33.95 14.82
C PHE G 576 1.34 -32.54 14.99
N SER G 577 0.46 -31.64 15.42
CA SER G 577 0.82 -30.24 15.61
C SER G 577 -0.14 -29.62 16.61
N SER G 578 0.35 -29.41 17.83
CA SER G 578 -0.38 -28.61 18.80
C SER G 578 -0.41 -27.16 18.35
N VAL G 579 -1.61 -26.58 18.27
CA VAL G 579 -1.78 -25.28 17.62
C VAL G 579 -1.04 -24.19 18.37
N ASN G 580 -1.19 -24.15 19.69
CA ASN G 580 -0.59 -23.05 20.45
C ASN G 580 0.11 -23.50 21.72
N ASN G 581 1.39 -23.89 21.58
CA ASN G 581 2.27 -24.07 22.74
C ASN G 581 3.73 -23.96 22.27
N ASP G 582 4.32 -22.79 22.50
CA ASP G 582 5.75 -22.64 22.19
C ASP G 582 6.60 -23.48 23.12
N LEU G 583 6.33 -23.38 24.43
CA LEU G 583 6.97 -24.21 25.44
C LEU G 583 6.07 -24.25 26.66
N GLU G 584 5.53 -25.42 26.97
CA GLU G 584 4.65 -25.60 28.13
C GLU G 584 5.53 -25.95 29.33
N THR G 585 5.59 -25.02 30.29
CA THR G 585 6.43 -25.19 31.48
C THR G 585 5.56 -25.65 32.64
N VAL G 586 6.07 -26.61 33.40
CA VAL G 586 5.39 -27.09 34.60
C VAL G 586 6.20 -26.62 35.80
N LYS G 587 5.67 -26.83 37.00
CA LYS G 587 6.36 -26.39 38.21
C LYS G 587 5.99 -27.30 39.37
N MET G 588 6.88 -28.24 39.69
CA MET G 588 6.50 -29.37 40.52
C MET G 588 7.49 -29.58 41.66
N ASN G 589 6.93 -29.82 42.85
CA ASN G 589 7.70 -29.92 44.08
C ASN G 589 8.38 -31.28 44.17
N PRO G 590 9.38 -31.43 45.07
CA PRO G 590 10.23 -32.63 45.04
C PRO G 590 9.46 -33.93 45.22
N ASN G 591 9.98 -34.97 44.57
CA ASN G 591 9.51 -36.35 44.73
C ASN G 591 8.03 -36.48 44.38
N SER G 592 7.65 -35.81 43.29
CA SER G 592 6.27 -35.81 42.86
C SER G 592 6.23 -35.87 41.34
N SER G 593 5.07 -36.25 40.82
CA SER G 593 4.84 -36.30 39.39
C SER G 593 3.97 -35.10 38.96
N TYR G 594 3.77 -34.96 37.66
CA TYR G 594 2.98 -33.85 37.14
C TYR G 594 2.39 -34.27 35.82
N THR G 595 1.07 -34.40 35.77
CA THR G 595 0.36 -34.79 34.55
C THR G 595 -0.42 -33.61 34.01
N ARG G 596 -0.38 -33.42 32.69
CA ARG G 596 -1.20 -32.43 32.01
C ARG G 596 -1.49 -32.90 30.60
N ILE G 597 -2.72 -32.60 30.16
CA ILE G 597 -3.19 -32.96 28.82
C ILE G 597 -2.92 -31.79 27.87
N ILE G 598 -2.42 -32.10 26.68
CA ILE G 598 -2.05 -31.09 25.69
C ILE G 598 -2.96 -31.26 24.49
N PRO G 599 -3.45 -30.17 23.88
CA PRO G 599 -4.32 -30.29 22.70
C PRO G 599 -3.50 -30.33 21.43
N VAL G 600 -3.68 -31.39 20.64
CA VAL G 600 -2.98 -31.56 19.37
C VAL G 600 -4.00 -31.90 18.30
N LYS G 601 -3.57 -31.82 17.05
CA LYS G 601 -4.43 -32.09 15.91
C LYS G 601 -3.65 -32.87 14.85
N ALA G 602 -4.21 -34.00 14.43
CA ALA G 602 -3.59 -34.82 13.39
C ALA G 602 -4.04 -34.39 12.01
N LYS G 603 -3.18 -34.67 11.02
CA LYS G 603 -3.50 -34.43 9.61
C LYS G 603 -3.74 -35.70 8.82
N PHE G 604 -3.00 -36.77 9.10
CA PHE G 604 -3.14 -38.00 8.36
C PHE G 604 -3.86 -39.05 9.20
N ILE G 605 -4.24 -40.16 8.56
CA ILE G 605 -4.77 -41.32 9.25
C ILE G 605 -3.72 -42.42 9.15
N GLY G 606 -3.78 -43.37 10.06
CA GLY G 606 -2.83 -44.46 10.05
C GLY G 606 -2.10 -44.51 11.36
N LYS G 607 -0.92 -45.10 11.33
CA LYS G 607 -0.15 -45.35 12.53
C LYS G 607 0.88 -44.25 12.71
N HIS G 608 0.64 -43.34 13.66
CA HIS G 608 1.49 -42.20 13.91
C HIS G 608 2.55 -42.53 14.96
N LYS G 609 3.54 -41.65 15.06
CA LYS G 609 4.58 -41.74 16.09
C LYS G 609 4.75 -40.36 16.72
N MET G 610 4.20 -40.19 17.93
CA MET G 610 4.46 -39.00 18.74
C MET G 610 5.82 -39.07 19.38
N VAL G 611 6.52 -37.93 19.40
CA VAL G 611 7.73 -37.76 20.18
C VAL G 611 7.51 -36.60 21.13
N VAL G 612 7.72 -36.85 22.42
CA VAL G 612 7.63 -35.82 23.44
C VAL G 612 8.98 -35.70 24.13
N SER G 613 9.55 -34.49 24.12
CA SER G 613 10.87 -34.25 24.66
C SER G 613 10.84 -33.14 25.70
N ALA G 614 11.46 -33.37 26.84
CA ALA G 614 11.59 -32.37 27.89
C ALA G 614 12.78 -31.46 27.60
N ILE G 615 12.63 -30.17 27.90
CA ILE G 615 13.54 -29.13 27.45
C ILE G 615 13.78 -28.14 28.58
N SER G 616 15.04 -27.70 28.73
CA SER G 616 15.38 -26.64 29.69
C SER G 616 16.43 -25.74 29.05
N LYS G 617 16.08 -24.46 28.87
CA LYS G 617 16.91 -23.49 28.15
C LYS G 617 17.48 -24.05 26.87
N GLY G 618 16.61 -24.45 25.95
CA GLY G 618 17.05 -24.89 24.64
C GLY G 618 17.83 -26.18 24.62
N LEU G 619 17.88 -26.91 25.74
CA LEU G 619 18.59 -28.18 25.78
C LEU G 619 17.59 -29.28 26.06
N ILE G 620 17.56 -30.29 25.19
CA ILE G 620 16.63 -31.39 25.36
C ILE G 620 17.11 -32.29 26.47
N ILE G 621 16.31 -32.41 27.53
CA ILE G 621 16.64 -33.26 28.67
C ILE G 621 16.35 -34.71 28.35
N ASP G 622 15.08 -35.02 28.07
CA ASP G 622 14.63 -36.38 27.85
C ASP G 622 13.56 -36.36 26.77
N SER G 623 13.48 -37.45 26.00
CA SER G 623 12.49 -37.61 24.95
C SER G 623 11.88 -39.00 25.02
N LYS G 624 10.60 -39.09 24.72
CA LYS G 624 9.86 -40.34 24.78
C LYS G 624 8.93 -40.45 23.58
N ILE G 625 8.85 -41.65 23.00
CA ILE G 625 8.12 -41.89 21.76
C ILE G 625 6.97 -42.84 22.07
N ILE G 626 5.76 -42.46 21.67
CA ILE G 626 4.61 -43.32 21.79
C ILE G 626 4.03 -43.58 20.41
N ASP G 627 3.11 -44.54 20.33
CA ASP G 627 2.57 -45.05 19.07
C ASP G 627 1.07 -44.83 19.09
N ILE G 628 0.58 -43.91 18.25
CA ILE G 628 -0.83 -43.54 18.23
C ILE G 628 -1.44 -43.89 16.89
N ASN G 629 -2.69 -44.34 16.91
CA ASN G 629 -3.46 -44.66 15.72
C ASN G 629 -4.55 -43.61 15.53
N VAL G 630 -4.56 -42.96 14.37
CA VAL G 630 -5.57 -41.95 14.07
C VAL G 630 -6.58 -42.54 13.09
N LYS G 631 -7.87 -42.35 13.39
CA LYS G 631 -8.93 -42.97 12.61
C LYS G 631 -9.61 -41.94 11.73
N PRO G 632 -10.17 -42.37 10.59
CA PRO G 632 -10.82 -41.42 9.68
C PRO G 632 -12.07 -40.81 10.30
N LYS G 633 -12.19 -39.49 10.16
CA LYS G 633 -13.33 -38.77 10.70
C LYS G 633 -14.51 -38.94 9.76
N LEU G 634 -15.58 -39.57 10.24
CA LEU G 634 -16.70 -39.95 9.39
C LEU G 634 -17.88 -39.00 9.61
N LEU G 635 -18.52 -38.62 8.52
CA LEU G 635 -19.62 -37.67 8.54
C LEU G 635 -20.89 -38.33 9.07
N PRO G 636 -21.78 -37.54 9.69
CA PRO G 636 -23.03 -38.10 10.21
C PRO G 636 -24.11 -38.25 9.14
N ASN G 637 -25.22 -38.85 9.56
CA ASN G 637 -26.33 -39.08 8.64
C ASN G 637 -26.93 -37.76 8.20
N PRO G 638 -27.42 -37.68 6.96
CA PRO G 638 -28.13 -36.47 6.52
C PRO G 638 -29.34 -36.22 7.39
N ARG G 639 -29.48 -34.97 7.86
CA ARG G 639 -30.57 -34.62 8.75
C ARG G 639 -31.89 -34.66 7.99
N LEU G 640 -32.96 -35.04 8.69
CA LEU G 640 -34.20 -35.44 8.05
C LEU G 640 -35.13 -34.26 7.79
N ILE H 103 -72.28 -59.41 9.26
CA ILE H 103 -72.63 -58.62 8.10
C ILE H 103 -71.52 -57.61 7.82
N ASP H 104 -71.29 -57.31 6.54
CA ASP H 104 -70.25 -56.37 6.15
C ASP H 104 -70.76 -55.48 5.02
N ASN H 105 -70.14 -54.31 4.90
CA ASN H 105 -70.55 -53.32 3.91
C ASN H 105 -69.73 -53.44 2.63
N THR H 106 -70.07 -54.43 1.79
CA THR H 106 -69.35 -54.65 0.53
C THR H 106 -69.76 -53.59 -0.48
N CYS H 107 -69.40 -52.34 -0.18
CA CYS H 107 -69.73 -51.24 -1.07
C CYS H 107 -68.91 -51.31 -2.35
N PHE H 108 -69.49 -50.79 -3.44
CA PHE H 108 -68.81 -50.80 -4.72
C PHE H 108 -68.95 -49.44 -5.39
N LEU H 109 -68.42 -49.31 -6.61
CA LEU H 109 -68.35 -48.02 -7.27
C LEU H 109 -69.12 -48.07 -8.59
N VAL H 110 -69.69 -46.92 -8.96
CA VAL H 110 -70.42 -46.79 -10.22
C VAL H 110 -69.84 -45.60 -10.98
N GLY H 111 -69.50 -45.82 -12.24
CA GLY H 111 -68.96 -44.75 -13.03
C GLY H 111 -68.95 -45.12 -14.50
N ASP H 112 -68.63 -44.12 -15.33
CA ASP H 112 -68.59 -44.29 -16.77
C ASP H 112 -67.17 -44.20 -17.31
N PRO H 113 -66.71 -45.21 -18.05
CA PRO H 113 -65.32 -45.24 -18.52
C PRO H 113 -64.88 -44.00 -19.28
N SER H 114 -65.75 -43.40 -20.08
CA SER H 114 -65.33 -42.36 -21.02
C SER H 114 -65.30 -40.97 -20.44
N SER H 115 -65.58 -40.80 -19.14
CA SER H 115 -65.54 -39.48 -18.52
C SER H 115 -64.16 -38.85 -18.65
N ARG H 116 -63.12 -39.63 -18.36
CA ARG H 116 -61.75 -39.13 -18.35
C ARG H 116 -60.87 -40.09 -19.13
N GLU H 117 -59.66 -39.62 -19.44
CA GLU H 117 -58.63 -40.53 -19.94
C GLU H 117 -58.27 -41.53 -18.86
N GLN H 118 -58.22 -42.81 -19.24
CA GLN H 118 -58.03 -43.86 -18.24
C GLN H 118 -56.62 -43.78 -17.66
N MET H 119 -56.53 -43.88 -16.35
CA MET H 119 -55.24 -43.68 -15.68
C MET H 119 -54.33 -44.88 -15.87
N TYR H 120 -53.04 -44.60 -16.01
CA TYR H 120 -52.04 -45.65 -16.17
C TYR H 120 -51.78 -46.29 -14.81
N PHE H 121 -51.88 -47.61 -14.75
CA PHE H 121 -51.64 -48.34 -13.51
C PHE H 121 -50.49 -49.32 -13.71
N THR H 122 -49.59 -49.36 -12.72
CA THR H 122 -48.45 -50.25 -12.76
C THR H 122 -48.06 -50.62 -11.34
N ILE H 123 -47.38 -51.75 -11.19
CA ILE H 123 -46.88 -52.20 -9.90
C ILE H 123 -45.43 -52.67 -10.09
N VAL H 124 -44.59 -52.43 -9.09
CA VAL H 124 -43.18 -52.75 -9.14
C VAL H 124 -42.88 -53.75 -8.04
N TRP H 125 -42.37 -54.91 -8.41
CA TRP H 125 -41.94 -55.93 -7.45
C TRP H 125 -40.42 -55.97 -7.40
N HIS H 126 -39.88 -55.93 -6.19
CA HIS H 126 -38.45 -55.91 -5.95
C HIS H 126 -38.04 -57.29 -5.46
N HIS H 127 -37.51 -58.10 -6.36
CA HIS H 127 -37.03 -59.45 -6.04
C HIS H 127 -35.52 -59.36 -5.78
N HIS H 128 -35.11 -59.55 -4.54
CA HIS H 128 -33.70 -59.46 -4.21
C HIS H 128 -33.37 -60.26 -2.97
N GLN H 129 -32.32 -61.07 -3.07
CA GLN H 129 -31.60 -61.57 -1.91
C GLN H 129 -30.12 -61.20 -2.07
N ALA H 130 -29.48 -60.91 -0.96
CA ALA H 130 -28.09 -60.44 -1.00
C ALA H 130 -27.19 -61.53 -1.55
N PRO H 131 -26.05 -61.17 -2.15
CA PRO H 131 -25.10 -62.20 -2.60
C PRO H 131 -24.57 -62.96 -1.39
N ASN H 132 -24.96 -64.22 -1.29
CA ASN H 132 -24.78 -64.99 -0.07
C ASN H 132 -23.72 -66.08 -0.22
N TYR H 133 -22.91 -65.99 -1.28
CA TYR H 133 -21.78 -66.89 -1.42
C TYR H 133 -20.59 -66.35 -0.64
N LEU H 134 -19.88 -67.25 0.02
CA LEU H 134 -18.64 -66.91 0.71
C LEU H 134 -17.55 -66.65 -0.31
N PRO H 135 -16.43 -66.05 0.10
CA PRO H 135 -15.33 -65.84 -0.86
C PRO H 135 -14.85 -67.14 -1.49
N ASP H 136 -14.99 -68.27 -0.80
CA ASP H 136 -14.66 -69.55 -1.42
C ASP H 136 -15.66 -69.92 -2.50
N GLY H 137 -16.94 -69.70 -2.24
CA GLY H 137 -17.98 -70.02 -3.21
C GLY H 137 -19.20 -70.68 -2.59
N ARG H 138 -19.04 -71.25 -1.40
CA ARG H 138 -20.14 -71.91 -0.74
C ARG H 138 -21.20 -70.90 -0.31
N ILE H 139 -22.46 -71.34 -0.34
CA ILE H 139 -23.60 -70.49 -0.03
C ILE H 139 -23.87 -70.55 1.46
N HIS H 140 -23.83 -69.41 2.12
CA HIS H 140 -24.13 -69.34 3.54
CA HIS H 140 -24.13 -69.34 3.54
C HIS H 140 -25.54 -68.87 3.84
C HIS H 140 -25.54 -68.88 3.84
N GLY H 141 -26.21 -68.24 2.87
CA GLY H 141 -27.59 -67.86 3.05
C GLY H 141 -28.49 -68.48 1.99
N PRO H 142 -29.31 -69.43 2.40
CA PRO H 142 -30.21 -70.10 1.46
C PRO H 142 -31.57 -69.42 1.32
N TRP H 143 -31.68 -68.36 0.53
CA TRP H 143 -33.01 -67.81 0.25
C TRP H 143 -33.25 -67.63 -1.23
N ALA H 144 -32.20 -67.36 -2.01
CA ALA H 144 -32.35 -67.36 -3.46
C ALA H 144 -32.69 -68.75 -3.99
N TYR H 145 -32.67 -69.76 -3.13
CA TYR H 145 -32.87 -71.15 -3.49
C TYR H 145 -34.06 -71.78 -2.77
N ILE H 146 -34.22 -71.56 -1.47
CA ILE H 146 -35.39 -72.06 -0.77
C ILE H 146 -36.65 -71.26 -1.07
N TYR H 147 -36.54 -70.14 -1.76
CA TYR H 147 -37.73 -69.44 -2.22
C TYR H 147 -38.05 -69.75 -3.67
N VAL H 148 -37.45 -70.79 -4.25
CA VAL H 148 -37.79 -71.19 -5.61
C VAL H 148 -38.02 -72.70 -5.67
N TRP H 149 -37.75 -73.42 -4.56
CA TRP H 149 -38.18 -74.82 -4.55
C TRP H 149 -38.82 -75.32 -3.26
N SER H 150 -38.93 -74.52 -2.19
CA SER H 150 -39.47 -75.05 -0.95
C SER H 150 -40.98 -75.27 -1.08
N ASP H 151 -41.55 -75.92 -0.06
CA ASP H 151 -42.99 -76.09 0.03
C ASP H 151 -43.53 -75.01 0.97
N LEU H 152 -43.40 -73.76 0.52
CA LEU H 152 -43.83 -72.61 1.31
C LEU H 152 -45.21 -72.11 0.95
N LEU H 153 -45.67 -72.34 -0.27
CA LEU H 153 -46.95 -71.82 -0.75
C LEU H 153 -47.86 -72.95 -1.21
N LYS H 154 -47.84 -74.07 -0.49
CA LYS H 154 -48.69 -75.18 -0.83
C LYS H 154 -50.10 -74.97 -0.30
N PRO H 155 -51.13 -75.45 -1.04
CA PRO H 155 -51.05 -76.20 -2.29
C PRO H 155 -51.16 -75.34 -3.53
N TYR H 156 -50.72 -74.08 -3.44
CA TYR H 156 -50.84 -73.14 -4.56
C TYR H 156 -49.54 -72.94 -5.31
N GLY H 157 -48.39 -73.15 -4.68
CA GLY H 157 -47.12 -72.97 -5.36
C GLY H 157 -45.98 -73.43 -4.51
N LYS H 158 -44.76 -73.25 -5.04
CA LYS H 158 -43.55 -73.66 -4.33
C LYS H 158 -42.97 -72.50 -3.53
N GLY H 159 -42.59 -71.42 -4.22
CA GLY H 159 -41.96 -70.30 -3.59
C GLY H 159 -42.31 -69.00 -4.27
N PRO H 160 -42.14 -67.88 -3.56
CA PRO H 160 -42.54 -66.58 -4.10
C PRO H 160 -41.96 -66.27 -5.47
N TYR H 161 -40.68 -66.56 -5.69
CA TYR H 161 -40.07 -66.29 -6.99
C TYR H 161 -40.69 -67.15 -8.08
N HIS H 162 -40.98 -68.42 -7.77
CA HIS H 162 -41.62 -69.29 -8.75
C HIS H 162 -43.10 -68.98 -8.89
N TYR H 163 -43.74 -68.55 -7.80
CA TYR H 163 -45.16 -68.22 -7.83
C TYR H 163 -45.42 -67.01 -8.72
N HIS H 164 -44.59 -65.97 -8.57
CA HIS H 164 -44.73 -64.80 -9.44
C HIS H 164 -44.46 -65.16 -10.90
N SER H 165 -43.69 -66.22 -11.15
CA SER H 165 -43.42 -66.63 -12.51
C SER H 165 -44.58 -67.41 -13.11
N VAL H 166 -45.19 -68.31 -12.32
CA VAL H 166 -46.32 -69.06 -12.83
C VAL H 166 -47.54 -68.15 -13.03
N MET H 167 -47.74 -67.18 -12.14
CA MET H 167 -48.87 -66.27 -12.32
C MET H 167 -48.69 -65.34 -13.52
N LEU H 168 -47.49 -65.26 -14.09
CA LEU H 168 -47.33 -64.56 -15.36
C LEU H 168 -47.84 -65.36 -16.54
N ASN H 169 -48.00 -66.68 -16.38
CA ASN H 169 -48.51 -67.49 -17.47
C ASN H 169 -49.97 -67.88 -17.24
N ILE H 170 -50.40 -67.89 -15.98
CA ILE H 170 -51.80 -68.12 -15.65
C ILE H 170 -52.63 -66.96 -16.20
N HIS H 171 -52.12 -65.74 -16.02
CA HIS H 171 -52.82 -64.52 -16.44
C HIS H 171 -51.96 -63.78 -17.44
N PRO H 172 -51.96 -64.18 -18.72
CA PRO H 172 -51.06 -63.53 -19.69
C PRO H 172 -51.50 -62.13 -20.07
N HIS H 173 -52.58 -61.64 -19.46
CA HIS H 173 -53.03 -60.27 -19.68
C HIS H 173 -52.66 -59.35 -18.53
N PHE H 174 -51.85 -59.82 -17.58
CA PHE H 174 -51.38 -59.02 -16.46
C PHE H 174 -49.99 -58.51 -16.79
N LYS H 175 -49.85 -57.19 -16.89
CA LYS H 175 -48.57 -56.57 -17.18
C LYS H 175 -48.03 -55.84 -15.96
N ALA H 176 -46.74 -56.04 -15.68
CA ALA H 176 -46.13 -55.46 -14.50
C ALA H 176 -44.62 -55.45 -14.60
N THR H 177 -43.99 -54.34 -14.23
CA THR H 177 -42.54 -54.25 -14.26
C THR H 177 -41.93 -55.01 -13.09
N TYR H 178 -40.73 -55.52 -13.29
CA TYR H 178 -40.06 -56.38 -12.32
C TYR H 178 -38.63 -55.89 -12.09
N ASN H 179 -38.12 -56.11 -10.89
CA ASN H 179 -36.72 -55.90 -10.57
C ASN H 179 -36.12 -57.22 -10.11
N LEU H 180 -35.49 -57.93 -11.04
CA LEU H 180 -34.74 -59.14 -10.71
C LEU H 180 -33.31 -58.73 -10.41
N SER H 181 -32.98 -58.67 -9.12
CA SER H 181 -31.71 -58.11 -8.69
C SER H 181 -30.55 -58.87 -9.32
N PRO H 182 -29.52 -58.18 -9.80
CA PRO H 182 -28.39 -58.90 -10.42
C PRO H 182 -27.74 -59.92 -9.51
N SER H 183 -27.67 -59.64 -8.21
CA SER H 183 -27.17 -60.64 -7.28
C SER H 183 -28.04 -61.89 -7.27
N LEU H 184 -29.37 -61.72 -7.24
CA LEU H 184 -30.29 -62.84 -7.36
C LEU H 184 -30.17 -63.56 -8.69
N LEU H 185 -30.07 -62.83 -9.79
CA LEU H 185 -29.94 -63.45 -11.10
C LEU H 185 -28.68 -64.30 -11.19
N ARG H 186 -27.56 -63.81 -10.66
CA ARG H 186 -26.33 -64.59 -10.72
C ARG H 186 -26.35 -65.74 -9.72
N GLN H 187 -27.01 -65.58 -8.58
CA GLN H 187 -27.16 -66.69 -7.66
C GLN H 187 -27.96 -67.83 -8.29
N TRP H 188 -29.02 -67.49 -9.02
CA TRP H 188 -29.74 -68.51 -9.78
C TRP H 188 -28.91 -69.08 -10.91
N GLN H 189 -28.20 -68.24 -11.65
CA GLN H 189 -27.43 -68.68 -12.81
C GLN H 189 -26.29 -69.63 -12.45
N ILE H 190 -25.55 -69.37 -11.37
CA ILE H 190 -24.45 -70.25 -10.98
C ILE H 190 -24.96 -71.59 -10.47
N ALA H 191 -26.24 -71.68 -10.14
CA ALA H 191 -26.86 -72.95 -9.79
C ALA H 191 -27.26 -73.77 -11.01
N VAL H 192 -27.34 -73.16 -12.20
CA VAL H 192 -27.74 -73.85 -13.41
C VAL H 192 -26.58 -74.59 -14.07
N GLU H 193 -25.38 -74.00 -14.07
CA GLU H 193 -24.21 -74.66 -14.64
C GLU H 193 -23.42 -75.49 -13.64
N LYS H 194 -23.72 -75.39 -12.35
CA LYS H 194 -23.11 -76.26 -11.35
C LYS H 194 -23.97 -76.21 -10.10
N GLY H 195 -24.14 -77.34 -9.45
CA GLY H 195 -24.93 -77.38 -8.23
C GLY H 195 -24.29 -76.57 -7.12
N VAL H 196 -25.11 -75.93 -6.29
CA VAL H 196 -24.60 -75.07 -5.24
C VAL H 196 -24.21 -75.92 -4.03
N GLU H 197 -23.25 -75.40 -3.26
CA GLU H 197 -22.81 -76.04 -2.03
C GLU H 197 -23.20 -75.17 -0.85
N PHE H 198 -24.00 -75.73 0.05
CA PHE H 198 -24.39 -75.02 1.25
C PHE H 198 -23.34 -75.23 2.34
N VAL H 199 -23.24 -74.23 3.22
CA VAL H 199 -22.28 -74.31 4.33
C VAL H 199 -22.65 -75.40 5.31
N ASN H 200 -23.94 -75.64 5.54
CA ASN H 200 -24.36 -76.74 6.41
C ASN H 200 -23.92 -78.11 5.88
N GLY H 201 -23.70 -78.24 4.58
CA GLY H 201 -23.19 -79.48 4.03
C GLY H 201 -23.93 -80.01 2.83
N GLU H 202 -25.25 -79.84 2.80
CA GLU H 202 -26.05 -80.40 1.72
C GLU H 202 -25.65 -79.77 0.39
N LYS H 203 -25.69 -80.55 -0.68
CA LYS H 203 -25.10 -80.16 -1.95
C LYS H 203 -25.90 -80.77 -3.08
N TYR H 204 -26.03 -80.01 -4.18
CA TYR H 204 -26.82 -80.43 -5.32
C TYR H 204 -25.95 -80.40 -6.57
N ASP H 205 -26.53 -80.82 -7.69
CA ASP H 205 -25.87 -80.86 -8.99
C ASP H 205 -26.80 -80.24 -10.01
N PRO H 206 -26.25 -79.76 -11.14
CA PRO H 206 -27.09 -79.01 -12.11
C PRO H 206 -28.22 -79.83 -12.71
N ASN H 207 -28.19 -81.16 -12.61
CA ASN H 207 -29.28 -81.99 -13.12
C ASN H 207 -30.22 -82.49 -12.03
N HIS H 208 -30.12 -81.94 -10.82
CA HIS H 208 -31.01 -82.29 -9.73
C HIS H 208 -32.40 -81.71 -9.99
N GLU H 209 -33.41 -82.32 -9.38
CA GLU H 209 -34.78 -81.82 -9.51
C GLU H 209 -34.90 -80.40 -8.98
N LYS H 210 -34.26 -80.11 -7.85
CA LYS H 210 -34.30 -78.76 -7.29
C LYS H 210 -33.75 -77.74 -8.28
N ILE H 211 -32.59 -78.04 -8.87
CA ILE H 211 -32.02 -77.14 -9.88
C ILE H 211 -32.89 -77.04 -11.12
N ARG H 212 -33.57 -78.12 -11.51
CA ARG H 212 -34.44 -78.07 -12.67
C ARG H 212 -35.61 -77.12 -12.48
N LEU H 213 -35.99 -76.85 -11.23
CA LEU H 213 -37.09 -75.93 -10.93
C LEU H 213 -36.61 -74.50 -10.75
N VAL H 214 -35.30 -74.27 -10.74
CA VAL H 214 -34.73 -72.92 -10.69
C VAL H 214 -34.54 -72.44 -12.12
N GLU H 215 -34.18 -73.37 -13.01
CA GLU H 215 -33.90 -73.05 -14.40
C GLU H 215 -35.15 -72.64 -15.16
N GLU H 216 -36.29 -73.29 -14.89
CA GLU H 216 -37.53 -72.97 -15.59
C GLU H 216 -38.16 -71.66 -15.13
N THR H 217 -37.94 -71.27 -13.87
CA THR H 217 -38.39 -69.96 -13.42
C THR H 217 -37.69 -68.85 -14.17
N LEU H 218 -36.39 -69.03 -14.41
CA LEU H 218 -35.64 -68.08 -15.22
C LEU H 218 -36.21 -67.99 -16.63
N ASN H 219 -36.57 -69.13 -17.24
CA ASN H 219 -37.17 -69.08 -18.57
C ASN H 219 -38.55 -68.43 -18.54
N ASN H 220 -39.30 -68.64 -17.46
CA ASN H 220 -40.60 -67.99 -17.32
C ASN H 220 -40.45 -66.47 -17.34
N TYR H 221 -39.54 -65.95 -16.51
CA TYR H 221 -39.32 -64.51 -16.47
C TYR H 221 -38.76 -64.01 -17.80
N ARG H 222 -37.85 -64.76 -18.42
CA ARG H 222 -37.26 -64.34 -19.68
C ARG H 222 -38.31 -64.27 -20.79
N GLU H 223 -39.20 -65.25 -20.84
CA GLU H 223 -40.24 -65.25 -21.87
C GLU H 223 -41.27 -64.17 -21.60
N ALA H 224 -41.56 -63.90 -20.32
CA ALA H 224 -42.44 -62.77 -20.00
C ALA H 224 -41.83 -61.45 -20.44
N LEU H 225 -40.51 -61.30 -20.26
CA LEU H 225 -39.84 -60.08 -20.69
C LEU H 225 -39.85 -59.91 -22.20
N PHE H 226 -39.44 -60.95 -22.93
CA PHE H 226 -39.37 -60.85 -24.38
C PHE H 226 -40.74 -60.97 -25.04
N LYS H 227 -41.77 -61.30 -24.28
CA LYS H 227 -43.15 -61.25 -24.76
C LYS H 227 -43.76 -59.86 -24.59
N GLY H 228 -43.06 -58.96 -23.90
CA GLY H 228 -43.56 -57.64 -23.61
C GLY H 228 -44.45 -57.55 -22.39
N GLN H 229 -44.71 -58.67 -21.72
CA GLN H 229 -45.65 -58.66 -20.60
C GLN H 229 -45.05 -57.92 -19.40
N ILE H 230 -43.75 -58.06 -19.17
CA ILE H 230 -43.12 -57.45 -18.01
C ILE H 230 -41.96 -56.56 -18.45
N ASP H 231 -41.48 -55.73 -17.53
CA ASP H 231 -40.31 -54.89 -17.73
C ASP H 231 -39.31 -55.23 -16.65
N VAL H 232 -38.03 -55.32 -17.02
CA VAL H 232 -36.96 -55.71 -16.10
C VAL H 232 -36.06 -54.51 -15.86
N LEU H 233 -35.79 -54.24 -14.58
CA LEU H 233 -34.97 -53.11 -14.17
C LEU H 233 -33.64 -53.59 -13.60
N THR H 234 -32.57 -52.93 -14.02
CA THR H 234 -31.26 -53.19 -13.44
C THR H 234 -31.18 -52.56 -12.06
N SER H 235 -30.05 -52.75 -11.40
CA SER H 235 -29.85 -52.20 -10.06
C SER H 235 -28.36 -52.26 -9.73
N ILE H 236 -28.01 -51.83 -8.52
CA ILE H 236 -26.66 -52.00 -8.01
C ILE H 236 -26.45 -53.47 -7.69
N TYR H 237 -25.30 -54.02 -8.11
CA TYR H 237 -25.06 -55.45 -7.99
C TYR H 237 -25.20 -55.92 -6.55
N ALA H 238 -24.34 -55.42 -5.67
CA ALA H 238 -24.56 -55.63 -4.25
C ALA H 238 -25.46 -54.53 -3.71
N HIS H 239 -26.57 -54.93 -3.11
CA HIS H 239 -27.68 -54.04 -2.79
C HIS H 239 -27.24 -53.07 -1.70
N THR H 240 -26.77 -51.90 -2.11
CA THR H 240 -26.25 -50.90 -1.19
C THR H 240 -27.05 -49.61 -1.29
N ILE H 241 -27.10 -48.88 -0.18
CA ILE H 241 -27.82 -47.62 -0.10
C ILE H 241 -26.98 -46.51 -0.72
N GLY H 242 -27.19 -46.28 -2.01
CA GLY H 242 -26.36 -45.38 -2.79
C GLY H 242 -26.36 -43.94 -2.36
N GLY H 243 -27.53 -43.38 -2.03
CA GLY H 243 -27.58 -42.01 -1.59
C GLY H 243 -26.86 -41.73 -0.30
N PHE H 244 -26.81 -42.72 0.59
CA PHE H 244 -26.00 -42.61 1.80
C PHE H 244 -24.52 -42.77 1.49
N LEU H 245 -24.16 -43.65 0.56
CA LEU H 245 -22.77 -43.83 0.18
C LEU H 245 -22.19 -42.57 -0.43
N THR H 246 -22.95 -41.91 -1.31
CA THR H 246 -22.45 -40.71 -1.97
C THR H 246 -22.32 -39.52 -1.03
N ASP H 247 -23.12 -39.46 0.03
CA ASP H 247 -23.10 -38.29 0.90
C ASP H 247 -22.26 -38.51 2.15
N VAL H 248 -22.55 -39.53 2.94
CA VAL H 248 -21.81 -39.76 4.17
C VAL H 248 -20.41 -40.27 3.85
N LEU H 249 -20.33 -41.42 3.17
CA LEU H 249 -19.04 -41.98 2.81
C LEU H 249 -18.38 -41.24 1.66
N GLY H 250 -19.17 -40.76 0.69
CA GLY H 250 -18.62 -40.03 -0.44
C GLY H 250 -17.95 -40.89 -1.48
N ALA H 251 -18.23 -42.19 -1.52
CA ALA H 251 -17.59 -43.10 -2.47
C ALA H 251 -18.43 -43.18 -3.76
N THR H 252 -18.16 -42.22 -4.64
CA THR H 252 -18.87 -42.17 -5.92
C THR H 252 -18.39 -43.22 -6.91
N ASN H 253 -17.08 -43.46 -6.98
CA ASN H 253 -16.52 -44.42 -7.92
C ASN H 253 -16.95 -45.86 -7.64
N ILE H 254 -17.08 -46.24 -6.36
CA ILE H 254 -17.44 -47.61 -6.02
C ILE H 254 -18.86 -47.96 -6.48
N VAL H 255 -19.70 -46.97 -6.75
CA VAL H 255 -21.10 -47.19 -7.10
C VAL H 255 -21.28 -47.09 -8.61
N GLU H 256 -20.53 -46.17 -9.24
CA GLU H 256 -20.64 -46.01 -10.68
C GLU H 256 -20.13 -47.23 -11.43
N GLU H 257 -19.19 -47.97 -10.85
CA GLU H 257 -18.72 -49.22 -11.44
C GLU H 257 -19.57 -50.40 -11.05
N GLU H 258 -20.16 -50.38 -9.86
CA GLU H 258 -20.99 -51.49 -9.40
C GLU H 258 -22.33 -51.51 -10.12
N ILE H 259 -22.88 -50.33 -10.43
CA ILE H 259 -24.07 -50.25 -11.26
C ILE H 259 -23.77 -50.78 -12.66
N ARG H 260 -22.62 -50.43 -13.24
CA ARG H 260 -22.26 -50.95 -14.55
C ARG H 260 -22.16 -52.46 -14.55
N TYR H 261 -21.50 -53.03 -13.54
CA TYR H 261 -21.38 -54.48 -13.48
C TYR H 261 -22.75 -55.14 -13.31
N GLY H 262 -23.57 -54.63 -12.40
CA GLY H 262 -24.90 -55.18 -12.24
C GLY H 262 -25.82 -54.99 -13.42
N LYS H 263 -25.56 -53.98 -14.25
CA LYS H 263 -26.29 -53.79 -15.49
C LYS H 263 -25.86 -54.79 -16.55
N GLU H 264 -24.56 -55.05 -16.65
CA GLU H 264 -24.12 -56.07 -17.62
C GLU H 264 -24.59 -57.45 -17.19
N VAL H 265 -24.72 -57.68 -15.88
CA VAL H 265 -25.26 -58.96 -15.40
C VAL H 265 -26.68 -59.17 -15.91
N THR H 266 -27.53 -58.15 -15.75
CA THR H 266 -28.93 -58.31 -16.16
C THR H 266 -29.07 -58.23 -17.68
N SER H 267 -28.14 -57.60 -18.37
CA SER H 267 -28.15 -57.56 -19.82
C SER H 267 -27.63 -58.85 -20.44
N LYS H 268 -26.89 -59.66 -19.69
CA LYS H 268 -26.37 -60.93 -20.18
C LYS H 268 -27.23 -62.12 -19.76
N ILE H 269 -27.75 -62.14 -18.53
CA ILE H 269 -28.60 -63.25 -18.12
C ILE H 269 -29.96 -63.23 -18.79
N MET H 270 -30.56 -62.05 -18.98
CA MET H 270 -31.77 -61.96 -19.78
C MET H 270 -31.53 -62.34 -21.23
N GLY H 271 -30.38 -61.96 -21.77
CA GLY H 271 -30.01 -62.37 -23.11
C GLY H 271 -30.63 -61.50 -24.18
N ASN H 272 -30.38 -61.92 -25.42
CA ASN H 272 -30.88 -61.24 -26.62
C ASN H 272 -30.47 -59.77 -26.65
N ASN H 273 -29.30 -59.47 -26.08
CA ASN H 273 -28.79 -58.11 -25.98
C ASN H 273 -29.82 -57.17 -25.35
N TYR H 274 -30.44 -57.66 -24.27
CA TYR H 274 -31.37 -56.84 -23.51
C TYR H 274 -30.63 -55.62 -22.95
N ASN H 275 -31.30 -54.47 -22.95
CA ASN H 275 -30.68 -53.23 -22.50
C ASN H 275 -31.70 -52.45 -21.68
N PRO H 276 -31.70 -52.63 -20.36
CA PRO H 276 -32.67 -51.90 -19.52
C PRO H 276 -32.39 -50.40 -19.55
N GLN H 277 -33.47 -49.63 -19.47
CA GLN H 277 -33.37 -48.18 -19.43
C GLN H 277 -33.70 -47.57 -18.08
N GLY H 278 -34.27 -48.35 -17.17
CA GLY H 278 -34.61 -47.88 -15.83
C GLY H 278 -33.88 -48.71 -14.79
N ILE H 279 -33.65 -48.11 -13.63
CA ILE H 279 -32.92 -48.75 -12.55
C ILE H 279 -33.76 -48.70 -11.28
N TRP H 280 -33.58 -49.70 -10.43
CA TRP H 280 -34.15 -49.71 -9.08
C TRP H 280 -33.07 -49.22 -8.13
N THR H 281 -33.35 -48.12 -7.43
CA THR H 281 -32.42 -47.62 -6.45
C THR H 281 -32.63 -48.36 -5.14
N PRO H 282 -31.63 -49.07 -4.63
CA PRO H 282 -31.80 -49.85 -3.40
C PRO H 282 -32.24 -48.97 -2.23
N GLU H 283 -33.36 -49.36 -1.62
CA GLU H 283 -34.00 -48.68 -0.49
C GLU H 283 -34.48 -47.29 -0.85
N MET H 284 -34.56 -46.95 -2.13
CA MET H 284 -34.88 -45.60 -2.60
C MET H 284 -34.04 -44.56 -1.88
N ALA H 285 -32.80 -44.93 -1.58
CA ALA H 285 -31.83 -44.04 -0.94
C ALA H 285 -31.26 -43.15 -2.04
N PHE H 286 -31.98 -42.08 -2.33
CA PHE H 286 -31.65 -41.20 -3.44
C PHE H 286 -30.75 -40.06 -2.99
N SER H 287 -29.81 -39.70 -3.86
CA SER H 287 -29.01 -38.49 -3.71
C SER H 287 -28.81 -37.88 -5.10
N MET H 288 -28.71 -36.55 -5.14
CA MET H 288 -28.48 -35.87 -6.41
C MET H 288 -27.10 -36.14 -6.98
N LYS H 289 -26.20 -36.72 -6.21
CA LYS H 289 -24.93 -37.19 -6.75
C LYS H 289 -25.11 -38.41 -7.66
N LEU H 290 -26.31 -38.99 -7.70
CA LEU H 290 -26.59 -40.15 -8.52
C LEU H 290 -27.05 -39.79 -9.92
N ILE H 291 -27.55 -38.58 -10.14
CA ILE H 291 -28.03 -38.13 -11.44
C ILE H 291 -26.93 -38.23 -12.49
N PRO H 292 -25.72 -37.69 -12.24
CA PRO H 292 -24.64 -37.87 -13.21
C PRO H 292 -24.26 -39.33 -13.43
N ILE H 293 -24.27 -40.15 -12.39
CA ILE H 293 -23.94 -41.56 -12.52
C ILE H 293 -24.95 -42.28 -13.40
N TYR H 294 -26.24 -42.04 -13.17
CA TYR H 294 -27.28 -42.68 -13.98
C TYR H 294 -27.25 -42.20 -15.42
N TYR H 295 -27.11 -40.88 -15.62
CA TYR H 295 -27.14 -40.35 -16.97
C TYR H 295 -25.99 -40.88 -17.81
N ASP H 296 -24.81 -41.02 -17.20
CA ASP H 296 -23.64 -41.54 -17.91
C ASP H 296 -23.78 -43.01 -18.26
N LEU H 297 -24.64 -43.75 -17.56
CA LEU H 297 -24.85 -45.16 -17.80
C LEU H 297 -26.13 -45.45 -18.58
N ASP H 298 -26.68 -44.43 -19.24
CA ASP H 298 -27.89 -44.56 -20.07
C ASP H 298 -29.06 -45.10 -19.26
N ILE H 299 -29.24 -44.56 -18.06
CA ILE H 299 -30.42 -44.85 -17.25
C ILE H 299 -31.39 -43.69 -17.40
N LYS H 300 -32.67 -44.01 -17.56
CA LYS H 300 -33.68 -43.01 -17.92
C LYS H 300 -34.68 -42.73 -16.81
N TYR H 301 -35.31 -43.77 -16.26
CA TYR H 301 -36.38 -43.59 -15.29
C TYR H 301 -36.06 -44.37 -14.02
N THR H 302 -36.74 -43.98 -12.94
CA THR H 302 -36.57 -44.62 -11.63
C THR H 302 -37.80 -44.32 -10.80
N VAL H 303 -37.92 -45.01 -9.66
CA VAL H 303 -39.06 -44.90 -8.77
C VAL H 303 -38.56 -44.47 -7.40
N LEU H 304 -39.16 -43.41 -6.86
CA LEU H 304 -38.89 -42.93 -5.51
C LEU H 304 -40.18 -42.99 -4.69
N ASP H 305 -40.14 -42.45 -3.49
CA ASP H 305 -41.27 -42.46 -2.58
C ASP H 305 -42.00 -41.13 -2.63
N ASP H 306 -43.27 -41.16 -2.27
CA ASP H 306 -44.09 -39.95 -2.26
C ASP H 306 -44.03 -39.22 -0.93
N LYS H 307 -44.03 -39.96 0.19
CA LYS H 307 -44.07 -39.38 1.51
C LYS H 307 -42.73 -38.79 1.94
N PHE H 308 -41.63 -39.30 1.39
CA PHE H 308 -40.30 -38.91 1.86
C PHE H 308 -39.47 -38.21 0.80
N HIS H 309 -39.76 -38.39 -0.48
CA HIS H 309 -39.03 -37.72 -1.54
C HIS H 309 -39.80 -36.64 -2.26
N PHE H 310 -41.13 -36.74 -2.34
CA PHE H 310 -41.93 -35.76 -3.06
C PHE H 310 -42.34 -34.57 -2.19
N PHE H 311 -42.79 -34.84 -0.96
CA PHE H 311 -43.32 -33.76 -0.13
C PHE H 311 -42.20 -32.86 0.38
N HIS H 312 -40.95 -33.24 0.16
CA HIS H 312 -39.81 -32.42 0.54
C HIS H 312 -39.05 -31.88 -0.66
N ALA H 313 -39.44 -32.27 -1.87
CA ALA H 313 -38.79 -31.82 -3.09
C ALA H 313 -39.19 -30.39 -3.40
N GLU H 314 -38.33 -29.72 -4.16
CA GLU H 314 -38.57 -28.36 -4.61
C GLU H 314 -38.56 -28.32 -6.14
N GLY H 315 -39.37 -27.46 -6.71
CA GLY H 315 -39.51 -27.34 -8.14
C GLY H 315 -40.96 -27.14 -8.51
N ASN H 316 -41.26 -27.40 -9.78
CA ASN H 316 -42.60 -27.15 -10.33
C ASN H 316 -43.50 -28.34 -9.97
N LYS H 317 -44.10 -28.28 -8.78
CA LYS H 317 -44.82 -29.41 -8.20
C LYS H 317 -46.32 -29.17 -8.25
N ASP H 318 -47.06 -30.14 -8.78
CA ASP H 318 -48.51 -30.12 -8.67
C ASP H 318 -48.99 -31.30 -7.83
N SER H 319 -48.62 -32.51 -8.25
CA SER H 319 -49.11 -33.73 -7.63
C SER H 319 -48.21 -34.92 -7.92
N GLN H 320 -48.26 -35.90 -7.03
CA GLN H 320 -47.40 -37.08 -7.08
C GLN H 320 -47.76 -38.16 -8.10
N TYR H 321 -48.66 -37.89 -9.04
CA TYR H 321 -49.18 -38.94 -9.89
C TYR H 321 -48.87 -38.69 -11.37
N GLU H 322 -47.71 -38.11 -11.65
CA GLU H 322 -47.21 -38.00 -13.02
C GLU H 322 -45.70 -38.07 -12.97
N PRO H 323 -45.05 -38.47 -14.06
CA PRO H 323 -43.58 -38.47 -14.08
C PRO H 323 -43.04 -37.05 -13.95
N TYR H 324 -41.88 -36.93 -13.32
CA TYR H 324 -41.20 -35.65 -13.17
C TYR H 324 -39.80 -35.71 -13.78
N MET H 325 -39.37 -34.57 -14.28
CA MET H 325 -38.02 -34.38 -14.78
C MET H 325 -37.18 -33.89 -13.60
N VAL H 326 -36.21 -34.70 -13.18
CA VAL H 326 -35.29 -34.31 -12.12
C VAL H 326 -33.96 -33.99 -12.77
N ILE H 327 -33.51 -32.75 -12.63
CA ILE H 327 -32.36 -32.25 -13.37
C ILE H 327 -31.27 -31.85 -12.39
N ASP H 328 -30.04 -32.29 -12.68
CA ASP H 328 -28.88 -31.92 -11.82
C ASP H 328 -28.31 -30.60 -12.34
N THR H 329 -28.41 -29.53 -11.55
CA THR H 329 -27.94 -28.19 -11.94
C THR H 329 -26.47 -27.99 -12.32
N GLU H 330 -25.54 -28.40 -11.45
CA GLU H 330 -24.10 -28.25 -11.79
C GLU H 330 -23.79 -29.18 -12.98
N SER H 331 -24.24 -30.43 -12.89
CA SER H 331 -24.05 -31.46 -13.95
C SER H 331 -24.83 -31.10 -15.21
N LYS H 332 -26.07 -30.64 -15.05
CA LYS H 332 -26.97 -30.31 -16.19
C LYS H 332 -27.61 -31.62 -16.68
N LYS H 333 -27.37 -32.71 -15.95
CA LYS H 333 -27.91 -34.06 -16.29
C LYS H 333 -29.36 -34.17 -15.79
N TYR H 334 -30.14 -35.07 -16.37
CA TYR H 334 -31.54 -35.22 -16.01
C TYR H 334 -31.92 -36.69 -15.89
N ILE H 335 -33.04 -36.93 -15.21
CA ILE H 335 -33.58 -38.25 -15.00
C ILE H 335 -35.10 -38.12 -14.89
N THR H 336 -35.83 -39.15 -15.30
CA THR H 336 -37.27 -39.18 -15.11
C THR H 336 -37.61 -39.99 -13.86
N VAL H 337 -38.54 -39.48 -13.07
CA VAL H 337 -38.82 -40.04 -11.76
C VAL H 337 -40.31 -40.26 -11.58
N PHE H 338 -40.67 -41.45 -11.12
CA PHE H 338 -42.02 -41.80 -10.69
C PHE H 338 -42.01 -41.94 -9.18
N PHE H 339 -43.10 -41.54 -8.53
CA PHE H 339 -43.21 -41.68 -7.08
C PHE H 339 -44.30 -42.69 -6.76
N ARG H 340 -43.96 -43.72 -5.98
CA ARG H 340 -44.96 -44.70 -5.60
C ARG H 340 -45.90 -44.12 -4.56
N ASP H 341 -47.11 -44.69 -4.49
CA ASP H 341 -48.04 -44.33 -3.43
C ASP H 341 -47.65 -45.11 -2.19
N HIS H 342 -47.20 -44.38 -1.15
CA HIS H 342 -46.70 -45.05 0.05
C HIS H 342 -47.82 -45.80 0.77
N ASP H 343 -49.00 -45.20 0.88
CA ASP H 343 -50.06 -45.80 1.69
C ASP H 343 -50.68 -47.00 0.98
N LEU H 344 -50.88 -46.89 -0.33
CA LEU H 344 -51.48 -48.01 -1.07
C LEU H 344 -50.50 -49.17 -1.21
N SER H 345 -49.21 -48.92 -0.96
CA SER H 345 -48.24 -50.02 -0.95
C SER H 345 -48.09 -50.60 0.45
N ASP H 346 -48.09 -49.76 1.47
CA ASP H 346 -48.02 -50.22 2.85
C ASP H 346 -49.23 -51.00 3.29
N ILE H 347 -50.42 -50.66 2.77
CA ILE H 347 -51.62 -51.42 3.13
C ILE H 347 -51.54 -52.85 2.63
N LEU H 348 -50.95 -53.09 1.47
CA LEU H 348 -50.70 -54.42 0.95
C LEU H 348 -49.54 -55.11 1.63
N GLY H 349 -48.47 -54.37 1.94
CA GLY H 349 -47.28 -54.97 2.52
C GLY H 349 -47.42 -55.41 3.96
N PHE H 350 -48.02 -54.57 4.80
CA PHE H 350 -48.03 -54.81 6.24
C PHE H 350 -49.36 -55.37 6.72
N ARG H 351 -50.46 -54.95 6.11
CA ARG H 351 -51.79 -55.47 6.46
C ARG H 351 -52.10 -56.60 5.50
N ASN H 352 -51.47 -57.75 5.73
CA ASN H 352 -51.67 -58.92 4.89
C ASN H 352 -51.71 -60.20 5.73
N ASN H 353 -52.07 -60.08 7.00
CA ASN H 353 -52.10 -61.23 7.91
C ASN H 353 -53.50 -61.81 7.91
N PHE H 354 -53.67 -62.94 7.24
CA PHE H 354 -54.99 -63.50 6.99
C PHE H 354 -55.22 -64.76 7.82
N TYR H 355 -56.33 -64.75 8.56
CA TYR H 355 -56.68 -65.85 9.44
C TYR H 355 -57.67 -66.85 8.84
N SER H 356 -58.25 -66.54 7.69
CA SER H 356 -59.22 -67.42 7.04
C SER H 356 -59.02 -67.41 5.54
N GLU H 357 -59.42 -68.51 4.90
CA GLU H 357 -59.28 -68.63 3.45
C GLU H 357 -60.13 -67.61 2.70
N PRO H 358 -61.41 -67.36 3.05
CA PRO H 358 -62.16 -66.31 2.34
C PRO H 358 -61.79 -64.91 2.76
N HIS H 359 -61.14 -64.75 3.92
CA HIS H 359 -60.69 -63.43 4.34
C HIS H 359 -59.71 -62.84 3.34
N ALA H 360 -58.90 -63.69 2.71
CA ALA H 360 -57.98 -63.23 1.67
C ALA H 360 -58.75 -62.66 0.49
N TRP H 361 -59.81 -63.35 0.07
CA TRP H 361 -60.63 -62.84 -1.03
C TRP H 361 -61.30 -61.52 -0.65
N ARG H 362 -61.79 -61.43 0.59
CA ARG H 362 -62.47 -60.22 1.05
C ARG H 362 -61.50 -59.03 1.03
N ASN H 363 -60.31 -59.21 1.59
CA ASN H 363 -59.33 -58.14 1.63
C ASN H 363 -58.72 -57.85 0.27
N ALA H 364 -58.74 -58.82 -0.65
CA ALA H 364 -58.33 -58.52 -2.01
C ALA H 364 -59.36 -57.66 -2.72
N TYR H 365 -60.65 -57.90 -2.48
CA TYR H 365 -61.66 -56.99 -3.00
C TYR H 365 -61.51 -55.61 -2.39
N GLU H 366 -61.20 -55.53 -1.09
CA GLU H 366 -60.88 -54.26 -0.47
C GLU H 366 -59.80 -53.51 -1.24
N PHE H 367 -58.69 -54.17 -1.52
CA PHE H 367 -57.57 -53.47 -2.16
C PHE H 367 -57.95 -53.06 -3.57
N ALA H 368 -58.61 -53.96 -4.31
CA ALA H 368 -59.02 -53.64 -5.67
C ALA H 368 -60.02 -52.49 -5.68
N LEU H 369 -60.77 -52.33 -4.59
CA LEU H 369 -61.64 -51.17 -4.42
C LEU H 369 -60.85 -49.90 -4.17
N ARG H 370 -59.78 -49.99 -3.36
CA ARG H 370 -58.95 -48.81 -3.13
C ARG H 370 -58.24 -48.32 -4.38
N VAL H 371 -58.01 -49.21 -5.35
CA VAL H 371 -57.43 -48.79 -6.62
C VAL H 371 -58.42 -47.97 -7.43
N ALA H 372 -59.69 -48.38 -7.47
CA ALA H 372 -60.68 -47.71 -8.28
C ALA H 372 -61.03 -46.31 -7.78
N GLU H 373 -61.05 -46.10 -6.47
CA GLU H 373 -61.37 -44.79 -5.93
C GLU H 373 -60.37 -43.73 -6.38
N LYS H 374 -59.18 -44.14 -6.77
CA LYS H 374 -58.21 -43.19 -7.30
C LYS H 374 -58.57 -42.70 -8.69
N TRP H 375 -59.35 -43.49 -9.43
CA TRP H 375 -59.81 -43.07 -10.76
C TRP H 375 -60.72 -41.86 -10.66
N PHE H 376 -61.46 -41.73 -9.56
CA PHE H 376 -62.41 -40.63 -9.41
C PHE H 376 -61.70 -39.28 -9.43
N ASP H 377 -60.56 -39.18 -8.77
CA ASP H 377 -59.79 -37.94 -8.81
C ASP H 377 -59.22 -37.72 -10.20
N LYS H 378 -59.38 -36.51 -10.71
CA LYS H 378 -58.93 -36.17 -12.05
C LYS H 378 -57.42 -36.02 -12.15
N ASN H 379 -56.75 -35.77 -11.04
CA ASN H 379 -55.32 -35.46 -11.05
C ASN H 379 -54.44 -36.71 -11.01
N VAL H 380 -55.03 -37.88 -10.80
CA VAL H 380 -54.26 -39.12 -10.76
C VAL H 380 -54.03 -39.58 -12.20
N LYS H 381 -52.90 -39.16 -12.77
CA LYS H 381 -52.59 -39.51 -14.16
C LYS H 381 -51.92 -40.88 -14.25
N VAL H 382 -50.92 -41.12 -13.41
CA VAL H 382 -50.22 -42.39 -13.35
C VAL H 382 -50.25 -42.87 -11.90
N LEU H 383 -50.55 -44.14 -11.71
CA LEU H 383 -50.57 -44.75 -10.38
C LEU H 383 -49.44 -45.76 -10.28
N THR H 384 -48.61 -45.62 -9.25
CA THR H 384 -47.40 -46.42 -9.08
C THR H 384 -47.38 -47.07 -7.70
N ILE H 385 -47.09 -48.37 -7.67
CA ILE H 385 -46.98 -49.14 -6.43
C ILE H 385 -45.68 -49.94 -6.50
N ALA H 386 -44.89 -49.89 -5.43
CA ALA H 386 -43.61 -50.58 -5.37
C ALA H 386 -43.40 -51.15 -3.97
N LEU H 387 -42.90 -52.38 -3.91
CA LEU H 387 -42.62 -53.04 -2.64
C LEU H 387 -41.86 -54.33 -2.90
N ASP H 388 -41.37 -54.94 -1.83
CA ASP H 388 -40.61 -56.18 -1.92
C ASP H 388 -41.51 -57.30 -2.43
N GLY H 389 -41.00 -58.08 -3.38
CA GLY H 389 -41.80 -59.10 -4.02
C GLY H 389 -41.79 -60.47 -3.38
N GLU H 390 -41.07 -60.62 -2.27
CA GLU H 390 -40.95 -61.91 -1.63
C GLU H 390 -41.22 -61.90 -0.13
N ASN H 391 -41.02 -60.77 0.55
CA ASN H 391 -41.21 -60.72 1.98
C ASN H 391 -42.66 -60.70 2.39
N TRP H 392 -43.55 -60.16 1.54
CA TRP H 392 -44.96 -60.06 1.89
C TRP H 392 -45.63 -61.42 1.95
N MET H 393 -45.25 -62.36 1.08
CA MET H 393 -45.79 -63.71 1.17
C MET H 393 -44.98 -64.63 2.07
N SER H 394 -43.96 -64.12 2.77
CA SER H 394 -43.11 -64.97 3.59
C SER H 394 -43.02 -64.53 5.03
N PHE H 395 -43.60 -63.40 5.41
CA PHE H 395 -43.56 -62.93 6.79
C PHE H 395 -44.96 -62.74 7.37
N SER H 396 -45.98 -63.28 6.73
CA SER H 396 -47.33 -63.24 7.28
C SER H 396 -47.57 -64.45 8.18
N VAL H 397 -48.67 -64.40 8.93
CA VAL H 397 -48.99 -65.49 9.86
C VAL H 397 -49.32 -66.76 9.10
N ASN H 398 -49.98 -66.64 7.94
CA ASN H 398 -50.40 -67.78 7.15
C ASN H 398 -49.99 -67.54 5.70
N PRO H 399 -48.73 -67.81 5.36
CA PRO H 399 -48.21 -67.46 4.03
C PRO H 399 -48.95 -68.13 2.87
N PRO H 400 -49.50 -69.35 3.02
CA PRO H 400 -50.26 -69.90 1.87
C PRO H 400 -51.45 -69.06 1.44
N LEU H 401 -52.12 -68.37 2.38
CA LEU H 401 -53.30 -67.59 2.01
C LEU H 401 -52.91 -66.35 1.20
N THR H 402 -51.71 -65.82 1.43
CA THR H 402 -51.24 -64.69 0.66
C THR H 402 -51.05 -65.05 -0.81
N ALA H 403 -50.91 -66.34 -1.12
CA ALA H 403 -50.88 -66.79 -2.50
C ALA H 403 -52.26 -66.73 -3.15
N TYR H 404 -53.31 -67.04 -2.39
CA TYR H 404 -54.68 -66.92 -2.91
C TYR H 404 -55.06 -65.45 -3.07
N PHE H 405 -54.64 -64.62 -2.10
CA PHE H 405 -54.82 -63.18 -2.22
C PHE H 405 -54.23 -62.62 -3.51
N LEU H 406 -53.03 -63.05 -3.88
CA LEU H 406 -52.42 -62.51 -5.08
C LEU H 406 -53.21 -62.88 -6.33
N ASP H 407 -53.72 -64.11 -6.39
CA ASP H 407 -54.54 -64.53 -7.51
C ASP H 407 -55.83 -63.72 -7.58
N LYS H 408 -56.46 -63.48 -6.44
CA LYS H 408 -57.67 -62.66 -6.42
C LYS H 408 -57.39 -61.24 -6.88
N MET H 409 -56.25 -60.70 -6.43
CA MET H 409 -55.75 -59.42 -6.93
C MET H 409 -55.65 -59.41 -8.45
N ILE H 410 -55.03 -60.42 -9.03
CA ILE H 410 -54.79 -60.41 -10.46
C ILE H 410 -56.11 -60.50 -11.20
N ILE H 411 -57.06 -61.28 -10.68
CA ILE H 411 -58.37 -61.38 -11.30
C ILE H 411 -59.08 -60.03 -11.25
N TYR H 412 -59.10 -59.38 -10.08
CA TYR H 412 -59.85 -58.13 -9.95
C TYR H 412 -59.20 -57.00 -10.75
N LEU H 413 -57.87 -56.99 -10.86
CA LEU H 413 -57.21 -55.93 -11.60
C LEU H 413 -57.51 -56.01 -13.09
N GLU H 414 -57.73 -57.22 -13.62
CA GLU H 414 -58.10 -57.35 -15.01
C GLU H 414 -59.56 -56.99 -15.25
N THR H 415 -60.39 -56.98 -14.21
CA THR H 415 -61.76 -56.51 -14.34
C THR H 415 -61.86 -55.00 -14.49
N LEU H 416 -60.84 -54.26 -14.05
CA LEU H 416 -60.81 -52.81 -14.25
C LEU H 416 -60.07 -52.41 -15.53
N SER H 417 -59.16 -53.26 -16.02
CA SER H 417 -58.41 -52.93 -17.22
C SER H 417 -59.16 -53.26 -18.51
N ASP H 418 -60.25 -54.01 -18.43
CA ASP H 418 -61.07 -54.30 -19.59
C ASP H 418 -62.17 -53.27 -19.81
N ASN H 419 -62.77 -52.76 -18.74
CA ASN H 419 -63.79 -51.72 -18.83
C ASN H 419 -63.20 -50.35 -19.12
N LYS H 420 -61.91 -50.28 -19.45
CA LYS H 420 -61.23 -49.01 -19.76
C LYS H 420 -61.30 -48.04 -18.57
N PHE H 421 -61.17 -48.59 -17.37
CA PHE H 421 -61.00 -47.76 -16.18
C PHE H 421 -59.52 -47.44 -15.95
N ILE H 422 -58.69 -48.48 -15.82
CA ILE H 422 -57.26 -48.33 -15.72
C ILE H 422 -56.61 -48.95 -16.95
N LYS H 423 -55.30 -48.76 -17.08
CA LYS H 423 -54.53 -49.35 -18.18
C LYS H 423 -53.35 -50.08 -17.56
N LEU H 424 -53.57 -51.35 -17.23
CA LEU H 424 -52.55 -52.18 -16.59
C LEU H 424 -51.39 -52.45 -17.52
N SER H 425 -50.25 -51.80 -17.27
CA SER H 425 -49.14 -51.83 -18.21
C SER H 425 -47.82 -51.82 -17.44
N THR H 426 -46.72 -51.77 -18.19
CA THR H 426 -45.37 -51.76 -17.64
C THR H 426 -44.84 -50.34 -17.54
N LEU H 427 -43.78 -50.19 -16.75
CA LEU H 427 -43.22 -48.86 -16.51
C LEU H 427 -42.49 -48.30 -17.72
N ARG H 428 -41.89 -49.16 -18.55
CA ARG H 428 -41.25 -48.68 -19.77
C ARG H 428 -42.25 -48.05 -20.72
N GLU H 429 -43.43 -48.65 -20.87
CA GLU H 429 -44.46 -48.09 -21.73
C GLU H 429 -44.92 -46.74 -21.20
N ILE H 430 -45.05 -46.60 -19.88
CA ILE H 430 -45.43 -45.32 -19.30
C ILE H 430 -44.34 -44.29 -19.55
N TYR H 431 -43.08 -44.72 -19.56
CA TYR H 431 -41.98 -43.80 -19.81
C TYR H 431 -42.08 -43.16 -21.19
N ASN H 432 -42.48 -43.94 -22.20
CA ASN H 432 -42.57 -43.41 -23.55
C ASN H 432 -43.91 -42.74 -23.83
N LYS H 433 -45.01 -43.29 -23.33
CA LYS H 433 -46.33 -42.76 -23.65
C LYS H 433 -46.63 -41.49 -22.87
N VAL H 434 -46.07 -41.36 -21.66
CA VAL H 434 -46.36 -40.20 -20.81
C VAL H 434 -45.06 -39.46 -20.53
N PRO H 435 -44.65 -38.53 -21.38
CA PRO H 435 -43.46 -37.73 -21.08
C PRO H 435 -43.67 -36.84 -19.87
N ALA H 436 -42.57 -36.53 -19.20
CA ALA H 436 -42.62 -35.74 -17.98
C ALA H 436 -42.50 -34.25 -18.31
N ASN H 437 -43.55 -33.50 -18.02
CA ASN H 437 -43.60 -32.07 -18.32
C ASN H 437 -43.08 -31.19 -17.20
N ARG H 438 -43.40 -31.50 -15.95
CA ARG H 438 -42.90 -30.72 -14.83
C ARG H 438 -41.41 -31.00 -14.60
N ILE H 439 -40.77 -30.13 -13.83
CA ILE H 439 -39.35 -30.23 -13.56
C ILE H 439 -39.13 -30.10 -12.06
N LEU H 440 -38.40 -31.05 -11.48
CA LEU H 440 -37.99 -31.00 -10.08
C LEU H 440 -36.52 -30.66 -10.00
N THR H 441 -36.21 -29.63 -9.23
CA THR H 441 -34.85 -29.14 -9.11
C THR H 441 -34.03 -29.80 -8.01
N ASN H 442 -34.68 -30.34 -6.97
CA ASN H 442 -33.95 -30.96 -5.88
C ASN H 442 -34.82 -31.97 -5.16
N ILE H 443 -34.25 -33.12 -4.84
CA ILE H 443 -34.87 -34.13 -4.01
C ILE H 443 -33.90 -34.47 -2.88
N PRO H 444 -34.27 -34.27 -1.61
CA PRO H 444 -33.30 -34.48 -0.52
C PRO H 444 -32.96 -35.96 -0.34
N THR H 445 -31.82 -36.20 0.30
CA THR H 445 -31.35 -37.57 0.51
C THR H 445 -32.18 -38.26 1.59
N ASN H 446 -32.70 -39.44 1.26
CA ASN H 446 -33.57 -40.17 2.17
C ASN H 446 -33.90 -41.53 1.55
N SER H 447 -34.49 -42.41 2.35
CA SER H 447 -35.02 -43.71 1.95
C SER H 447 -36.53 -43.73 2.21
N TRP H 448 -37.20 -44.85 1.93
CA TRP H 448 -38.62 -44.91 2.23
C TRP H 448 -38.90 -45.03 3.72
N LEU H 449 -37.85 -45.05 4.55
CA LEU H 449 -38.04 -45.11 5.98
C LEU H 449 -37.91 -43.74 6.64
N GLY H 450 -37.52 -42.72 5.89
CA GLY H 450 -37.43 -41.40 6.45
C GLY H 450 -36.21 -41.17 7.30
N THR H 451 -35.28 -42.11 7.29
CA THR H 451 -34.05 -42.01 8.08
C THR H 451 -33.06 -43.02 7.54
N PHE H 452 -31.79 -42.82 7.91
CA PHE H 452 -30.73 -43.79 7.65
C PHE H 452 -30.27 -44.48 8.92
N ARG H 453 -30.95 -44.25 10.04
CA ARG H 453 -30.56 -44.82 11.32
C ARG H 453 -30.78 -46.32 11.38
N LYS H 454 -31.51 -46.90 10.43
CA LYS H 454 -31.65 -48.35 10.39
C LYS H 454 -30.34 -49.04 10.08
N TRP H 455 -29.51 -48.46 9.20
CA TRP H 455 -28.21 -49.03 8.88
C TRP H 455 -27.07 -48.37 9.62
N ARG H 456 -27.32 -47.27 10.34
CA ARG H 456 -26.28 -46.59 11.12
C ARG H 456 -26.95 -45.93 12.32
N GLY H 457 -26.95 -46.62 13.46
CA GLY H 457 -27.42 -46.01 14.68
C GLY H 457 -28.31 -46.89 15.57
N GLU H 458 -29.07 -47.80 14.98
CA GLU H 458 -29.95 -48.66 15.78
C GLU H 458 -29.24 -49.90 16.30
N VAL H 459 -27.99 -50.13 15.91
CA VAL H 459 -27.15 -51.17 16.49
C VAL H 459 -25.99 -50.46 17.15
N PRO H 460 -25.67 -50.76 18.41
CA PRO H 460 -24.56 -50.05 19.08
C PRO H 460 -23.23 -50.19 18.36
N GLN H 461 -22.93 -51.36 17.79
CA GLN H 461 -21.71 -51.54 17.01
C GLN H 461 -21.91 -51.34 15.52
N HIS H 462 -22.57 -50.24 15.15
CA HIS H 462 -22.52 -49.73 13.78
C HIS H 462 -21.39 -48.74 13.53
N GLU H 463 -21.11 -47.85 14.47
CA GLU H 463 -20.12 -46.81 14.21
C GLU H 463 -18.72 -47.39 14.05
N GLU H 464 -18.35 -48.37 14.87
CA GLU H 464 -16.98 -48.89 14.79
C GLU H 464 -16.81 -49.84 13.62
N TYR H 465 -17.90 -50.38 13.07
CA TYR H 465 -17.82 -51.07 11.79
C TYR H 465 -17.82 -50.13 10.60
N TRP H 466 -18.54 -49.01 10.66
CA TRP H 466 -18.48 -48.03 9.59
C TRP H 466 -17.10 -47.41 9.50
N ILE H 467 -16.49 -47.08 10.65
CA ILE H 467 -15.11 -46.60 10.65
C ILE H 467 -14.18 -47.64 10.06
N LYS H 468 -14.42 -48.91 10.37
CA LYS H 468 -13.54 -49.97 9.86
C LYS H 468 -13.61 -50.10 8.35
N THR H 469 -14.84 -50.19 7.80
CA THR H 469 -14.98 -50.30 6.36
C THR H 469 -14.52 -49.03 5.64
N TYR H 470 -14.69 -47.86 6.24
CA TYR H 470 -14.19 -46.62 5.68
C TYR H 470 -12.67 -46.58 5.67
N SER H 471 -12.02 -47.08 6.72
CA SER H 471 -10.57 -47.23 6.72
C SER H 471 -10.10 -48.15 5.61
N VAL H 472 -10.78 -49.30 5.43
CA VAL H 472 -10.41 -50.20 4.35
C VAL H 472 -10.57 -49.56 2.98
N TYR H 473 -11.66 -48.81 2.75
CA TYR H 473 -11.82 -48.13 1.48
C TYR H 473 -10.77 -47.05 1.24
N ARG H 474 -10.44 -46.28 2.28
CA ARG H 474 -9.52 -45.17 2.09
C ARG H 474 -8.10 -45.67 1.92
N LYS H 475 -7.79 -46.83 2.50
CA LYS H 475 -6.55 -47.55 2.21
C LYS H 475 -6.47 -48.01 0.76
N LEU H 476 -7.58 -48.50 0.20
CA LEU H 476 -7.65 -48.82 -1.21
C LEU H 476 -7.43 -47.60 -2.10
N LEU H 477 -8.01 -46.46 -1.75
CA LEU H 477 -7.73 -45.23 -2.46
C LEU H 477 -6.26 -44.84 -2.39
N ALA H 478 -5.64 -44.97 -1.22
CA ALA H 478 -4.21 -44.71 -1.10
C ALA H 478 -3.41 -45.60 -2.03
N TYR H 479 -3.69 -46.91 -2.01
CA TYR H 479 -2.93 -47.82 -2.87
C TYR H 479 -3.15 -47.53 -4.35
N GLU H 480 -4.37 -47.21 -4.75
CA GLU H 480 -4.61 -46.85 -6.14
C GLU H 480 -3.97 -45.53 -6.53
N GLU H 481 -3.71 -44.65 -5.55
CA GLU H 481 -2.92 -43.46 -5.83
C GLU H 481 -1.44 -43.79 -6.00
N MET H 482 -0.92 -44.76 -5.23
CA MET H 482 0.49 -45.12 -5.33
C MET H 482 0.83 -45.63 -6.73
N ILE H 483 0.08 -46.63 -7.21
CA ILE H 483 0.38 -47.24 -8.50
C ILE H 483 -0.10 -46.42 -9.68
N GLY H 484 -0.73 -45.28 -9.44
CA GLY H 484 -1.17 -44.42 -10.52
C GLY H 484 -2.23 -45.05 -11.41
N GLY H 485 -3.22 -45.70 -10.81
CA GLY H 485 -4.28 -46.32 -11.58
C GLY H 485 -4.80 -47.55 -10.85
N ARG H 486 -5.34 -48.48 -11.64
CA ARG H 486 -5.86 -49.73 -11.12
C ARG H 486 -5.07 -50.91 -11.66
N ASP H 487 -5.19 -52.04 -10.96
CA ASP H 487 -4.60 -53.30 -11.39
C ASP H 487 -5.52 -54.42 -10.91
N GLU H 488 -5.06 -55.65 -11.04
CA GLU H 488 -5.92 -56.77 -10.67
C GLU H 488 -6.05 -56.89 -9.15
N PHE H 489 -5.02 -56.45 -8.42
CA PHE H 489 -5.10 -56.45 -6.96
C PHE H 489 -6.12 -55.44 -6.45
N SER H 490 -6.07 -54.21 -6.93
CA SER H 490 -7.04 -53.20 -6.57
C SER H 490 -8.46 -53.58 -7.00
N ASN H 491 -8.62 -54.14 -8.20
CA ASN H 491 -9.92 -54.60 -8.67
C ASN H 491 -10.46 -55.75 -7.84
N GLU H 492 -9.60 -56.67 -7.39
CA GLU H 492 -10.05 -57.77 -6.56
C GLU H 492 -10.26 -57.34 -5.11
N ALA H 493 -9.69 -56.21 -4.70
CA ALA H 493 -10.02 -55.64 -3.40
C ALA H 493 -11.32 -54.83 -3.45
N ARG H 494 -11.61 -54.24 -4.61
CA ARG H 494 -12.90 -53.59 -4.81
C ARG H 494 -14.04 -54.61 -4.76
N TRP H 495 -13.81 -55.78 -5.36
CA TRP H 495 -14.84 -56.83 -5.38
C TRP H 495 -15.22 -57.26 -3.97
N ALA H 496 -14.25 -57.50 -3.10
CA ALA H 496 -14.54 -57.89 -1.72
C ALA H 496 -15.17 -56.76 -0.92
N LEU H 497 -14.88 -55.51 -1.26
CA LEU H 497 -15.47 -54.37 -0.58
C LEU H 497 -16.94 -54.17 -0.95
N TRP H 498 -17.34 -54.58 -2.15
CA TRP H 498 -18.76 -54.52 -2.53
C TRP H 498 -19.62 -55.36 -1.59
N HIS H 499 -19.19 -56.59 -1.30
CA HIS H 499 -20.02 -57.50 -0.52
C HIS H 499 -20.05 -57.12 0.95
N ALA H 500 -19.02 -56.46 1.45
CA ALA H 500 -19.02 -56.00 2.83
C ALA H 500 -19.94 -54.82 3.05
N LEU H 501 -20.32 -54.11 1.99
CA LEU H 501 -21.17 -52.93 2.10
C LEU H 501 -22.61 -53.20 1.73
N ASP H 502 -22.99 -54.47 1.53
CA ASP H 502 -24.37 -54.80 1.20
C ASP H 502 -25.29 -54.45 2.36
N SER H 503 -26.30 -53.62 2.08
CA SER H 503 -27.17 -53.10 3.12
C SER H 503 -27.98 -54.18 3.82
N ASP H 504 -28.11 -55.37 3.24
CA ASP H 504 -28.79 -56.47 3.91
C ASP H 504 -28.08 -56.92 5.17
N TYR H 505 -26.74 -56.97 5.18
CA TYR H 505 -25.99 -57.35 6.36
C TYR H 505 -25.91 -56.24 7.41
N TRP H 506 -26.26 -55.01 7.04
CA TRP H 506 -26.19 -53.88 7.96
C TRP H 506 -27.53 -53.57 8.61
N TRP H 507 -28.61 -54.19 8.15
CA TRP H 507 -29.94 -53.93 8.71
C TRP H 507 -29.96 -54.25 10.20
N ALA H 508 -30.58 -53.37 10.98
CA ALA H 508 -30.42 -53.41 12.44
C ALA H 508 -30.99 -54.68 13.05
N GLU H 509 -31.86 -55.39 12.33
CA GLU H 509 -32.46 -56.60 12.89
C GLU H 509 -31.84 -57.84 12.28
N PHE H 510 -31.25 -57.72 11.09
CA PHE H 510 -30.47 -58.79 10.47
C PHE H 510 -28.99 -58.50 10.54
N TRP H 511 -28.57 -57.80 11.59
CA TRP H 511 -27.17 -57.42 11.78
C TRP H 511 -26.27 -58.63 11.76
N LEU H 512 -25.33 -58.65 10.81
CA LEU H 512 -24.49 -59.81 10.53
C LEU H 512 -23.04 -59.37 10.47
N PRO H 513 -22.46 -59.00 11.61
CA PRO H 513 -21.08 -58.47 11.60
C PRO H 513 -20.04 -59.48 11.15
N LYS H 514 -20.30 -60.78 11.27
CA LYS H 514 -19.31 -61.79 10.94
C LYS H 514 -19.10 -61.96 9.45
N ILE H 515 -20.11 -61.69 8.63
CA ILE H 515 -19.95 -61.74 7.17
C ILE H 515 -19.37 -60.43 6.63
N ILE H 516 -19.62 -59.30 7.30
CA ILE H 516 -18.91 -58.08 6.94
C ILE H 516 -17.44 -58.21 7.29
N ASP H 517 -17.12 -58.80 8.44
CA ASP H 517 -15.72 -59.05 8.79
C ASP H 517 -15.05 -60.03 7.83
N THR H 518 -15.76 -61.06 7.40
CA THR H 518 -15.17 -62.03 6.48
C THR H 518 -14.80 -61.39 5.15
N TRP H 519 -15.55 -60.38 4.72
CA TRP H 519 -15.29 -59.72 3.45
C TRP H 519 -14.34 -58.53 3.58
N LEU H 520 -14.27 -57.90 4.75
CA LEU H 520 -13.29 -56.85 4.97
C LEU H 520 -11.89 -57.42 5.16
N SER H 521 -11.78 -58.65 5.67
CA SER H 521 -10.48 -59.27 5.84
C SER H 521 -9.92 -59.75 4.51
N VAL H 522 -10.79 -60.13 3.57
CA VAL H 522 -10.31 -60.51 2.24
C VAL H 522 -9.68 -59.33 1.54
N ALA H 523 -10.30 -58.16 1.62
CA ALA H 523 -9.78 -56.96 0.98
C ALA H 523 -8.58 -56.37 1.69
N GLU H 524 -8.56 -56.36 3.01
CA GLU H 524 -7.47 -55.78 3.78
C GLU H 524 -6.19 -56.61 3.69
N ASN H 525 -6.28 -57.88 3.32
CA ASN H 525 -5.10 -58.71 3.10
C ASN H 525 -4.52 -58.57 1.71
N ILE H 526 -5.34 -58.31 0.70
CA ILE H 526 -4.82 -57.98 -0.62
C ILE H 526 -4.11 -56.64 -0.60
N LEU H 527 -4.53 -55.72 0.26
CA LEU H 527 -3.95 -54.38 0.34
C LEU H 527 -2.75 -54.31 1.28
N ASN H 528 -2.73 -55.13 2.33
CA ASN H 528 -1.56 -55.17 3.21
C ASN H 528 -0.35 -55.77 2.53
N ASN H 529 -0.53 -56.80 1.72
CA ASN H 529 0.58 -57.47 1.05
C ASN H 529 1.12 -56.67 -0.12
N ARG H 530 0.49 -55.55 -0.45
CA ARG H 530 0.95 -54.69 -1.54
C ARG H 530 1.49 -53.35 -1.07
N ILE H 531 1.08 -52.88 0.11
CA ILE H 531 1.59 -51.63 0.67
C ILE H 531 2.79 -51.86 1.57
N ASN H 532 2.93 -53.06 2.14
CA ASN H 532 4.08 -53.39 2.97
C ASN H 532 5.36 -53.60 2.17
N LYS H 533 5.28 -53.58 0.84
CA LYS H 533 6.46 -53.68 -0.01
C LYS H 533 7.10 -52.33 -0.28
N ILE H 534 6.61 -51.26 0.35
CA ILE H 534 7.20 -49.94 0.26
C ILE H 534 7.72 -49.58 1.64
N GLN H 535 9.03 -49.70 1.84
CA GLN H 535 9.65 -49.50 3.14
C GLN H 535 10.49 -48.24 3.14
N ILE H 536 10.90 -47.86 4.35
CA ILE H 536 11.90 -46.82 4.55
C ILE H 536 13.17 -47.55 4.97
N ILE H 537 14.21 -47.52 4.13
CA ILE H 537 15.34 -48.40 4.40
C ILE H 537 16.45 -47.68 5.16
N ASP H 538 16.71 -46.41 4.86
CA ASP H 538 17.69 -45.68 5.64
C ASP H 538 17.44 -44.17 5.55
N VAL H 539 17.80 -43.47 6.61
CA VAL H 539 17.73 -42.01 6.71
C VAL H 539 18.94 -41.58 7.52
N ARG H 540 19.88 -40.87 6.87
CA ARG H 540 21.03 -40.39 7.64
C ARG H 540 21.27 -38.91 7.36
N PRO H 541 21.87 -38.18 8.31
CA PRO H 541 22.26 -36.79 8.03
C PRO H 541 23.37 -36.76 6.99
N ALA H 542 23.35 -35.72 6.15
CA ALA H 542 24.36 -35.57 5.12
C ALA H 542 25.52 -34.72 5.63
N SER H 543 25.39 -34.26 6.87
CA SER H 543 26.39 -33.40 7.49
C SER H 543 26.10 -33.29 8.99
N GLU H 544 26.86 -32.45 9.69
CA GLU H 544 26.71 -32.29 11.13
C GLU H 544 25.68 -31.20 11.41
N PHE H 545 24.83 -31.46 12.38
CA PHE H 545 23.71 -30.58 12.71
C PHE H 545 24.15 -29.56 13.76
N TYR H 546 23.97 -28.29 13.44
CA TYR H 546 24.21 -27.19 14.36
C TYR H 546 22.90 -26.50 14.67
N GLU H 547 22.79 -25.93 15.86
CA GLU H 547 21.55 -25.29 16.30
C GLU H 547 21.18 -24.15 15.37
N ASP H 548 19.95 -24.19 14.88
CA ASP H 548 19.36 -23.12 14.06
C ASP H 548 20.20 -22.83 12.82
N GLU H 549 20.46 -23.88 12.05
CA GLU H 549 21.04 -23.73 10.71
C GLU H 549 20.45 -24.79 9.79
N LYS H 550 20.22 -24.41 8.53
CA LYS H 550 19.73 -25.33 7.53
C LYS H 550 20.74 -26.44 7.27
N ALA H 551 20.37 -27.67 7.61
CA ALA H 551 21.21 -28.83 7.36
C ALA H 551 20.51 -29.79 6.41
N GLY H 552 21.09 -30.96 6.20
CA GLY H 552 20.51 -31.89 5.25
C GLY H 552 20.13 -33.22 5.86
N LEU H 553 19.31 -33.97 5.15
CA LEU H 553 18.85 -35.28 5.59
C LEU H 553 18.49 -36.12 4.36
N VAL H 554 19.14 -37.27 4.21
CA VAL H 554 18.90 -38.13 3.05
C VAL H 554 17.89 -39.20 3.45
N VAL H 555 16.90 -39.42 2.59
CA VAL H 555 15.84 -40.38 2.85
C VAL H 555 15.77 -41.33 1.66
N THR H 556 15.92 -42.62 1.92
CA THR H 556 15.97 -43.63 0.86
C THR H 556 14.71 -44.48 0.93
N ILE H 557 13.97 -44.52 -0.18
CA ILE H 557 12.70 -45.22 -0.27
C ILE H 557 12.89 -46.44 -1.15
N ARG H 558 12.49 -47.61 -0.66
CA ARG H 558 12.64 -48.83 -1.45
C ARG H 558 11.29 -49.32 -1.95
N ASN H 559 11.28 -49.79 -3.20
CA ASN H 559 10.10 -50.35 -3.85
C ASN H 559 10.40 -51.79 -4.23
N GLN H 560 9.61 -52.73 -3.73
CA GLN H 560 9.73 -54.13 -4.10
C GLN H 560 8.61 -54.61 -5.01
N LEU H 561 7.66 -53.74 -5.34
CA LEU H 561 6.63 -54.11 -6.30
C LEU H 561 7.23 -54.17 -7.71
N GLU H 562 6.49 -54.82 -8.61
CA GLU H 562 6.92 -55.03 -9.98
C GLU H 562 6.49 -53.89 -10.90
N LYS H 563 6.21 -52.71 -10.34
CA LYS H 563 5.72 -51.61 -11.14
C LYS H 563 6.17 -50.29 -10.53
N GLU H 564 6.01 -49.23 -11.31
CA GLU H 564 6.32 -47.89 -10.87
C GLU H 564 5.38 -47.47 -9.74
N ILE H 565 5.96 -47.18 -8.58
CA ILE H 565 5.26 -46.63 -7.43
C ILE H 565 5.67 -45.18 -7.27
N ARG H 566 4.78 -44.36 -6.70
CA ARG H 566 5.09 -42.97 -6.37
C ARG H 566 4.48 -42.64 -5.01
N VAL H 567 5.33 -42.53 -4.00
CA VAL H 567 4.89 -42.20 -2.66
C VAL H 567 5.29 -40.78 -2.33
N SER H 568 4.77 -40.25 -1.22
CA SER H 568 5.29 -39.04 -0.62
C SER H 568 5.76 -39.40 0.77
N PHE H 569 6.44 -38.45 1.42
CA PHE H 569 6.79 -38.63 2.82
C PHE H 569 6.94 -37.27 3.48
N ALA H 570 6.68 -37.26 4.79
CA ALA H 570 6.82 -36.08 5.62
C ALA H 570 7.69 -36.42 6.81
N ILE H 571 8.32 -35.40 7.40
CA ILE H 571 9.26 -35.58 8.47
C ILE H 571 8.60 -35.26 9.79
N GLY H 572 9.24 -35.65 10.89
CA GLY H 572 8.70 -35.40 12.20
C GLY H 572 9.79 -35.42 13.24
N GLY H 573 9.65 -34.51 14.19
CA GLY H 573 10.62 -34.38 15.25
C GLY H 573 10.18 -33.31 16.23
N THR H 574 10.93 -33.21 17.32
CA THR H 574 10.50 -32.36 18.43
C THR H 574 10.97 -30.93 18.25
N GLY H 575 12.05 -30.72 17.50
CA GLY H 575 12.49 -29.37 17.20
C GLY H 575 12.73 -29.20 15.70
N PHE H 576 12.81 -30.32 15.00
CA PHE H 576 13.10 -30.31 13.57
C PHE H 576 11.95 -29.72 12.79
N SER H 577 12.27 -28.84 11.85
CA SER H 577 11.27 -28.25 10.97
C SER H 577 11.80 -28.32 9.55
N SER H 578 11.00 -28.88 8.65
CA SER H 578 11.34 -28.85 7.23
C SER H 578 11.48 -27.41 6.76
N VAL H 579 12.55 -27.14 6.00
CA VAL H 579 12.81 -25.78 5.55
C VAL H 579 11.66 -25.28 4.67
N ASN H 580 11.45 -25.92 3.53
CA ASN H 580 10.22 -25.73 2.77
C ASN H 580 9.84 -26.99 2.01
N ASN H 581 9.09 -27.88 2.65
CA ASN H 581 8.51 -29.04 1.98
C ASN H 581 7.33 -29.59 2.78
N ASP H 582 6.11 -29.28 2.35
CA ASP H 582 4.95 -29.81 3.03
C ASP H 582 4.80 -31.31 2.78
N LEU H 583 4.95 -31.73 1.53
CA LEU H 583 4.91 -33.14 1.15
C LEU H 583 5.80 -33.32 -0.07
N GLU H 584 6.86 -34.10 0.09
CA GLU H 584 7.82 -34.37 -0.99
C GLU H 584 7.45 -35.68 -1.65
N THR H 585 6.94 -35.60 -2.88
CA THR H 585 6.54 -36.79 -3.63
C THR H 585 7.73 -37.27 -4.45
N VAL H 586 7.94 -38.59 -4.46
CA VAL H 586 9.03 -39.19 -5.22
C VAL H 586 8.44 -40.05 -6.32
N LYS H 587 9.31 -40.63 -7.13
CA LYS H 587 8.89 -41.41 -8.28
C LYS H 587 9.93 -42.51 -8.52
N MET H 588 9.61 -43.72 -8.13
CA MET H 588 10.58 -44.81 -8.10
C MET H 588 10.09 -46.02 -8.87
N ASN H 589 10.92 -46.47 -9.81
CA ASN H 589 10.59 -47.55 -10.75
C ASN H 589 10.78 -48.91 -10.08
N PRO H 590 10.20 -49.97 -10.66
CA PRO H 590 10.09 -51.24 -9.93
C PRO H 590 11.42 -51.83 -9.51
N ASN H 591 11.40 -52.49 -8.36
CA ASN H 591 12.54 -53.23 -7.81
C ASN H 591 13.79 -52.35 -7.74
N SER H 592 13.63 -51.20 -7.10
CA SER H 592 14.72 -50.25 -6.99
C SER H 592 14.43 -49.30 -5.83
N SER H 593 15.50 -48.91 -5.13
CA SER H 593 15.41 -47.88 -4.12
C SER H 593 15.41 -46.51 -4.78
N TYR H 594 15.27 -45.48 -3.95
CA TYR H 594 15.30 -44.10 -4.41
C TYR H 594 15.55 -43.23 -3.20
N THR H 595 16.47 -42.28 -3.33
CA THR H 595 16.85 -41.42 -2.22
C THR H 595 16.86 -39.95 -2.63
N ARG H 596 16.46 -39.10 -1.70
CA ARG H 596 16.43 -37.65 -1.89
C ARG H 596 16.89 -36.97 -0.61
N ILE H 597 17.73 -35.95 -0.76
CA ILE H 597 18.17 -35.11 0.35
C ILE H 597 17.11 -34.04 0.58
N ILE H 598 16.83 -33.74 1.84
CA ILE H 598 15.84 -32.74 2.22
C ILE H 598 16.50 -31.77 3.19
N PRO H 599 16.24 -30.47 3.09
CA PRO H 599 16.79 -29.51 4.06
C PRO H 599 15.91 -29.43 5.30
N VAL H 600 16.53 -29.48 6.47
CA VAL H 600 15.83 -29.37 7.73
C VAL H 600 16.58 -28.37 8.61
N LYS H 601 15.90 -27.89 9.64
CA LYS H 601 16.46 -26.92 10.57
C LYS H 601 16.13 -27.36 12.00
N ALA H 602 17.13 -27.34 12.86
CA ALA H 602 16.94 -27.76 14.25
C ALA H 602 16.80 -26.55 15.16
N LYS H 603 16.13 -26.76 16.28
CA LYS H 603 15.80 -25.68 17.21
C LYS H 603 16.54 -25.77 18.53
N PHE H 604 16.63 -26.97 19.12
CA PHE H 604 17.28 -27.16 20.41
C PHE H 604 18.59 -27.90 20.21
N ILE H 605 19.39 -27.96 21.26
CA ILE H 605 20.63 -28.73 21.24
C ILE H 605 20.45 -29.97 22.09
N GLY H 606 21.10 -31.04 21.68
CA GLY H 606 21.11 -32.27 22.45
C GLY H 606 20.62 -33.43 21.62
N LYS H 607 20.09 -34.42 22.32
CA LYS H 607 19.71 -35.71 21.74
C LYS H 607 18.29 -35.60 21.18
N HIS H 608 18.19 -35.60 19.86
CA HIS H 608 16.93 -35.44 19.15
C HIS H 608 16.42 -36.77 18.63
N LYS H 609 15.12 -36.81 18.37
CA LYS H 609 14.47 -37.96 17.75
C LYS H 609 13.81 -37.47 16.46
N MET H 610 14.16 -38.11 15.35
CA MET H 610 13.65 -37.72 14.05
C MET H 610 12.74 -38.82 13.50
N VAL H 611 11.50 -38.47 13.21
CA VAL H 611 10.52 -39.39 12.66
C VAL H 611 10.34 -39.08 11.18
N VAL H 612 10.44 -40.11 10.35
CA VAL H 612 10.20 -39.99 8.92
C VAL H 612 9.11 -40.98 8.54
N SER H 613 8.04 -40.47 7.94
CA SER H 613 6.88 -41.30 7.64
C SER H 613 6.49 -41.13 6.18
N ALA H 614 6.19 -42.24 5.53
CA ALA H 614 5.75 -42.24 4.14
C ALA H 614 4.23 -42.14 4.10
N ILE H 615 3.71 -41.32 3.18
CA ILE H 615 2.30 -40.97 3.14
C ILE H 615 1.81 -41.10 1.70
N SER H 616 0.59 -41.62 1.55
CA SER H 616 -0.06 -41.71 0.24
C SER H 616 -1.55 -41.48 0.42
N LYS H 617 -2.06 -40.41 -0.18
CA LYS H 617 -3.48 -40.06 -0.13
C LYS H 617 -3.96 -39.92 1.31
N GLY H 618 -3.15 -39.24 2.13
CA GLY H 618 -3.51 -38.97 3.51
C GLY H 618 -3.36 -40.15 4.44
N LEU H 619 -2.77 -41.25 3.99
CA LEU H 619 -2.59 -42.43 4.82
C LEU H 619 -1.10 -42.67 5.01
N ILE H 620 -0.69 -42.89 6.25
CA ILE H 620 0.71 -43.15 6.54
C ILE H 620 1.04 -44.57 6.10
N ILE H 621 1.92 -44.69 5.11
CA ILE H 621 2.35 -45.98 4.58
C ILE H 621 3.26 -46.66 5.59
N ASP H 622 4.27 -45.95 6.06
CA ASP H 622 5.25 -46.48 7.00
C ASP H 622 5.99 -45.31 7.64
N SER H 623 6.60 -45.57 8.79
CA SER H 623 7.32 -44.53 9.53
C SER H 623 8.55 -45.12 10.19
N LYS H 624 9.61 -44.31 10.27
CA LYS H 624 10.90 -44.72 10.80
C LYS H 624 11.47 -43.62 11.67
N ILE H 625 12.18 -44.01 12.73
CA ILE H 625 12.72 -43.07 13.71
C ILE H 625 14.24 -43.16 13.65
N ILE H 626 14.91 -42.02 13.61
CA ILE H 626 16.36 -41.97 13.72
C ILE H 626 16.74 -40.98 14.82
N ASP H 627 18.02 -40.98 15.18
CA ASP H 627 18.53 -40.17 16.28
C ASP H 627 19.60 -39.23 15.75
N ILE H 628 19.47 -37.94 16.06
CA ILE H 628 20.43 -36.93 15.64
C ILE H 628 20.85 -36.14 16.88
N ASN H 629 22.13 -35.81 16.95
CA ASN H 629 22.67 -34.97 18.01
C ASN H 629 22.94 -33.60 17.40
N VAL H 630 22.37 -32.57 18.00
CA VAL H 630 22.50 -31.22 17.49
C VAL H 630 23.49 -30.45 18.36
N LYS H 631 24.45 -29.82 17.74
CA LYS H 631 25.53 -29.19 18.46
C LYS H 631 25.31 -27.69 18.58
N PRO H 632 25.80 -27.08 19.66
CA PRO H 632 25.65 -25.63 19.82
C PRO H 632 26.49 -24.87 18.82
N LYS H 633 25.99 -23.72 18.40
CA LYS H 633 26.79 -22.81 17.57
C LYS H 633 27.55 -21.83 18.44
N LEU H 634 28.87 -21.79 18.24
CA LEU H 634 29.76 -20.93 19.01
C LEU H 634 30.19 -19.76 18.14
N LEU H 635 30.30 -18.59 18.74
CA LEU H 635 30.63 -17.37 18.01
C LEU H 635 32.11 -17.36 17.63
N PRO H 636 32.47 -16.65 16.56
CA PRO H 636 33.87 -16.58 16.15
C PRO H 636 34.66 -15.53 16.93
N ASN H 637 35.98 -15.59 16.76
CA ASN H 637 36.87 -14.68 17.47
C ASN H 637 36.64 -13.24 17.02
N PRO H 638 36.87 -12.27 17.91
CA PRO H 638 36.95 -10.88 17.45
C PRO H 638 38.11 -10.71 16.48
N ARG H 639 37.91 -9.95 15.42
CA ARG H 639 38.92 -9.86 14.36
C ARG H 639 40.02 -8.90 14.78
N LEU H 640 41.18 -9.45 15.11
CA LEU H 640 42.29 -8.69 15.67
C LEU H 640 41.85 -7.84 16.86
#